data_7XRT
#
_entry.id   7XRT
#
_cell.length_a   113.385
_cell.length_b   160.164
_cell.length_c   192.056
_cell.angle_alpha   90.000
_cell.angle_beta   90.000
_cell.angle_gamma   90.000
#
_symmetry.space_group_name_H-M   'P 21 21 21'
#
loop_
_entity.id
_entity.type
_entity.pdbx_description
1 polymer 'Ferulic acid esterase'
2 non-polymer 'CALCIUM ION'
3 non-polymer (4S)-2-METHYL-2,4-PENTANEDIOL
4 water water
#
_entity_poly.entity_id   1
_entity_poly.type   'polypeptide(L)'
_entity_poly.pdbx_seq_one_letter_code
;MGSSHHHHHHSSGLVPRGSHMLEQQGKVYETRTVKSKILGMERSYSIYLPAGYDEGDGSYPVLYLLHGLGDNHTGWVQFG
QVQYIADKAIAEGKSAPMIIVMPDADTVHKGYFNLLDGTYNYEDFFFQELIPHIEKTYRVRAESRYRAISGLSMGGGGAL
FYALHYPEMFVAVAPLSAVGGAWTFDQMKNQSDLSKVSEEKKAEVLGQMDIQTILEKSPKEKLDRIKWIRWYISCGDDDF
LSVTNCLLHNTLLQHQVGHEFRMKDGSHSWTYWRMELPEVMRFVSRIFTQY
;
_entity_poly.pdbx_strand_id   A,B,C,D,E,F,G,H,I,J
#
# COMPACT_ATOMS: atom_id res chain seq x y z
N GLN A 24 16.32 -7.81 -15.22
CA GLN A 24 15.59 -8.54 -14.19
C GLN A 24 15.50 -10.02 -14.52
N GLN A 25 15.94 -10.38 -15.73
CA GLN A 25 15.78 -11.73 -16.26
C GLN A 25 17.14 -12.42 -16.44
N GLY A 26 17.36 -13.52 -15.74
CA GLY A 26 18.42 -14.43 -16.08
C GLY A 26 17.98 -15.39 -17.17
N LYS A 27 18.78 -16.43 -17.38
CA LYS A 27 18.38 -17.42 -18.37
C LYS A 27 18.98 -18.76 -18.01
N VAL A 28 18.42 -19.81 -18.58
CA VAL A 28 18.83 -21.17 -18.31
C VAL A 28 19.20 -21.85 -19.63
N TYR A 29 20.35 -22.53 -19.64
CA TYR A 29 20.72 -23.46 -20.70
C TYR A 29 20.61 -24.86 -20.13
N GLU A 30 19.83 -25.70 -20.81
CA GLU A 30 19.62 -27.09 -20.38
C GLU A 30 20.35 -28.10 -21.26
N THR A 31 20.78 -27.71 -22.45
CA THR A 31 21.20 -28.69 -23.43
C THR A 31 22.72 -28.77 -23.60
N ARG A 32 23.50 -28.01 -22.83
CA ARG A 32 24.94 -28.07 -23.03
C ARG A 32 25.52 -29.26 -22.26
N THR A 33 26.70 -29.71 -22.69
CA THR A 33 27.37 -30.85 -22.09
C THR A 33 28.84 -30.54 -21.84
N VAL A 34 29.44 -31.33 -20.95
CA VAL A 34 30.89 -31.35 -20.75
C VAL A 34 31.40 -32.72 -21.20
N LYS A 35 32.46 -32.72 -21.99
CA LYS A 35 33.04 -33.97 -22.44
C LYS A 35 33.87 -34.56 -21.31
N SER A 36 33.49 -35.75 -20.84
CA SER A 36 34.16 -36.39 -19.72
C SER A 36 35.03 -37.52 -20.24
N LYS A 37 36.35 -37.39 -20.05
CA LYS A 37 37.25 -38.51 -20.24
C LYS A 37 37.04 -39.55 -19.14
N ILE A 38 36.77 -39.07 -17.93
CA ILE A 38 36.63 -39.97 -16.78
C ILE A 38 35.45 -40.91 -16.98
N LEU A 39 34.34 -40.38 -17.46
CA LEU A 39 33.15 -41.18 -17.69
C LEU A 39 33.01 -41.63 -19.15
N GLY A 40 33.90 -41.18 -20.04
CA GLY A 40 33.87 -41.61 -21.44
C GLY A 40 32.63 -41.19 -22.21
N MET A 41 32.12 -39.98 -21.97
CA MET A 41 30.89 -39.53 -22.63
C MET A 41 30.74 -38.03 -22.44
N GLU A 42 29.84 -37.45 -23.23
CA GLU A 42 29.34 -36.11 -22.97
C GLU A 42 28.34 -36.16 -21.81
N ARG A 43 28.53 -35.30 -20.80
CA ARG A 43 27.65 -35.27 -19.63
C ARG A 43 26.84 -33.99 -19.60
N SER A 44 25.55 -34.13 -19.35
CA SER A 44 24.65 -32.98 -19.31
C SER A 44 24.77 -32.19 -18.01
N TYR A 45 24.47 -30.91 -18.12
CA TYR A 45 24.22 -30.06 -16.97
C TYR A 45 23.28 -28.96 -17.45
N SER A 46 22.60 -28.35 -16.48
CA SER A 46 21.88 -27.11 -16.69
C SER A 46 22.63 -25.99 -15.97
N ILE A 47 22.48 -24.77 -16.47
CA ILE A 47 23.13 -23.64 -15.84
C ILE A 47 22.20 -22.44 -15.89
N TYR A 48 22.07 -21.75 -14.75
CA TYR A 48 21.39 -20.47 -14.66
C TYR A 48 22.44 -19.37 -14.67
N LEU A 49 22.30 -18.42 -15.57
CA LEU A 49 23.14 -17.24 -15.64
C LEU A 49 22.32 -16.04 -15.20
N PRO A 50 22.84 -15.20 -14.31
CA PRO A 50 22.02 -14.13 -13.74
C PRO A 50 21.75 -13.01 -14.74
N ALA A 51 20.77 -12.18 -14.41
CA ALA A 51 20.46 -11.01 -15.23
C ALA A 51 21.72 -10.16 -15.42
N GLY A 52 21.90 -9.64 -16.63
CA GLY A 52 23.09 -8.83 -16.85
C GLY A 52 24.39 -9.60 -16.98
N TYR A 53 24.36 -10.94 -16.98
CA TYR A 53 25.56 -11.69 -17.32
C TYR A 53 26.14 -11.24 -18.66
N ASP A 54 25.28 -10.88 -19.60
CA ASP A 54 25.73 -10.53 -20.95
C ASP A 54 26.10 -9.06 -21.12
N GLU A 55 26.15 -8.27 -20.04
CA GLU A 55 26.69 -6.92 -20.09
C GLU A 55 27.88 -6.83 -19.14
N GLY A 56 28.85 -6.00 -19.47
CA GLY A 56 30.06 -5.98 -18.67
C GLY A 56 30.87 -7.26 -18.85
N ASP A 57 31.94 -7.37 -18.06
CA ASP A 57 32.93 -8.43 -18.25
C ASP A 57 33.27 -9.16 -16.94
N GLY A 58 32.49 -8.98 -15.89
CA GLY A 58 32.86 -9.48 -14.58
C GLY A 58 32.54 -10.95 -14.39
N SER A 59 32.98 -11.46 -13.23
CA SER A 59 32.83 -12.87 -12.91
C SER A 59 31.93 -13.06 -11.69
N TYR A 60 31.42 -14.27 -11.52
CA TYR A 60 30.38 -14.54 -10.54
C TYR A 60 30.74 -15.74 -9.69
N PRO A 61 30.30 -15.78 -8.43
CA PRO A 61 30.38 -17.01 -7.65
C PRO A 61 29.36 -18.02 -8.18
N VAL A 62 29.53 -19.26 -7.74
CA VAL A 62 28.78 -20.39 -8.29
C VAL A 62 28.19 -21.20 -7.14
N LEU A 63 26.92 -21.56 -7.28
CA LEU A 63 26.25 -22.56 -6.45
C LEU A 63 26.01 -23.81 -7.28
N TYR A 64 26.59 -24.92 -6.87
CA TYR A 64 26.28 -26.21 -7.47
C TYR A 64 25.03 -26.76 -6.77
N LEU A 65 24.06 -27.20 -7.56
CA LEU A 65 22.72 -27.52 -7.04
C LEU A 65 22.31 -28.90 -7.54
N LEU A 66 22.22 -29.89 -6.63
CA LEU A 66 22.13 -31.30 -7.00
C LEU A 66 20.71 -31.83 -6.85
N HIS A 67 20.28 -32.62 -7.83
CA HIS A 67 18.93 -33.17 -7.87
C HIS A 67 18.84 -34.46 -7.06
N GLY A 68 17.60 -34.95 -6.90
CA GLY A 68 17.34 -36.19 -6.19
C GLY A 68 17.17 -37.39 -7.14
N LEU A 69 16.87 -38.52 -6.53
CA LEU A 69 16.81 -39.77 -7.28
C LEU A 69 15.62 -39.76 -8.23
N GLY A 70 15.86 -40.09 -9.50
CA GLY A 70 14.82 -40.14 -10.50
C GLY A 70 14.72 -38.92 -11.39
N ASP A 71 15.30 -37.79 -10.98
CA ASP A 71 15.40 -36.59 -11.80
C ASP A 71 16.79 -36.50 -12.41
N ASN A 72 16.94 -35.57 -13.35
CA ASN A 72 18.26 -35.29 -13.93
C ASN A 72 18.48 -33.78 -13.84
N HIS A 73 19.33 -33.26 -14.73
CA HIS A 73 19.69 -31.85 -14.72
C HIS A 73 18.52 -30.91 -15.03
N THR A 74 17.38 -31.42 -15.49
CA THR A 74 16.20 -30.56 -15.68
C THR A 74 15.32 -30.46 -14.43
N GLY A 75 15.62 -31.22 -13.38
CA GLY A 75 14.74 -31.24 -12.22
C GLY A 75 14.66 -29.90 -11.52
N TRP A 76 15.81 -29.31 -11.19
CA TRP A 76 15.79 -28.01 -10.54
C TRP A 76 15.27 -26.92 -11.48
N VAL A 77 15.27 -27.15 -12.80
CA VAL A 77 14.73 -26.18 -13.75
C VAL A 77 13.22 -26.27 -13.80
N GLN A 78 12.68 -27.48 -14.08
CA GLN A 78 11.24 -27.64 -14.29
C GLN A 78 10.47 -27.71 -12.96
N PHE A 79 10.96 -28.51 -12.01
CA PHE A 79 10.29 -28.65 -10.72
C PHE A 79 10.77 -27.59 -9.75
N GLY A 80 12.07 -27.32 -9.71
CA GLY A 80 12.61 -26.33 -8.81
C GLY A 80 12.32 -24.90 -9.23
N GLN A 81 11.95 -24.68 -10.49
CA GLN A 81 11.64 -23.34 -10.98
C GLN A 81 12.79 -22.38 -10.68
N VAL A 82 14.02 -22.87 -10.90
CA VAL A 82 15.20 -22.13 -10.49
C VAL A 82 15.25 -20.75 -11.14
N GLN A 83 14.81 -20.65 -12.39
CA GLN A 83 14.93 -19.37 -13.08
C GLN A 83 14.03 -18.31 -12.44
N TYR A 84 12.75 -18.62 -12.24
CA TYR A 84 11.84 -17.69 -11.60
C TYR A 84 12.30 -17.33 -10.19
N ILE A 85 12.70 -18.33 -9.41
CA ILE A 85 13.04 -18.09 -8.00
C ILE A 85 14.34 -17.32 -7.88
N ALA A 86 15.37 -17.70 -8.66
CA ALA A 86 16.64 -16.98 -8.62
C ALA A 86 16.49 -15.55 -9.18
N ASP A 87 15.76 -15.37 -10.28
CA ASP A 87 15.51 -14.02 -10.79
C ASP A 87 14.94 -13.12 -9.71
N LYS A 88 13.92 -13.63 -9.00
CA LYS A 88 13.23 -12.81 -7.99
C LYS A 88 14.14 -12.51 -6.81
N ALA A 89 14.85 -13.53 -6.31
CA ALA A 89 15.73 -13.31 -5.16
C ALA A 89 16.81 -12.30 -5.50
N ILE A 90 17.37 -12.39 -6.71
CA ILE A 90 18.43 -11.45 -7.09
C ILE A 90 17.85 -10.08 -7.34
N ALA A 91 16.70 -10.00 -8.04
CA ALA A 91 16.11 -8.68 -8.33
C ALA A 91 15.72 -7.96 -7.04
N GLU A 92 15.26 -8.69 -6.02
CA GLU A 92 14.85 -8.08 -4.77
C GLU A 92 16.00 -7.79 -3.83
N GLY A 93 17.23 -8.17 -4.17
CA GLY A 93 18.34 -7.99 -3.26
C GLY A 93 18.40 -8.96 -2.11
N LYS A 94 17.58 -10.03 -2.12
CA LYS A 94 17.70 -11.08 -1.11
C LYS A 94 18.96 -11.90 -1.33
N SER A 95 19.42 -11.96 -2.58
CA SER A 95 20.64 -12.64 -2.96
C SER A 95 21.44 -11.75 -3.90
N ALA A 96 22.77 -11.80 -3.78
CA ALA A 96 23.64 -11.21 -4.79
C ALA A 96 23.61 -12.11 -6.03
N PRO A 97 23.96 -11.58 -7.20
CA PRO A 97 23.94 -12.42 -8.41
C PRO A 97 24.92 -13.58 -8.29
N MET A 98 24.52 -14.73 -8.81
CA MET A 98 25.37 -15.90 -8.82
C MET A 98 24.98 -16.78 -10.00
N ILE A 99 25.90 -17.61 -10.40
CA ILE A 99 25.67 -18.66 -11.39
C ILE A 99 25.26 -19.92 -10.65
N ILE A 100 24.29 -20.65 -11.18
CA ILE A 100 23.83 -21.89 -10.55
C ILE A 100 24.00 -23.02 -11.55
N VAL A 101 24.74 -24.06 -11.16
CA VAL A 101 25.05 -25.19 -12.04
C VAL A 101 24.35 -26.44 -11.52
N MET A 102 23.61 -27.09 -12.41
CA MET A 102 22.80 -28.26 -12.05
C MET A 102 23.25 -29.49 -12.83
N PRO A 103 24.07 -30.35 -12.23
CA PRO A 103 24.59 -31.51 -12.97
C PRO A 103 23.54 -32.59 -13.18
N ASP A 104 23.77 -33.40 -14.21
CA ASP A 104 22.99 -34.61 -14.46
C ASP A 104 23.71 -35.75 -13.74
N ALA A 105 23.11 -36.27 -12.67
CA ALA A 105 23.65 -37.45 -11.99
C ALA A 105 22.67 -38.60 -12.07
N ASP A 106 22.00 -38.71 -13.22
CA ASP A 106 20.97 -39.70 -13.47
C ASP A 106 21.29 -40.61 -14.63
N THR A 107 21.79 -40.06 -15.74
CA THR A 107 22.07 -40.86 -16.93
C THR A 107 23.19 -41.86 -16.66
N VAL A 108 23.00 -43.09 -17.18
CA VAL A 108 23.87 -44.25 -17.07
C VAL A 108 23.75 -44.89 -15.68
N HIS A 109 24.10 -44.15 -14.63
CA HIS A 109 23.93 -44.59 -13.26
C HIS A 109 23.41 -43.42 -12.45
N LYS A 110 22.59 -43.70 -11.45
CA LYS A 110 22.00 -42.66 -10.61
C LYS A 110 22.85 -42.52 -9.35
N GLY A 111 23.34 -41.31 -9.09
CA GLY A 111 24.11 -41.10 -7.88
C GLY A 111 25.37 -40.28 -8.11
N TYR A 112 25.97 -39.83 -7.01
CA TYR A 112 27.02 -38.83 -7.03
C TYR A 112 28.42 -39.39 -6.80
N PHE A 113 28.58 -40.68 -6.53
CA PHE A 113 29.86 -41.19 -6.04
C PHE A 113 30.45 -42.23 -6.98
N ASN A 114 31.76 -42.47 -6.81
CA ASN A 114 32.46 -43.49 -7.60
C ASN A 114 31.89 -44.86 -7.28
N LEU A 115 31.51 -45.62 -8.31
CA LEU A 115 31.00 -46.96 -8.07
C LEU A 115 32.13 -47.87 -7.59
N LEU A 116 31.74 -48.91 -6.83
CA LEU A 116 32.73 -49.75 -6.17
C LEU A 116 33.54 -50.58 -7.16
N ASP A 117 33.01 -50.85 -8.35
CA ASP A 117 33.68 -51.69 -9.32
C ASP A 117 34.63 -50.91 -10.22
N GLY A 118 34.81 -49.62 -9.97
CA GLY A 118 35.76 -48.81 -10.72
C GLY A 118 35.32 -48.39 -12.10
N THR A 119 34.09 -48.70 -12.51
CA THR A 119 33.62 -48.44 -13.87
C THR A 119 32.96 -47.08 -14.06
N TYR A 120 32.74 -46.30 -13.00
CA TYR A 120 31.94 -45.07 -13.13
C TYR A 120 32.33 -44.13 -11.98
N ASN A 121 33.38 -43.34 -12.21
CA ASN A 121 33.96 -42.50 -11.15
C ASN A 121 33.31 -41.12 -11.17
N TYR A 122 32.04 -41.09 -10.78
CA TYR A 122 31.27 -39.84 -10.91
C TYR A 122 31.84 -38.74 -10.01
N GLU A 123 32.24 -39.06 -8.78
CA GLU A 123 32.79 -38.01 -7.92
C GLU A 123 34.07 -37.43 -8.52
N ASP A 124 34.94 -38.30 -9.06
CA ASP A 124 36.11 -37.82 -9.78
C ASP A 124 35.70 -36.90 -10.93
N PHE A 125 34.69 -37.29 -11.70
CA PHE A 125 34.20 -36.44 -12.79
C PHE A 125 33.78 -35.06 -12.28
N PHE A 126 33.01 -35.03 -11.18
CA PHE A 126 32.50 -33.75 -10.71
C PHE A 126 33.63 -32.78 -10.40
N PHE A 127 34.65 -33.25 -9.68
CA PHE A 127 35.70 -32.35 -9.20
C PHE A 127 36.78 -32.10 -10.27
N GLN A 128 37.15 -33.13 -11.03
CA GLN A 128 38.24 -32.98 -11.97
C GLN A 128 37.80 -32.52 -13.35
N GLU A 129 36.51 -32.64 -13.69
CA GLU A 129 36.11 -32.24 -15.03
C GLU A 129 34.98 -31.21 -15.02
N LEU A 130 33.91 -31.43 -14.27
CA LEU A 130 32.79 -30.48 -14.34
C LEU A 130 33.19 -29.11 -13.80
N ILE A 131 33.75 -29.06 -12.58
CA ILE A 131 34.14 -27.77 -12.00
C ILE A 131 35.13 -27.03 -12.90
N PRO A 132 36.22 -27.65 -13.38
CA PRO A 132 37.11 -26.91 -14.31
C PRO A 132 36.43 -26.50 -15.60
N HIS A 133 35.52 -27.33 -16.12
CA HIS A 133 34.82 -26.94 -17.35
C HIS A 133 33.98 -25.70 -17.13
N ILE A 134 33.26 -25.63 -16.02
CA ILE A 134 32.43 -24.47 -15.70
C ILE A 134 33.31 -23.22 -15.57
N GLU A 135 34.44 -23.35 -14.89
CA GLU A 135 35.31 -22.20 -14.67
C GLU A 135 35.99 -21.74 -15.96
N LYS A 136 36.20 -22.67 -16.90
CA LYS A 136 36.77 -22.29 -18.19
C LYS A 136 35.72 -21.71 -19.13
N THR A 137 34.49 -22.22 -19.07
CA THR A 137 33.45 -21.89 -20.05
C THR A 137 32.66 -20.64 -19.70
N TYR A 138 32.52 -20.34 -18.41
CA TYR A 138 31.72 -19.21 -17.95
C TYR A 138 32.61 -18.27 -17.14
N ARG A 139 32.11 -17.05 -16.93
CA ARG A 139 32.87 -16.02 -16.21
C ARG A 139 32.66 -16.23 -14.73
N VAL A 140 33.49 -17.09 -14.16
CA VAL A 140 33.35 -17.63 -12.81
C VAL A 140 34.53 -17.17 -11.96
N ARG A 141 34.26 -16.76 -10.73
CA ARG A 141 35.34 -16.52 -9.78
C ARG A 141 35.79 -17.89 -9.26
N ALA A 142 36.94 -18.36 -9.73
CA ALA A 142 37.36 -19.75 -9.53
C ALA A 142 38.18 -19.94 -8.25
N GLU A 143 37.53 -19.67 -7.12
CA GLU A 143 38.14 -19.87 -5.81
C GLU A 143 37.10 -20.49 -4.90
N SER A 144 37.58 -21.24 -3.90
CA SER A 144 36.68 -21.92 -2.98
C SER A 144 35.80 -20.96 -2.22
N ARG A 145 36.30 -19.76 -1.93
CA ARG A 145 35.50 -18.75 -1.21
C ARG A 145 34.30 -18.30 -2.02
N TYR A 146 34.26 -18.62 -3.33
CA TYR A 146 33.15 -18.29 -4.22
C TYR A 146 32.46 -19.54 -4.74
N ARG A 147 32.54 -20.65 -4.00
CA ARG A 147 31.98 -21.91 -4.45
C ARG A 147 31.13 -22.52 -3.34
N ALA A 148 29.85 -22.78 -3.64
CA ALA A 148 28.97 -23.42 -2.68
C ALA A 148 28.28 -24.60 -3.37
N ILE A 149 27.71 -25.48 -2.55
CA ILE A 149 27.03 -26.66 -3.08
C ILE A 149 25.82 -26.97 -2.21
N SER A 150 24.73 -27.37 -2.86
CA SER A 150 23.47 -27.67 -2.20
C SER A 150 22.77 -28.76 -2.99
N GLY A 151 21.82 -29.42 -2.36
CA GLY A 151 21.05 -30.44 -3.07
C GLY A 151 19.94 -30.97 -2.19
N LEU A 152 19.04 -31.74 -2.81
CA LEU A 152 17.91 -32.34 -2.10
C LEU A 152 17.96 -33.85 -2.16
N SER A 153 17.57 -34.50 -1.05
CA SER A 153 17.43 -35.96 -0.95
C SER A 153 18.74 -36.63 -1.36
N MET A 154 18.77 -37.46 -2.41
CA MET A 154 20.03 -38.04 -2.88
C MET A 154 21.10 -36.97 -3.09
N GLY A 155 20.72 -35.81 -3.63
CA GLY A 155 21.64 -34.70 -3.84
C GLY A 155 22.00 -33.96 -2.57
N GLY A 156 21.17 -34.05 -1.52
CA GLY A 156 21.56 -33.53 -0.23
C GLY A 156 22.69 -34.34 0.38
N GLY A 157 22.59 -35.67 0.27
CA GLY A 157 23.72 -36.52 0.64
C GLY A 157 24.93 -36.28 -0.25
N GLY A 158 24.68 -35.99 -1.53
CA GLY A 158 25.79 -35.63 -2.41
C GLY A 158 26.53 -34.40 -1.92
N ALA A 159 25.79 -33.31 -1.66
CA ALA A 159 26.42 -32.08 -1.18
C ALA A 159 27.16 -32.32 0.14
N LEU A 160 26.53 -33.07 1.05
CA LEU A 160 27.12 -33.34 2.36
C LEU A 160 28.44 -34.09 2.24
N PHE A 161 28.45 -35.21 1.50
CA PHE A 161 29.68 -36.00 1.47
C PHE A 161 30.71 -35.44 0.50
N TYR A 162 30.29 -34.73 -0.55
CA TYR A 162 31.25 -34.00 -1.38
C TYR A 162 32.06 -33.04 -0.52
N ALA A 163 31.39 -32.30 0.35
CA ALA A 163 32.06 -31.33 1.20
C ALA A 163 32.86 -32.00 2.30
N LEU A 164 32.38 -33.13 2.84
CA LEU A 164 33.18 -33.82 3.83
C LEU A 164 34.42 -34.45 3.19
N HIS A 165 34.33 -34.88 1.93
CA HIS A 165 35.50 -35.46 1.25
C HIS A 165 36.50 -34.39 0.81
N TYR A 166 36.00 -33.26 0.30
CA TYR A 166 36.84 -32.21 -0.26
C TYR A 166 36.44 -30.86 0.34
N PRO A 167 36.62 -30.68 1.65
CA PRO A 167 36.16 -29.43 2.27
C PRO A 167 36.92 -28.22 1.78
N GLU A 168 38.13 -28.40 1.23
CA GLU A 168 38.88 -27.29 0.68
C GLU A 168 38.24 -26.68 -0.55
N MET A 169 37.23 -27.34 -1.13
CA MET A 169 36.63 -26.89 -2.39
C MET A 169 35.42 -26.00 -2.19
N PHE A 170 34.89 -25.87 -0.96
CA PHE A 170 33.66 -25.14 -0.76
C PHE A 170 33.76 -24.19 0.43
N VAL A 171 33.06 -23.07 0.33
CA VAL A 171 32.92 -22.15 1.44
C VAL A 171 31.59 -22.34 2.18
N ALA A 172 30.58 -22.89 1.51
CA ALA A 172 29.24 -23.03 2.08
C ALA A 172 28.57 -24.27 1.50
N VAL A 173 27.81 -24.99 2.34
CA VAL A 173 27.20 -26.27 1.97
C VAL A 173 25.79 -26.31 2.55
N ALA A 174 24.81 -26.67 1.72
CA ALA A 174 23.39 -26.65 2.13
C ALA A 174 22.66 -27.93 1.75
N PRO A 175 22.80 -28.99 2.54
CA PRO A 175 22.03 -30.22 2.30
C PRO A 175 20.57 -30.03 2.72
N LEU A 176 19.65 -30.32 1.80
CA LEU A 176 18.21 -30.21 2.02
C LEU A 176 17.58 -31.60 2.02
N SER A 177 16.82 -31.93 3.07
CA SER A 177 16.14 -33.22 3.16
C SER A 177 17.09 -34.37 2.78
N ALA A 178 18.30 -34.32 3.33
CA ALA A 178 19.39 -35.14 2.83
C ALA A 178 19.29 -36.59 3.28
N VAL A 179 19.56 -37.51 2.35
CA VAL A 179 19.77 -38.91 2.72
C VAL A 179 21.11 -39.03 3.48
N GLY A 180 21.24 -40.10 4.24
CA GLY A 180 22.44 -40.36 5.01
C GLY A 180 23.44 -41.22 4.25
N GLY A 181 24.55 -41.52 4.94
CA GLY A 181 25.63 -42.28 4.31
C GLY A 181 25.27 -43.74 4.07
N ALA A 182 24.49 -44.35 4.98
CA ALA A 182 24.13 -45.74 4.79
C ALA A 182 23.26 -45.92 3.55
N TRP A 183 22.30 -45.02 3.33
CA TRP A 183 21.48 -45.07 2.13
C TRP A 183 22.33 -44.87 0.89
N THR A 184 23.22 -43.88 0.93
CA THR A 184 24.06 -43.58 -0.22
C THR A 184 24.97 -44.75 -0.54
N PHE A 185 25.57 -45.36 0.50
CA PHE A 185 26.45 -46.50 0.27
C PHE A 185 25.68 -47.68 -0.31
N ASP A 186 24.46 -47.92 0.20
CA ASP A 186 23.65 -49.02 -0.33
C ASP A 186 23.32 -48.80 -1.80
N GLN A 187 23.08 -47.55 -2.21
CA GLN A 187 22.79 -47.26 -3.61
C GLN A 187 24.03 -47.48 -4.47
N MET A 188 25.21 -47.11 -3.96
CA MET A 188 26.45 -47.36 -4.69
C MET A 188 26.66 -48.86 -4.88
N LYS A 189 26.39 -49.67 -3.85
CA LYS A 189 26.60 -51.11 -3.99
C LYS A 189 25.65 -51.72 -5.00
N ASN A 190 24.37 -51.34 -4.96
CA ASN A 190 23.38 -51.97 -5.82
C ASN A 190 23.59 -51.64 -7.29
N GLN A 191 24.41 -50.64 -7.59
CA GLN A 191 24.72 -50.29 -8.96
C GLN A 191 26.08 -50.80 -9.41
N SER A 192 26.86 -51.40 -8.51
CA SER A 192 28.17 -51.92 -8.85
C SER A 192 28.07 -53.40 -9.12
N ASP A 193 28.95 -53.89 -9.98
CA ASP A 193 29.13 -55.34 -10.13
C ASP A 193 30.05 -55.79 -9.01
N LEU A 194 29.46 -56.35 -7.95
CA LEU A 194 30.20 -56.71 -6.74
C LEU A 194 31.07 -57.95 -6.91
N SER A 195 30.93 -58.68 -8.02
CA SER A 195 31.81 -59.84 -8.25
C SER A 195 33.28 -59.43 -8.33
N LYS A 196 33.56 -58.20 -8.76
CA LYS A 196 34.93 -57.73 -8.92
C LYS A 196 35.44 -56.95 -7.72
N VAL A 197 34.64 -56.81 -6.66
CA VAL A 197 34.94 -55.94 -5.54
C VAL A 197 35.35 -56.80 -4.35
N SER A 198 36.53 -56.52 -3.78
CA SER A 198 37.00 -57.23 -2.60
C SER A 198 36.25 -56.78 -1.35
N GLU A 199 36.26 -57.64 -0.33
CA GLU A 199 35.63 -57.27 0.92
C GLU A 199 36.38 -56.13 1.60
N GLU A 200 37.70 -56.04 1.38
CA GLU A 200 38.45 -54.91 1.92
C GLU A 200 38.02 -53.60 1.28
N LYS A 201 37.71 -53.64 -0.03
CA LYS A 201 37.29 -52.43 -0.72
C LYS A 201 35.92 -51.95 -0.25
N LYS A 202 34.98 -52.88 -0.04
CA LYS A 202 33.68 -52.50 0.50
C LYS A 202 33.82 -51.84 1.87
N ALA A 203 34.71 -52.36 2.72
CA ALA A 203 34.89 -51.80 4.06
C ALA A 203 35.53 -50.42 3.99
N GLU A 204 36.45 -50.22 3.05
CA GLU A 204 37.10 -48.92 2.91
C GLU A 204 36.10 -47.84 2.52
N VAL A 205 35.27 -48.11 1.51
CA VAL A 205 34.31 -47.12 1.05
C VAL A 205 33.21 -46.89 2.07
N LEU A 206 32.79 -47.95 2.78
CA LEU A 206 31.78 -47.76 3.82
C LEU A 206 32.25 -46.72 4.83
N GLY A 207 33.52 -46.80 5.25
CA GLY A 207 34.06 -45.81 6.16
C GLY A 207 34.13 -44.42 5.56
N GLN A 208 34.42 -44.35 4.26
CA GLN A 208 34.47 -43.06 3.57
C GLN A 208 33.09 -42.46 3.37
N MET A 209 32.04 -43.26 3.52
CA MET A 209 30.65 -42.82 3.41
C MET A 209 29.94 -42.87 4.75
N ASP A 210 30.67 -42.73 5.85
CA ASP A 210 30.09 -42.73 7.19
C ASP A 210 30.53 -41.47 7.92
N ILE A 211 29.55 -40.63 8.30
CA ILE A 211 29.89 -39.31 8.82
C ILE A 211 30.67 -39.43 10.13
N GLN A 212 30.29 -40.37 11.00
CA GLN A 212 31.02 -40.57 12.25
C GLN A 212 32.49 -40.88 11.99
N THR A 213 32.77 -41.79 11.05
CA THR A 213 34.14 -42.14 10.73
C THR A 213 34.90 -40.96 10.16
N ILE A 214 34.28 -40.24 9.22
CA ILE A 214 34.92 -39.07 8.61
C ILE A 214 35.29 -38.05 9.67
N LEU A 215 34.36 -37.76 10.59
CA LEU A 215 34.59 -36.73 11.60
C LEU A 215 35.60 -37.17 12.65
N GLU A 216 35.67 -38.47 12.95
CA GLU A 216 36.61 -38.93 13.95
C GLU A 216 38.00 -39.14 13.38
N LYS A 217 38.10 -39.59 12.13
CA LYS A 217 39.37 -40.05 11.59
C LYS A 217 40.00 -39.13 10.55
N SER A 218 39.36 -38.05 10.15
CA SER A 218 39.98 -37.14 9.19
C SER A 218 41.15 -36.43 9.86
N PRO A 219 42.22 -36.14 9.11
CA PRO A 219 43.35 -35.41 9.68
C PRO A 219 42.92 -34.02 10.14
N LYS A 220 43.76 -33.42 10.98
CA LYS A 220 43.41 -32.13 11.58
C LYS A 220 43.09 -31.08 10.51
N GLU A 221 43.91 -31.02 9.47
CA GLU A 221 43.69 -30.00 8.41
C GLU A 221 42.31 -30.16 7.79
N LYS A 222 41.92 -31.37 7.39
CA LYS A 222 40.59 -31.61 6.84
C LYS A 222 39.51 -31.25 7.84
N LEU A 223 39.67 -31.69 9.08
CA LEU A 223 38.64 -31.48 10.08
C LEU A 223 38.48 -29.99 10.38
N ASP A 224 39.60 -29.25 10.44
CA ASP A 224 39.52 -27.81 10.63
C ASP A 224 38.77 -27.13 9.48
N ARG A 225 38.99 -27.58 8.24
CA ARG A 225 38.31 -26.97 7.11
C ARG A 225 36.81 -27.29 7.14
N ILE A 226 36.46 -28.51 7.57
CA ILE A 226 35.06 -28.88 7.75
C ILE A 226 34.38 -27.97 8.77
N LYS A 227 35.09 -27.62 9.85
CA LYS A 227 34.54 -26.70 10.85
C LYS A 227 34.45 -25.28 10.31
N TRP A 228 35.34 -24.89 9.41
CA TRP A 228 35.35 -23.55 8.84
C TRP A 228 34.20 -23.36 7.85
N ILE A 229 33.84 -24.41 7.12
CA ILE A 229 32.72 -24.37 6.18
C ILE A 229 31.46 -23.88 6.88
N ARG A 230 30.67 -23.06 6.18
CA ARG A 230 29.36 -22.63 6.67
C ARG A 230 28.30 -23.62 6.19
N TRP A 231 27.70 -24.35 7.12
CA TRP A 231 26.71 -25.38 6.83
C TRP A 231 25.30 -24.85 7.09
N TYR A 232 24.38 -25.18 6.19
CA TYR A 232 22.95 -24.90 6.37
C TYR A 232 22.20 -26.19 6.07
N ILE A 233 21.67 -26.84 7.10
CA ILE A 233 21.05 -28.17 6.95
C ILE A 233 19.56 -28.02 7.27
N SER A 234 18.70 -28.38 6.31
CA SER A 234 17.27 -28.15 6.47
C SER A 234 16.48 -29.38 6.04
N CYS A 235 15.43 -29.70 6.80
CA CYS A 235 14.60 -30.88 6.51
C CYS A 235 13.22 -30.69 7.13
N GLY A 236 12.18 -31.12 6.41
CA GLY A 236 10.81 -30.97 6.92
C GLY A 236 10.53 -31.95 8.05
N ASP A 237 9.65 -31.55 8.96
CA ASP A 237 9.36 -32.39 10.12
C ASP A 237 8.52 -33.61 9.75
N ASP A 238 7.86 -33.61 8.59
CA ASP A 238 7.06 -34.75 8.15
C ASP A 238 7.82 -35.62 7.14
N ASP A 239 9.06 -35.28 6.85
CA ASP A 239 9.89 -36.06 5.93
C ASP A 239 10.31 -37.36 6.61
N PHE A 240 10.28 -38.46 5.85
CA PHE A 240 10.78 -39.73 6.39
C PHE A 240 12.26 -39.64 6.76
N LEU A 241 12.98 -38.62 6.27
CA LEU A 241 14.38 -38.41 6.61
C LEU A 241 14.57 -37.46 7.78
N SER A 242 13.49 -37.08 8.47
CA SER A 242 13.63 -36.13 9.57
C SER A 242 14.47 -36.71 10.71
N VAL A 243 14.34 -38.01 10.98
CA VAL A 243 15.17 -38.63 12.02
C VAL A 243 16.64 -38.63 11.61
N THR A 244 16.93 -39.03 10.36
CA THR A 244 18.29 -38.98 9.84
C THR A 244 18.92 -37.62 10.06
N ASN A 245 18.17 -36.55 9.75
CA ASN A 245 18.75 -35.22 9.86
C ASN A 245 18.83 -34.71 11.30
N CYS A 246 17.92 -35.12 12.18
CA CYS A 246 18.10 -34.81 13.59
C CYS A 246 19.35 -35.50 14.16
N LEU A 247 19.58 -36.76 13.77
CA LEU A 247 20.80 -37.45 14.20
C LEU A 247 22.05 -36.76 13.64
N LEU A 248 21.97 -36.22 12.42
CA LEU A 248 23.07 -35.47 11.82
C LEU A 248 23.39 -34.21 12.62
N HIS A 249 22.35 -33.43 12.95
CA HIS A 249 22.52 -32.26 13.82
C HIS A 249 23.27 -32.64 15.10
N ASN A 250 22.81 -33.70 15.78
CA ASN A 250 23.42 -34.11 17.04
C ASN A 250 24.87 -34.57 16.85
N THR A 251 25.13 -35.32 15.77
CA THR A 251 26.49 -35.78 15.51
C THR A 251 27.43 -34.61 15.26
N LEU A 252 26.99 -33.63 14.47
CA LEU A 252 27.84 -32.49 14.17
C LEU A 252 28.18 -31.70 15.42
N LEU A 253 27.19 -31.44 16.30
CA LEU A 253 27.46 -30.74 17.54
C LEU A 253 28.38 -31.56 18.45
N GLN A 254 28.21 -32.89 18.46
CA GLN A 254 29.07 -33.76 19.25
C GLN A 254 30.53 -33.65 18.80
N HIS A 255 30.76 -33.33 17.54
CA HIS A 255 32.11 -33.17 17.01
C HIS A 255 32.50 -31.71 16.84
N GLN A 256 31.73 -30.79 17.44
CA GLN A 256 32.06 -29.36 17.44
C GLN A 256 32.11 -28.78 16.03
N VAL A 257 31.19 -29.25 15.18
CA VAL A 257 31.00 -28.65 13.86
C VAL A 257 29.78 -27.73 13.96
N GLY A 258 30.03 -26.44 14.17
CA GLY A 258 28.93 -25.48 14.20
C GLY A 258 28.25 -25.41 12.84
N HIS A 259 26.95 -25.20 12.85
CA HIS A 259 26.20 -25.24 11.60
C HIS A 259 24.83 -24.65 11.87
N GLU A 260 24.17 -24.22 10.80
CA GLU A 260 22.76 -23.84 10.89
C GLU A 260 21.92 -25.09 10.68
N PHE A 261 20.93 -25.30 11.54
CA PHE A 261 20.02 -26.43 11.40
C PHE A 261 18.60 -25.92 11.40
N ARG A 262 17.79 -26.38 10.45
CA ARG A 262 16.39 -26.00 10.37
C ARG A 262 15.55 -27.25 10.22
N MET A 263 14.53 -27.40 11.07
CA MET A 263 13.49 -28.39 10.84
C MET A 263 12.19 -27.60 10.77
N LYS A 264 11.65 -27.48 9.57
CA LYS A 264 10.48 -26.67 9.31
C LYS A 264 9.28 -27.58 9.01
N ASP A 265 8.08 -27.00 9.06
CA ASP A 265 6.92 -27.76 8.65
C ASP A 265 7.07 -28.13 7.19
N GLY A 266 6.79 -29.38 6.85
CA GLY A 266 6.84 -29.77 5.46
C GLY A 266 7.26 -31.22 5.32
N SER A 267 7.17 -31.70 4.09
CA SER A 267 7.44 -33.09 3.80
C SER A 267 8.53 -33.18 2.75
N HIS A 268 8.71 -34.39 2.23
CA HIS A 268 9.69 -34.68 1.18
C HIS A 268 9.09 -34.30 -0.16
N SER A 269 9.03 -33.00 -0.45
CA SER A 269 8.25 -32.51 -1.58
C SER A 269 8.91 -31.29 -2.21
N TRP A 270 8.53 -31.02 -3.48
CA TRP A 270 9.01 -29.83 -4.16
C TRP A 270 8.46 -28.53 -3.55
N THR A 271 7.35 -28.59 -2.82
CA THR A 271 6.95 -27.40 -2.05
C THR A 271 8.05 -27.00 -1.08
N TYR A 272 8.61 -27.99 -0.36
CA TYR A 272 9.69 -27.73 0.60
C TYR A 272 10.94 -27.21 -0.10
N TRP A 273 11.35 -27.85 -1.20
CA TRP A 273 12.63 -27.47 -1.82
C TRP A 273 12.53 -26.12 -2.53
N ARG A 274 11.38 -25.79 -3.13
CA ARG A 274 11.22 -24.45 -3.67
C ARG A 274 11.18 -23.39 -2.56
N MET A 275 10.61 -23.72 -1.39
CA MET A 275 10.65 -22.77 -0.27
C MET A 275 12.09 -22.53 0.18
N GLU A 276 12.91 -23.58 0.22
CA GLU A 276 14.27 -23.45 0.73
C GLU A 276 15.25 -22.86 -0.27
N LEU A 277 15.00 -22.97 -1.59
CA LEU A 277 15.99 -22.46 -2.55
C LEU A 277 16.35 -20.99 -2.32
N PRO A 278 15.40 -20.06 -2.17
CA PRO A 278 15.83 -18.68 -1.90
C PRO A 278 16.51 -18.52 -0.54
N GLU A 279 16.19 -19.37 0.44
CA GLU A 279 16.93 -19.32 1.69
C GLU A 279 18.38 -19.77 1.50
N VAL A 280 18.59 -20.82 0.70
CA VAL A 280 19.94 -21.26 0.37
C VAL A 280 20.69 -20.16 -0.37
N MET A 281 20.03 -19.53 -1.35
CA MET A 281 20.69 -18.46 -2.10
C MET A 281 21.10 -17.30 -1.18
N ARG A 282 20.22 -16.89 -0.28
CA ARG A 282 20.58 -15.82 0.64
C ARG A 282 21.69 -16.24 1.59
N PHE A 283 21.64 -17.48 2.08
CA PHE A 283 22.68 -17.97 2.96
C PHE A 283 24.06 -17.93 2.28
N VAL A 284 24.17 -18.51 1.07
CA VAL A 284 25.50 -18.56 0.45
C VAL A 284 25.89 -17.19 -0.08
N SER A 285 24.91 -16.38 -0.49
CA SER A 285 25.22 -15.04 -0.98
C SER A 285 25.88 -14.20 0.11
N ARG A 286 25.38 -14.25 1.33
CA ARG A 286 26.02 -13.52 2.43
C ARG A 286 27.46 -13.97 2.61
N ILE A 287 27.73 -15.26 2.42
CA ILE A 287 29.09 -15.75 2.58
C ILE A 287 29.97 -15.25 1.42
N PHE A 288 29.42 -15.26 0.19
CA PHE A 288 30.16 -14.77 -0.98
C PHE A 288 30.53 -13.30 -0.85
N THR A 289 29.58 -12.47 -0.41
CA THR A 289 29.79 -11.02 -0.34
C THR A 289 30.45 -10.58 0.96
N GLN A 290 30.53 -11.46 1.96
CA GLN A 290 30.91 -11.14 3.35
C GLN A 290 29.84 -10.24 3.99
N TYR A 291 29.90 -10.06 5.31
CA TYR A 291 28.91 -9.25 6.02
C TYR A 291 29.41 -8.72 7.38
N GLN B 24 -7.90 -3.00 19.73
CA GLN B 24 -8.63 -3.49 20.91
C GLN B 24 -7.70 -4.26 21.82
N GLN B 25 -7.64 -3.87 23.10
CA GLN B 25 -6.67 -4.44 24.05
C GLN B 25 -7.39 -5.28 25.10
N GLY B 26 -6.84 -6.46 25.34
CA GLY B 26 -7.22 -7.26 26.48
C GLY B 26 -6.61 -6.67 27.73
N LYS B 27 -6.54 -7.45 28.79
CA LYS B 27 -5.96 -6.93 30.01
C LYS B 27 -5.33 -8.08 30.78
N VAL B 28 -4.46 -7.72 31.71
CA VAL B 28 -3.74 -8.72 32.51
C VAL B 28 -3.97 -8.40 33.98
N TYR B 29 -4.28 -9.43 34.77
CA TYR B 29 -4.24 -9.36 36.21
C TYR B 29 -3.05 -10.17 36.70
N GLU B 30 -2.18 -9.53 37.50
CA GLU B 30 -0.99 -10.15 38.04
C GLU B 30 -1.07 -10.48 39.52
N THR B 31 -2.03 -9.89 40.25
CA THR B 31 -1.98 -9.93 41.71
C THR B 31 -3.00 -10.88 42.33
N ARG B 32 -3.74 -11.63 41.51
CA ARG B 32 -4.73 -12.53 42.07
C ARG B 32 -4.09 -13.86 42.48
N THR B 33 -4.76 -14.56 43.40
CA THR B 33 -4.24 -15.79 43.98
CA THR B 33 -4.24 -15.79 43.98
C THR B 33 -5.34 -16.84 44.07
N VAL B 34 -4.91 -18.09 44.09
CA VAL B 34 -5.75 -19.26 44.33
C VAL B 34 -5.55 -19.69 45.77
N LYS B 35 -6.63 -19.98 46.48
CA LYS B 35 -6.54 -20.50 47.83
C LYS B 35 -6.18 -21.98 47.71
N SER B 36 -4.97 -22.35 48.10
CA SER B 36 -4.54 -23.74 47.94
C SER B 36 -4.57 -24.43 49.29
N LYS B 37 -5.46 -25.40 49.46
CA LYS B 37 -5.37 -26.26 50.65
C LYS B 37 -4.19 -27.23 50.52
N ILE B 38 -3.91 -27.68 49.29
CA ILE B 38 -2.83 -28.64 49.09
C ILE B 38 -1.48 -28.04 49.48
N LEU B 39 -1.23 -26.79 49.12
CA LEU B 39 0.01 -26.13 49.48
C LEU B 39 -0.14 -25.25 50.73
N GLY B 40 -1.35 -25.15 51.28
CA GLY B 40 -1.58 -24.42 52.52
C GLY B 40 -1.25 -22.95 52.47
N MET B 41 -1.53 -22.27 51.35
CA MET B 41 -1.16 -20.86 51.17
C MET B 41 -1.89 -20.31 49.95
N GLU B 42 -1.90 -18.97 49.84
CA GLU B 42 -2.32 -18.34 48.58
C GLU B 42 -1.25 -18.50 47.51
N ARG B 43 -1.64 -18.92 46.31
CA ARG B 43 -0.72 -19.14 45.20
C ARG B 43 -1.02 -18.14 44.08
N SER B 44 0.03 -17.49 43.60
CA SER B 44 -0.10 -16.48 42.55
C SER B 44 -0.30 -17.08 41.17
N TYR B 45 -0.96 -16.29 40.32
CA TYR B 45 -0.98 -16.54 38.89
C TYR B 45 -1.22 -15.20 38.21
N SER B 46 -0.86 -15.12 36.94
CA SER B 46 -1.28 -14.02 36.09
C SER B 46 -2.30 -14.53 35.09
N ILE B 47 -3.18 -13.65 34.61
CA ILE B 47 -4.16 -14.07 33.64
C ILE B 47 -4.35 -12.97 32.60
N TYR B 48 -4.34 -13.37 31.33
CA TYR B 48 -4.70 -12.50 30.21
C TYR B 48 -6.13 -12.77 29.81
N LEU B 49 -6.95 -11.72 29.79
CA LEU B 49 -8.33 -11.79 29.30
C LEU B 49 -8.41 -11.06 27.96
N PRO B 50 -9.02 -11.65 26.94
CA PRO B 50 -8.96 -11.04 25.61
C PRO B 50 -9.83 -9.80 25.49
N ALA B 51 -9.55 -9.02 24.45
CA ALA B 51 -10.40 -7.87 24.15
C ALA B 51 -11.85 -8.32 24.01
N GLY B 52 -12.78 -7.52 24.53
CA GLY B 52 -14.16 -7.95 24.46
C GLY B 52 -14.56 -9.04 25.43
N TYR B 53 -13.67 -9.46 26.33
CA TYR B 53 -14.09 -10.32 27.44
C TYR B 53 -15.24 -9.67 28.22
N ASP B 54 -15.27 -8.34 28.30
CA ASP B 54 -16.28 -7.67 29.11
C ASP B 54 -17.61 -7.46 28.39
N GLU B 55 -17.69 -7.79 27.10
CA GLU B 55 -18.94 -7.62 26.30
C GLU B 55 -19.54 -8.99 25.98
N GLY B 56 -20.86 -9.12 26.07
CA GLY B 56 -21.45 -10.43 25.90
C GLY B 56 -21.25 -11.28 27.15
N ASP B 57 -21.66 -12.55 27.07
CA ASP B 57 -21.65 -13.42 28.24
C ASP B 57 -20.98 -14.77 27.95
N GLY B 58 -20.31 -14.91 26.82
CA GLY B 58 -19.81 -16.20 26.38
C GLY B 58 -18.53 -16.61 27.07
N SER B 59 -18.08 -17.83 26.77
CA SER B 59 -16.91 -18.40 27.43
C SER B 59 -15.81 -18.70 26.41
N TYR B 60 -14.60 -18.92 26.93
CA TYR B 60 -13.39 -18.98 26.12
C TYR B 60 -12.55 -20.22 26.41
N PRO B 61 -11.83 -20.71 25.42
CA PRO B 61 -10.80 -21.73 25.69
C PRO B 61 -9.63 -21.10 26.43
N VAL B 62 -8.75 -21.94 26.98
CA VAL B 62 -7.68 -21.50 27.87
C VAL B 62 -6.36 -22.11 27.42
N LEU B 63 -5.32 -21.30 27.36
CA LEU B 63 -3.94 -21.73 27.23
C LEU B 63 -3.23 -21.51 28.55
N TYR B 64 -2.76 -22.58 29.18
CA TYR B 64 -1.87 -22.47 30.34
C TYR B 64 -0.44 -22.32 29.84
N LEU B 65 0.27 -21.32 30.37
CA LEU B 65 1.54 -20.88 29.82
C LEU B 65 2.56 -20.80 30.95
N LEU B 66 3.59 -21.68 30.93
CA LEU B 66 4.46 -21.91 32.09
C LEU B 66 5.81 -21.23 31.92
N HIS B 67 6.31 -20.63 33.01
CA HIS B 67 7.58 -19.93 32.96
C HIS B 67 8.77 -20.87 33.19
N GLY B 68 9.97 -20.32 32.99
CA GLY B 68 11.20 -21.06 33.21
C GLY B 68 11.76 -20.83 34.61
N LEU B 69 12.91 -21.43 34.86
CA LEU B 69 13.52 -21.41 36.19
C LEU B 69 14.01 -20.00 36.53
N GLY B 70 13.63 -19.51 37.70
CA GLY B 70 14.05 -18.20 38.15
C GLY B 70 13.04 -17.10 37.92
N ASP B 71 12.06 -17.32 37.05
CA ASP B 71 10.95 -16.39 36.87
C ASP B 71 9.72 -16.88 37.64
N ASN B 72 8.72 -16.02 37.75
CA ASN B 72 7.46 -16.46 38.33
C ASN B 72 6.33 -16.06 37.40
N HIS B 73 5.12 -15.88 37.93
CA HIS B 73 3.94 -15.59 37.11
C HIS B 73 4.03 -14.26 36.38
N THR B 74 4.99 -13.40 36.71
CA THR B 74 5.17 -12.17 35.94
C THR B 74 6.10 -12.34 34.73
N GLY B 75 6.74 -13.50 34.58
CA GLY B 75 7.73 -13.65 33.51
C GLY B 75 7.13 -13.53 32.13
N TRP B 76 6.08 -14.30 31.84
CA TRP B 76 5.42 -14.19 30.54
C TRP B 76 4.73 -12.84 30.34
N VAL B 77 4.46 -12.10 31.42
CA VAL B 77 3.87 -10.77 31.32
C VAL B 77 4.92 -9.75 30.93
N GLN B 78 6.00 -9.64 31.73
CA GLN B 78 7.01 -8.60 31.53
C GLN B 78 8.00 -8.96 30.41
N PHE B 79 8.50 -10.19 30.39
CA PHE B 79 9.45 -10.60 29.37
C PHE B 79 8.74 -11.15 28.13
N GLY B 80 7.73 -11.98 28.35
CA GLY B 80 6.99 -12.54 27.23
C GLY B 80 6.10 -11.55 26.51
N GLN B 81 5.81 -10.40 27.14
CA GLN B 81 4.95 -9.39 26.54
C GLN B 81 3.63 -10.00 26.08
N VAL B 82 3.07 -10.86 26.92
CA VAL B 82 1.89 -11.63 26.53
C VAL B 82 0.75 -10.70 26.11
N GLN B 83 0.58 -9.56 26.81
CA GLN B 83 -0.58 -8.71 26.49
C GLN B 83 -0.49 -8.14 25.08
N TYR B 84 0.64 -7.51 24.75
CA TYR B 84 0.80 -6.96 23.40
C TYR B 84 0.70 -8.05 22.33
N ILE B 85 1.38 -9.18 22.55
CA ILE B 85 1.46 -10.21 21.53
C ILE B 85 0.10 -10.90 21.33
N ALA B 86 -0.59 -11.23 22.42
CA ALA B 86 -1.91 -11.84 22.28
C ALA B 86 -2.93 -10.85 21.70
N ASP B 87 -2.90 -9.59 22.15
CA ASP B 87 -3.78 -8.57 21.57
C ASP B 87 -3.63 -8.53 20.06
N LYS B 88 -2.39 -8.48 19.59
CA LYS B 88 -2.12 -8.34 18.16
C LYS B 88 -2.57 -9.58 17.39
N ALA B 89 -2.23 -10.77 17.90
CA ALA B 89 -2.60 -12.00 17.20
C ALA B 89 -4.11 -12.13 17.07
N ILE B 90 -4.85 -11.79 18.13
CA ILE B 90 -6.31 -11.91 18.10
C ILE B 90 -6.92 -10.83 17.22
N ALA B 91 -6.44 -9.59 17.33
CA ALA B 91 -7.00 -8.52 16.53
C ALA B 91 -6.78 -8.76 15.04
N GLU B 92 -5.63 -9.35 14.67
CA GLU B 92 -5.33 -9.60 13.26
C GLU B 92 -6.00 -10.87 12.73
N GLY B 93 -6.71 -11.61 13.56
CA GLY B 93 -7.31 -12.86 13.11
C GLY B 93 -6.36 -14.03 12.98
N LYS B 94 -5.12 -13.90 13.46
CA LYS B 94 -4.19 -15.04 13.47
C LYS B 94 -4.57 -16.05 14.54
N SER B 95 -5.23 -15.60 15.60
CA SER B 95 -5.70 -16.45 16.69
C SER B 95 -7.13 -16.07 17.01
N ALA B 96 -7.94 -17.06 17.35
CA ALA B 96 -9.24 -16.77 17.95
C ALA B 96 -9.00 -16.31 19.39
N PRO B 97 -9.96 -15.59 19.97
CA PRO B 97 -9.80 -15.14 21.36
C PRO B 97 -9.64 -16.33 22.31
N MET B 98 -8.78 -16.14 23.30
CA MET B 98 -8.58 -17.16 24.31
C MET B 98 -8.10 -16.47 25.58
N ILE B 99 -8.29 -17.15 26.69
CA ILE B 99 -7.75 -16.77 27.98
C ILE B 99 -6.40 -17.44 28.15
N ILE B 100 -5.44 -16.73 28.73
CA ILE B 100 -4.09 -17.26 28.96
C ILE B 100 -3.80 -17.16 30.44
N VAL B 101 -3.48 -18.31 31.06
CA VAL B 101 -3.23 -18.40 32.50
C VAL B 101 -1.76 -18.75 32.73
N MET B 102 -1.09 -17.95 33.55
CA MET B 102 0.34 -18.09 33.81
C MET B 102 0.57 -18.37 35.29
N PRO B 103 0.75 -19.62 35.70
CA PRO B 103 0.92 -19.92 37.13
C PRO B 103 2.29 -19.49 37.65
N ASP B 104 2.35 -19.31 38.96
CA ASP B 104 3.60 -19.09 39.70
C ASP B 104 4.10 -20.46 40.18
N ALA B 105 5.21 -20.92 39.63
CA ALA B 105 5.88 -22.13 40.09
C ALA B 105 7.26 -21.80 40.61
N ASP B 106 7.37 -20.66 41.28
CA ASP B 106 8.63 -20.20 41.82
C ASP B 106 8.61 -20.01 43.33
N THR B 107 7.52 -19.46 43.87
CA THR B 107 7.45 -19.17 45.30
C THR B 107 7.49 -20.47 46.10
N VAL B 108 8.24 -20.45 47.20
CA VAL B 108 8.50 -21.53 48.14
C VAL B 108 9.47 -22.53 47.53
N HIS B 109 9.09 -23.17 46.42
CA HIS B 109 9.98 -24.07 45.71
C HIS B 109 9.81 -23.82 44.21
N LYS B 110 10.88 -24.01 43.46
CA LYS B 110 10.84 -23.76 42.02
C LYS B 110 10.59 -25.07 41.30
N GLY B 111 9.52 -25.13 40.50
CA GLY B 111 9.23 -26.34 39.76
C GLY B 111 7.77 -26.75 39.74
N TYR B 112 7.45 -27.69 38.85
CA TYR B 112 6.06 -28.00 38.51
C TYR B 112 5.55 -29.31 39.11
N PHE B 113 6.38 -30.07 39.81
CA PHE B 113 6.02 -31.42 40.19
C PHE B 113 6.02 -31.60 41.71
N ASN B 114 5.38 -32.67 42.16
CA ASN B 114 5.34 -33.01 43.58
C ASN B 114 6.75 -33.34 44.07
N LEU B 115 7.19 -32.68 45.14
CA LEU B 115 8.51 -33.02 45.65
C LEU B 115 8.52 -34.41 46.24
N LEU B 116 9.70 -35.03 46.25
CA LEU B 116 9.81 -36.42 46.70
C LEU B 116 9.54 -36.59 48.18
N ASP B 117 9.66 -35.54 48.99
CA ASP B 117 9.43 -35.72 50.43
C ASP B 117 7.96 -35.57 50.80
N GLY B 118 7.06 -35.38 49.84
CA GLY B 118 5.65 -35.28 50.13
C GLY B 118 5.20 -33.97 50.73
N THR B 119 6.10 -32.99 50.88
CA THR B 119 5.80 -31.74 51.55
C THR B 119 5.30 -30.65 50.59
N TYR B 120 5.29 -30.89 49.28
CA TYR B 120 4.99 -29.82 48.34
C TYR B 120 4.47 -30.45 47.04
N ASN B 121 3.17 -30.73 47.01
CA ASN B 121 2.55 -31.44 45.88
C ASN B 121 2.07 -30.44 44.82
N TYR B 122 3.04 -29.80 44.14
CA TYR B 122 2.69 -28.74 43.20
C TYR B 122 1.85 -29.27 42.03
N GLU B 123 2.15 -30.45 41.50
CA GLU B 123 1.36 -30.97 40.40
C GLU B 123 -0.09 -31.21 40.84
N ASP B 124 -0.28 -31.79 42.03
CA ASP B 124 -1.63 -31.93 42.57
C ASP B 124 -2.35 -30.59 42.64
N PHE B 125 -1.65 -29.57 43.14
CA PHE B 125 -2.22 -28.23 43.20
C PHE B 125 -2.65 -27.75 41.82
N PHE B 126 -1.79 -27.92 40.81
CA PHE B 126 -2.13 -27.40 39.49
C PHE B 126 -3.42 -28.01 38.97
N PHE B 127 -3.54 -29.33 39.07
CA PHE B 127 -4.70 -29.99 38.48
C PHE B 127 -5.93 -29.93 39.38
N GLN B 128 -5.75 -30.04 40.70
CA GLN B 128 -6.91 -30.13 41.58
C GLN B 128 -7.39 -28.78 42.09
N GLU B 129 -6.57 -27.73 42.01
CA GLU B 129 -6.99 -26.45 42.56
C GLU B 129 -6.91 -25.32 41.55
N LEU B 130 -5.78 -25.18 40.85
CA LEU B 130 -5.64 -24.05 39.94
C LEU B 130 -6.63 -24.13 38.78
N ILE B 131 -6.66 -25.27 38.08
CA ILE B 131 -7.59 -25.40 36.96
C ILE B 131 -9.04 -25.23 37.40
N PRO B 132 -9.54 -25.89 38.44
CA PRO B 132 -10.92 -25.63 38.86
C PRO B 132 -11.15 -24.19 39.32
N HIS B 133 -10.16 -23.54 39.96
CA HIS B 133 -10.34 -22.14 40.32
C HIS B 133 -10.51 -21.26 39.09
N ILE B 134 -9.68 -21.46 38.08
CA ILE B 134 -9.79 -20.68 36.84
C ILE B 134 -11.16 -20.89 36.21
N GLU B 135 -11.62 -22.15 36.16
CA GLU B 135 -12.89 -22.46 35.52
C GLU B 135 -14.08 -21.93 36.32
N LYS B 136 -13.95 -21.79 37.63
CA LYS B 136 -15.06 -21.23 38.41
C LYS B 136 -15.06 -19.70 38.36
N THR B 137 -13.89 -19.07 38.30
CA THR B 137 -13.76 -17.63 38.42
C THR B 137 -13.92 -16.89 37.09
N TYR B 138 -13.55 -17.50 35.97
CA TYR B 138 -13.58 -16.82 34.67
C TYR B 138 -14.52 -17.58 33.74
N ARG B 139 -14.92 -16.91 32.65
CA ARG B 139 -15.89 -17.50 31.71
C ARG B 139 -15.11 -18.41 30.77
N VAL B 140 -14.94 -19.65 31.21
CA VAL B 140 -14.02 -20.62 30.61
C VAL B 140 -14.84 -21.80 30.09
N ARG B 141 -14.52 -22.26 28.88
CA ARG B 141 -15.08 -23.52 28.41
C ARG B 141 -14.30 -24.64 29.08
N ALA B 142 -14.91 -25.27 30.08
CA ALA B 142 -14.21 -26.16 31.00
C ALA B 142 -14.23 -27.60 30.49
N GLU B 143 -13.62 -27.79 29.32
CA GLU B 143 -13.49 -29.12 28.72
C GLU B 143 -12.09 -29.25 28.14
N SER B 144 -11.61 -30.50 28.06
CA SER B 144 -10.26 -30.76 27.55
C SER B 144 -10.09 -30.30 26.11
N ARG B 145 -11.14 -30.41 25.30
CA ARG B 145 -11.03 -29.93 23.92
C ARG B 145 -10.78 -28.44 23.83
N TYR B 146 -10.92 -27.69 24.94
CA TYR B 146 -10.69 -26.25 24.99
C TYR B 146 -9.56 -25.90 25.96
N ARG B 147 -8.66 -26.84 26.22
CA ARG B 147 -7.59 -26.63 27.19
C ARG B 147 -6.27 -27.02 26.55
N ALA B 148 -5.33 -26.09 26.52
CA ALA B 148 -4.00 -26.34 25.97
C ALA B 148 -2.97 -25.90 27.01
N ILE B 149 -1.73 -26.35 26.83
CA ILE B 149 -0.67 -25.99 27.77
C ILE B 149 0.64 -25.82 27.01
N SER B 150 1.42 -24.81 27.40
CA SER B 150 2.69 -24.51 26.76
C SER B 150 3.62 -23.95 27.82
N GLY B 151 4.91 -23.95 27.53
CA GLY B 151 5.87 -23.36 28.46
C GLY B 151 7.25 -23.41 27.86
N LEU B 152 8.17 -22.69 28.50
CA LEU B 152 9.55 -22.61 28.05
C LEU B 152 10.50 -23.17 29.10
N SER B 153 11.54 -23.87 28.63
CA SER B 153 12.64 -24.39 29.45
C SER B 153 12.07 -25.26 30.57
N MET B 154 12.26 -24.92 31.85
CA MET B 154 11.63 -25.70 32.91
C MET B 154 10.15 -25.87 32.66
N GLY B 155 9.47 -24.81 32.20
CA GLY B 155 8.05 -24.88 31.89
C GLY B 155 7.72 -25.67 30.64
N GLY B 156 8.68 -25.83 29.73
CA GLY B 156 8.47 -26.74 28.62
C GLY B 156 8.44 -28.19 29.08
N GLY B 157 9.36 -28.56 29.97
CA GLY B 157 9.29 -29.87 30.62
C GLY B 157 8.03 -30.01 31.46
N GLY B 158 7.60 -28.92 32.10
CA GLY B 158 6.33 -28.96 32.83
C GLY B 158 5.18 -29.29 31.90
N ALA B 159 5.06 -28.56 30.79
CA ALA B 159 3.97 -28.83 29.84
C ALA B 159 4.04 -30.27 29.33
N LEU B 160 5.26 -30.72 28.99
CA LEU B 160 5.45 -32.05 28.42
C LEU B 160 4.99 -33.14 29.38
N PHE B 161 5.48 -33.12 30.64
CA PHE B 161 5.14 -34.20 31.55
C PHE B 161 3.77 -34.03 32.18
N TYR B 162 3.27 -32.79 32.31
CA TYR B 162 1.87 -32.63 32.70
C TYR B 162 0.96 -33.38 31.73
N ALA B 163 1.25 -33.26 30.44
CA ALA B 163 0.43 -33.92 29.42
C ALA B 163 0.67 -35.43 29.38
N LEU B 164 1.91 -35.88 29.57
CA LEU B 164 2.16 -37.33 29.63
C LEU B 164 1.55 -37.95 30.87
N HIS B 165 1.47 -37.20 31.98
CA HIS B 165 0.84 -37.71 33.19
C HIS B 165 -0.68 -37.70 33.09
N TYR B 166 -1.26 -36.65 32.53
CA TYR B 166 -2.71 -36.47 32.46
C TYR B 166 -3.13 -36.11 31.04
N PRO B 167 -2.93 -37.00 30.07
CA PRO B 167 -3.23 -36.64 28.67
C PRO B 167 -4.70 -36.40 28.44
N GLU B 168 -5.58 -36.94 29.30
CA GLU B 168 -7.01 -36.66 29.18
C GLU B 168 -7.34 -35.20 29.45
N MET B 169 -6.40 -34.42 29.97
CA MET B 169 -6.70 -33.05 30.37
C MET B 169 -6.43 -32.01 29.28
N PHE B 170 -5.75 -32.37 28.19
CA PHE B 170 -5.35 -31.38 27.20
C PHE B 170 -5.63 -31.86 25.79
N VAL B 171 -5.99 -30.91 24.93
CA VAL B 171 -6.13 -31.18 23.51
C VAL B 171 -4.87 -30.81 22.73
N ALA B 172 -4.04 -29.90 23.26
CA ALA B 172 -2.87 -29.43 22.55
C ALA B 172 -1.80 -29.05 23.57
N VAL B 173 -0.54 -29.35 23.25
CA VAL B 173 0.59 -29.16 24.16
C VAL B 173 1.77 -28.62 23.36
N ALA B 174 2.41 -27.55 23.85
CA ALA B 174 3.47 -26.87 23.10
C ALA B 174 4.71 -26.61 23.97
N PRO B 175 5.58 -27.62 24.12
CA PRO B 175 6.85 -27.40 24.84
C PRO B 175 7.83 -26.60 23.99
N LEU B 176 8.30 -25.48 24.54
CA LEU B 176 9.25 -24.60 23.87
C LEU B 176 10.59 -24.70 24.58
N SER B 177 11.65 -25.01 23.82
CA SER B 177 13.01 -25.10 24.36
C SER B 177 13.01 -25.94 25.65
N ALA B 178 12.37 -27.11 25.58
CA ALA B 178 12.00 -27.85 26.79
C ALA B 178 13.18 -28.58 27.39
N VAL B 179 13.30 -28.51 28.72
CA VAL B 179 14.19 -29.42 29.43
C VAL B 179 13.60 -30.83 29.39
N GLY B 180 14.48 -31.81 29.60
CA GLY B 180 14.07 -33.20 29.64
C GLY B 180 13.72 -33.69 31.05
N GLY B 181 13.36 -34.98 31.12
CA GLY B 181 12.93 -35.55 32.39
C GLY B 181 14.06 -35.70 33.40
N ALA B 182 15.27 -36.03 32.93
CA ALA B 182 16.38 -36.21 33.87
C ALA B 182 16.73 -34.89 34.56
N TRP B 183 16.73 -33.79 33.80
CA TRP B 183 16.94 -32.49 34.40
C TRP B 183 15.82 -32.16 35.39
N THR B 184 14.56 -32.39 35.00
CA THR B 184 13.45 -32.08 35.90
C THR B 184 13.53 -32.92 37.18
N PHE B 185 13.82 -34.21 37.04
CA PHE B 185 13.93 -35.06 38.23
C PHE B 185 15.09 -34.64 39.12
N ASP B 186 16.21 -34.24 38.52
CA ASP B 186 17.34 -33.74 39.30
C ASP B 186 16.94 -32.47 40.04
N GLN B 187 16.10 -31.64 39.40
CA GLN B 187 15.61 -30.42 40.01
C GLN B 187 14.72 -30.71 41.21
N MET B 188 13.88 -31.74 41.10
CA MET B 188 13.04 -32.16 42.22
C MET B 188 13.87 -32.64 43.41
N LYS B 189 14.93 -33.40 43.15
CA LYS B 189 15.74 -33.94 44.25
C LYS B 189 16.46 -32.82 45.01
N ASN B 190 17.03 -31.86 44.30
CA ASN B 190 17.76 -30.78 44.94
C ASN B 190 16.86 -29.85 45.75
N GLN B 191 15.54 -30.01 45.67
CA GLN B 191 14.60 -29.29 46.53
C GLN B 191 13.91 -30.14 47.59
N SER B 192 14.13 -31.46 47.60
CA SER B 192 13.47 -32.36 48.53
C SER B 192 14.38 -32.62 49.72
N ASP B 193 13.77 -32.95 50.86
CA ASP B 193 14.53 -33.40 52.03
C ASP B 193 14.96 -34.83 51.78
N LEU B 194 16.20 -35.01 51.32
CA LEU B 194 16.65 -36.33 50.93
C LEU B 194 16.90 -37.25 52.12
N SER B 195 16.99 -36.72 53.35
CA SER B 195 17.14 -37.60 54.50
C SER B 195 15.91 -38.47 54.72
N LYS B 196 14.73 -38.01 54.31
CA LYS B 196 13.49 -38.75 54.53
C LYS B 196 13.02 -39.52 53.31
N VAL B 197 13.81 -39.43 52.24
CA VAL B 197 13.45 -40.04 50.93
C VAL B 197 14.18 -41.36 50.73
N SER B 198 13.39 -42.44 50.63
CA SER B 198 13.90 -43.82 50.42
C SER B 198 14.40 -43.98 48.98
N GLU B 199 15.30 -44.93 48.76
CA GLU B 199 15.87 -45.22 47.43
C GLU B 199 14.78 -45.71 46.49
N GLU B 200 13.82 -46.52 46.96
CA GLU B 200 12.80 -47.00 46.00
C GLU B 200 11.90 -45.89 45.48
N LYS B 201 11.28 -45.11 46.36
CA LYS B 201 10.46 -44.01 45.82
C LYS B 201 11.26 -43.20 44.81
N LYS B 202 12.57 -43.01 45.06
CA LYS B 202 13.41 -42.33 44.10
C LYS B 202 13.34 -43.01 42.75
N ALA B 203 13.32 -44.35 42.74
CA ALA B 203 13.25 -45.09 41.47
C ALA B 203 11.87 -44.97 40.82
N GLU B 204 10.80 -45.00 41.61
CA GLU B 204 9.45 -45.00 41.03
C GLU B 204 9.15 -43.70 40.30
N VAL B 205 9.42 -42.57 40.95
CA VAL B 205 9.14 -41.28 40.29
C VAL B 205 10.10 -41.06 39.13
N LEU B 206 11.33 -41.57 39.22
CA LEU B 206 12.25 -41.47 38.09
C LEU B 206 11.62 -42.02 36.83
N GLY B 207 10.96 -43.18 36.93
CA GLY B 207 10.24 -43.72 35.79
C GLY B 207 9.07 -42.88 35.37
N GLN B 208 8.40 -42.23 36.32
CA GLN B 208 7.28 -41.35 35.98
C GLN B 208 7.76 -40.09 35.29
N MET B 209 9.06 -39.78 35.38
CA MET B 209 9.66 -38.63 34.75
C MET B 209 10.59 -39.04 33.59
N ASP B 210 10.34 -40.18 32.97
CA ASP B 210 11.13 -40.65 31.85
C ASP B 210 10.21 -40.94 30.68
N ILE B 211 10.43 -40.25 29.55
CA ILE B 211 9.49 -40.33 28.44
C ILE B 211 9.41 -41.76 27.92
N GLN B 212 10.57 -42.40 27.75
CA GLN B 212 10.61 -43.75 27.22
C GLN B 212 9.79 -44.70 28.10
N THR B 213 9.95 -44.60 29.42
CA THR B 213 9.22 -45.49 30.31
C THR B 213 7.71 -45.25 30.19
N ILE B 214 7.31 -43.98 30.18
CA ILE B 214 5.89 -43.64 30.06
C ILE B 214 5.31 -44.21 28.77
N LEU B 215 6.03 -44.02 27.66
CA LEU B 215 5.50 -44.47 26.37
C LEU B 215 5.49 -45.99 26.25
N GLU B 216 6.43 -46.67 26.92
CA GLU B 216 6.51 -48.12 26.82
C GLU B 216 5.55 -48.82 27.76
N LYS B 217 5.26 -48.22 28.91
CA LYS B 217 4.53 -48.93 29.95
C LYS B 217 3.10 -48.46 30.15
N SER B 218 2.68 -47.40 29.47
CA SER B 218 1.30 -46.95 29.60
C SER B 218 0.35 -47.92 28.91
N PRO B 219 -0.82 -48.17 29.49
CA PRO B 219 -1.82 -49.00 28.82
C PRO B 219 -2.31 -48.33 27.54
N LYS B 220 -2.97 -49.13 26.69
CA LYS B 220 -3.35 -48.67 25.36
C LYS B 220 -4.21 -47.41 25.42
N GLU B 221 -5.15 -47.38 26.37
CA GLU B 221 -6.06 -46.21 26.53
C GLU B 221 -5.24 -44.93 26.65
N LYS B 222 -4.23 -44.93 27.52
CA LYS B 222 -3.40 -43.76 27.78
C LYS B 222 -2.55 -43.41 26.58
N LEU B 223 -1.94 -44.42 25.95
CA LEU B 223 -1.09 -44.18 24.79
C LEU B 223 -1.90 -43.60 23.64
N ASP B 224 -3.13 -44.09 23.44
CA ASP B 224 -3.99 -43.53 22.40
C ASP B 224 -4.28 -42.05 22.66
N ARG B 225 -4.53 -41.68 23.91
CA ARG B 225 -4.79 -40.28 24.22
C ARG B 225 -3.54 -39.42 24.02
N ILE B 226 -2.37 -39.94 24.39
CA ILE B 226 -1.13 -39.22 24.12
C ILE B 226 -0.95 -39.00 22.62
N LYS B 227 -1.28 -40.02 21.82
CA LYS B 227 -1.20 -39.89 20.37
C LYS B 227 -2.27 -38.94 19.83
N TRP B 228 -3.42 -38.86 20.51
CA TRP B 228 -4.49 -37.99 20.06
C TRP B 228 -4.16 -36.51 20.29
N ILE B 229 -3.41 -36.20 21.35
CA ILE B 229 -3.00 -34.83 21.63
C ILE B 229 -2.29 -34.22 20.43
N ARG B 230 -2.55 -32.94 20.17
CA ARG B 230 -1.82 -32.20 19.15
C ARG B 230 -0.60 -31.55 19.81
N TRP B 231 0.58 -32.07 19.49
CA TRP B 231 1.85 -31.63 20.06
C TRP B 231 2.54 -30.67 19.12
N TYR B 232 3.10 -29.60 19.67
CA TYR B 232 3.93 -28.65 18.93
C TYR B 232 5.21 -28.45 19.74
N ILE B 233 6.32 -28.98 19.25
CA ILE B 233 7.59 -28.96 19.96
C ILE B 233 8.57 -28.08 19.18
N SER B 234 9.08 -27.03 19.83
CA SER B 234 9.93 -26.06 19.13
C SER B 234 11.15 -25.69 19.97
N CYS B 235 12.30 -25.59 19.32
CA CYS B 235 13.55 -25.29 20.02
C CYS B 235 14.53 -24.66 19.02
N GLY B 236 15.30 -23.67 19.47
CA GLY B 236 16.26 -23.03 18.59
C GLY B 236 17.48 -23.91 18.34
N ASP B 237 18.08 -23.74 17.15
CA ASP B 237 19.20 -24.60 16.78
C ASP B 237 20.46 -24.29 17.57
N ASP B 238 20.54 -23.11 18.19
CA ASP B 238 21.70 -22.72 18.99
C ASP B 238 21.46 -22.90 20.47
N ASP B 239 20.31 -23.43 20.86
CA ASP B 239 19.99 -23.70 22.26
C ASP B 239 20.82 -24.89 22.76
N PHE B 240 21.32 -24.79 24.00
CA PHE B 240 22.02 -25.94 24.59
C PHE B 240 21.10 -27.15 24.72
N LEU B 241 19.78 -26.96 24.64
CA LEU B 241 18.83 -28.05 24.67
C LEU B 241 18.43 -28.54 23.28
N SER B 242 19.11 -28.09 22.21
CA SER B 242 18.70 -28.51 20.87
C SER B 242 18.85 -30.02 20.71
N VAL B 243 19.91 -30.59 21.29
CA VAL B 243 20.11 -32.04 21.19
C VAL B 243 19.00 -32.79 21.93
N THR B 244 18.70 -32.35 23.16
CA THR B 244 17.61 -32.96 23.93
C THR B 244 16.32 -33.00 23.11
N ASN B 245 16.00 -31.89 22.43
CA ASN B 245 14.74 -31.85 21.69
C ASN B 245 14.81 -32.60 20.37
N CYS B 246 15.97 -32.69 19.72
CA CYS B 246 16.08 -33.59 18.58
C CYS B 246 15.90 -35.05 19.02
N LEU B 247 16.47 -35.42 20.16
CA LEU B 247 16.25 -36.77 20.68
C LEU B 247 14.78 -37.00 20.99
N LEU B 248 14.08 -35.98 21.50
CA LEU B 248 12.65 -36.09 21.79
C LEU B 248 11.84 -36.31 20.53
N HIS B 249 12.13 -35.53 19.48
CA HIS B 249 11.50 -35.76 18.18
C HIS B 249 11.65 -37.21 17.75
N ASN B 250 12.89 -37.74 17.81
CA ASN B 250 13.15 -39.09 17.36
C ASN B 250 12.42 -40.13 18.22
N THR B 251 12.42 -39.92 19.54
CA THR B 251 11.74 -40.86 20.44
C THR B 251 10.23 -40.90 20.16
N LEU B 252 9.61 -39.73 19.97
CA LEU B 252 8.18 -39.70 19.69
C LEU B 252 7.85 -40.44 18.40
N LEU B 253 8.63 -40.22 17.34
CA LEU B 253 8.40 -40.93 16.08
C LEU B 253 8.63 -42.42 16.26
N GLN B 254 9.63 -42.79 17.06
CA GLN B 254 9.89 -44.20 17.34
C GLN B 254 8.67 -44.89 17.97
N HIS B 255 7.86 -44.13 18.72
CA HIS B 255 6.67 -44.64 19.37
C HIS B 255 5.38 -44.25 18.65
N GLN B 256 5.48 -43.78 17.41
CA GLN B 256 4.32 -43.46 16.57
C GLN B 256 3.45 -42.37 17.19
N VAL B 257 4.08 -41.39 17.83
CA VAL B 257 3.39 -40.20 18.30
C VAL B 257 3.66 -39.09 17.29
N GLY B 258 2.73 -38.91 16.35
CA GLY B 258 2.87 -37.82 15.41
C GLY B 258 2.79 -36.47 16.12
N HIS B 259 3.51 -35.49 15.59
CA HIS B 259 3.60 -34.20 16.27
C HIS B 259 4.22 -33.22 15.27
N GLU B 260 4.04 -31.93 15.56
CA GLU B 260 4.75 -30.88 14.85
C GLU B 260 6.08 -30.66 15.55
N PHE B 261 7.17 -30.61 14.78
CA PHE B 261 8.48 -30.34 15.34
C PHE B 261 9.08 -29.14 14.60
N ARG B 262 9.64 -28.20 15.33
CA ARG B 262 10.29 -27.05 14.71
C ARG B 262 11.65 -26.86 15.35
N MET B 263 12.68 -26.76 14.53
CA MET B 263 13.98 -26.27 14.99
C MET B 263 14.28 -25.04 14.15
N LYS B 264 14.18 -23.88 14.75
CA LYS B 264 14.33 -22.60 14.06
C LYS B 264 15.64 -21.97 14.49
N ASP B 265 16.07 -20.93 13.76
CA ASP B 265 17.25 -20.19 14.20
C ASP B 265 16.98 -19.54 15.55
N GLY B 266 17.91 -19.67 16.48
CA GLY B 266 17.73 -18.96 17.74
C GLY B 266 18.36 -19.72 18.88
N SER B 267 18.35 -19.07 20.04
CA SER B 267 19.01 -19.60 21.22
C SER B 267 18.00 -19.71 22.36
N HIS B 268 18.53 -19.96 23.55
CA HIS B 268 17.72 -20.08 24.76
C HIS B 268 17.41 -18.66 25.26
N SER B 269 16.46 -17.99 24.60
CA SER B 269 16.29 -16.57 24.83
C SER B 269 14.84 -16.14 24.67
N TRP B 270 14.51 -14.98 25.25
CA TRP B 270 13.19 -14.38 25.11
C TRP B 270 12.89 -13.91 23.69
N THR B 271 13.91 -13.67 22.87
CA THR B 271 13.65 -13.46 21.45
C THR B 271 12.99 -14.69 20.85
N TYR B 272 13.49 -15.87 21.19
CA TYR B 272 12.90 -17.11 20.69
C TYR B 272 11.48 -17.31 21.20
N TRP B 273 11.26 -17.08 22.49
CA TRP B 273 9.96 -17.38 23.10
C TRP B 273 8.90 -16.36 22.71
N ARG B 274 9.28 -15.08 22.55
CA ARG B 274 8.32 -14.12 22.04
C ARG B 274 8.00 -14.39 20.58
N MET B 275 8.97 -14.88 19.80
CA MET B 275 8.67 -15.27 18.42
C MET B 275 7.69 -16.45 18.38
N GLU B 276 7.87 -17.43 19.27
CA GLU B 276 7.01 -18.61 19.22
C GLU B 276 5.63 -18.41 19.83
N LEU B 277 5.46 -17.41 20.71
CA LEU B 277 4.16 -17.29 21.38
C LEU B 277 3.01 -17.13 20.39
N PRO B 278 3.05 -16.25 19.39
CA PRO B 278 1.92 -16.19 18.45
C PRO B 278 1.78 -17.44 17.59
N GLU B 279 2.88 -18.17 17.34
CA GLU B 279 2.76 -19.45 16.64
C GLU B 279 2.02 -20.47 17.49
N VAL B 280 2.31 -20.50 18.79
CA VAL B 280 1.57 -21.38 19.70
C VAL B 280 0.10 -20.99 19.72
N MET B 281 -0.19 -19.69 19.80
CA MET B 281 -1.58 -19.23 19.82
C MET B 281 -2.30 -19.63 18.55
N ARG B 282 -1.68 -19.44 17.38
CA ARG B 282 -2.29 -19.86 16.14
C ARG B 282 -2.52 -21.36 16.12
N PHE B 283 -1.52 -22.13 16.57
CA PHE B 283 -1.62 -23.59 16.59
C PHE B 283 -2.77 -24.06 17.48
N VAL B 284 -2.84 -23.60 18.73
CA VAL B 284 -3.90 -24.12 19.60
C VAL B 284 -5.24 -23.54 19.18
N SER B 285 -5.25 -22.30 18.66
CA SER B 285 -6.52 -21.70 18.25
C SER B 285 -7.20 -22.51 17.15
N ARG B 286 -6.43 -22.97 16.15
CA ARG B 286 -7.01 -23.79 15.09
C ARG B 286 -7.62 -25.07 15.66
N ILE B 287 -7.02 -25.64 16.69
CA ILE B 287 -7.57 -26.85 17.32
C ILE B 287 -8.82 -26.52 18.13
N PHE B 288 -8.83 -25.38 18.84
CA PHE B 288 -10.02 -24.94 19.57
C PHE B 288 -11.21 -24.70 18.63
N THR B 289 -10.97 -24.04 17.49
CA THR B 289 -12.06 -23.69 16.56
C THR B 289 -12.37 -24.80 15.58
N GLN B 290 -11.52 -25.83 15.48
CA GLN B 290 -11.55 -26.84 14.41
C GLN B 290 -11.27 -26.22 13.05
N TYR B 291 -11.03 -27.06 12.04
CA TYR B 291 -10.71 -26.56 10.69
C TYR B 291 -10.98 -27.64 9.63
N GLN C 24 -17.10 -0.69 16.39
CA GLN C 24 -17.41 -1.57 15.27
C GLN C 24 -17.51 -3.03 15.75
N GLN C 25 -17.81 -3.22 17.03
CA GLN C 25 -17.84 -4.55 17.62
C GLN C 25 -19.26 -4.90 18.02
N GLY C 26 -19.76 -6.00 17.46
CA GLY C 26 -20.97 -6.60 17.97
C GLY C 26 -20.68 -7.38 19.24
N LYS C 27 -21.67 -8.17 19.64
CA LYS C 27 -21.51 -8.99 20.83
C LYS C 27 -22.41 -10.21 20.73
N VAL C 28 -22.07 -11.24 21.51
CA VAL C 28 -22.74 -12.52 21.50
C VAL C 28 -23.19 -12.85 22.92
N TYR C 29 -24.45 -13.25 23.07
CA TYR C 29 -24.94 -13.84 24.30
C TYR C 29 -25.19 -15.31 24.04
N GLU C 30 -24.59 -16.17 24.87
CA GLU C 30 -24.71 -17.62 24.77
C GLU C 30 -25.60 -18.23 25.82
N THR C 31 -25.89 -17.53 26.92
CA THR C 31 -26.50 -18.17 28.07
C THR C 31 -27.98 -17.90 28.25
N ARG C 32 -28.61 -17.18 27.33
CA ARG C 32 -30.03 -16.84 27.48
C ARG C 32 -30.92 -17.99 26.99
N THR C 33 -32.16 -18.01 27.47
CA THR C 33 -33.05 -19.13 27.15
C THR C 33 -34.45 -18.60 26.85
N VAL C 34 -35.24 -19.43 26.17
CA VAL C 34 -36.66 -19.20 25.99
C VAL C 34 -37.42 -20.30 26.70
N LYS C 35 -38.45 -19.91 27.45
CA LYS C 35 -39.30 -20.87 28.15
C LYS C 35 -40.25 -21.52 27.15
N SER C 36 -40.09 -22.82 26.94
CA SER C 36 -40.87 -23.55 25.94
C SER C 36 -41.92 -24.40 26.61
N LYS C 37 -43.20 -24.07 26.41
CA LYS C 37 -44.26 -24.99 26.82
C LYS C 37 -44.34 -26.19 25.88
N ILE C 38 -44.04 -25.99 24.59
CA ILE C 38 -44.14 -27.10 23.64
C ILE C 38 -43.18 -28.21 24.02
N LEU C 39 -41.94 -27.85 24.40
CA LEU C 39 -40.94 -28.81 24.82
C LEU C 39 -40.86 -28.98 26.34
N GLY C 40 -41.62 -28.19 27.09
CA GLY C 40 -41.66 -28.31 28.55
C GLY C 40 -40.35 -28.03 29.24
N MET C 41 -39.59 -27.04 28.78
CA MET C 41 -38.28 -26.74 29.36
C MET C 41 -37.80 -25.40 28.85
N GLU C 42 -36.78 -24.85 29.54
CA GLU C 42 -36.03 -23.73 29.00
C GLU C 42 -35.12 -24.23 27.88
N ARG C 43 -35.12 -23.52 26.74
CA ARG C 43 -34.32 -23.90 25.58
C ARG C 43 -33.26 -22.84 25.33
N SER C 44 -32.02 -23.28 25.12
CA SER C 44 -30.91 -22.39 24.86
C SER C 44 -30.90 -21.89 23.43
N TYR C 45 -30.31 -20.71 23.26
CA TYR C 45 -29.91 -20.21 21.96
C TYR C 45 -28.74 -19.27 22.21
N SER C 46 -27.95 -19.03 21.16
CA SER C 46 -26.98 -17.95 21.14
C SER C 46 -27.48 -16.87 20.19
N ILE C 47 -27.05 -15.63 20.42
CA ILE C 47 -27.47 -14.53 19.56
C ILE C 47 -26.30 -13.57 19.37
N TYR C 48 -26.09 -13.16 18.12
CA TYR C 48 -25.17 -12.09 17.79
C TYR C 48 -25.96 -10.80 17.58
N LEU C 49 -25.59 -9.75 18.30
CA LEU C 49 -26.17 -8.43 18.08
C LEU C 49 -25.13 -7.54 17.42
N PRO C 50 -25.46 -6.82 16.35
CA PRO C 50 -24.44 -6.08 15.60
C PRO C 50 -23.96 -4.85 16.36
N ALA C 51 -22.84 -4.30 15.88
CA ALA C 51 -22.29 -3.10 16.48
C ALA C 51 -23.34 -1.99 16.55
N GLY C 52 -23.35 -1.26 17.66
CA GLY C 52 -24.30 -0.17 17.80
C GLY C 52 -25.74 -0.59 18.07
N TYR C 53 -26.00 -1.87 18.28
CA TYR C 53 -27.33 -2.31 18.69
C TYR C 53 -27.82 -1.56 19.92
N ASP C 54 -26.92 -1.24 20.85
CA ASP C 54 -27.36 -0.60 22.09
C ASP C 54 -27.48 0.91 21.96
N GLU C 55 -27.20 1.47 20.79
CA GLU C 55 -27.37 2.91 20.54
C GLU C 55 -28.53 3.08 19.54
N GLY C 56 -29.31 4.15 19.67
CA GLY C 56 -30.47 4.30 18.81
C GLY C 56 -31.55 3.29 19.17
N ASP C 57 -32.62 3.30 18.38
CA ASP C 57 -33.79 2.52 18.72
C ASP C 57 -34.29 1.67 17.56
N GLY C 58 -33.48 1.49 16.50
CA GLY C 58 -33.98 0.85 15.29
C GLY C 58 -34.03 -0.65 15.41
N SER C 59 -34.61 -1.27 14.39
CA SER C 59 -34.77 -2.72 14.38
C SER C 59 -33.98 -3.31 13.21
N TYR C 60 -33.75 -4.62 13.26
CA TYR C 60 -32.82 -5.31 12.38
C TYR C 60 -33.46 -6.54 11.76
N PRO C 61 -33.02 -6.93 10.56
CA PRO C 61 -33.37 -8.26 10.04
C PRO C 61 -32.62 -9.35 10.80
N VAL C 62 -33.06 -10.60 10.62
CA VAL C 62 -32.53 -11.72 11.41
C VAL C 62 -32.14 -12.85 10.47
N LEU C 63 -30.95 -13.41 10.70
CA LEU C 63 -30.54 -14.66 10.08
C LEU C 63 -30.56 -15.75 11.16
N TYR C 64 -31.38 -16.78 10.96
CA TYR C 64 -31.30 -17.96 11.82
C TYR C 64 -30.23 -18.90 11.26
N LEU C 65 -29.33 -19.37 12.14
CA LEU C 65 -28.10 -20.05 11.72
C LEU C 65 -27.99 -21.37 12.51
N LEU C 66 -28.13 -22.50 11.82
CA LEU C 66 -28.33 -23.79 12.47
C LEU C 66 -27.05 -24.63 12.46
N HIS C 67 -26.78 -25.30 13.59
CA HIS C 67 -25.59 -26.11 13.74
C HIS C 67 -25.80 -27.53 13.21
N GLY C 68 -24.70 -28.29 13.14
CA GLY C 68 -24.74 -29.67 12.70
C GLY C 68 -24.82 -30.63 13.89
N LEU C 69 -24.79 -31.92 13.55
CA LEU C 69 -24.96 -32.97 14.55
C LEU C 69 -23.78 -33.02 15.52
N GLY C 70 -24.08 -33.01 16.82
CA GLY C 70 -23.06 -33.08 17.85
C GLY C 70 -22.66 -31.75 18.44
N ASP C 71 -22.98 -30.64 17.78
CA ASP C 71 -22.78 -29.30 18.34
C ASP C 71 -24.10 -28.78 18.88
N ASN C 72 -24.04 -27.69 19.63
CA ASN C 72 -25.25 -27.01 20.10
C ASN C 72 -25.13 -25.54 19.73
N HIS C 73 -25.85 -24.68 20.47
CA HIS C 73 -25.89 -23.25 20.17
C HIS C 73 -24.53 -22.57 20.31
N THR C 74 -23.53 -23.22 20.91
CA THR C 74 -22.20 -22.62 20.95
C THR C 74 -21.36 -22.95 19.72
N GLY C 75 -21.84 -23.83 18.83
CA GLY C 75 -21.02 -24.29 17.72
C GLY C 75 -20.64 -23.18 16.74
N TRP C 76 -21.64 -22.43 16.27
CA TRP C 76 -21.37 -21.31 15.37
C TRP C 76 -20.61 -20.18 16.06
N VAL C 77 -20.62 -20.15 17.38
CA VAL C 77 -19.87 -19.15 18.13
C VAL C 77 -18.40 -19.54 18.21
N GLN C 78 -18.12 -20.73 18.75
CA GLN C 78 -16.74 -21.15 19.02
C GLN C 78 -16.04 -21.66 17.76
N PHE C 79 -16.72 -22.50 16.97
CA PHE C 79 -16.12 -23.03 15.75
C PHE C 79 -16.37 -22.12 14.56
N GLY C 80 -17.60 -21.60 14.46
CA GLY C 80 -17.95 -20.71 13.36
C GLY C 80 -17.35 -19.33 13.49
N GLN C 81 -16.88 -18.94 14.68
CA GLN C 81 -16.30 -17.61 14.92
C GLN C 81 -17.24 -16.53 14.41
N VAL C 82 -18.53 -16.70 14.70
CA VAL C 82 -19.56 -15.81 14.14
C VAL C 82 -19.27 -14.37 14.51
N GLN C 83 -18.77 -14.13 15.73
CA GLN C 83 -18.58 -12.74 16.17
C GLN C 83 -17.50 -12.05 15.35
N TYR C 84 -16.33 -12.68 15.21
CA TYR C 84 -15.26 -12.10 14.39
C TYR C 84 -15.69 -11.93 12.95
N ILE C 85 -16.32 -12.96 12.38
CA ILE C 85 -16.65 -12.95 10.95
C ILE C 85 -17.76 -11.96 10.64
N ALA C 86 -18.82 -11.92 11.48
CA ALA C 86 -19.92 -10.97 11.27
C ALA C 86 -19.47 -9.54 11.51
N ASP C 87 -18.69 -9.30 12.57
CA ASP C 87 -18.13 -7.96 12.82
C ASP C 87 -17.39 -7.45 11.58
N LYS C 88 -16.53 -8.29 11.01
CA LYS C 88 -15.72 -7.84 9.89
C LYS C 88 -16.57 -7.58 8.65
N ALA C 89 -17.49 -8.49 8.33
CA ALA C 89 -18.33 -8.32 7.15
C ALA C 89 -19.18 -7.06 7.26
N ILE C 90 -19.72 -6.78 8.45
CA ILE C 90 -20.55 -5.58 8.61
C ILE C 90 -19.69 -4.31 8.58
N ALA C 91 -18.53 -4.33 9.27
CA ALA C 91 -17.68 -3.15 9.29
C ALA C 91 -17.16 -2.80 7.89
N GLU C 92 -16.88 -3.81 7.07
CA GLU C 92 -16.38 -3.57 5.74
C GLU C 92 -17.47 -3.25 4.75
N GLY C 93 -18.73 -3.28 5.17
CA GLY C 93 -19.81 -3.04 4.23
C GLY C 93 -20.11 -4.19 3.32
N LYS C 94 -19.53 -5.37 3.56
CA LYS C 94 -19.88 -6.56 2.78
C LYS C 94 -21.27 -7.05 3.13
N SER C 95 -21.73 -6.76 4.35
CA SER C 95 -23.06 -7.11 4.80
C SER C 95 -23.63 -5.89 5.52
N ALA C 96 -24.93 -5.66 5.36
CA ALA C 96 -25.62 -4.73 6.24
C ALA C 96 -25.74 -5.36 7.62
N PRO C 97 -25.93 -4.55 8.66
CA PRO C 97 -26.10 -5.12 10.01
C PRO C 97 -27.29 -6.06 10.09
N MET C 98 -27.12 -7.13 10.86
CA MET C 98 -28.21 -8.06 11.08
C MET C 98 -28.00 -8.75 12.43
N ILE C 99 -29.08 -9.25 12.96
CA ILE C 99 -29.04 -10.11 14.14
C ILE C 99 -28.92 -11.54 13.68
N ILE C 100 -28.12 -12.35 14.37
CA ILE C 100 -27.96 -13.75 14.02
C ILE C 100 -28.34 -14.59 15.23
N VAL C 101 -29.30 -15.51 15.03
CA VAL C 101 -29.80 -16.37 16.10
C VAL C 101 -29.38 -17.81 15.82
N MET C 102 -28.77 -18.44 16.81
CA MET C 102 -28.23 -19.80 16.70
C MET C 102 -28.92 -20.69 17.72
N PRO C 103 -29.95 -21.43 17.32
CA PRO C 103 -30.68 -22.24 18.30
C PRO C 103 -29.89 -23.46 18.74
N ASP C 104 -30.26 -23.98 19.91
CA ASP C 104 -29.74 -25.26 20.42
C ASP C 104 -30.70 -26.37 19.96
N ALA C 105 -30.24 -27.21 19.05
CA ALA C 105 -31.02 -28.37 18.62
C ALA C 105 -30.28 -29.65 18.96
N ASP C 106 -29.63 -29.64 20.12
CA ASP C 106 -28.83 -30.75 20.61
C ASP C 106 -29.31 -31.30 21.94
N THR C 107 -29.70 -30.43 22.87
CA THR C 107 -30.10 -30.89 24.20
C THR C 107 -31.38 -31.71 24.14
N VAL C 108 -31.39 -32.80 24.90
CA VAL C 108 -32.47 -33.78 25.03
C VAL C 108 -32.51 -34.69 23.81
N HIS C 109 -32.73 -34.10 22.63
CA HIS C 109 -32.70 -34.82 21.37
C HIS C 109 -31.98 -33.97 20.33
N LYS C 110 -31.28 -34.63 19.40
CA LYS C 110 -30.52 -33.93 18.37
C LYS C 110 -31.37 -33.89 17.11
N GLY C 111 -31.60 -32.70 16.56
CA GLY C 111 -32.32 -32.58 15.32
C GLY C 111 -33.38 -31.49 15.38
N TYR C 112 -33.89 -31.15 14.19
CA TYR C 112 -34.72 -29.96 14.00
C TYR C 112 -36.21 -30.24 13.83
N PHE C 113 -36.63 -31.50 13.83
CA PHE C 113 -38.01 -31.80 13.43
C PHE C 113 -38.79 -32.49 14.55
N ASN C 114 -40.11 -32.47 14.39
CA ASN C 114 -40.98 -33.13 15.37
C ASN C 114 -40.70 -34.62 15.36
N LEU C 115 -40.43 -35.19 16.54
CA LEU C 115 -40.20 -36.63 16.60
C LEU C 115 -41.48 -37.40 16.31
N LEU C 116 -41.31 -38.63 15.81
CA LEU C 116 -42.43 -39.41 15.34
C LEU C 116 -43.36 -39.86 16.47
N ASP C 117 -42.87 -39.91 17.71
CA ASP C 117 -43.67 -40.37 18.84
C ASP C 117 -44.46 -39.25 19.51
N GLY C 118 -44.43 -38.03 18.98
CA GLY C 118 -45.22 -36.93 19.51
C GLY C 118 -44.70 -36.32 20.80
N THR C 119 -43.54 -36.76 21.30
CA THR C 119 -43.00 -36.31 22.58
C THR C 119 -42.07 -35.11 22.49
N TYR C 120 -41.69 -34.67 21.29
CA TYR C 120 -40.65 -33.64 21.16
C TYR C 120 -40.85 -32.92 19.84
N ASN C 121 -41.73 -31.91 19.84
CA ASN C 121 -42.11 -31.21 18.61
C ASN C 121 -41.19 -30.01 18.37
N TYR C 122 -39.95 -30.31 18.02
CA TYR C 122 -38.96 -29.25 17.92
C TYR C 122 -39.31 -28.24 16.82
N GLU C 123 -39.82 -28.72 15.68
CA GLU C 123 -40.17 -27.78 14.62
C GLU C 123 -41.29 -26.85 15.05
N ASP C 124 -42.31 -27.38 15.73
CA ASP C 124 -43.34 -26.50 16.32
C ASP C 124 -42.73 -25.48 17.25
N PHE C 125 -41.81 -25.92 18.13
CA PHE C 125 -41.15 -24.98 19.03
C PHE C 125 -40.45 -23.87 18.26
N PHE C 126 -39.70 -24.22 17.20
CA PHE C 126 -38.94 -23.21 16.46
C PHE C 126 -39.85 -22.13 15.89
N PHE C 127 -40.96 -22.52 15.25
CA PHE C 127 -41.80 -21.54 14.60
C PHE C 127 -42.77 -20.87 15.57
N GLN C 128 -43.29 -21.62 16.53
CA GLN C 128 -44.33 -21.07 17.39
C GLN C 128 -43.79 -20.43 18.66
N GLU C 129 -42.55 -20.72 19.07
CA GLU C 129 -42.06 -20.15 20.31
C GLU C 129 -40.73 -19.42 20.14
N LEU C 130 -39.75 -20.01 19.47
CA LEU C 130 -38.46 -19.34 19.36
C LEU C 130 -38.57 -18.05 18.54
N ILE C 131 -39.11 -18.12 17.33
CA ILE C 131 -39.23 -16.91 16.51
C ILE C 131 -40.05 -15.81 17.21
N PRO C 132 -41.23 -16.09 17.77
CA PRO C 132 -41.93 -15.01 18.52
C PRO C 132 -41.16 -14.48 19.71
N HIS C 133 -40.43 -15.35 20.43
CA HIS C 133 -39.62 -14.88 21.55
C HIS C 133 -38.51 -13.93 21.09
N ILE C 134 -37.82 -14.27 20.00
CA ILE C 134 -36.78 -13.40 19.45
C ILE C 134 -37.37 -12.07 19.04
N GLU C 135 -38.53 -12.10 18.38
CA GLU C 135 -39.15 -10.86 17.91
C GLU C 135 -39.70 -10.02 19.06
N LYS C 136 -40.08 -10.64 20.18
CA LYS C 136 -40.52 -9.88 21.34
C LYS C 136 -39.35 -9.32 22.14
N THR C 137 -38.26 -10.07 22.23
CA THR C 137 -37.16 -9.76 23.12
C THR C 137 -36.14 -8.80 22.50
N TYR C 138 -35.97 -8.83 21.19
CA TYR C 138 -34.96 -8.03 20.50
C TYR C 138 -35.64 -7.10 19.51
N ARG C 139 -34.89 -6.07 19.06
CA ARG C 139 -35.45 -5.07 18.13
C ARG C 139 -35.30 -5.65 16.73
N VAL C 140 -36.32 -6.42 16.33
CA VAL C 140 -36.31 -7.23 15.11
C VAL C 140 -37.40 -6.70 14.19
N ARG C 141 -37.09 -6.57 12.90
CA ARG C 141 -38.13 -6.31 11.90
C ARG C 141 -38.83 -7.64 11.66
N ALA C 142 -40.04 -7.77 12.22
CA ALA C 142 -40.71 -9.08 12.33
C ALA C 142 -41.59 -9.37 11.11
N GLU C 143 -40.93 -9.46 9.95
CA GLU C 143 -41.61 -9.80 8.71
C GLU C 143 -40.76 -10.78 7.92
N SER C 144 -41.42 -11.56 7.07
CA SER C 144 -40.71 -12.58 6.29
C SER C 144 -39.65 -11.95 5.37
N ARG C 145 -39.90 -10.74 4.84
CA ARG C 145 -38.91 -10.09 3.98
C ARG C 145 -37.62 -9.77 4.72
N TYR C 146 -37.61 -9.87 6.06
CA TYR C 146 -36.44 -9.61 6.88
C TYR C 146 -36.01 -10.86 7.66
N ARG C 147 -36.34 -12.04 7.18
CA ARG C 147 -36.06 -13.28 7.89
C ARG C 147 -35.40 -14.26 6.92
N ALA C 148 -34.20 -14.72 7.28
CA ALA C 148 -33.48 -15.69 6.47
C ALA C 148 -33.05 -16.85 7.36
N ILE C 149 -32.67 -17.97 6.75
CA ILE C 149 -32.24 -19.12 7.53
C ILE C 149 -31.13 -19.86 6.78
N SER C 150 -30.14 -20.34 7.53
CA SER C 150 -28.98 -21.03 6.99
C SER C 150 -28.53 -22.07 8.00
N GLY C 151 -27.74 -23.04 7.53
CA GLY C 151 -27.21 -24.04 8.44
C GLY C 151 -26.26 -24.96 7.73
N LEU C 152 -25.51 -25.74 8.51
CA LEU C 152 -24.55 -26.66 7.95
C LEU C 152 -24.91 -28.09 8.33
N SER C 153 -24.66 -29.02 7.39
CA SER C 153 -24.84 -30.46 7.57
C SER C 153 -26.27 -30.75 8.04
N MET C 154 -26.44 -31.32 9.23
CA MET C 154 -27.80 -31.50 9.79
C MET C 154 -28.58 -30.19 9.77
N GLY C 155 -27.91 -29.09 10.10
CA GLY C 155 -28.57 -27.79 10.08
C GLY C 155 -28.84 -27.26 8.69
N GLY C 156 -28.07 -27.72 7.69
CA GLY C 156 -28.41 -27.39 6.31
C GLY C 156 -29.69 -28.09 5.87
N GLY C 157 -29.84 -29.35 6.24
CA GLY C 157 -31.13 -30.01 6.01
C GLY C 157 -32.24 -29.35 6.80
N GLY C 158 -31.93 -28.87 8.01
CA GLY C 158 -32.92 -28.15 8.79
C GLY C 158 -33.42 -26.91 8.08
N ALA C 159 -32.49 -26.06 7.62
CA ALA C 159 -32.89 -24.87 6.89
C ALA C 159 -33.70 -25.21 5.65
N LEU C 160 -33.25 -26.24 4.91
CA LEU C 160 -33.92 -26.63 3.67
C LEU C 160 -35.37 -27.03 3.90
N PHE C 161 -35.60 -27.95 4.86
CA PHE C 161 -36.97 -28.44 5.05
C PHE C 161 -37.83 -27.49 5.89
N TYR C 162 -37.24 -26.66 6.76
CA TYR C 162 -38.03 -25.60 7.38
C TYR C 162 -38.66 -24.69 6.32
N ALA C 163 -37.86 -24.30 5.33
CA ALA C 163 -38.33 -23.42 4.28
C ALA C 163 -39.30 -24.13 3.33
N LEU C 164 -39.07 -25.42 3.05
CA LEU C 164 -40.02 -26.14 2.22
C LEU C 164 -41.33 -26.39 2.95
N HIS C 165 -41.28 -26.56 4.27
CA HIS C 165 -42.50 -26.71 5.06
C HIS C 165 -43.24 -25.38 5.21
N TYR C 166 -42.49 -24.30 5.45
CA TYR C 166 -43.09 -23.00 5.74
C TYR C 166 -42.45 -21.92 4.87
N PRO C 167 -42.63 -22.00 3.55
CA PRO C 167 -41.97 -21.03 2.67
C PRO C 167 -42.44 -19.60 2.88
N GLU C 168 -43.63 -19.41 3.45
CA GLU C 168 -44.10 -18.06 3.75
C GLU C 168 -43.28 -17.37 4.85
N MET C 169 -42.43 -18.10 5.59
CA MET C 169 -41.74 -17.54 6.74
C MET C 169 -40.35 -16.97 6.41
N PHE C 170 -39.80 -17.21 5.21
CA PHE C 170 -38.44 -16.80 4.91
C PHE C 170 -38.37 -16.13 3.54
N VAL C 171 -37.46 -15.16 3.42
CA VAL C 171 -37.18 -14.53 2.13
C VAL C 171 -35.94 -15.14 1.46
N ALA C 172 -35.04 -15.75 2.24
CA ALA C 172 -33.78 -16.28 1.72
C ALA C 172 -33.37 -17.47 2.57
N VAL C 173 -32.82 -18.50 1.92
CA VAL C 173 -32.48 -19.77 2.57
C VAL C 173 -31.12 -20.22 2.04
N ALA C 174 -30.20 -20.59 2.94
CA ALA C 174 -28.83 -20.95 2.52
C ALA C 174 -28.39 -22.26 3.14
N PRO C 175 -28.75 -23.40 2.55
CA PRO C 175 -28.25 -24.69 3.05
C PRO C 175 -26.79 -24.90 2.67
N LEU C 176 -25.94 -25.12 3.67
CA LEU C 176 -24.50 -25.37 3.48
C LEU C 176 -24.18 -26.83 3.76
N SER C 177 -23.53 -27.50 2.81
CA SER C 177 -23.13 -28.90 2.97
C SER C 177 -24.28 -29.74 3.55
N ALA C 178 -25.46 -29.57 2.96
CA ALA C 178 -26.70 -30.00 3.59
C ALA C 178 -26.93 -31.50 3.45
N VAL C 179 -27.39 -32.11 4.55
CA VAL C 179 -27.90 -33.49 4.47
C VAL C 179 -29.23 -33.48 3.73
N GLY C 180 -29.60 -34.65 3.20
CA GLY C 180 -30.85 -34.80 2.50
C GLY C 180 -31.98 -35.22 3.43
N GLY C 181 -33.17 -35.38 2.82
CA GLY C 181 -34.34 -35.73 3.61
C GLY C 181 -34.29 -37.14 4.17
N ALA C 182 -33.74 -38.08 3.40
CA ALA C 182 -33.67 -39.47 3.86
C ALA C 182 -32.79 -39.59 5.10
N TRP C 183 -31.64 -38.92 5.10
CA TRP C 183 -30.79 -38.90 6.30
C TRP C 183 -31.53 -38.27 7.46
N THR C 184 -32.18 -37.13 7.20
CA THR C 184 -32.91 -36.44 8.26
C THR C 184 -34.00 -37.32 8.83
N PHE C 185 -34.76 -37.99 7.96
CA PHE C 185 -35.84 -38.86 8.42
C PHE C 185 -35.29 -40.05 9.22
N ASP C 186 -34.20 -40.64 8.75
CA ASP C 186 -33.61 -41.74 9.51
C ASP C 186 -33.16 -41.27 10.89
N GLN C 187 -32.61 -40.05 10.96
CA GLN C 187 -32.17 -39.57 12.27
C GLN C 187 -33.36 -39.29 13.18
N MET C 188 -34.47 -38.81 12.62
CA MET C 188 -35.69 -38.60 13.41
C MET C 188 -36.22 -39.92 13.96
N LYS C 189 -36.21 -40.99 13.16
CA LYS C 189 -36.70 -42.27 13.67
C LYS C 189 -35.81 -42.78 14.78
N ASN C 190 -34.50 -42.63 14.63
CA ASN C 190 -33.57 -43.13 15.63
C ASN C 190 -33.66 -42.36 16.93
N GLN C 191 -34.27 -41.18 16.92
CA GLN C 191 -34.48 -40.43 18.16
C GLN C 191 -35.86 -40.69 18.73
N SER C 192 -36.73 -41.39 18.01
CA SER C 192 -38.09 -41.62 18.43
C SER C 192 -38.23 -43.01 19.03
N ASP C 193 -39.18 -43.15 19.95
CA ASP C 193 -39.63 -44.45 20.43
C ASP C 193 -40.65 -44.97 19.43
N LEU C 194 -40.20 -45.86 18.54
CA LEU C 194 -41.03 -46.35 17.44
C LEU C 194 -42.08 -47.37 17.86
N SER C 195 -42.06 -47.83 19.13
CA SER C 195 -43.12 -48.71 19.58
C SER C 195 -44.50 -48.04 19.51
N LYS C 196 -44.54 -46.71 19.52
CA LYS C 196 -45.79 -45.96 19.45
C LYS C 196 -46.14 -45.51 18.04
N VAL C 197 -45.31 -45.80 17.05
CA VAL C 197 -45.44 -45.19 15.72
C VAL C 197 -45.94 -46.23 14.74
N SER C 198 -47.07 -45.93 14.09
CA SER C 198 -47.60 -46.78 13.06
C SER C 198 -46.78 -46.64 11.79
N GLU C 199 -46.83 -47.67 10.95
CA GLU C 199 -46.14 -47.60 9.66
C GLU C 199 -46.78 -46.55 8.77
N GLU C 200 -48.11 -46.34 8.91
CA GLU C 200 -48.78 -45.31 8.13
C GLU C 200 -48.25 -43.92 8.51
N LYS C 201 -47.95 -43.72 9.79
CA LYS C 201 -47.36 -42.46 10.22
C LYS C 201 -45.93 -42.30 9.71
N LYS C 202 -45.15 -43.38 9.73
CA LYS C 202 -43.79 -43.29 9.18
C LYS C 202 -43.81 -42.90 7.71
N ALA C 203 -44.73 -43.48 6.93
CA ALA C 203 -44.78 -43.19 5.50
C ALA C 203 -45.21 -41.76 5.24
N GLU C 204 -46.15 -41.24 6.04
CA GLU C 204 -46.61 -39.88 5.86
C GLU C 204 -45.47 -38.89 6.11
N VAL C 205 -44.74 -39.08 7.21
CA VAL C 205 -43.65 -38.17 7.55
C VAL C 205 -42.51 -38.29 6.56
N LEU C 206 -42.24 -39.51 6.06
CA LEU C 206 -41.22 -39.65 5.03
C LEU C 206 -41.53 -38.77 3.82
N GLY C 207 -42.79 -38.76 3.37
CA GLY C 207 -43.15 -37.93 2.24
C GLY C 207 -43.01 -36.45 2.52
N GLN C 208 -43.29 -36.04 3.75
CA GLN C 208 -43.11 -34.66 4.16
C GLN C 208 -41.65 -34.27 4.30
N MET C 209 -40.75 -35.25 4.32
CA MET C 209 -39.31 -35.05 4.36
C MET C 209 -38.65 -35.49 3.06
N ASP C 210 -39.38 -35.44 1.94
CA ASP C 210 -38.85 -35.82 0.64
C ASP C 210 -39.07 -34.66 -0.32
N ILE C 211 -37.97 -34.13 -0.86
CA ILE C 211 -38.04 -32.89 -1.64
C ILE C 211 -38.89 -33.09 -2.89
N GLN C 212 -38.73 -34.24 -3.55
CA GLN C 212 -39.52 -34.55 -4.74
C GLN C 212 -41.01 -34.56 -4.42
N THR C 213 -41.39 -35.21 -3.32
CA THR C 213 -42.82 -35.29 -2.96
C THR C 213 -43.38 -33.91 -2.64
N ILE C 214 -42.63 -33.11 -1.87
CA ILE C 214 -43.07 -31.77 -1.53
C ILE C 214 -43.30 -30.95 -2.78
N LEU C 215 -42.34 -30.99 -3.72
CA LEU C 215 -42.46 -30.17 -4.91
C LEU C 215 -43.57 -30.65 -5.83
N GLU C 216 -43.85 -31.96 -5.85
CA GLU C 216 -44.86 -32.50 -6.74
C GLU C 216 -46.27 -32.37 -6.17
N LYS C 217 -46.41 -32.40 -4.85
CA LYS C 217 -47.72 -32.41 -4.21
C LYS C 217 -48.10 -31.09 -3.54
N SER C 218 -47.22 -30.09 -3.52
CA SER C 218 -47.59 -28.82 -2.92
C SER C 218 -48.58 -28.08 -3.80
N PRO C 219 -49.55 -27.37 -3.23
CA PRO C 219 -50.45 -26.55 -4.04
C PRO C 219 -49.69 -25.40 -4.69
N LYS C 220 -50.30 -24.82 -5.73
CA LYS C 220 -49.59 -23.82 -6.52
C LYS C 220 -49.16 -22.64 -5.65
N GLU C 221 -49.98 -22.26 -4.68
CA GLU C 221 -49.62 -21.12 -3.80
C GLU C 221 -48.31 -21.46 -3.09
N LYS C 222 -48.22 -22.66 -2.52
CA LYS C 222 -47.01 -23.05 -1.82
C LYS C 222 -45.82 -23.14 -2.76
N LEU C 223 -46.01 -23.74 -3.94
CA LEU C 223 -44.92 -23.89 -4.89
C LEU C 223 -44.44 -22.51 -5.39
N ASP C 224 -45.37 -21.59 -5.60
CA ASP C 224 -45.00 -20.23 -6.00
C ASP C 224 -44.11 -19.57 -4.95
N ARG C 225 -44.44 -19.76 -3.67
CA ARG C 225 -43.63 -19.14 -2.62
C ARG C 225 -42.24 -19.79 -2.53
N ILE C 226 -42.18 -21.12 -2.72
CA ILE C 226 -40.89 -21.80 -2.76
C ILE C 226 -40.05 -21.25 -3.90
N LYS C 227 -40.68 -20.97 -5.04
CA LYS C 227 -39.94 -20.38 -6.15
C LYS C 227 -39.52 -18.94 -5.87
N TRP C 228 -40.32 -18.21 -5.08
CA TRP C 228 -40.01 -16.81 -4.78
C TRP C 228 -38.81 -16.66 -3.84
N ILE C 229 -38.63 -17.62 -2.93
CA ILE C 229 -37.51 -17.62 -2.00
C ILE C 229 -36.20 -17.50 -2.76
N ARG C 230 -35.25 -16.75 -2.22
CA ARG C 230 -33.90 -16.71 -2.77
C ARG C 230 -33.05 -17.80 -2.11
N TRP C 231 -32.68 -18.81 -2.89
CA TRP C 231 -31.93 -19.96 -2.39
C TRP C 231 -30.44 -19.81 -2.70
N TYR C 232 -29.59 -20.17 -1.73
CA TYR C 232 -28.15 -20.24 -1.92
C TYR C 232 -27.68 -21.58 -1.36
N ILE C 233 -27.29 -22.50 -2.24
CA ILE C 233 -26.94 -23.86 -1.85
C ILE C 233 -25.46 -24.07 -2.17
N SER C 234 -24.66 -24.41 -1.15
CA SER C 234 -23.22 -24.50 -1.32
C SER C 234 -22.68 -25.75 -0.65
N CYS C 235 -21.78 -26.46 -1.33
CA CYS C 235 -21.21 -27.68 -0.79
C CYS C 235 -19.83 -27.91 -1.40
N GLY C 236 -18.89 -28.39 -0.59
CA GLY C 236 -17.55 -28.65 -1.09
C GLY C 236 -17.50 -29.87 -1.98
N ASP C 237 -16.56 -29.87 -2.93
CA ASP C 237 -16.50 -30.97 -3.89
C ASP C 237 -15.94 -32.25 -3.27
N ASP C 238 -15.25 -32.16 -2.14
CA ASP C 238 -14.70 -33.33 -1.47
C ASP C 238 -15.60 -33.79 -0.32
N ASP C 239 -16.75 -33.15 -0.15
CA ASP C 239 -17.70 -33.51 0.89
C ASP C 239 -18.42 -34.82 0.54
N PHE C 240 -18.61 -35.69 1.53
CA PHE C 240 -19.36 -36.92 1.26
C PHE C 240 -20.80 -36.62 0.84
N LEU C 241 -21.27 -35.41 1.07
CA LEU C 241 -22.61 -34.96 0.65
C LEU C 241 -22.59 -34.26 -0.71
N SER C 242 -21.47 -34.29 -1.43
CA SER C 242 -21.41 -33.58 -2.72
C SER C 242 -22.40 -34.16 -3.71
N VAL C 243 -22.57 -35.48 -3.73
CA VAL C 243 -23.52 -36.11 -4.64
C VAL C 243 -24.95 -35.70 -4.28
N THR C 244 -25.30 -35.79 -2.99
CA THR C 244 -26.61 -35.36 -2.52
C THR C 244 -26.94 -33.95 -2.99
N ASN C 245 -25.96 -33.03 -2.90
CA ASN C 245 -26.26 -31.65 -3.25
C ASN C 245 -26.27 -31.41 -4.75
N CYS C 246 -25.47 -32.14 -5.52
CA CYS C 246 -25.61 -32.07 -6.97
C CYS C 246 -26.97 -32.58 -7.43
N LEU C 247 -27.46 -33.67 -6.81
CA LEU C 247 -28.79 -34.17 -7.12
C LEU C 247 -29.86 -33.14 -6.77
N LEU C 248 -29.65 -32.40 -5.67
CA LEU C 248 -30.58 -31.34 -5.27
C LEU C 248 -30.61 -30.24 -6.32
N HIS C 249 -29.44 -29.79 -6.78
CA HIS C 249 -29.40 -28.82 -7.86
C HIS C 249 -30.24 -29.28 -9.04
N ASN C 250 -30.04 -30.53 -9.48
CA ASN C 250 -30.76 -31.03 -10.63
C ASN C 250 -32.26 -31.11 -10.35
N THR C 251 -32.64 -31.58 -9.15
CA THR C 251 -34.06 -31.69 -8.82
C THR C 251 -34.72 -30.32 -8.83
N LEU C 252 -34.06 -29.30 -8.27
CA LEU C 252 -34.64 -27.97 -8.24
C LEU C 252 -34.85 -27.41 -9.65
N LEU C 253 -33.85 -27.58 -10.53
CA LEU C 253 -34.00 -27.10 -11.90
C LEU C 253 -35.09 -27.87 -12.63
N GLN C 254 -35.20 -29.18 -12.37
CA GLN C 254 -36.26 -29.97 -12.99
C GLN C 254 -37.63 -29.45 -12.60
N HIS C 255 -37.76 -28.86 -11.42
CA HIS C 255 -39.03 -28.31 -10.97
C HIS C 255 -39.09 -26.80 -11.12
N GLN C 256 -38.13 -26.21 -11.86
CA GLN C 256 -38.12 -24.79 -12.17
C GLN C 256 -38.04 -23.93 -10.90
N VAL C 257 -37.27 -24.38 -9.92
CA VAL C 257 -36.95 -23.60 -8.74
C VAL C 257 -35.56 -22.99 -8.98
N GLY C 258 -35.55 -21.74 -9.43
CA GLY C 258 -34.27 -21.06 -9.62
C GLY C 258 -33.56 -20.85 -8.30
N HIS C 259 -32.23 -20.91 -8.35
CA HIS C 259 -31.45 -20.86 -7.12
C HIS C 259 -30.00 -20.62 -7.49
N GLU C 260 -29.23 -20.17 -6.51
CA GLU C 260 -27.77 -20.12 -6.61
C GLU C 260 -27.23 -21.46 -6.14
N PHE C 261 -26.34 -22.06 -6.92
CA PHE C 261 -25.68 -23.31 -6.54
C PHE C 261 -24.18 -23.10 -6.61
N ARG C 262 -23.47 -23.54 -5.57
CA ARG C 262 -22.01 -23.45 -5.58
C ARG C 262 -21.43 -24.79 -5.15
N MET C 263 -20.50 -25.30 -5.94
CA MET C 263 -19.66 -26.42 -5.49
C MET C 263 -18.23 -25.91 -5.54
N LYS C 264 -17.64 -25.69 -4.37
CA LYS C 264 -16.33 -25.10 -4.24
C LYS C 264 -15.34 -26.16 -3.74
N ASP C 265 -14.05 -25.85 -3.85
CA ASP C 265 -13.07 -26.74 -3.27
C ASP C 265 -13.26 -26.80 -1.76
N GLY C 266 -13.28 -28.00 -1.20
CA GLY C 266 -13.38 -28.12 0.25
C GLY C 266 -14.09 -29.38 0.67
N SER C 267 -14.07 -29.62 1.96
CA SER C 267 -14.60 -30.83 2.54
C SER C 267 -15.67 -30.48 3.55
N HIS C 268 -16.11 -31.49 4.30
CA HIS C 268 -17.11 -31.32 5.35
C HIS C 268 -16.39 -30.80 6.59
N SER C 269 -16.06 -29.50 6.59
CA SER C 269 -15.15 -28.98 7.60
C SER C 269 -15.52 -27.56 7.97
N TRP C 270 -15.06 -27.13 9.16
CA TRP C 270 -15.28 -25.75 9.59
C TRP C 270 -14.50 -24.74 8.76
N THR C 271 -13.42 -25.17 8.09
CA THR C 271 -12.81 -24.29 7.10
C THR C 271 -13.81 -23.89 6.04
N TYR C 272 -14.58 -24.87 5.55
CA TYR C 272 -15.58 -24.57 4.53
C TYR C 272 -16.68 -23.65 5.07
N TRP C 273 -17.19 -23.95 6.27
CA TRP C 273 -18.33 -23.19 6.79
C TRP C 273 -17.94 -21.79 7.22
N ARG C 274 -16.72 -21.60 7.74
CA ARG C 274 -16.27 -20.25 8.04
C ARG C 274 -16.06 -19.46 6.74
N MET C 275 -15.60 -20.11 5.67
CA MET C 275 -15.49 -19.44 4.38
C MET C 275 -16.87 -19.01 3.85
N GLU C 276 -17.87 -19.86 4.02
CA GLU C 276 -19.18 -19.55 3.46
C GLU C 276 -19.99 -18.57 4.30
N LEU C 277 -19.72 -18.44 5.60
CA LEU C 277 -20.55 -17.57 6.43
C LEU C 277 -20.62 -16.14 5.91
N PRO C 278 -19.52 -15.45 5.59
CA PRO C 278 -19.67 -14.08 5.05
C PRO C 278 -20.32 -14.05 3.68
N GLU C 279 -20.23 -15.12 2.89
CA GLU C 279 -20.95 -15.17 1.62
C GLU C 279 -22.46 -15.27 1.86
N VAL C 280 -22.86 -16.08 2.85
CA VAL C 280 -24.27 -16.14 3.22
C VAL C 280 -24.74 -14.77 3.73
N MET C 281 -23.92 -14.13 4.58
CA MET C 281 -24.32 -12.82 5.10
C MET C 281 -24.50 -11.81 3.98
N ARG C 282 -23.57 -11.80 3.02
CA ARG C 282 -23.69 -10.90 1.88
C ARG C 282 -24.91 -11.25 1.03
N PHE C 283 -25.15 -12.55 0.82
CA PHE C 283 -26.31 -12.98 0.04
C PHE C 283 -27.61 -12.51 0.66
N VAL C 284 -27.83 -12.78 1.96
CA VAL C 284 -29.11 -12.39 2.57
C VAL C 284 -29.17 -10.89 2.80
N SER C 285 -28.05 -10.24 3.05
CA SER C 285 -28.05 -8.81 3.28
C SER C 285 -28.58 -8.06 2.06
N ARG C 286 -28.11 -8.42 0.86
CA ARG C 286 -28.57 -7.77 -0.36
C ARG C 286 -30.08 -7.93 -0.55
N ILE C 287 -30.62 -9.07 -0.14
CA ILE C 287 -32.07 -9.29 -0.20
C ILE C 287 -32.79 -8.45 0.85
N PHE C 288 -32.23 -8.34 2.06
CA PHE C 288 -32.83 -7.48 3.11
C PHE C 288 -32.85 -6.02 2.68
N THR C 289 -31.75 -5.53 2.10
CA THR C 289 -31.63 -4.11 1.75
C THR C 289 -32.24 -3.80 0.39
N GLN C 290 -32.57 -4.82 -0.41
CA GLN C 290 -32.91 -4.66 -1.83
C GLN C 290 -31.68 -4.18 -2.63
N TYR C 291 -31.74 -4.24 -3.95
CA TYR C 291 -30.60 -3.82 -4.78
C TYR C 291 -30.98 -3.46 -6.21
N GLN D 24 -4.52 4.00 21.02
CA GLN D 24 -4.41 3.81 22.46
C GLN D 24 -3.51 4.89 23.07
N GLN D 25 -4.09 5.71 23.94
CA GLN D 25 -3.41 6.88 24.49
C GLN D 25 -3.13 6.67 25.98
N GLY D 26 -1.88 6.90 26.38
CA GLY D 26 -1.51 7.05 27.77
C GLY D 26 -1.92 8.42 28.25
N LYS D 27 -1.38 8.84 29.38
CA LYS D 27 -1.73 10.15 29.91
C LYS D 27 -0.57 10.70 30.72
N VAL D 28 -0.60 12.02 30.93
CA VAL D 28 0.45 12.73 31.65
C VAL D 28 -0.20 13.52 32.79
N TYR D 29 0.38 13.41 33.97
CA TYR D 29 0.10 14.30 35.09
C TYR D 29 1.31 15.21 35.30
N GLU D 30 1.09 16.52 35.29
CA GLU D 30 2.14 17.52 35.45
C GLU D 30 2.14 18.21 36.80
N THR D 31 1.04 18.14 37.55
CA THR D 31 0.84 19.00 38.71
C THR D 31 1.02 18.29 40.03
N ARG D 32 1.42 17.01 40.03
CA ARG D 32 1.59 16.32 41.29
C ARG D 32 2.97 16.63 41.88
N THR D 33 3.09 16.42 43.19
CA THR D 33 4.32 16.76 43.90
C THR D 33 4.65 15.66 44.90
N VAL D 34 5.90 15.67 45.36
CA VAL D 34 6.36 14.84 46.46
C VAL D 34 6.83 15.77 47.55
N LYS D 35 6.42 15.51 48.79
CA LYS D 35 6.86 16.35 49.89
C LYS D 35 8.27 15.92 50.27
N SER D 36 9.23 16.82 50.11
CA SER D 36 10.65 16.51 50.34
C SER D 36 11.07 17.06 51.71
N LYS D 37 11.45 16.15 52.60
CA LYS D 37 12.09 16.57 53.84
C LYS D 37 13.50 17.09 53.57
N ILE D 38 14.20 16.46 52.62
CA ILE D 38 15.58 16.85 52.33
C ILE D 38 15.63 18.27 51.78
N LEU D 39 14.69 18.62 50.90
CA LEU D 39 14.65 19.96 50.33
C LEU D 39 13.67 20.89 51.04
N GLY D 40 12.92 20.39 52.01
CA GLY D 40 12.01 21.23 52.79
C GLY D 40 10.92 21.89 52.00
N MET D 41 10.34 21.19 51.02
CA MET D 41 9.31 21.78 50.17
C MET D 41 8.63 20.67 49.37
N GLU D 42 7.49 21.02 48.80
CA GLU D 42 6.88 20.17 47.78
C GLU D 42 7.68 20.28 46.48
N ARG D 43 8.04 19.15 45.89
CA ARG D 43 8.81 19.12 44.66
C ARG D 43 7.97 18.57 43.53
N SER D 44 7.97 19.27 42.40
CA SER D 44 7.19 18.89 41.24
C SER D 44 7.83 17.75 40.46
N TYR D 45 7.00 16.98 39.76
CA TYR D 45 7.44 16.07 38.72
C TYR D 45 6.29 15.91 37.74
N SER D 46 6.62 15.49 36.51
CA SER D 46 5.63 15.02 35.56
C SER D 46 5.80 13.52 35.42
N ILE D 47 4.72 12.83 35.07
CA ILE D 47 4.77 11.38 34.90
C ILE D 47 3.89 10.99 33.72
N TYR D 48 4.41 10.12 32.86
CA TYR D 48 3.65 9.49 31.78
C TYR D 48 3.23 8.10 32.22
N LEU D 49 1.93 7.84 32.12
CA LEU D 49 1.44 6.51 32.39
C LEU D 49 0.98 5.87 31.08
N PRO D 50 1.37 4.64 30.78
CA PRO D 50 1.07 4.07 29.46
C PRO D 50 -0.41 3.75 29.32
N ALA D 51 -0.83 3.57 28.06
CA ALA D 51 -2.20 3.17 27.77
C ALA D 51 -2.54 1.89 28.53
N GLY D 52 -3.76 1.82 29.05
CA GLY D 52 -4.14 0.66 29.82
C GLY D 52 -3.56 0.57 31.22
N TYR D 53 -2.86 1.61 31.69
CA TYR D 53 -2.49 1.66 33.10
C TYR D 53 -3.70 1.50 34.00
N ASP D 54 -4.85 2.01 33.57
CA ASP D 54 -6.06 2.00 34.38
C ASP D 54 -6.89 0.73 34.24
N GLU D 55 -6.52 -0.19 33.37
CA GLU D 55 -7.12 -1.52 33.32
C GLU D 55 -6.10 -2.55 33.80
N GLY D 56 -6.60 -3.63 34.40
CA GLY D 56 -5.69 -4.59 35.01
C GLY D 56 -5.03 -4.04 36.27
N ASP D 57 -4.11 -4.83 36.82
CA ASP D 57 -3.51 -4.51 38.12
C ASP D 57 -2.00 -4.59 38.11
N GLY D 58 -1.36 -4.70 36.92
CA GLY D 58 0.05 -5.02 36.84
C GLY D 58 0.95 -3.81 37.05
N SER D 59 2.25 -4.09 37.11
CA SER D 59 3.25 -3.07 37.36
C SER D 59 4.17 -2.93 36.15
N TYR D 60 4.90 -1.81 36.09
CA TYR D 60 5.66 -1.38 34.92
C TYR D 60 7.08 -0.99 35.30
N PRO D 61 8.04 -1.15 34.38
CA PRO D 61 9.36 -0.54 34.56
C PRO D 61 9.27 0.97 34.40
N VAL D 62 10.33 1.67 34.80
CA VAL D 62 10.32 3.13 34.84
C VAL D 62 11.55 3.69 34.14
N LEU D 63 11.33 4.68 33.28
CA LEU D 63 12.39 5.50 32.72
C LEU D 63 12.36 6.87 33.38
N TYR D 64 13.42 7.24 34.09
CA TYR D 64 13.59 8.60 34.58
C TYR D 64 14.23 9.45 33.49
N LEU D 65 13.64 10.60 33.20
CA LEU D 65 13.93 11.39 32.00
C LEU D 65 14.16 12.84 32.41
N LEU D 66 15.39 13.33 32.25
CA LEU D 66 15.84 14.58 32.85
C LEU D 66 15.93 15.72 31.83
N HIS D 67 15.47 16.90 32.22
CA HIS D 67 15.47 18.06 31.33
C HIS D 67 16.82 18.78 31.38
N GLY D 68 16.98 19.76 30.47
CA GLY D 68 18.19 20.56 30.42
C GLY D 68 18.04 21.87 31.19
N LEU D 69 19.09 22.68 31.13
CA LEU D 69 19.14 23.91 31.90
C LEU D 69 18.09 24.90 31.39
N GLY D 70 17.28 25.44 32.30
CA GLY D 70 16.26 26.41 31.96
C GLY D 70 14.86 25.84 31.76
N ASP D 71 14.73 24.53 31.60
CA ASP D 71 13.44 23.86 31.56
C ASP D 71 13.13 23.27 32.92
N ASN D 72 11.89 22.83 33.10
CA ASN D 72 11.53 22.12 34.32
C ASN D 72 10.83 20.82 33.91
N HIS D 73 10.00 20.30 34.81
CA HIS D 73 9.30 19.03 34.58
C HIS D 73 8.32 19.08 33.42
N THR D 74 8.00 20.27 32.89
CA THR D 74 7.14 20.38 31.73
C THR D 74 7.92 20.37 30.42
N GLY D 75 9.25 20.40 30.46
CA GLY D 75 10.03 20.47 29.23
C GLY D 75 9.87 19.25 28.34
N TRP D 76 10.09 18.05 28.90
CA TRP D 76 9.88 16.83 28.12
C TRP D 76 8.43 16.62 27.74
N VAL D 77 7.49 17.28 28.44
CA VAL D 77 6.07 17.17 28.10
C VAL D 77 5.74 18.03 26.88
N GLN D 78 5.95 19.34 27.02
CA GLN D 78 5.64 20.33 25.96
C GLN D 78 6.59 20.31 24.76
N PHE D 79 7.91 20.31 24.99
CA PHE D 79 8.89 20.32 23.92
C PHE D 79 9.23 18.90 23.49
N GLY D 80 9.42 18.00 24.46
CA GLY D 80 9.74 16.62 24.13
C GLY D 80 8.56 15.85 23.57
N GLN D 81 7.33 16.33 23.79
CA GLN D 81 6.14 15.65 23.28
C GLN D 81 6.13 14.20 23.73
N VAL D 82 6.45 14.00 25.00
CA VAL D 82 6.63 12.64 25.51
C VAL D 82 5.35 11.82 25.33
N GLN D 83 4.18 12.44 25.50
CA GLN D 83 2.94 11.66 25.44
C GLN D 83 2.72 11.08 24.05
N TYR D 84 2.80 11.92 23.03
CA TYR D 84 2.61 11.45 21.65
C TYR D 84 3.67 10.43 21.27
N ILE D 85 4.93 10.70 21.59
CA ILE D 85 6.01 9.85 21.14
C ILE D 85 5.98 8.52 21.86
N ALA D 86 5.74 8.53 23.17
CA ALA D 86 5.64 7.28 23.91
C ALA D 86 4.40 6.49 23.49
N ASP D 87 3.25 7.16 23.32
CA ASP D 87 2.06 6.46 22.85
C ASP D 87 2.35 5.70 21.57
N LYS D 88 2.98 6.38 20.61
CA LYS D 88 3.23 5.80 19.30
C LYS D 88 4.23 4.65 19.37
N ALA D 89 5.33 4.85 20.11
CA ALA D 89 6.33 3.80 20.21
C ALA D 89 5.74 2.53 20.84
N ILE D 90 4.91 2.71 21.88
CA ILE D 90 4.32 1.56 22.56
C ILE D 90 3.25 0.92 21.70
N ALA D 91 2.37 1.73 21.10
CA ALA D 91 1.31 1.17 20.27
C ALA D 91 1.88 0.42 19.08
N GLU D 92 3.00 0.88 18.52
CA GLU D 92 3.59 0.22 17.38
C GLU D 92 4.45 -0.98 17.75
N GLY D 93 4.63 -1.26 19.04
CA GLY D 93 5.50 -2.35 19.44
C GLY D 93 6.98 -2.06 19.36
N LYS D 94 7.38 -0.80 19.13
CA LYS D 94 8.79 -0.44 19.17
C LYS D 94 9.30 -0.43 20.61
N SER D 95 8.41 -0.18 21.56
CA SER D 95 8.73 -0.18 22.97
C SER D 95 7.66 -0.98 23.70
N ALA D 96 8.06 -1.70 24.73
CA ALA D 96 7.11 -2.24 25.67
C ALA D 96 6.55 -1.10 26.52
N PRO D 97 5.38 -1.28 27.14
CA PRO D 97 4.84 -0.23 28.02
C PRO D 97 5.81 0.09 29.15
N MET D 98 5.90 1.36 29.50
CA MET D 98 6.72 1.77 30.62
C MET D 98 6.17 3.07 31.18
N ILE D 99 6.50 3.33 32.43
CA ILE D 99 6.22 4.62 33.08
C ILE D 99 7.42 5.53 32.88
N ILE D 100 7.18 6.81 32.63
CA ILE D 100 8.25 7.79 32.45
C ILE D 100 8.05 8.93 33.44
N VAL D 101 9.09 9.19 34.24
CA VAL D 101 9.05 10.19 35.30
C VAL D 101 10.01 11.31 34.95
N MET D 102 9.50 12.54 34.96
CA MET D 102 10.27 13.71 34.55
C MET D 102 10.37 14.66 35.75
N PRO D 103 11.46 14.62 36.49
CA PRO D 103 11.57 15.45 37.69
C PRO D 103 11.81 16.90 37.33
N ASP D 104 11.46 17.77 38.28
CA ASP D 104 11.77 19.20 38.23
C ASP D 104 13.10 19.44 38.93
N ALA D 105 14.13 19.78 38.17
CA ALA D 105 15.42 20.16 38.70
C ALA D 105 15.73 21.60 38.35
N ASP D 106 14.70 22.44 38.36
CA ASP D 106 14.79 23.85 38.02
C ASP D 106 14.39 24.78 39.16
N THR D 107 13.34 24.46 39.90
CA THR D 107 12.86 25.35 40.96
C THR D 107 13.87 25.48 42.09
N VAL D 108 14.01 26.70 42.61
CA VAL D 108 14.91 27.08 43.70
C VAL D 108 16.34 27.11 43.18
N HIS D 109 16.83 25.96 42.71
CA HIS D 109 18.15 25.87 42.10
C HIS D 109 18.07 24.96 40.88
N LYS D 110 18.88 25.28 39.87
CA LYS D 110 18.92 24.52 38.64
C LYS D 110 20.09 23.53 38.67
N GLY D 111 19.80 22.25 38.51
CA GLY D 111 20.83 21.23 38.50
C GLY D 111 20.44 20.04 39.35
N TYR D 112 21.22 18.97 39.17
CA TYR D 112 20.85 17.66 39.70
C TYR D 112 21.64 17.23 40.93
N PHE D 113 22.61 18.00 41.39
CA PHE D 113 23.55 17.48 42.37
C PHE D 113 23.51 18.29 43.66
N ASN D 114 24.03 17.68 44.73
CA ASN D 114 24.08 18.32 46.03
C ASN D 114 25.00 19.55 45.97
N LEU D 115 24.48 20.69 46.40
CA LEU D 115 25.30 21.89 46.44
C LEU D 115 26.35 21.79 47.53
N LEU D 116 27.48 22.47 47.31
CA LEU D 116 28.64 22.35 48.17
C LEU D 116 28.43 22.95 49.55
N ASP D 117 27.50 23.89 49.70
CA ASP D 117 27.25 24.56 50.97
C ASP D 117 26.25 23.81 51.85
N GLY D 118 25.80 22.64 51.44
CA GLY D 118 24.89 21.83 52.23
C GLY D 118 23.46 22.29 52.25
N THR D 119 23.10 23.33 51.49
CA THR D 119 21.78 23.91 51.57
C THR D 119 20.76 23.29 50.62
N TYR D 120 21.17 22.40 49.71
CA TYR D 120 20.26 21.93 48.66
C TYR D 120 20.79 20.59 48.15
N ASN D 121 20.39 19.51 48.82
CA ASN D 121 20.89 18.17 48.50
C ASN D 121 19.98 17.50 47.49
N TYR D 122 20.02 17.99 46.24
CA TYR D 122 19.08 17.50 45.24
C TYR D 122 19.34 16.03 44.90
N GLU D 123 20.60 15.63 44.81
CA GLU D 123 20.87 14.23 44.49
C GLU D 123 20.36 13.30 45.58
N ASP D 124 20.53 13.69 46.85
CA ASP D 124 19.91 12.96 47.96
C ASP D 124 18.40 12.88 47.79
N PHE D 125 17.76 14.01 47.44
CA PHE D 125 16.32 14.01 47.24
C PHE D 125 15.91 13.01 46.17
N PHE D 126 16.63 12.99 45.04
CA PHE D 126 16.25 12.12 43.93
C PHE D 126 16.24 10.65 44.36
N PHE D 127 17.31 10.21 45.02
CA PHE D 127 17.43 8.79 45.33
C PHE D 127 16.67 8.39 46.59
N GLN D 128 16.65 9.26 47.61
CA GLN D 128 16.05 8.90 48.88
C GLN D 128 14.58 9.27 49.00
N GLU D 129 14.08 10.17 48.15
CA GLU D 129 12.69 10.60 48.29
C GLU D 129 11.87 10.41 47.00
N LEU D 130 12.40 10.87 45.85
CA LEU D 130 11.62 10.79 44.62
C LEU D 130 11.38 9.34 44.18
N ILE D 131 12.46 8.57 44.04
CA ILE D 131 12.31 7.17 43.61
C ILE D 131 11.41 6.38 44.57
N PRO D 132 11.60 6.44 45.90
CA PRO D 132 10.64 5.73 46.77
C PRO D 132 9.21 6.26 46.65
N HIS D 133 9.04 7.57 46.47
CA HIS D 133 7.68 8.09 46.28
C HIS D 133 7.04 7.53 45.01
N ILE D 134 7.78 7.49 43.92
CA ILE D 134 7.24 6.94 42.66
C ILE D 134 6.85 5.47 42.86
N GLU D 135 7.71 4.68 43.50
CA GLU D 135 7.43 3.26 43.65
C GLU D 135 6.28 2.99 44.61
N LYS D 136 6.04 3.89 45.56
CA LYS D 136 4.93 3.74 46.49
C LYS D 136 3.63 4.18 45.87
N THR D 137 3.67 5.22 45.04
CA THR D 137 2.48 5.88 44.52
C THR D 137 1.94 5.24 43.23
N TYR D 138 2.81 4.66 42.41
CA TYR D 138 2.43 4.12 41.13
C TYR D 138 2.75 2.63 41.10
N ARG D 139 2.17 1.91 40.14
CA ARG D 139 2.36 0.47 40.05
C ARG D 139 3.65 0.20 39.29
N VAL D 140 4.74 0.19 40.05
CA VAL D 140 6.11 0.18 39.54
C VAL D 140 6.77 -1.12 39.95
N ARG D 141 7.49 -1.75 39.02
CA ARG D 141 8.36 -2.86 39.38
C ARG D 141 9.59 -2.25 40.02
N ALA D 142 9.69 -2.35 41.35
CA ALA D 142 10.67 -1.57 42.11
C ALA D 142 12.00 -2.32 42.24
N GLU D 143 12.65 -2.56 41.10
CA GLU D 143 13.96 -3.19 41.11
C GLU D 143 14.84 -2.49 40.09
N SER D 144 16.16 -2.58 40.30
CA SER D 144 17.11 -1.92 39.39
C SER D 144 17.01 -2.46 37.97
N ARG D 145 16.69 -3.75 37.80
CA ARG D 145 16.56 -4.32 36.47
C ARG D 145 15.42 -3.67 35.69
N TYR D 146 14.54 -2.94 36.38
CA TYR D 146 13.41 -2.26 35.77
C TYR D 146 13.51 -0.74 35.91
N ARG D 147 14.73 -0.22 36.06
CA ARG D 147 14.94 1.22 36.27
C ARG D 147 16.01 1.70 35.31
N ALA D 148 15.66 2.69 34.47
CA ALA D 148 16.59 3.31 33.55
C ALA D 148 16.55 4.82 33.75
N ILE D 149 17.55 5.51 33.24
CA ILE D 149 17.62 6.96 33.37
C ILE D 149 18.23 7.54 32.09
N SER D 150 17.67 8.67 31.64
CA SER D 150 18.10 9.34 30.42
C SER D 150 17.91 10.83 30.65
N GLY D 151 18.57 11.64 29.83
CA GLY D 151 18.43 13.09 29.94
C GLY D 151 19.18 13.78 28.83
N LEU D 152 18.91 15.08 28.68
CA LEU D 152 19.55 15.88 27.63
C LEU D 152 20.35 17.02 28.25
N SER D 153 21.48 17.34 27.62
CA SER D 153 22.31 18.49 28.00
C SER D 153 22.67 18.41 29.48
N MET D 154 22.22 19.39 30.28
CA MET D 154 22.41 19.32 31.73
C MET D 154 21.89 18.00 32.29
N GLY D 155 20.72 17.56 31.80
CA GLY D 155 20.18 16.29 32.26
C GLY D 155 20.90 15.07 31.73
N GLY D 156 21.62 15.19 30.61
CA GLY D 156 22.46 14.10 30.18
C GLY D 156 23.63 13.88 31.11
N GLY D 157 24.28 14.96 31.53
CA GLY D 157 25.29 14.86 32.58
C GLY D 157 24.72 14.40 33.89
N GLY D 158 23.49 14.80 34.20
CA GLY D 158 22.83 14.28 35.39
C GLY D 158 22.68 12.77 35.33
N ALA D 159 22.12 12.26 34.24
CA ALA D 159 21.95 10.81 34.10
C ALA D 159 23.29 10.09 34.17
N LEU D 160 24.31 10.65 33.51
CA LEU D 160 25.64 10.04 33.49
C LEU D 160 26.22 9.92 34.90
N PHE D 161 26.23 11.02 35.66
CA PHE D 161 26.87 10.95 36.96
C PHE D 161 25.98 10.33 38.02
N TYR D 162 24.66 10.39 37.86
CA TYR D 162 23.79 9.60 38.74
C TYR D 162 24.17 8.12 38.68
N ALA D 163 24.38 7.61 37.46
CA ALA D 163 24.70 6.19 37.30
C ALA D 163 26.13 5.88 37.74
N LEU D 164 27.06 6.80 37.52
CA LEU D 164 28.41 6.58 38.01
C LEU D 164 28.48 6.67 39.54
N HIS D 165 27.62 7.49 40.15
CA HIS D 165 27.61 7.56 41.61
C HIS D 165 26.91 6.35 42.23
N TYR D 166 25.80 5.92 41.64
CA TYR D 166 25.00 4.82 42.19
C TYR D 166 24.70 3.79 41.09
N PRO D 167 25.72 3.10 40.59
CA PRO D 167 25.50 2.16 39.48
C PRO D 167 24.60 1.00 39.83
N GLU D 168 24.48 0.66 41.11
CA GLU D 168 23.58 -0.41 41.54
C GLU D 168 22.11 -0.06 41.31
N MET D 169 21.79 1.19 41.00
CA MET D 169 20.40 1.61 40.92
C MET D 169 19.81 1.54 39.51
N PHE D 170 20.62 1.31 38.48
CA PHE D 170 20.11 1.38 37.11
C PHE D 170 20.62 0.20 36.31
N VAL D 171 19.77 -0.27 35.39
CA VAL D 171 20.18 -1.28 34.42
C VAL D 171 20.57 -0.66 33.09
N ALA D 172 20.09 0.55 32.80
CA ALA D 172 20.31 1.18 31.51
C ALA D 172 20.37 2.69 31.69
N VAL D 173 21.29 3.32 30.96
CA VAL D 173 21.56 4.75 31.09
C VAL D 173 21.78 5.34 29.69
N ALA D 174 21.08 6.45 29.38
CA ALA D 174 21.11 7.06 28.05
C ALA D 174 21.33 8.57 28.10
N PRO D 175 22.58 9.02 28.23
CA PRO D 175 22.86 10.47 28.15
C PRO D 175 22.78 10.98 26.72
N LEU D 176 21.94 11.98 26.50
CA LEU D 176 21.75 12.61 25.19
C LEU D 176 22.39 14.00 25.22
N SER D 177 23.30 14.25 24.26
CA SER D 177 23.97 15.55 24.12
C SER D 177 24.48 16.05 25.48
N ALA D 178 25.14 15.16 26.22
CA ALA D 178 25.39 15.37 27.64
C ALA D 178 26.54 16.35 27.88
N VAL D 179 26.35 17.24 28.85
CA VAL D 179 27.46 18.06 29.33
C VAL D 179 28.43 17.19 30.12
N GLY D 180 29.67 17.65 30.24
CA GLY D 180 30.68 16.91 30.95
C GLY D 180 30.71 17.26 32.43
N GLY D 181 31.63 16.60 33.14
CA GLY D 181 31.73 16.80 34.58
C GLY D 181 32.24 18.17 34.96
N ALA D 182 33.16 18.73 34.16
CA ALA D 182 33.68 20.06 34.47
C ALA D 182 32.59 21.12 34.37
N TRP D 183 31.75 21.05 33.33
CA TRP D 183 30.64 21.97 33.22
C TRP D 183 29.70 21.82 34.41
N THR D 184 29.36 20.57 34.74
CA THR D 184 28.43 20.30 35.84
C THR D 184 28.98 20.83 37.15
N PHE D 185 30.25 20.53 37.45
CA PHE D 185 30.84 21.00 38.71
C PHE D 185 30.93 22.51 38.75
N ASP D 186 31.28 23.14 37.63
CA ASP D 186 31.34 24.60 37.59
C ASP D 186 29.97 25.20 37.88
N GLN D 187 28.92 24.57 37.37
CA GLN D 187 27.58 25.08 37.67
C GLN D 187 27.23 24.88 39.14
N MET D 188 27.67 23.77 39.74
CA MET D 188 27.46 23.57 41.16
C MET D 188 28.14 24.65 41.99
N LYS D 189 29.36 25.05 41.62
CA LYS D 189 30.04 26.09 42.37
C LYS D 189 29.31 27.42 42.25
N ASN D 190 28.84 27.76 41.04
CA ASN D 190 28.21 29.06 40.85
C ASN D 190 26.88 29.17 41.57
N GLN D 191 26.28 28.07 41.99
CA GLN D 191 25.04 28.13 42.74
C GLN D 191 25.24 27.93 44.24
N SER D 192 26.46 27.67 44.68
CA SER D 192 26.78 27.48 46.08
C SER D 192 27.31 28.78 46.66
N ASP D 193 27.11 28.96 47.96
CA ASP D 193 27.76 30.05 48.69
C ASP D 193 29.18 29.60 48.97
N LEU D 194 30.12 30.05 48.13
CA LEU D 194 31.50 29.61 48.24
C LEU D 194 32.21 30.21 49.45
N SER D 195 31.60 31.20 50.11
CA SER D 195 32.15 31.70 51.35
C SER D 195 32.15 30.64 52.44
N LYS D 196 31.23 29.67 52.35
CA LYS D 196 31.08 28.61 53.33
C LYS D 196 31.77 27.30 52.96
N VAL D 197 32.46 27.25 51.83
CA VAL D 197 32.99 25.99 51.29
C VAL D 197 34.50 25.94 51.49
N SER D 198 34.97 24.86 52.10
CA SER D 198 36.40 24.66 52.28
C SER D 198 37.05 24.29 50.96
N GLU D 199 38.35 24.58 50.85
CA GLU D 199 39.08 24.23 49.64
C GLU D 199 39.24 22.73 49.50
N GLU D 200 39.35 22.01 50.62
CA GLU D 200 39.42 20.55 50.59
C GLU D 200 38.11 19.94 50.08
N LYS D 201 36.97 20.52 50.46
CA LYS D 201 35.70 20.02 49.96
C LYS D 201 35.55 20.30 48.47
N LYS D 202 36.01 21.47 48.02
CA LYS D 202 36.00 21.76 46.60
C LYS D 202 36.78 20.71 45.83
N ALA D 203 37.90 20.25 46.41
CA ALA D 203 38.69 19.21 45.77
C ALA D 203 37.98 17.86 45.81
N GLU D 204 37.25 17.59 46.89
CA GLU D 204 36.57 16.29 47.03
C GLU D 204 35.49 16.10 45.97
N VAL D 205 34.61 17.09 45.85
CA VAL D 205 33.48 17.02 44.88
C VAL D 205 34.03 16.98 43.45
N LEU D 206 35.05 17.78 43.16
CA LEU D 206 35.60 17.81 41.80
C LEU D 206 36.01 16.42 41.34
N GLY D 207 36.67 15.65 42.20
CA GLY D 207 37.01 14.28 41.86
C GLY D 207 35.80 13.40 41.68
N GLN D 208 34.75 13.64 42.47
CA GLN D 208 33.51 12.90 42.31
C GLN D 208 32.73 13.30 41.07
N MET D 209 33.05 14.45 40.46
CA MET D 209 32.36 14.92 39.26
C MET D 209 33.26 14.91 38.02
N ASP D 210 34.26 14.05 37.99
CA ASP D 210 35.19 13.89 36.88
C ASP D 210 35.16 12.43 36.51
N ILE D 211 34.85 12.11 35.25
CA ILE D 211 34.59 10.71 34.87
C ILE D 211 35.85 9.84 35.02
N GLN D 212 37.02 10.37 34.64
CA GLN D 212 38.24 9.56 34.72
C GLN D 212 38.56 9.13 36.16
N THR D 213 38.40 10.04 37.14
CA THR D 213 38.72 9.71 38.53
C THR D 213 37.86 8.57 39.07
N ILE D 214 36.54 8.64 38.83
CA ILE D 214 35.61 7.60 39.28
C ILE D 214 36.03 6.25 38.71
N LEU D 215 36.35 6.23 37.42
CA LEU D 215 36.74 4.96 36.79
C LEU D 215 38.09 4.49 37.32
N GLU D 216 38.97 5.41 37.70
CA GLU D 216 40.28 5.04 38.24
C GLU D 216 40.25 4.72 39.71
N LYS D 217 39.33 5.34 40.47
CA LYS D 217 39.30 5.24 41.91
C LYS D 217 38.19 4.36 42.46
N SER D 218 37.27 3.89 41.61
CA SER D 218 36.21 3.04 42.13
C SER D 218 36.74 1.64 42.47
N PRO D 219 36.27 1.03 43.54
CA PRO D 219 36.64 -0.37 43.83
C PRO D 219 36.06 -1.29 42.75
N LYS D 220 36.62 -2.50 42.68
CA LYS D 220 36.28 -3.40 41.58
C LYS D 220 34.79 -3.75 41.56
N GLU D 221 34.20 -3.83 42.74
CA GLU D 221 32.75 -4.13 42.83
C GLU D 221 31.98 -3.03 42.10
N LYS D 222 32.34 -1.78 42.35
CA LYS D 222 31.65 -0.66 41.73
C LYS D 222 31.92 -0.60 40.23
N LEU D 223 33.18 -0.83 39.83
CA LEU D 223 33.53 -0.75 38.41
C LEU D 223 32.82 -1.84 37.60
N ASP D 224 32.72 -3.05 38.17
CA ASP D 224 31.99 -4.13 37.50
C ASP D 224 30.54 -3.75 37.26
N ARG D 225 29.90 -3.10 38.24
CA ARG D 225 28.53 -2.68 38.05
C ARG D 225 28.42 -1.59 36.98
N ILE D 226 29.38 -0.66 36.95
CA ILE D 226 29.41 0.36 35.90
C ILE D 226 29.55 -0.29 34.52
N LYS D 227 30.37 -1.34 34.42
CA LYS D 227 30.52 -2.07 33.18
C LYS D 227 29.27 -2.88 32.83
N TRP D 228 28.51 -3.33 33.85
CA TRP D 228 27.31 -4.14 33.61
C TRP D 228 26.17 -3.31 33.05
N ILE D 229 26.07 -2.04 33.48
CA ILE D 229 25.03 -1.14 32.97
C ILE D 229 25.08 -1.09 31.45
N ARG D 230 23.92 -1.03 30.81
CA ARG D 230 23.83 -0.83 29.36
C ARG D 230 23.74 0.67 29.08
N TRP D 231 24.79 1.22 28.48
CA TRP D 231 24.92 2.65 28.20
C TRP D 231 24.56 2.93 26.75
N TYR D 232 23.82 4.02 26.54
CA TYR D 232 23.50 4.50 25.20
C TYR D 232 23.81 6.00 25.17
N ILE D 233 24.89 6.38 24.48
CA ILE D 233 25.37 7.76 24.47
C ILE D 233 25.21 8.29 23.06
N SER D 234 24.45 9.37 22.92
CA SER D 234 24.15 9.92 21.59
C SER D 234 24.28 11.43 21.61
N CYS D 235 24.89 11.97 20.55
CA CYS D 235 25.13 13.41 20.43
C CYS D 235 25.27 13.76 18.96
N GLY D 236 24.73 14.91 18.57
CA GLY D 236 24.81 15.34 17.18
C GLY D 236 26.19 15.83 16.80
N ASP D 237 26.53 15.67 15.52
CA ASP D 237 27.87 16.07 15.06
C ASP D 237 28.03 17.58 15.01
N ASP D 238 26.94 18.35 14.98
CA ASP D 238 27.01 19.80 14.96
C ASP D 238 26.78 20.40 16.34
N ASP D 239 26.61 19.57 17.35
CA ASP D 239 26.44 20.06 18.72
C ASP D 239 27.77 20.61 19.23
N PHE D 240 27.71 21.73 19.97
CA PHE D 240 28.94 22.22 20.59
C PHE D 240 29.51 21.23 21.61
N LEU D 241 28.72 20.25 22.05
CA LEU D 241 29.22 19.22 22.94
C LEU D 241 29.72 17.98 22.21
N SER D 242 29.85 18.03 20.87
CA SER D 242 30.24 16.82 20.15
C SER D 242 31.64 16.37 20.55
N VAL D 243 32.56 17.32 20.76
CA VAL D 243 33.91 16.96 21.17
C VAL D 243 33.89 16.32 22.55
N THR D 244 33.19 16.94 23.50
CA THR D 244 33.04 16.35 24.83
C THR D 244 32.57 14.91 24.75
N ASN D 245 31.58 14.64 23.90
CA ASN D 245 31.02 13.30 23.86
C ASN D 245 31.91 12.32 23.10
N CYS D 246 32.67 12.80 22.09
CA CYS D 246 33.70 11.95 21.50
C CYS D 246 34.80 11.62 22.50
N LEU D 247 35.21 12.60 23.31
CA LEU D 247 36.18 12.32 24.36
C LEU D 247 35.62 11.33 25.38
N LEU D 248 34.32 11.41 25.66
CA LEU D 248 33.70 10.46 26.58
C LEU D 248 33.75 9.05 26.00
N HIS D 249 33.38 8.91 24.72
CA HIS D 249 33.50 7.62 24.05
C HIS D 249 34.90 7.04 24.20
N ASN D 250 35.92 7.86 23.92
CA ASN D 250 37.29 7.37 24.01
C ASN D 250 37.65 6.99 25.44
N THR D 251 37.23 7.79 26.42
CA THR D 251 37.54 7.50 27.82
C THR D 251 36.91 6.18 28.27
N LEU D 252 35.65 5.94 27.91
CA LEU D 252 34.99 4.71 28.32
C LEU D 252 35.69 3.50 27.73
N LEU D 253 36.06 3.56 26.44
CA LEU D 253 36.77 2.44 25.83
C LEU D 253 38.15 2.24 26.47
N GLN D 254 38.82 3.34 26.85
CA GLN D 254 40.12 3.22 27.52
C GLN D 254 39.99 2.52 28.86
N HIS D 255 38.81 2.60 29.46
CA HIS D 255 38.51 1.96 30.76
C HIS D 255 37.72 0.66 30.59
N GLN D 256 37.54 0.21 29.36
CA GLN D 256 36.89 -1.06 29.06
C GLN D 256 35.43 -1.09 29.53
N VAL D 257 34.75 0.05 29.40
CA VAL D 257 33.31 0.16 29.65
C VAL D 257 32.62 0.12 28.29
N GLY D 258 32.12 -1.05 27.93
CA GLY D 258 31.37 -1.17 26.69
C GLY D 258 30.09 -0.35 26.74
N HIS D 259 29.70 0.15 25.57
CA HIS D 259 28.55 1.04 25.49
C HIS D 259 28.17 1.21 24.04
N GLU D 260 26.93 1.65 23.81
CA GLU D 260 26.49 2.10 22.50
C GLU D 260 26.83 3.59 22.37
N PHE D 261 27.46 3.96 21.26
CA PHE D 261 27.77 5.36 20.98
C PHE D 261 27.21 5.73 19.62
N ARG D 262 26.50 6.85 19.55
CA ARG D 262 25.96 7.34 18.29
C ARG D 262 26.32 8.80 18.14
N MET D 263 26.90 9.16 17.00
CA MET D 263 27.02 10.55 16.63
C MET D 263 26.24 10.69 15.33
N LYS D 264 25.09 11.35 15.41
CA LYS D 264 24.18 11.49 14.27
C LYS D 264 24.22 12.92 13.77
N ASP D 265 23.65 13.13 12.59
CA ASP D 265 23.47 14.49 12.11
C ASP D 265 22.54 15.23 13.06
N GLY D 266 22.90 16.44 13.44
CA GLY D 266 22.00 17.21 14.27
C GLY D 266 22.77 18.15 15.18
N SER D 267 22.01 18.98 15.86
CA SER D 267 22.54 20.02 16.70
C SER D 267 21.99 19.86 18.11
N HIS D 268 22.26 20.85 18.95
CA HIS D 268 21.79 20.89 20.33
C HIS D 268 20.35 21.40 20.31
N SER D 269 19.43 20.53 19.89
CA SER D 269 18.08 21.01 19.58
C SER D 269 17.05 19.96 19.95
N TRP D 270 15.80 20.40 20.10
CA TRP D 270 14.69 19.49 20.36
C TRP D 270 14.36 18.60 19.18
N THR D 271 14.73 18.98 17.95
CA THR D 271 14.64 18.03 16.85
C THR D 271 15.48 16.79 17.16
N TYR D 272 16.71 16.99 17.64
CA TYR D 272 17.55 15.87 17.99
C TYR D 272 16.96 15.04 19.13
N TRP D 273 16.50 15.70 20.20
CA TRP D 273 16.06 14.96 21.37
C TRP D 273 14.72 14.26 21.14
N ARG D 274 13.81 14.85 20.34
CA ARG D 274 12.60 14.12 19.99
C ARG D 274 12.91 12.94 19.07
N MET D 275 13.90 13.08 18.20
CA MET D 275 14.33 11.95 17.38
C MET D 275 14.89 10.84 18.27
N GLU D 276 15.65 11.20 19.29
CA GLU D 276 16.29 10.19 20.11
C GLU D 276 15.36 9.55 21.13
N LEU D 277 14.27 10.22 21.54
CA LEU D 277 13.43 9.64 22.60
C LEU D 277 12.90 8.26 22.24
N PRO D 278 12.30 8.00 21.07
CA PRO D 278 11.85 6.63 20.78
C PRO D 278 13.00 5.64 20.67
N GLU D 279 14.20 6.10 20.30
CA GLU D 279 15.36 5.22 20.30
C GLU D 279 15.76 4.83 21.70
N VAL D 280 15.75 5.78 22.63
CA VAL D 280 16.01 5.48 24.04
C VAL D 280 14.96 4.51 24.56
N MET D 281 13.69 4.74 24.22
CA MET D 281 12.64 3.83 24.72
C MET D 281 12.85 2.41 24.21
N ARG D 282 13.18 2.26 22.93
CA ARG D 282 13.43 0.92 22.40
C ARG D 282 14.65 0.29 23.07
N PHE D 283 15.68 1.09 23.28
CA PHE D 283 16.90 0.59 23.92
C PHE D 283 16.63 0.08 25.32
N VAL D 284 15.97 0.88 26.18
CA VAL D 284 15.75 0.41 27.55
C VAL D 284 14.68 -0.66 27.60
N SER D 285 13.67 -0.59 26.73
CA SER D 285 12.62 -1.61 26.71
C SER D 285 13.19 -3.00 26.41
N ARG D 286 14.10 -3.10 25.44
CA ARG D 286 14.73 -4.38 25.16
C ARG D 286 15.44 -4.93 26.39
N ILE D 287 16.03 -4.05 27.19
CA ILE D 287 16.70 -4.46 28.43
C ILE D 287 15.66 -4.86 29.48
N PHE D 288 14.57 -4.12 29.57
CA PHE D 288 13.48 -4.45 30.51
C PHE D 288 12.86 -5.80 30.20
N THR D 289 12.61 -6.09 28.93
CA THR D 289 11.93 -7.32 28.55
C THR D 289 12.89 -8.50 28.38
N GLN D 290 14.21 -8.25 28.34
CA GLN D 290 15.22 -9.22 27.92
C GLN D 290 15.05 -9.57 26.44
N TYR D 291 16.04 -10.22 25.84
CA TYR D 291 16.01 -10.57 24.42
C TYR D 291 16.98 -11.72 24.07
N GLN E 24 8.11 -9.04 -20.44
CA GLN E 24 7.02 -9.61 -19.65
C GLN E 24 5.94 -10.23 -20.53
N GLN E 25 6.08 -10.07 -21.85
CA GLN E 25 5.04 -10.49 -22.79
C GLN E 25 5.52 -11.70 -23.61
N GLY E 26 4.69 -12.73 -23.65
CA GLY E 26 4.86 -13.82 -24.60
C GLY E 26 4.40 -13.37 -25.96
N LYS E 27 4.16 -14.32 -26.85
CA LYS E 27 3.70 -13.95 -28.17
C LYS E 27 2.80 -15.05 -28.71
N VAL E 28 2.01 -14.72 -29.71
CA VAL E 28 1.08 -15.66 -30.33
C VAL E 28 1.36 -15.71 -31.83
N TYR E 29 1.44 -16.93 -32.39
CA TYR E 29 1.37 -17.11 -33.83
C TYR E 29 0.00 -17.71 -34.15
N GLU E 30 -0.75 -17.06 -35.05
CA GLU E 30 -2.07 -17.51 -35.46
C GLU E 30 -2.12 -18.13 -36.86
N THR E 31 -1.10 -17.91 -37.69
CA THR E 31 -1.21 -18.22 -39.11
C THR E 31 -0.41 -19.44 -39.53
N ARG E 32 0.20 -20.17 -38.59
CA ARG E 32 0.97 -21.34 -38.97
C ARG E 32 0.06 -22.55 -39.13
N THR E 33 0.59 -23.58 -39.82
CA THR E 33 -0.18 -24.78 -40.13
C THR E 33 0.69 -26.01 -39.95
N VAL E 34 0.02 -27.17 -39.90
CA VAL E 34 0.69 -28.50 -39.84
C VAL E 34 0.23 -29.27 -41.09
N LYS E 35 1.17 -29.74 -41.92
CA LYS E 35 0.80 -30.45 -43.14
C LYS E 35 0.26 -31.81 -42.72
N SER E 36 -1.04 -32.02 -42.93
CA SER E 36 -1.70 -33.23 -42.45
C SER E 36 -1.93 -34.17 -43.62
N LYS E 37 -1.28 -35.33 -43.60
CA LYS E 37 -1.64 -36.36 -44.56
C LYS E 37 -2.99 -36.98 -44.20
N ILE E 38 -3.29 -37.06 -42.88
CA ILE E 38 -4.52 -37.71 -42.46
C ILE E 38 -5.73 -36.94 -42.98
N LEU E 39 -5.70 -35.62 -42.91
CA LEU E 39 -6.78 -34.79 -43.39
C LEU E 39 -6.54 -34.24 -44.79
N GLY E 40 -5.36 -34.48 -45.36
CA GLY E 40 -5.06 -34.04 -46.72
C GLY E 40 -5.04 -32.54 -46.93
N MET E 41 -4.53 -31.78 -45.97
CA MET E 41 -4.53 -30.32 -46.08
C MET E 41 -3.59 -29.72 -45.04
N GLU E 42 -3.24 -28.45 -45.26
CA GLU E 42 -2.61 -27.66 -44.21
C GLU E 42 -3.66 -27.33 -43.16
N ARG E 43 -3.36 -27.60 -41.90
CA ARG E 43 -4.31 -27.42 -40.82
C ARG E 43 -3.84 -26.31 -39.90
N SER E 44 -4.75 -25.38 -39.58
CA SER E 44 -4.42 -24.25 -38.72
C SER E 44 -4.33 -24.63 -37.25
N TYR E 45 -3.52 -23.87 -36.52
CA TYR E 45 -3.51 -23.84 -35.07
C TYR E 45 -2.99 -22.47 -34.67
N SER E 46 -3.27 -22.07 -33.43
CA SER E 46 -2.59 -20.95 -32.80
C SER E 46 -1.68 -21.48 -31.69
N ILE E 47 -0.64 -20.73 -31.38
CA ILE E 47 0.26 -21.13 -30.31
C ILE E 47 0.71 -19.89 -29.55
N TYR E 48 0.65 -19.98 -28.22
CA TYR E 48 1.20 -18.99 -27.30
C TYR E 48 2.56 -19.46 -26.84
N LEU E 49 3.59 -18.63 -27.02
CA LEU E 49 4.89 -18.92 -26.46
C LEU E 49 5.16 -17.97 -25.30
N PRO E 50 5.62 -18.46 -24.15
CA PRO E 50 5.73 -17.60 -22.97
C PRO E 50 6.85 -16.59 -23.08
N ALA E 51 6.78 -15.57 -22.21
CA ALA E 51 7.84 -14.57 -22.17
C ALA E 51 9.19 -15.26 -21.96
N GLY E 52 10.21 -14.77 -22.67
CA GLY E 52 11.51 -15.43 -22.49
C GLY E 52 11.68 -16.77 -23.18
N TYR E 53 10.69 -17.21 -23.98
CA TYR E 53 10.90 -18.37 -24.84
C TYR E 53 12.15 -18.21 -25.70
N ASP E 54 12.47 -16.99 -26.11
CA ASP E 54 13.57 -16.82 -27.05
C ASP E 54 14.93 -16.83 -26.38
N GLU E 55 14.98 -16.73 -25.05
CA GLU E 55 16.23 -16.71 -24.31
C GLU E 55 16.52 -18.10 -23.76
N GLY E 56 17.81 -18.42 -23.61
CA GLY E 56 18.10 -19.75 -23.10
C GLY E 56 17.76 -20.81 -24.14
N ASP E 57 17.84 -22.10 -23.73
CA ASP E 57 17.60 -23.18 -24.68
C ASP E 57 16.64 -24.24 -24.15
N GLY E 58 15.92 -23.97 -23.06
CA GLY E 58 15.14 -24.98 -22.38
C GLY E 58 13.82 -25.27 -23.07
N SER E 59 13.10 -26.26 -22.52
CA SER E 59 11.84 -26.70 -23.08
C SER E 59 10.72 -26.52 -22.06
N TYR E 60 9.48 -26.56 -22.55
CA TYR E 60 8.31 -26.18 -21.78
C TYR E 60 7.24 -27.26 -21.85
N PRO E 61 6.44 -27.40 -20.79
CA PRO E 61 5.22 -28.20 -20.88
C PRO E 61 4.20 -27.48 -21.75
N VAL E 62 3.17 -28.22 -22.17
CA VAL E 62 2.18 -27.74 -23.13
C VAL E 62 0.78 -28.00 -22.60
N LEU E 63 -0.07 -26.99 -22.71
CA LEU E 63 -1.50 -27.10 -22.50
C LEU E 63 -2.18 -26.97 -23.87
N TYR E 64 -2.90 -28.01 -24.28
CA TYR E 64 -3.75 -27.94 -25.46
C TYR E 64 -5.10 -27.39 -25.02
N LEU E 65 -5.58 -26.38 -25.74
CA LEU E 65 -6.72 -25.56 -25.30
C LEU E 65 -7.72 -25.49 -26.44
N LEU E 66 -8.90 -26.10 -26.27
CA LEU E 66 -9.82 -26.38 -27.37
C LEU E 66 -11.00 -25.42 -27.38
N HIS E 67 -11.37 -24.97 -28.58
CA HIS E 67 -12.45 -24.00 -28.73
C HIS E 67 -13.82 -24.69 -28.79
N GLY E 68 -14.88 -23.88 -28.73
CA GLY E 68 -16.24 -24.36 -28.82
C GLY E 68 -16.77 -24.25 -30.25
N LEU E 69 -18.04 -24.65 -30.40
CA LEU E 69 -18.67 -24.73 -31.71
C LEU E 69 -18.84 -23.34 -32.33
N GLY E 70 -18.40 -23.18 -33.57
CA GLY E 70 -18.53 -21.93 -34.29
C GLY E 70 -17.28 -21.05 -34.26
N ASP E 71 -16.36 -21.30 -33.33
CA ASP E 71 -15.07 -20.62 -33.32
C ASP E 71 -14.01 -21.50 -33.95
N ASN E 72 -12.83 -20.90 -34.20
CA ASN E 72 -11.71 -21.71 -34.65
C ASN E 72 -10.50 -21.41 -33.78
N HIS E 73 -9.30 -21.62 -34.32
CA HIS E 73 -8.06 -21.45 -33.57
C HIS E 73 -7.82 -20.02 -33.11
N THR E 74 -8.57 -19.05 -33.62
CA THR E 74 -8.48 -17.68 -33.14
C THR E 74 -9.41 -17.39 -31.97
N GLY E 75 -10.28 -18.34 -31.60
CA GLY E 75 -11.27 -18.08 -30.56
C GLY E 75 -10.64 -17.82 -29.19
N TRP E 76 -9.76 -18.72 -28.74
CA TRP E 76 -9.08 -18.50 -27.46
C TRP E 76 -8.11 -17.31 -27.50
N VAL E 77 -7.70 -16.88 -28.69
CA VAL E 77 -6.81 -15.73 -28.82
C VAL E 77 -7.58 -14.44 -28.64
N GLN E 78 -8.62 -14.25 -29.46
CA GLN E 78 -9.37 -13.00 -29.50
C GLN E 78 -10.39 -12.90 -28.37
N PHE E 79 -11.16 -13.96 -28.13
CA PHE E 79 -12.16 -13.91 -27.07
C PHE E 79 -11.58 -14.36 -25.74
N GLY E 80 -10.77 -15.42 -25.75
CA GLY E 80 -10.17 -15.91 -24.53
C GLY E 80 -9.06 -15.03 -24.02
N GLN E 81 -8.51 -14.15 -24.87
CA GLN E 81 -7.45 -13.24 -24.48
C GLN E 81 -6.28 -14.02 -23.85
N VAL E 82 -5.93 -15.13 -24.50
CA VAL E 82 -4.94 -16.05 -23.95
C VAL E 82 -3.62 -15.34 -23.68
N GLN E 83 -3.22 -14.41 -24.56
CA GLN E 83 -1.89 -13.81 -24.41
C GLN E 83 -1.82 -12.97 -23.15
N TYR E 84 -2.78 -12.06 -22.99
CA TYR E 84 -2.81 -11.21 -21.80
C TYR E 84 -2.92 -12.03 -20.53
N ILE E 85 -3.83 -13.01 -20.52
CA ILE E 85 -4.10 -13.77 -19.29
C ILE E 85 -2.91 -14.66 -18.93
N ALA E 86 -2.33 -15.35 -19.91
CA ALA E 86 -1.16 -16.18 -19.64
C ALA E 86 0.05 -15.33 -19.25
N ASP E 87 0.28 -14.21 -19.96
CA ASP E 87 1.38 -13.31 -19.57
C ASP E 87 1.26 -12.92 -18.10
N LYS E 88 0.06 -12.51 -17.68
CA LYS E 88 -0.15 -12.05 -16.31
C LYS E 88 0.03 -13.18 -15.32
N ALA E 89 -0.54 -14.36 -15.60
CA ALA E 89 -0.44 -15.48 -14.67
C ALA E 89 1.01 -15.91 -14.48
N ILE E 90 1.78 -15.94 -15.58
CA ILE E 90 3.17 -16.36 -15.48
C ILE E 90 4.01 -15.28 -14.80
N ALA E 91 3.78 -14.01 -15.17
CA ALA E 91 4.57 -12.93 -14.58
C ALA E 91 4.36 -12.84 -13.08
N GLU E 92 3.13 -13.10 -12.61
CA GLU E 92 2.81 -13.03 -11.20
C GLU E 92 3.22 -14.28 -10.42
N GLY E 93 3.72 -15.30 -11.10
CA GLY E 93 4.03 -16.54 -10.41
C GLY E 93 2.84 -17.40 -10.07
N LYS E 94 1.63 -17.07 -10.57
CA LYS E 94 0.49 -17.95 -10.37
C LYS E 94 0.61 -19.22 -11.21
N SER E 95 1.32 -19.14 -12.31
CA SER E 95 1.57 -20.26 -13.18
C SER E 95 3.04 -20.27 -13.55
N ALA E 96 3.60 -21.47 -13.68
CA ALA E 96 4.91 -21.61 -14.30
C ALA E 96 4.76 -21.38 -15.81
N PRO E 97 5.85 -21.01 -16.48
CA PRO E 97 5.77 -20.82 -17.95
C PRO E 97 5.31 -22.10 -18.64
N MET E 98 4.48 -21.93 -19.67
CA MET E 98 4.04 -23.06 -20.45
C MET E 98 3.70 -22.58 -21.85
N ILE E 99 3.72 -23.51 -22.79
CA ILE E 99 3.24 -23.29 -24.16
C ILE E 99 1.79 -23.69 -24.21
N ILE E 100 0.98 -22.93 -24.97
CA ILE E 100 -0.44 -23.19 -25.11
C ILE E 100 -0.74 -23.32 -26.60
N VAL E 101 -1.33 -24.46 -26.99
CA VAL E 101 -1.63 -24.76 -28.38
C VAL E 101 -3.13 -24.81 -28.56
N MET E 102 -3.64 -24.08 -29.55
CA MET E 102 -5.07 -23.95 -29.81
C MET E 102 -5.38 -24.46 -31.23
N PRO E 103 -5.85 -25.69 -31.35
CA PRO E 103 -6.10 -26.26 -32.69
C PRO E 103 -7.32 -25.65 -33.33
N ASP E 104 -7.37 -25.74 -34.66
CA ASP E 104 -8.55 -25.39 -35.44
C ASP E 104 -9.36 -26.67 -35.64
N ALA E 105 -10.52 -26.75 -35.00
CA ALA E 105 -11.45 -27.87 -35.21
C ALA E 105 -12.76 -27.37 -35.80
N ASP E 106 -12.66 -26.39 -36.69
CA ASP E 106 -13.80 -25.76 -37.32
C ASP E 106 -13.80 -25.86 -38.84
N THR E 107 -12.64 -25.69 -39.48
CA THR E 107 -12.57 -25.70 -40.94
C THR E 107 -12.90 -27.10 -41.47
N VAL E 108 -13.66 -27.14 -42.57
CA VAL E 108 -14.15 -28.35 -43.26
C VAL E 108 -15.28 -29.01 -42.49
N HIS E 109 -15.01 -29.46 -41.27
CA HIS E 109 -16.03 -30.00 -40.39
C HIS E 109 -15.77 -29.50 -38.98
N LYS E 110 -16.83 -29.31 -38.22
CA LYS E 110 -16.74 -28.80 -36.86
C LYS E 110 -16.75 -29.99 -35.90
N GLY E 111 -15.73 -30.08 -35.05
CA GLY E 111 -15.70 -31.15 -34.07
C GLY E 111 -14.37 -31.85 -33.92
N TYR E 112 -14.20 -32.63 -32.86
CA TYR E 112 -12.89 -33.13 -32.47
C TYR E 112 -12.67 -34.61 -32.82
N PHE E 113 -13.65 -35.31 -33.35
CA PHE E 113 -13.57 -36.75 -33.43
C PHE E 113 -13.66 -37.25 -34.87
N ASN E 114 -13.27 -38.52 -35.05
CA ASN E 114 -13.34 -39.15 -36.37
C ASN E 114 -14.81 -39.26 -36.81
N LEU E 115 -15.11 -38.79 -38.02
CA LEU E 115 -16.46 -38.92 -38.55
C LEU E 115 -16.75 -40.38 -38.89
N LEU E 116 -18.05 -40.73 -38.87
CA LEU E 116 -18.46 -42.12 -39.03
C LEU E 116 -18.20 -42.67 -40.43
N ASP E 117 -18.12 -41.81 -41.44
CA ASP E 117 -17.95 -42.27 -42.81
C ASP E 117 -16.49 -42.45 -43.20
N GLY E 118 -15.55 -42.26 -42.27
CA GLY E 118 -14.16 -42.48 -42.57
C GLY E 118 -13.48 -41.41 -43.38
N THR E 119 -14.18 -40.31 -43.68
CA THR E 119 -13.64 -39.27 -44.55
C THR E 119 -12.90 -38.16 -43.81
N TYR E 120 -12.91 -38.16 -42.48
CA TYR E 120 -12.36 -37.02 -41.73
C TYR E 120 -11.96 -37.50 -40.34
N ASN E 121 -10.74 -38.02 -40.23
CA ASN E 121 -10.25 -38.62 -38.98
C ASN E 121 -9.55 -37.57 -38.12
N TYR E 122 -10.34 -36.63 -37.60
CA TYR E 122 -9.75 -35.51 -36.87
C TYR E 122 -9.05 -35.95 -35.59
N GLU E 123 -9.62 -36.91 -34.85
CA GLU E 123 -8.95 -37.35 -33.63
C GLU E 123 -7.60 -37.98 -33.95
N ASP E 124 -7.54 -38.83 -34.99
CA ASP E 124 -6.26 -39.36 -35.44
C ASP E 124 -5.27 -38.24 -35.79
N PHE E 125 -5.74 -37.20 -36.49
CA PHE E 125 -4.88 -36.07 -36.82
C PHE E 125 -4.30 -35.44 -35.56
N PHE E 126 -5.14 -35.20 -34.54
CA PHE E 126 -4.67 -34.53 -33.34
C PHE E 126 -3.54 -35.30 -32.68
N PHE E 127 -3.72 -36.61 -32.52
CA PHE E 127 -2.71 -37.38 -31.79
C PHE E 127 -1.53 -37.77 -32.67
N GLN E 128 -1.78 -38.11 -33.93
CA GLN E 128 -0.70 -38.63 -34.76
C GLN E 128 0.05 -37.55 -35.54
N GLU E 129 -0.50 -36.34 -35.67
CA GLU E 129 0.17 -35.34 -36.48
C GLU E 129 0.37 -34.03 -35.73
N LEU E 130 -0.69 -33.51 -35.10
CA LEU E 130 -0.56 -32.21 -34.43
C LEU E 130 0.41 -32.28 -33.26
N ILE E 131 0.22 -33.22 -32.34
CA ILE E 131 1.11 -33.31 -31.18
C ILE E 131 2.57 -33.53 -31.61
N PRO E 132 2.89 -34.49 -32.49
CA PRO E 132 4.28 -34.60 -32.95
C PRO E 132 4.80 -33.36 -33.66
N HIS E 133 3.95 -32.67 -34.43
CA HIS E 133 4.39 -31.45 -35.09
C HIS E 133 4.77 -30.36 -34.09
N ILE E 134 3.95 -30.16 -33.06
CA ILE E 134 4.26 -29.18 -32.01
C ILE E 134 5.58 -29.53 -31.34
N GLU E 135 5.78 -30.82 -31.02
CA GLU E 135 6.98 -31.25 -30.32
C GLU E 135 8.23 -31.13 -31.19
N LYS E 136 8.09 -31.24 -32.50
CA LYS E 136 9.23 -31.07 -33.40
C LYS E 136 9.55 -29.60 -33.67
N THR E 137 8.53 -28.75 -33.74
CA THR E 137 8.68 -27.37 -34.20
C THR E 137 9.06 -26.39 -33.09
N TYR E 138 8.69 -26.68 -31.83
CA TYR E 138 8.91 -25.81 -30.67
C TYR E 138 9.68 -26.54 -29.59
N ARG E 139 10.19 -25.78 -28.60
CA ARG E 139 10.95 -26.36 -27.50
C ARG E 139 9.99 -26.90 -26.45
N VAL E 140 9.56 -28.13 -26.65
CA VAL E 140 8.47 -28.75 -25.90
C VAL E 140 9.04 -29.93 -25.13
N ARG E 141 8.64 -30.08 -23.86
CA ARG E 141 8.97 -31.32 -23.12
C ARG E 141 7.99 -32.38 -23.58
N ALA E 142 8.45 -33.31 -24.42
CA ALA E 142 7.55 -34.21 -25.15
C ALA E 142 7.27 -35.48 -24.35
N GLU E 143 6.64 -35.32 -23.20
CA GLU E 143 6.22 -36.44 -22.35
C GLU E 143 4.84 -36.18 -21.78
N SER E 144 4.12 -37.25 -21.48
CA SER E 144 2.76 -37.10 -20.95
C SER E 144 2.71 -36.33 -19.63
N ARG E 145 3.73 -36.48 -18.78
CA ARG E 145 3.76 -35.74 -17.52
C ARG E 145 3.84 -34.24 -17.73
N TYR E 146 4.11 -33.80 -18.96
CA TYR E 146 4.19 -32.39 -19.32
C TYR E 146 3.13 -32.02 -20.34
N ARG E 147 2.03 -32.76 -20.42
CA ARG E 147 1.01 -32.52 -21.42
C ARG E 147 -0.36 -32.48 -20.75
N ALA E 148 -1.06 -31.36 -20.92
CA ALA E 148 -2.40 -31.21 -20.36
C ALA E 148 -3.35 -30.78 -21.47
N ILE E 149 -4.65 -30.91 -21.24
CA ILE E 149 -5.62 -30.52 -22.26
C ILE E 149 -6.84 -29.94 -21.55
N SER E 150 -7.40 -28.88 -22.14
CA SER E 150 -8.57 -28.18 -21.62
C SER E 150 -9.37 -27.67 -22.81
N GLY E 151 -10.64 -27.33 -22.55
CA GLY E 151 -11.47 -26.77 -23.60
C GLY E 151 -12.82 -26.36 -23.03
N LEU E 152 -13.57 -25.60 -23.84
CA LEU E 152 -14.88 -25.11 -23.43
C LEU E 152 -15.96 -25.65 -24.35
N SER E 153 -17.12 -25.96 -23.76
CA SER E 153 -18.32 -26.39 -24.50
C SER E 153 -17.99 -27.60 -25.38
N MET E 154 -18.12 -27.46 -26.70
CA MET E 154 -17.70 -28.55 -27.60
C MET E 154 -16.27 -28.99 -27.30
N GLY E 155 -15.37 -28.04 -27.04
CA GLY E 155 -14.00 -28.37 -26.70
C GLY E 155 -13.82 -28.96 -25.31
N GLY E 156 -14.77 -28.72 -24.41
CA GLY E 156 -14.74 -29.42 -23.13
C GLY E 156 -15.03 -30.89 -23.28
N GLY E 157 -16.03 -31.22 -24.11
CA GLY E 157 -16.25 -32.62 -24.48
C GLY E 157 -15.09 -33.19 -25.27
N GLY E 158 -14.45 -32.38 -26.11
CA GLY E 158 -13.25 -32.85 -26.79
C GLY E 158 -12.16 -33.21 -25.80
N ALA E 159 -11.86 -32.32 -24.85
CA ALA E 159 -10.85 -32.60 -23.84
C ALA E 159 -11.21 -33.86 -23.04
N LEU E 160 -12.47 -33.97 -22.65
CA LEU E 160 -12.92 -35.10 -21.83
C LEU E 160 -12.73 -36.43 -22.55
N PHE E 161 -13.23 -36.54 -23.77
CA PHE E 161 -13.18 -37.82 -24.43
C PHE E 161 -11.82 -38.10 -25.08
N TYR E 162 -11.04 -37.06 -25.43
CA TYR E 162 -9.64 -37.30 -25.80
C TYR E 162 -8.91 -38.02 -24.67
N ALA E 163 -9.14 -37.58 -23.44
CA ALA E 163 -8.47 -38.15 -22.28
C ALA E 163 -9.02 -39.52 -21.94
N LEU E 164 -10.33 -39.73 -22.11
CA LEU E 164 -10.88 -41.06 -21.86
C LEU E 164 -10.45 -42.05 -22.92
N HIS E 165 -10.26 -41.58 -24.16
CA HIS E 165 -9.78 -42.47 -25.22
C HIS E 165 -8.30 -42.78 -25.08
N TYR E 166 -7.49 -41.78 -24.73
CA TYR E 166 -6.03 -41.92 -24.69
C TYR E 166 -5.48 -41.39 -23.36
N PRO E 167 -5.84 -42.02 -22.24
CA PRO E 167 -5.43 -41.46 -20.94
C PRO E 167 -3.93 -41.49 -20.73
N GLU E 168 -3.20 -42.35 -21.45
CA GLU E 168 -1.74 -42.37 -21.36
C GLU E 168 -1.11 -41.10 -21.92
N MET E 169 -1.86 -40.27 -22.62
CA MET E 169 -1.28 -39.09 -23.27
C MET E 169 -1.33 -37.82 -22.43
N PHE E 170 -2.04 -37.81 -21.29
CA PHE E 170 -2.21 -36.56 -20.54
C PHE E 170 -2.00 -36.78 -19.06
N VAL E 171 -1.45 -35.76 -18.40
CA VAL E 171 -1.30 -35.77 -16.96
C VAL E 171 -2.44 -35.03 -16.27
N ALA E 172 -3.08 -34.09 -16.97
CA ALA E 172 -4.10 -33.22 -16.41
C ALA E 172 -5.09 -32.84 -17.50
N VAL E 173 -6.37 -32.79 -17.14
CA VAL E 173 -7.46 -32.55 -18.09
C VAL E 173 -8.46 -31.61 -17.44
N ALA E 174 -8.87 -30.55 -18.14
CA ALA E 174 -9.73 -29.52 -17.56
C ALA E 174 -10.91 -29.19 -18.48
N PRO E 175 -11.97 -30.00 -18.46
CA PRO E 175 -13.18 -29.66 -19.25
C PRO E 175 -13.96 -28.52 -18.61
N LEU E 176 -14.19 -27.45 -19.37
CA LEU E 176 -14.92 -26.28 -18.92
C LEU E 176 -16.27 -26.22 -19.61
N SER E 177 -17.35 -26.11 -18.81
CA SER E 177 -18.71 -26.02 -19.33
C SER E 177 -18.93 -27.07 -20.42
N ALA E 178 -18.51 -28.31 -20.11
CA ALA E 178 -18.32 -29.31 -21.14
C ALA E 178 -19.64 -29.91 -21.58
N VAL E 179 -19.76 -30.08 -22.90
CA VAL E 179 -20.90 -30.83 -23.50
C VAL E 179 -20.64 -32.31 -23.22
N GLY E 180 -21.69 -33.10 -23.28
CA GLY E 180 -21.62 -34.53 -22.99
C GLY E 180 -21.40 -35.41 -24.22
N GLY E 181 -21.33 -36.72 -23.96
CA GLY E 181 -21.07 -37.66 -25.03
C GLY E 181 -22.21 -37.79 -26.03
N ALA E 182 -23.45 -37.71 -25.55
CA ALA E 182 -24.60 -37.83 -26.45
C ALA E 182 -24.63 -36.66 -27.44
N TRP E 183 -24.42 -35.44 -26.95
CA TRP E 183 -24.36 -34.28 -27.84
C TRP E 183 -23.21 -34.44 -28.83
N THR E 184 -22.04 -34.85 -28.34
CA THR E 184 -20.87 -34.99 -29.20
C THR E 184 -21.15 -36.01 -30.30
N PHE E 185 -21.71 -37.16 -29.94
CA PHE E 185 -21.99 -38.21 -30.91
C PHE E 185 -23.05 -37.78 -31.92
N ASP E 186 -24.09 -37.07 -31.46
CA ASP E 186 -25.10 -36.58 -32.38
C ASP E 186 -24.49 -35.63 -33.40
N GLN E 187 -23.54 -34.80 -32.96
CA GLN E 187 -22.90 -33.87 -33.86
C GLN E 187 -22.00 -34.59 -34.86
N MET E 188 -21.33 -35.67 -34.42
CA MET E 188 -20.54 -36.49 -35.37
C MET E 188 -21.42 -37.09 -36.45
N LYS E 189 -22.62 -37.57 -36.06
CA LYS E 189 -23.55 -38.15 -37.01
C LYS E 189 -24.03 -37.12 -38.02
N ASN E 190 -24.36 -35.91 -37.56
CA ASN E 190 -24.87 -34.88 -38.44
C ASN E 190 -23.82 -34.36 -39.41
N GLN E 191 -22.54 -34.62 -39.14
CA GLN E 191 -21.46 -34.20 -40.03
C GLN E 191 -21.02 -35.33 -40.96
N SER E 192 -21.55 -36.53 -40.78
CA SER E 192 -21.18 -37.71 -41.55
C SER E 192 -22.20 -38.01 -42.64
N ASP E 193 -21.71 -38.63 -43.71
CA ASP E 193 -22.57 -39.24 -44.72
C ASP E 193 -23.00 -40.60 -44.18
N LEU E 194 -24.20 -40.66 -43.60
CA LEU E 194 -24.66 -41.88 -42.96
C LEU E 194 -25.08 -42.95 -43.94
N SER E 195 -25.20 -42.63 -45.23
CA SER E 195 -25.51 -43.65 -46.22
C SER E 195 -24.43 -44.71 -46.31
N LYS E 196 -23.19 -44.38 -45.95
CA LYS E 196 -22.09 -45.31 -46.01
C LYS E 196 -21.79 -45.96 -44.66
N VAL E 197 -22.56 -45.65 -43.63
CA VAL E 197 -22.27 -46.07 -42.26
C VAL E 197 -23.25 -47.17 -41.87
N SER E 198 -22.72 -48.31 -41.46
CA SER E 198 -23.57 -49.42 -41.01
C SER E 198 -24.13 -49.13 -39.62
N GLU E 199 -25.27 -49.77 -39.31
CA GLU E 199 -25.86 -49.63 -37.98
C GLU E 199 -24.97 -50.23 -36.89
N GLU E 200 -24.18 -51.25 -37.23
CA GLU E 200 -23.22 -51.77 -36.27
C GLU E 200 -22.14 -50.75 -35.97
N LYS E 201 -21.74 -49.96 -36.98
CA LYS E 201 -20.71 -48.94 -36.75
C LYS E 201 -21.23 -47.84 -35.86
N LYS E 202 -22.48 -47.42 -36.06
CA LYS E 202 -23.09 -46.44 -35.16
C LYS E 202 -23.09 -46.94 -33.72
N ALA E 203 -23.36 -48.23 -33.53
CA ALA E 203 -23.41 -48.78 -32.18
C ALA E 203 -22.04 -48.82 -31.53
N GLU E 204 -20.99 -49.09 -32.31
CA GLU E 204 -19.64 -49.16 -31.75
C GLU E 204 -19.16 -47.78 -31.29
N VAL E 205 -19.30 -46.77 -32.14
CA VAL E 205 -18.86 -45.44 -31.78
C VAL E 205 -19.73 -44.84 -30.67
N LEU E 206 -21.03 -45.14 -30.65
CA LEU E 206 -21.89 -44.69 -29.56
C LEU E 206 -21.34 -45.12 -28.21
N GLY E 207 -20.92 -46.39 -28.09
CA GLY E 207 -20.31 -46.84 -26.86
C GLY E 207 -18.99 -46.16 -26.55
N GLN E 208 -18.22 -45.84 -27.60
CA GLN E 208 -16.93 -45.16 -27.40
C GLN E 208 -17.11 -43.70 -27.01
N MET E 209 -18.30 -43.13 -27.18
CA MET E 209 -18.58 -41.75 -26.79
C MET E 209 -19.53 -41.70 -25.60
N ASP E 210 -19.53 -42.74 -24.77
CA ASP E 210 -20.37 -42.83 -23.58
C ASP E 210 -19.49 -43.08 -22.37
N ILE E 211 -19.51 -42.13 -21.42
CA ILE E 211 -18.59 -42.19 -20.29
C ILE E 211 -18.85 -43.43 -19.45
N GLN E 212 -20.12 -43.75 -19.21
CA GLN E 212 -20.47 -44.93 -18.42
C GLN E 212 -19.89 -46.20 -19.06
N THR E 213 -20.05 -46.35 -20.37
CA THR E 213 -19.53 -47.54 -21.04
C THR E 213 -18.02 -47.61 -20.93
N ILE E 214 -17.34 -46.47 -21.19
CA ILE E 214 -15.87 -46.45 -21.10
C ILE E 214 -15.41 -46.84 -19.70
N LEU E 215 -16.04 -46.28 -18.68
CA LEU E 215 -15.62 -46.58 -17.31
C LEU E 215 -15.97 -48.01 -16.90
N GLU E 216 -17.06 -48.58 -17.44
CA GLU E 216 -17.46 -49.92 -17.03
C GLU E 216 -16.70 -51.00 -17.78
N LYS E 217 -16.31 -50.72 -19.02
CA LYS E 217 -15.75 -51.74 -19.90
C LYS E 217 -14.26 -51.61 -20.13
N SER E 218 -13.61 -50.55 -19.65
CA SER E 218 -12.18 -50.42 -19.88
C SER E 218 -11.43 -51.45 -19.03
N PRO E 219 -10.32 -52.00 -19.55
CA PRO E 219 -9.49 -52.89 -18.73
C PRO E 219 -8.86 -52.11 -17.58
N LYS E 220 -8.39 -52.86 -16.58
CA LYS E 220 -7.89 -52.24 -15.32
C LYS E 220 -6.75 -51.26 -15.62
N GLU E 221 -5.86 -51.63 -16.55
CA GLU E 221 -4.71 -50.76 -16.89
C GLU E 221 -5.25 -49.40 -17.36
N LYS E 222 -6.24 -49.41 -18.23
CA LYS E 222 -6.79 -48.16 -18.75
C LYS E 222 -7.52 -47.40 -17.64
N LEU E 223 -8.31 -48.10 -16.82
CA LEU E 223 -9.06 -47.42 -15.77
C LEU E 223 -8.13 -46.78 -14.74
N ASP E 224 -7.04 -47.46 -14.38
CA ASP E 224 -6.06 -46.90 -13.45
C ASP E 224 -5.44 -45.62 -14.01
N ARG E 225 -5.16 -45.57 -15.30
CA ARG E 225 -4.59 -44.36 -15.87
C ARG E 225 -5.62 -43.23 -15.88
N ILE E 226 -6.88 -43.56 -16.15
CA ILE E 226 -7.96 -42.56 -16.04
C ILE E 226 -8.03 -42.02 -14.61
N LYS E 227 -7.89 -42.91 -13.62
CA LYS E 227 -7.89 -42.45 -12.23
C LYS E 227 -6.63 -41.66 -11.88
N TRP E 228 -5.52 -41.94 -12.55
CA TRP E 228 -4.26 -41.25 -12.26
C TRP E 228 -4.27 -39.80 -12.77
N ILE E 229 -4.94 -39.56 -13.90
CA ILE E 229 -5.08 -38.20 -14.43
C ILE E 229 -5.64 -37.27 -13.38
N ARG E 230 -5.11 -36.05 -13.35
CA ARG E 230 -5.65 -34.99 -12.49
C ARG E 230 -6.71 -34.23 -13.29
N TRP E 231 -7.97 -34.38 -12.89
CA TRP E 231 -9.12 -33.78 -13.58
C TRP E 231 -9.57 -32.52 -12.86
N TYR E 232 -9.92 -31.49 -13.63
CA TYR E 232 -10.51 -30.26 -13.12
C TYR E 232 -11.73 -29.94 -13.97
N ILE E 233 -12.92 -30.12 -13.41
CA ILE E 233 -14.16 -29.98 -14.17
C ILE E 233 -14.93 -28.79 -13.60
N SER E 234 -15.21 -27.80 -14.45
CA SER E 234 -15.81 -26.55 -13.98
C SER E 234 -16.93 -26.13 -14.89
N CYS E 235 -18.03 -25.66 -14.30
CA CYS E 235 -19.20 -25.24 -15.07
C CYS E 235 -20.01 -24.25 -14.23
N GLY E 236 -20.55 -23.22 -14.87
CA GLY E 236 -21.34 -22.24 -14.15
C GLY E 236 -22.71 -22.78 -13.77
N ASP E 237 -23.25 -22.26 -12.66
CA ASP E 237 -24.53 -22.78 -12.17
C ASP E 237 -25.71 -22.36 -13.04
N ASP E 238 -25.57 -21.31 -13.87
CA ASP E 238 -26.65 -20.88 -14.76
C ASP E 238 -26.46 -21.40 -16.18
N ASP E 239 -25.43 -22.21 -16.40
CA ASP E 239 -25.19 -22.79 -17.71
C ASP E 239 -26.26 -23.83 -18.02
N PHE E 240 -26.74 -23.85 -19.26
CA PHE E 240 -27.67 -24.92 -19.63
C PHE E 240 -27.04 -26.30 -19.49
N LEU E 241 -25.71 -26.40 -19.38
CA LEU E 241 -25.03 -27.67 -19.17
C LEU E 241 -24.77 -27.98 -17.70
N SER E 242 -25.31 -27.19 -16.77
CA SER E 242 -24.98 -27.42 -15.36
C SER E 242 -25.46 -28.80 -14.91
N VAL E 243 -26.64 -29.22 -15.38
CA VAL E 243 -27.14 -30.55 -15.00
C VAL E 243 -26.24 -31.63 -15.58
N THR E 244 -25.90 -31.51 -16.87
CA THR E 244 -24.99 -32.47 -17.49
C THR E 244 -23.71 -32.61 -16.67
N ASN E 245 -23.15 -31.50 -16.20
CA ASN E 245 -21.88 -31.58 -15.49
C ASN E 245 -22.02 -32.03 -14.05
N CYS E 246 -23.13 -31.72 -13.38
CA CYS E 246 -23.39 -32.32 -12.09
C CYS E 246 -23.55 -33.83 -12.21
N LEU E 247 -24.24 -34.30 -13.26
CA LEU E 247 -24.33 -35.74 -13.49
C LEU E 247 -22.96 -36.36 -13.74
N LEU E 248 -22.08 -35.62 -14.42
CA LEU E 248 -20.72 -36.12 -14.64
C LEU E 248 -19.95 -36.26 -13.34
N HIS E 249 -20.05 -35.24 -12.47
CA HIS E 249 -19.46 -35.33 -11.14
C HIS E 249 -19.91 -36.59 -10.41
N ASN E 250 -21.23 -36.85 -10.41
CA ASN E 250 -21.74 -38.02 -9.70
C ASN E 250 -21.23 -39.32 -10.34
N THR E 251 -21.19 -39.38 -11.66
CA THR E 251 -20.72 -40.59 -12.35
C THR E 251 -19.25 -40.87 -12.03
N LEU E 252 -18.41 -39.84 -12.01
CA LEU E 252 -16.99 -40.05 -11.72
C LEU E 252 -16.81 -40.60 -10.31
N LEU E 253 -17.52 -40.02 -9.33
CA LEU E 253 -17.44 -40.53 -7.96
C LEU E 253 -17.99 -41.95 -7.86
N GLN E 254 -19.05 -42.26 -8.62
CA GLN E 254 -19.60 -43.62 -8.61
C GLN E 254 -18.56 -44.63 -9.10
N HIS E 255 -17.66 -44.20 -9.97
CA HIS E 255 -16.58 -45.07 -10.53
C HIS E 255 -15.25 -44.86 -9.83
N GLN E 256 -15.22 -44.09 -8.75
CA GLN E 256 -14.01 -43.86 -7.95
C GLN E 256 -12.90 -43.15 -8.73
N VAL E 257 -13.31 -42.24 -9.60
CA VAL E 257 -12.35 -41.36 -10.29
C VAL E 257 -12.36 -40.04 -9.52
N GLY E 258 -11.40 -39.82 -8.62
CA GLY E 258 -11.32 -38.55 -7.94
C GLY E 258 -10.96 -37.43 -8.89
N HIS E 259 -11.45 -36.24 -8.58
CA HIS E 259 -11.31 -35.11 -9.48
C HIS E 259 -11.66 -33.85 -8.71
N GLU E 260 -11.20 -32.72 -9.24
CA GLU E 260 -11.67 -31.43 -8.75
C GLU E 260 -12.95 -31.08 -9.51
N PHE E 261 -13.99 -30.68 -8.78
CA PHE E 261 -15.24 -30.23 -9.41
C PHE E 261 -15.56 -28.83 -8.90
N ARG E 262 -15.92 -27.93 -9.81
CA ARG E 262 -16.31 -26.57 -9.45
C ARG E 262 -17.62 -26.23 -10.14
N MET E 263 -18.58 -25.74 -9.37
CA MET E 263 -19.75 -25.11 -9.92
C MET E 263 -19.76 -23.69 -9.36
N LYS E 264 -19.43 -22.73 -10.19
CA LYS E 264 -19.31 -21.34 -9.78
C LYS E 264 -20.45 -20.53 -10.37
N ASP E 265 -20.65 -19.31 -9.87
CA ASP E 265 -21.65 -18.44 -10.48
C ASP E 265 -21.25 -18.13 -11.92
N GLY E 266 -22.18 -18.25 -12.84
CA GLY E 266 -21.88 -17.88 -14.21
C GLY E 266 -22.69 -18.68 -15.20
N SER E 267 -22.55 -18.30 -16.46
CA SER E 267 -23.33 -18.88 -17.54
C SER E 267 -22.38 -19.44 -18.59
N HIS E 268 -22.96 -19.82 -19.73
CA HIS E 268 -22.21 -20.32 -20.88
C HIS E 268 -21.66 -19.11 -21.65
N SER E 269 -20.58 -18.52 -21.11
CA SER E 269 -20.13 -17.24 -21.62
C SER E 269 -18.62 -17.12 -21.53
N TRP E 270 -18.07 -16.20 -22.32
CA TRP E 270 -16.64 -15.91 -22.27
C TRP E 270 -16.21 -15.24 -20.97
N THR E 271 -17.13 -14.60 -20.25
CA THR E 271 -16.80 -14.16 -18.90
C THR E 271 -16.38 -15.36 -18.04
N TYR E 272 -17.14 -16.46 -18.14
CA TYR E 272 -16.81 -17.65 -17.37
C TYR E 272 -15.48 -18.25 -17.81
N TRP E 273 -15.28 -18.38 -19.12
CA TRP E 273 -14.08 -19.08 -19.62
C TRP E 273 -12.83 -18.25 -19.42
N ARG E 274 -12.91 -16.92 -19.53
CA ARG E 274 -11.76 -16.10 -19.18
C ARG E 274 -11.46 -16.15 -17.68
N MET E 275 -12.50 -16.24 -16.85
CA MET E 275 -12.26 -16.40 -15.42
C MET E 275 -11.54 -17.71 -15.13
N GLU E 276 -11.95 -18.78 -15.82
CA GLU E 276 -11.39 -20.10 -15.52
C GLU E 276 -10.00 -20.32 -16.11
N LEU E 277 -9.61 -19.63 -17.18
CA LEU E 277 -8.33 -19.91 -17.80
C LEU E 277 -7.13 -19.79 -16.83
N PRO E 278 -6.98 -18.72 -16.05
CA PRO E 278 -5.85 -18.71 -15.10
C PRO E 278 -5.97 -19.77 -14.02
N GLU E 279 -7.18 -20.20 -13.67
CA GLU E 279 -7.34 -21.29 -12.72
C GLU E 279 -6.89 -22.63 -13.33
N VAL E 280 -7.22 -22.86 -14.61
CA VAL E 280 -6.70 -24.03 -15.32
C VAL E 280 -5.18 -23.97 -15.41
N MET E 281 -4.63 -22.79 -15.72
CA MET E 281 -3.17 -22.67 -15.80
C MET E 281 -2.51 -22.97 -14.46
N ARG E 282 -3.05 -22.42 -13.37
CA ARG E 282 -2.46 -22.72 -12.07
C ARG E 282 -2.59 -24.20 -11.74
N PHE E 283 -3.73 -24.80 -12.08
CA PHE E 283 -3.97 -26.22 -11.81
C PHE E 283 -2.94 -27.10 -12.52
N VAL E 284 -2.77 -26.92 -13.83
CA VAL E 284 -1.85 -27.80 -14.56
C VAL E 284 -0.40 -27.41 -14.25
N SER E 285 -0.12 -26.14 -14.01
CA SER E 285 1.25 -25.73 -13.66
C SER E 285 1.73 -26.46 -12.40
N ARG E 286 0.87 -26.53 -11.37
CA ARG E 286 1.23 -27.25 -10.16
C ARG E 286 1.54 -28.72 -10.46
N ILE E 287 0.81 -29.32 -11.40
CA ILE E 287 1.06 -30.71 -11.77
C ILE E 287 2.38 -30.82 -12.55
N PHE E 288 2.64 -29.86 -13.45
CA PHE E 288 3.88 -29.84 -14.22
C PHE E 288 5.10 -29.69 -13.31
N THR E 289 5.03 -28.80 -12.33
CA THR E 289 6.19 -28.55 -11.47
C THR E 289 6.28 -29.50 -10.28
N GLN E 290 5.22 -30.27 -10.00
CA GLN E 290 5.06 -31.03 -8.77
C GLN E 290 4.94 -30.12 -7.55
N TYR E 291 4.53 -30.66 -6.40
CA TYR E 291 4.35 -29.89 -5.16
C TYR E 291 4.37 -30.78 -3.92
N GLN F 24 10.75 3.87 -21.04
CA GLN F 24 10.52 4.71 -19.86
C GLN F 24 11.53 5.87 -19.79
N GLN F 25 12.66 5.73 -20.49
CA GLN F 25 13.76 6.69 -20.40
C GLN F 25 13.92 7.44 -21.72
N GLY F 26 13.93 8.77 -21.64
CA GLY F 26 14.35 9.60 -22.75
C GLY F 26 15.86 9.62 -22.84
N LYS F 27 16.37 10.60 -23.57
CA LYS F 27 17.81 10.72 -23.67
C LYS F 27 18.16 12.17 -23.88
N VAL F 28 19.42 12.49 -23.59
CA VAL F 28 19.93 13.85 -23.70
C VAL F 28 21.14 13.83 -24.63
N TYR F 29 21.18 14.75 -25.58
CA TYR F 29 22.38 15.05 -26.35
C TYR F 29 22.90 16.40 -25.90
N GLU F 30 24.17 16.44 -25.47
CA GLU F 30 24.81 17.66 -25.00
C GLU F 30 25.79 18.26 -25.98
N THR F 31 26.24 17.49 -26.98
CA THR F 31 27.40 17.90 -27.78
C THR F 31 27.03 18.37 -29.17
N ARG F 32 25.75 18.44 -29.52
CA ARG F 32 25.39 18.89 -30.86
C ARG F 32 25.36 20.41 -30.92
N THR F 33 25.51 20.95 -32.13
CA THR F 33 25.61 22.39 -32.32
C THR F 33 24.79 22.84 -33.52
N VAL F 34 24.51 24.13 -33.56
CA VAL F 34 23.88 24.77 -34.71
C VAL F 34 24.86 25.78 -35.30
N LYS F 35 25.01 25.76 -36.62
CA LYS F 35 25.84 26.71 -37.35
C LYS F 35 25.10 28.04 -37.43
N SER F 36 25.62 29.07 -36.75
CA SER F 36 24.94 30.36 -36.69
C SER F 36 25.64 31.34 -37.63
N LYS F 37 24.93 31.80 -38.66
CA LYS F 37 25.45 32.90 -39.45
C LYS F 37 25.42 34.21 -38.67
N ILE F 38 24.38 34.40 -37.85
CA ILE F 38 24.21 35.64 -37.10
C ILE F 38 25.36 35.85 -36.13
N LEU F 39 25.78 34.78 -35.46
CA LEU F 39 26.88 34.83 -34.50
C LEU F 39 28.21 34.38 -35.09
N GLY F 40 28.21 33.88 -36.32
CA GLY F 40 29.45 33.47 -36.97
C GLY F 40 30.15 32.32 -36.28
N MET F 41 29.40 31.32 -35.81
CA MET F 41 30.04 30.23 -35.10
C MET F 41 29.07 29.08 -34.96
N GLU F 42 29.61 27.91 -34.66
CA GLU F 42 28.80 26.81 -34.16
C GLU F 42 28.38 27.11 -32.72
N ARG F 43 27.10 27.01 -32.42
CA ARG F 43 26.57 27.28 -31.09
C ARG F 43 26.05 26.00 -30.47
N SER F 44 26.43 25.77 -29.22
CA SER F 44 26.01 24.58 -28.48
C SER F 44 24.58 24.69 -28.00
N TYR F 45 23.94 23.54 -27.85
CA TYR F 45 22.70 23.41 -27.09
C TYR F 45 22.65 21.97 -26.58
N SER F 46 21.84 21.74 -25.54
CA SER F 46 21.47 20.40 -25.11
C SER F 46 20.02 20.15 -25.45
N ILE F 47 19.65 18.88 -25.64
CA ILE F 47 18.27 18.58 -25.97
C ILE F 47 17.86 17.27 -25.30
N TYR F 48 16.68 17.29 -24.67
CA TYR F 48 16.04 16.10 -24.11
C TYR F 48 15.00 15.62 -25.12
N LEU F 49 15.10 14.35 -25.50
CA LEU F 49 14.10 13.72 -26.33
C LEU F 49 13.34 12.73 -25.48
N PRO F 50 12.00 12.71 -25.52
CA PRO F 50 11.24 11.88 -24.60
C PRO F 50 11.36 10.39 -24.96
N ALA F 51 10.99 9.56 -24.00
CA ALA F 51 10.95 8.12 -24.24
C ALA F 51 10.07 7.83 -25.45
N GLY F 52 10.51 6.88 -26.28
CA GLY F 52 9.72 6.56 -27.45
C GLY F 52 9.80 7.56 -28.59
N TYR F 53 10.66 8.58 -28.48
CA TYR F 53 10.96 9.42 -29.64
C TYR F 53 11.45 8.58 -30.81
N ASP F 54 12.15 7.49 -30.54
CA ASP F 54 12.75 6.68 -31.59
C ASP F 54 11.80 5.66 -32.20
N GLU F 55 10.59 5.51 -31.68
CA GLU F 55 9.58 4.67 -32.30
C GLU F 55 8.45 5.53 -32.84
N GLY F 56 7.77 5.04 -33.89
CA GLY F 56 6.78 5.88 -34.54
C GLY F 56 7.42 7.07 -35.25
N ASP F 57 6.56 7.94 -35.78
CA ASP F 57 7.03 9.03 -36.64
C ASP F 57 6.48 10.39 -36.25
N GLY F 58 5.87 10.53 -35.07
CA GLY F 58 5.14 11.72 -34.72
C GLY F 58 6.02 12.87 -34.25
N SER F 59 5.40 14.02 -34.04
CA SER F 59 6.11 15.22 -33.63
C SER F 59 5.64 15.64 -32.25
N TYR F 60 6.43 16.50 -31.62
CA TYR F 60 6.27 16.86 -30.21
C TYR F 60 6.29 18.36 -30.03
N PRO F 61 5.61 18.86 -29.00
CA PRO F 61 5.80 20.27 -28.60
C PRO F 61 7.16 20.46 -27.94
N VAL F 62 7.57 21.72 -27.78
CA VAL F 62 8.92 22.03 -27.30
C VAL F 62 8.86 23.05 -26.16
N LEU F 63 9.60 22.78 -25.09
CA LEU F 63 9.89 23.73 -24.03
C LEU F 63 11.36 24.16 -24.15
N TYR F 64 11.58 25.46 -24.35
CA TYR F 64 12.93 26.03 -24.29
C TYR F 64 13.24 26.39 -22.84
N LEU F 65 14.39 25.94 -22.35
CA LEU F 65 14.69 25.97 -20.93
C LEU F 65 16.06 26.61 -20.75
N LEU F 66 16.08 27.81 -20.15
CA LEU F 66 17.24 28.70 -20.17
C LEU F 66 17.98 28.69 -18.82
N HIS F 67 19.31 28.64 -18.88
CA HIS F 67 20.15 28.58 -17.69
C HIS F 67 20.42 29.98 -17.12
N GLY F 68 21.02 30.00 -15.93
CA GLY F 68 21.39 31.24 -15.27
C GLY F 68 22.84 31.62 -15.54
N LEU F 69 23.24 32.72 -14.92
CA LEU F 69 24.55 33.30 -15.15
C LEU F 69 25.65 32.37 -14.62
N GLY F 70 26.64 32.08 -15.46
CA GLY F 70 27.74 31.23 -15.07
C GLY F 70 27.60 29.78 -15.49
N ASP F 71 26.39 29.35 -15.85
CA ASP F 71 26.17 28.02 -16.41
C ASP F 71 26.04 28.10 -17.93
N ASN F 72 26.06 26.95 -18.59
CA ASN F 72 25.83 26.89 -20.03
C ASN F 72 24.75 25.83 -20.29
N HIS F 73 24.76 25.28 -21.51
CA HIS F 73 23.74 24.32 -21.90
C HIS F 73 23.78 23.02 -21.09
N THR F 74 24.85 22.77 -20.32
CA THR F 74 24.86 21.60 -19.46
C THR F 74 24.25 21.87 -18.09
N GLY F 75 23.88 23.13 -17.78
CA GLY F 75 23.40 23.45 -16.45
C GLY F 75 22.11 22.74 -16.09
N TRP F 76 21.10 22.85 -16.96
CA TRP F 76 19.86 22.13 -16.70
C TRP F 76 20.04 20.61 -16.80
N VAL F 77 21.10 20.14 -17.46
CA VAL F 77 21.35 18.70 -17.53
C VAL F 77 21.94 18.19 -16.23
N GLN F 78 23.07 18.78 -15.81
CA GLN F 78 23.81 18.27 -14.65
C GLN F 78 23.18 18.73 -13.34
N PHE F 79 22.82 20.00 -13.22
CA PHE F 79 22.24 20.52 -11.98
C PHE F 79 20.74 20.37 -11.96
N GLY F 80 20.08 20.70 -13.08
CA GLY F 80 18.64 20.57 -13.15
C GLY F 80 18.16 19.13 -13.23
N GLN F 81 19.05 18.19 -13.56
CA GLN F 81 18.69 16.78 -13.67
C GLN F 81 17.47 16.59 -14.58
N VAL F 82 17.48 17.31 -15.71
CA VAL F 82 16.31 17.35 -16.59
C VAL F 82 15.92 15.94 -17.04
N GLN F 83 16.91 15.07 -17.28
CA GLN F 83 16.57 13.76 -17.83
C GLN F 83 15.76 12.94 -16.83
N TYR F 84 16.25 12.83 -15.59
CA TYR F 84 15.51 12.09 -14.57
C TYR F 84 14.15 12.72 -14.32
N ILE F 85 14.11 14.05 -14.19
CA ILE F 85 12.87 14.71 -13.81
C ILE F 85 11.85 14.64 -14.94
N ALA F 86 12.27 14.90 -16.17
CA ALA F 86 11.34 14.80 -17.30
C ALA F 86 10.88 13.36 -17.54
N ASP F 87 11.81 12.40 -17.47
CA ASP F 87 11.43 10.99 -17.58
C ASP F 87 10.31 10.65 -16.60
N LYS F 88 10.48 11.06 -15.34
CA LYS F 88 9.54 10.70 -14.29
C LYS F 88 8.18 11.37 -14.50
N ALA F 89 8.18 12.67 -14.80
CA ALA F 89 6.92 13.38 -15.00
C ALA F 89 6.12 12.81 -16.16
N ILE F 90 6.80 12.44 -17.25
CA ILE F 90 6.12 11.90 -18.43
C ILE F 90 5.65 10.47 -18.17
N ALA F 91 6.50 9.64 -17.56
CA ALA F 91 6.12 8.25 -17.29
C ALA F 91 4.93 8.20 -16.34
N GLU F 92 4.86 9.13 -15.38
CA GLU F 92 3.76 9.14 -14.43
C GLU F 92 2.50 9.80 -14.97
N GLY F 93 2.54 10.36 -16.17
CA GLY F 93 1.39 11.05 -16.71
C GLY F 93 1.17 12.44 -16.15
N LYS F 94 2.11 12.96 -15.36
CA LYS F 94 2.02 14.34 -14.88
C LYS F 94 2.28 15.31 -16.01
N SER F 95 3.03 14.89 -17.01
CA SER F 95 3.30 15.69 -18.19
C SER F 95 3.09 14.82 -19.42
N ALA F 96 2.59 15.44 -20.49
CA ALA F 96 2.62 14.79 -21.79
C ALA F 96 4.07 14.82 -22.31
N PRO F 97 4.41 13.93 -23.24
CA PRO F 97 5.77 13.95 -23.81
C PRO F 97 6.05 15.29 -24.48
N MET F 98 7.29 15.76 -24.32
CA MET F 98 7.71 16.99 -24.99
C MET F 98 9.22 16.93 -25.17
N ILE F 99 9.70 17.69 -26.12
CA ILE F 99 11.12 17.91 -26.34
C ILE F 99 11.54 19.12 -25.51
N ILE F 100 12.74 19.07 -24.93
CA ILE F 100 13.23 20.18 -24.12
C ILE F 100 14.57 20.62 -24.69
N VAL F 101 14.67 21.90 -25.05
CA VAL F 101 15.87 22.45 -25.67
C VAL F 101 16.52 23.45 -24.71
N MET F 102 17.80 23.25 -24.46
CA MET F 102 18.55 24.06 -23.50
C MET F 102 19.69 24.77 -24.21
N PRO F 103 19.53 26.04 -24.60
CA PRO F 103 20.59 26.72 -25.36
C PRO F 103 21.78 27.07 -24.48
N ASP F 104 22.92 27.27 -25.15
CA ASP F 104 24.13 27.80 -24.51
C ASP F 104 24.11 29.30 -24.71
N ALA F 105 23.89 30.05 -23.62
CA ALA F 105 23.99 31.50 -23.65
C ALA F 105 25.12 31.96 -22.74
N ASP F 106 26.20 31.20 -22.75
CA ASP F 106 27.35 31.46 -21.91
C ASP F 106 28.62 31.71 -22.69
N THR F 107 28.86 30.95 -23.75
CA THR F 107 30.09 31.05 -24.52
C THR F 107 30.14 32.37 -25.28
N VAL F 108 31.35 32.97 -25.31
CA VAL F 108 31.67 34.25 -25.94
C VAL F 108 31.16 35.40 -25.08
N HIS F 109 29.85 35.47 -24.86
CA HIS F 109 29.24 36.46 -23.98
C HIS F 109 28.12 35.80 -23.19
N LYS F 110 27.92 36.24 -21.97
CA LYS F 110 26.89 35.64 -21.11
C LYS F 110 25.62 36.47 -21.21
N GLY F 111 24.52 35.84 -21.60
CA GLY F 111 23.26 36.55 -21.69
C GLY F 111 22.45 36.26 -22.94
N TYR F 112 21.19 36.68 -22.95
CA TYR F 112 20.21 36.25 -23.95
C TYR F 112 19.91 37.31 -25.00
N PHE F 113 20.49 38.50 -24.91
CA PHE F 113 20.01 39.62 -25.73
C PHE F 113 21.10 40.16 -26.65
N ASN F 114 20.65 40.93 -27.64
CA ASN F 114 21.58 41.56 -28.57
C ASN F 114 22.44 42.58 -27.83
N LEU F 115 23.76 42.47 -27.98
CA LEU F 115 24.64 43.43 -27.34
C LEU F 115 24.52 44.80 -28.02
N LEU F 116 24.82 45.86 -27.25
CA LEU F 116 24.57 47.21 -27.72
C LEU F 116 25.50 47.63 -28.86
N ASP F 117 26.65 46.98 -29.02
CA ASP F 117 27.62 47.36 -30.04
C ASP F 117 27.37 46.67 -31.39
N GLY F 118 26.29 45.90 -31.53
CA GLY F 118 25.95 45.25 -32.77
C GLY F 118 26.77 44.02 -33.12
N THR F 119 27.70 43.61 -32.26
CA THR F 119 28.61 42.52 -32.58
C THR F 119 28.12 41.15 -32.13
N TYR F 120 26.99 41.08 -31.41
CA TYR F 120 26.61 39.81 -30.80
C TYR F 120 25.08 39.83 -30.61
N ASN F 121 24.37 39.46 -31.68
CA ASN F 121 22.90 39.53 -31.72
C ASN F 121 22.30 38.19 -31.26
N TYR F 122 22.44 37.91 -29.96
CA TYR F 122 22.03 36.59 -29.47
C TYR F 122 20.52 36.38 -29.58
N GLU F 123 19.72 37.41 -29.28
CA GLU F 123 18.28 37.23 -29.40
C GLU F 123 17.87 36.96 -30.85
N ASP F 124 18.45 37.68 -31.81
CA ASP F 124 18.22 37.36 -33.22
C ASP F 124 18.57 35.90 -33.52
N PHE F 125 19.73 35.45 -33.01
CA PHE F 125 20.14 34.06 -33.21
C PHE F 125 19.09 33.09 -32.69
N PHE F 126 18.58 33.34 -31.48
CA PHE F 126 17.65 32.40 -30.86
C PHE F 126 16.40 32.24 -31.72
N PHE F 127 15.83 33.34 -32.20
CA PHE F 127 14.58 33.29 -32.94
C PHE F 127 14.77 32.96 -34.41
N GLN F 128 15.83 33.48 -35.04
CA GLN F 128 15.97 33.29 -36.48
C GLN F 128 16.79 32.05 -36.83
N GLU F 129 17.55 31.51 -35.89
CA GLU F 129 18.38 30.36 -36.23
C GLU F 129 18.14 29.16 -35.34
N LEU F 130 18.13 29.33 -34.02
CA LEU F 130 17.99 28.19 -33.14
C LEU F 130 16.63 27.52 -33.29
N ILE F 131 15.54 28.28 -33.17
CA ILE F 131 14.21 27.69 -33.31
C ILE F 131 14.02 27.02 -34.66
N PRO F 132 14.33 27.66 -35.80
CA PRO F 132 14.19 26.94 -37.08
C PRO F 132 15.10 25.72 -37.20
N HIS F 133 16.31 25.78 -36.64
CA HIS F 133 17.18 24.62 -36.67
C HIS F 133 16.58 23.45 -35.89
N ILE F 134 16.05 23.71 -34.69
CA ILE F 134 15.42 22.65 -33.89
C ILE F 134 14.25 22.05 -34.67
N GLU F 135 13.42 22.90 -35.28
CA GLU F 135 12.24 22.44 -36.01
C GLU F 135 12.63 21.68 -37.28
N LYS F 136 13.79 21.98 -37.85
CA LYS F 136 14.27 21.24 -39.01
C LYS F 136 14.89 19.90 -38.61
N THR F 137 15.60 19.87 -37.49
CA THR F 137 16.43 18.71 -37.15
C THR F 137 15.66 17.64 -36.38
N TYR F 138 14.63 18.03 -35.62
CA TYR F 138 13.90 17.12 -34.77
C TYR F 138 12.42 17.09 -35.17
N ARG F 139 11.70 16.08 -34.69
CA ARG F 139 10.30 15.93 -35.06
C ARG F 139 9.49 16.82 -34.14
N VAL F 140 9.34 18.09 -34.54
CA VAL F 140 8.79 19.15 -33.71
C VAL F 140 7.51 19.67 -34.34
N ARG F 141 6.48 19.90 -33.52
CA ARG F 141 5.28 20.60 -33.98
C ARG F 141 5.62 22.09 -34.02
N ALA F 142 5.85 22.60 -35.21
CA ALA F 142 6.47 23.93 -35.39
C ALA F 142 5.42 25.03 -35.43
N GLU F 143 4.70 25.19 -34.33
CA GLU F 143 3.71 26.27 -34.21
C GLU F 143 3.80 26.83 -32.80
N SER F 144 3.39 28.10 -32.66
CA SER F 144 3.47 28.76 -31.35
C SER F 144 2.63 28.06 -30.30
N ARG F 145 1.50 27.48 -30.70
CA ARG F 145 0.64 26.78 -29.74
C ARG F 145 1.36 25.58 -29.14
N TYR F 146 2.51 25.17 -29.70
CA TYR F 146 3.31 24.05 -29.22
C TYR F 146 4.70 24.49 -28.77
N ARG F 147 4.86 25.76 -28.42
CA ARG F 147 6.17 26.32 -28.05
C ARG F 147 6.04 27.06 -26.74
N ALA F 148 6.82 26.67 -25.75
CA ALA F 148 6.85 27.32 -24.45
C ALA F 148 8.29 27.64 -24.10
N ILE F 149 8.49 28.54 -23.13
CA ILE F 149 9.83 28.93 -22.71
C ILE F 149 9.85 29.17 -21.20
N SER F 150 10.94 28.74 -20.56
CA SER F 150 11.12 28.87 -19.12
C SER F 150 12.60 29.06 -18.86
N GLY F 151 12.92 29.55 -17.67
CA GLY F 151 14.31 29.70 -17.30
C GLY F 151 14.43 30.18 -15.87
N LEU F 152 15.65 30.12 -15.35
CA LEU F 152 15.92 30.52 -13.98
C LEU F 152 16.91 31.68 -13.96
N SER F 153 16.71 32.58 -13.00
CA SER F 153 17.61 33.71 -12.73
C SER F 153 17.83 34.53 -14.01
N MET F 154 19.08 34.61 -14.49
CA MET F 154 19.32 35.28 -15.78
C MET F 154 18.42 34.72 -16.88
N GLY F 155 18.23 33.39 -16.90
CA GLY F 155 17.35 32.76 -17.87
C GLY F 155 15.87 32.98 -17.61
N GLY F 156 15.50 33.28 -16.36
CA GLY F 156 14.13 33.71 -16.10
C GLY F 156 13.85 35.08 -16.69
N GLY F 157 14.80 36.01 -16.55
CA GLY F 157 14.70 37.27 -17.26
C GLY F 157 14.76 37.08 -18.77
N GLY F 158 15.54 36.11 -19.23
CA GLY F 158 15.54 35.79 -20.66
C GLY F 158 14.16 35.35 -21.14
N ALA F 159 13.56 34.40 -20.44
CA ALA F 159 12.24 33.90 -20.83
C ALA F 159 11.21 35.03 -20.79
N LEU F 160 11.24 35.85 -19.75
CA LEU F 160 10.28 36.94 -19.59
C LEU F 160 10.36 37.93 -20.76
N PHE F 161 11.55 38.41 -21.07
CA PHE F 161 11.66 39.47 -22.08
C PHE F 161 11.64 38.92 -23.50
N TYR F 162 12.08 37.69 -23.73
CA TYR F 162 11.84 37.06 -25.02
C TYR F 162 10.36 37.05 -25.35
N ALA F 163 9.52 36.70 -24.38
CA ALA F 163 8.08 36.62 -24.61
C ALA F 163 7.46 38.01 -24.71
N LEU F 164 7.96 38.98 -23.94
CA LEU F 164 7.42 40.33 -24.06
C LEU F 164 7.79 40.97 -25.39
N HIS F 165 8.96 40.61 -25.94
CA HIS F 165 9.40 41.09 -27.24
C HIS F 165 8.68 40.39 -28.40
N TYR F 166 8.51 39.06 -28.31
CA TYR F 166 7.94 38.25 -29.39
C TYR F 166 6.83 37.36 -28.84
N PRO F 167 5.74 37.95 -28.32
CA PRO F 167 4.71 37.11 -27.69
C PRO F 167 4.02 36.20 -28.69
N GLU F 168 4.05 36.51 -29.98
CA GLU F 168 3.46 35.64 -30.98
C GLU F 168 4.19 34.30 -31.09
N MET F 169 5.36 34.17 -30.49
CA MET F 169 6.17 32.97 -30.66
C MET F 169 5.93 31.92 -29.57
N PHE F 170 5.18 32.25 -28.51
CA PHE F 170 5.01 31.33 -27.38
C PHE F 170 3.56 31.26 -26.94
N VAL F 171 3.16 30.07 -26.48
CA VAL F 171 1.86 29.89 -25.87
C VAL F 171 1.92 29.92 -24.35
N ALA F 172 3.07 29.62 -23.74
CA ALA F 172 3.21 29.54 -22.30
C ALA F 172 4.63 29.94 -21.92
N VAL F 173 4.76 30.68 -20.81
CA VAL F 173 6.04 31.24 -20.38
C VAL F 173 6.16 31.08 -18.87
N ALA F 174 7.29 30.56 -18.40
CA ALA F 174 7.47 30.25 -16.97
C ALA F 174 8.80 30.79 -16.44
N PRO F 175 8.86 32.09 -16.11
CA PRO F 175 10.06 32.65 -15.48
C PRO F 175 10.19 32.21 -14.03
N LEU F 176 11.32 31.60 -13.69
CA LEU F 176 11.62 31.09 -12.36
C LEU F 176 12.68 31.96 -11.70
N SER F 177 12.39 32.46 -10.48
CA SER F 177 13.35 33.27 -9.73
C SER F 177 13.98 34.32 -10.64
N ALA F 178 13.13 35.01 -11.38
CA ALA F 178 13.60 35.76 -12.54
C ALA F 178 14.26 37.07 -12.15
N VAL F 179 15.35 37.35 -12.84
CA VAL F 179 16.02 38.67 -12.73
C VAL F 179 15.15 39.66 -13.49
N GLY F 180 15.34 40.92 -13.15
CA GLY F 180 14.58 41.99 -13.75
C GLY F 180 15.25 42.64 -14.96
N GLY F 181 14.55 43.62 -15.54
CA GLY F 181 15.04 44.27 -16.74
C GLY F 181 16.27 45.15 -16.52
N ALA F 182 16.32 45.85 -15.39
CA ALA F 182 17.45 46.75 -15.14
C ALA F 182 18.76 45.97 -14.96
N TRP F 183 18.71 44.86 -14.21
CA TRP F 183 19.87 43.99 -14.08
C TRP F 183 20.29 43.42 -15.43
N THR F 184 19.31 42.95 -16.20
CA THR F 184 19.61 42.41 -17.53
C THR F 184 20.26 43.47 -18.41
N PHE F 185 19.69 44.68 -18.41
CA PHE F 185 20.26 45.76 -19.23
C PHE F 185 21.66 46.14 -18.75
N ASP F 186 21.88 46.21 -17.44
CA ASP F 186 23.22 46.52 -16.93
C ASP F 186 24.22 45.43 -17.31
N GLN F 187 23.79 44.16 -17.27
CA GLN F 187 24.68 43.07 -17.64
C GLN F 187 24.98 43.09 -19.14
N MET F 188 24.02 43.51 -19.98
CA MET F 188 24.31 43.72 -21.39
C MET F 188 25.38 44.80 -21.59
N LYS F 189 25.31 45.87 -20.80
CA LYS F 189 26.25 46.98 -20.94
C LYS F 189 27.68 46.57 -20.61
N ASN F 190 27.88 45.78 -19.55
CA ASN F 190 29.21 45.37 -19.14
C ASN F 190 29.85 44.39 -20.12
N GLN F 191 29.09 43.89 -21.09
CA GLN F 191 29.64 43.01 -22.12
C GLN F 191 29.85 43.69 -23.47
N SER F 192 29.41 44.93 -23.63
CA SER F 192 29.47 45.63 -24.91
C SER F 192 30.64 46.60 -24.98
N ASP F 193 31.07 46.87 -26.21
CA ASP F 193 32.03 47.94 -26.48
C ASP F 193 31.26 49.26 -26.48
N LEU F 194 31.26 49.93 -25.33
CA LEU F 194 30.52 51.16 -25.12
C LEU F 194 31.20 52.38 -25.72
N SER F 195 32.47 52.28 -26.12
CA SER F 195 33.10 53.39 -26.83
C SER F 195 32.44 53.65 -28.17
N LYS F 196 31.83 52.62 -28.75
CA LYS F 196 31.17 52.69 -30.05
C LYS F 196 29.66 52.84 -29.94
N VAL F 197 29.11 52.98 -28.74
CA VAL F 197 27.66 52.97 -28.52
C VAL F 197 27.20 54.40 -28.30
N SER F 198 26.22 54.82 -29.09
CA SER F 198 25.65 56.16 -28.96
C SER F 198 24.76 56.28 -27.73
N GLU F 199 24.59 57.53 -27.26
CA GLU F 199 23.71 57.80 -26.14
C GLU F 199 22.24 57.57 -26.48
N GLU F 200 21.84 57.83 -27.71
CA GLU F 200 20.47 57.54 -28.10
C GLU F 200 20.20 56.03 -28.12
N LYS F 201 21.22 55.25 -28.48
CA LYS F 201 21.05 53.80 -28.53
C LYS F 201 20.83 53.21 -27.15
N LYS F 202 21.54 53.72 -26.14
CA LYS F 202 21.32 53.26 -24.77
C LYS F 202 19.89 53.51 -24.31
N ALA F 203 19.33 54.66 -24.65
CA ALA F 203 17.99 55.01 -24.20
C ALA F 203 16.94 54.11 -24.85
N GLU F 204 17.10 53.78 -26.13
CA GLU F 204 16.12 52.94 -26.80
C GLU F 204 16.12 51.52 -26.24
N VAL F 205 17.30 50.92 -26.09
CA VAL F 205 17.34 49.55 -25.57
C VAL F 205 16.91 49.50 -24.11
N LEU F 206 17.21 50.54 -23.32
CA LEU F 206 16.71 50.58 -21.94
C LEU F 206 15.19 50.45 -21.90
N GLY F 207 14.50 51.19 -22.76
CA GLY F 207 13.05 51.07 -22.81
C GLY F 207 12.58 49.71 -23.27
N GLN F 208 13.31 49.08 -24.19
CA GLN F 208 12.94 47.75 -24.67
C GLN F 208 13.16 46.68 -23.62
N MET F 209 13.93 46.98 -22.57
CA MET F 209 14.18 46.06 -21.47
C MET F 209 13.52 46.52 -20.17
N ASP F 210 12.43 47.26 -20.28
CA ASP F 210 11.70 47.77 -19.13
C ASP F 210 10.24 47.35 -19.25
N ILE F 211 9.75 46.59 -18.28
CA ILE F 211 8.42 45.97 -18.43
C ILE F 211 7.34 47.03 -18.53
N GLN F 212 7.43 48.05 -17.68
CA GLN F 212 6.46 49.13 -17.69
C GLN F 212 6.38 49.80 -19.06
N THR F 213 7.53 50.07 -19.66
CA THR F 213 7.54 50.69 -20.98
C THR F 213 6.92 49.77 -22.03
N ILE F 214 7.28 48.49 -22.00
CA ILE F 214 6.74 47.54 -22.97
C ILE F 214 5.23 47.48 -22.87
N LEU F 215 4.71 47.39 -21.64
CA LEU F 215 3.27 47.22 -21.46
C LEU F 215 2.50 48.48 -21.83
N GLU F 216 3.08 49.67 -21.63
CA GLU F 216 2.40 50.93 -21.92
C GLU F 216 2.54 51.38 -23.37
N LYS F 217 3.65 51.08 -24.03
CA LYS F 217 3.93 51.61 -25.36
C LYS F 217 3.81 50.58 -26.49
N SER F 218 3.58 49.30 -26.19
CA SER F 218 3.44 48.32 -27.25
C SER F 218 2.12 48.53 -28.01
N PRO F 219 2.08 48.22 -29.30
CA PRO F 219 0.80 48.28 -30.01
C PRO F 219 -0.16 47.24 -29.44
N LYS F 220 -1.45 47.47 -29.67
CA LYS F 220 -2.47 46.63 -29.04
C LYS F 220 -2.34 45.16 -29.44
N GLU F 221 -1.95 44.90 -30.69
CA GLU F 221 -1.77 43.50 -31.11
C GLU F 221 -0.74 42.79 -30.25
N LYS F 222 0.32 43.50 -29.84
CA LYS F 222 1.32 42.84 -28.99
C LYS F 222 0.81 42.69 -27.57
N LEU F 223 0.15 43.74 -27.04
CA LEU F 223 -0.40 43.65 -25.69
C LEU F 223 -1.46 42.57 -25.58
N ASP F 224 -2.33 42.46 -26.58
CA ASP F 224 -3.34 41.40 -26.58
C ASP F 224 -2.68 40.02 -26.53
N ARG F 225 -1.61 39.84 -27.30
CA ARG F 225 -0.94 38.55 -27.31
C ARG F 225 -0.24 38.28 -25.97
N ILE F 226 0.33 39.32 -25.36
CA ILE F 226 0.92 39.17 -24.02
C ILE F 226 -0.13 38.73 -23.01
N LYS F 227 -1.35 39.27 -23.11
CA LYS F 227 -2.43 38.86 -22.22
C LYS F 227 -2.90 37.43 -22.53
N TRP F 228 -2.77 37.00 -23.78
CA TRP F 228 -3.19 35.66 -24.19
C TRP F 228 -2.24 34.58 -23.70
N ILE F 229 -0.94 34.87 -23.65
CA ILE F 229 0.06 33.93 -23.16
C ILE F 229 -0.32 33.44 -21.77
N ARG F 230 -0.07 32.15 -21.50
CA ARG F 230 -0.24 31.59 -20.16
C ARG F 230 1.09 31.72 -19.42
N TRP F 231 1.10 32.56 -18.40
CA TRP F 231 2.29 32.87 -17.62
C TRP F 231 2.28 32.10 -16.31
N TYR F 232 3.45 31.57 -15.93
CA TYR F 232 3.65 30.92 -14.63
C TYR F 232 4.94 31.51 -14.05
N ILE F 233 4.80 32.34 -13.02
CA ILE F 233 5.93 33.07 -12.45
C ILE F 233 6.10 32.58 -11.03
N SER F 234 7.28 32.05 -10.72
CA SER F 234 7.51 31.42 -9.41
C SER F 234 8.84 31.88 -8.86
N CYS F 235 8.86 32.17 -7.55
CA CYS F 235 10.07 32.62 -6.89
C CYS F 235 9.97 32.27 -5.41
N GLY F 236 11.10 31.86 -4.82
CA GLY F 236 11.09 31.52 -3.41
C GLY F 236 11.03 32.78 -2.53
N ASP F 237 10.44 32.62 -1.34
CA ASP F 237 10.26 33.76 -0.46
C ASP F 237 11.57 34.22 0.16
N ASP F 238 12.60 33.37 0.17
CA ASP F 238 13.91 33.73 0.73
C ASP F 238 14.90 34.16 -0.35
N ASP F 239 14.47 34.19 -1.60
CA ASP F 239 15.31 34.62 -2.72
C ASP F 239 15.56 36.12 -2.63
N PHE F 240 16.80 36.54 -2.89
CA PHE F 240 17.06 37.97 -2.93
C PHE F 240 16.24 38.65 -4.02
N LEU F 241 15.68 37.88 -4.95
CA LEU F 241 14.82 38.41 -6.00
C LEU F 241 13.33 38.34 -5.66
N SER F 242 12.96 38.00 -4.41
CA SER F 242 11.54 37.87 -4.09
C SER F 242 10.82 39.21 -4.22
N VAL F 243 11.48 40.30 -3.83
CA VAL F 243 10.85 41.62 -3.96
C VAL F 243 10.64 41.96 -5.44
N THR F 244 11.67 41.74 -6.27
CA THR F 244 11.54 41.96 -7.71
C THR F 244 10.34 41.22 -8.28
N ASN F 245 10.14 39.97 -7.87
CA ASN F 245 9.04 39.19 -8.45
C ASN F 245 7.69 39.54 -7.85
N CYS F 246 7.62 39.97 -6.59
CA CYS F 246 6.37 40.53 -6.09
C CYS F 246 5.99 41.81 -6.84
N LEU F 247 6.97 42.67 -7.12
CA LEU F 247 6.69 43.87 -7.90
C LEU F 247 6.19 43.51 -9.30
N LEU F 248 6.74 42.42 -9.88
CA LEU F 248 6.30 41.97 -11.20
C LEU F 248 4.86 41.51 -11.18
N HIS F 249 4.50 40.70 -10.17
CA HIS F 249 3.10 40.32 -9.98
C HIS F 249 2.19 41.53 -9.96
N ASN F 250 2.55 42.55 -9.17
CA ASN F 250 1.72 43.73 -9.03
C ASN F 250 1.63 44.51 -10.34
N THR F 251 2.74 44.65 -11.05
CA THR F 251 2.74 45.36 -12.33
C THR F 251 1.87 44.64 -13.34
N LEU F 252 1.97 43.31 -13.41
CA LEU F 252 1.17 42.56 -14.38
C LEU F 252 -0.32 42.73 -14.12
N LEU F 253 -0.74 42.61 -12.85
CA LEU F 253 -2.15 42.83 -12.52
C LEU F 253 -2.56 44.27 -12.79
N GLN F 254 -1.67 45.22 -12.52
CA GLN F 254 -1.98 46.62 -12.80
C GLN F 254 -2.26 46.84 -14.29
N HIS F 255 -1.66 46.03 -15.16
CA HIS F 255 -1.87 46.12 -16.60
C HIS F 255 -2.83 45.05 -17.14
N GLN F 256 -3.53 44.36 -16.25
CA GLN F 256 -4.55 43.36 -16.63
C GLN F 256 -3.94 42.21 -17.42
N VAL F 257 -2.73 41.81 -17.04
CA VAL F 257 -2.10 40.60 -17.56
C VAL F 257 -2.30 39.51 -16.51
N GLY F 258 -3.33 38.70 -16.70
CA GLY F 258 -3.56 37.58 -15.81
C GLY F 258 -2.44 36.57 -15.90
N HIS F 259 -2.15 35.91 -14.79
CA HIS F 259 -1.01 35.00 -14.76
C HIS F 259 -1.11 34.18 -13.49
N GLU F 260 -0.41 33.05 -13.49
CA GLU F 260 -0.21 32.29 -12.27
C GLU F 260 1.00 32.87 -11.53
N PHE F 261 0.86 33.12 -10.23
CA PHE F 261 1.98 33.60 -9.45
C PHE F 261 2.18 32.67 -8.25
N ARG F 262 3.41 32.26 -8.01
CA ARG F 262 3.71 31.41 -6.86
C ARG F 262 4.89 31.99 -6.12
N MET F 263 4.75 32.16 -4.82
CA MET F 263 5.88 32.42 -3.94
C MET F 263 5.90 31.27 -2.94
N LYS F 264 6.86 30.38 -3.07
CA LYS F 264 6.96 29.18 -2.25
C LYS F 264 8.14 29.32 -1.31
N ASP F 265 8.19 28.44 -0.32
CA ASP F 265 9.37 28.41 0.54
C ASP F 265 10.59 28.07 -0.31
N GLY F 266 11.66 28.81 -0.12
CA GLY F 266 12.89 28.48 -0.81
C GLY F 266 13.74 29.69 -1.13
N SER F 267 14.92 29.42 -1.63
CA SER F 267 15.91 30.43 -1.91
C SER F 267 16.31 30.33 -3.39
N HIS F 268 17.37 31.06 -3.73
CA HIS F 268 17.95 31.10 -5.08
C HIS F 268 18.85 29.87 -5.25
N SER F 269 18.23 28.71 -5.46
CA SER F 269 18.98 27.46 -5.37
C SER F 269 18.42 26.43 -6.34
N TRP F 270 19.26 25.44 -6.65
CA TRP F 270 18.83 24.34 -7.50
C TRP F 270 17.82 23.43 -6.82
N THR F 271 17.73 23.45 -5.48
CA THR F 271 16.60 22.79 -4.83
C THR F 271 15.28 23.39 -5.29
N TYR F 272 15.21 24.73 -5.34
CA TYR F 272 13.99 25.39 -5.82
C TYR F 272 13.73 25.07 -7.30
N TRP F 273 14.77 25.15 -8.13
CA TRP F 273 14.55 25.00 -9.57
C TRP F 273 14.26 23.55 -9.97
N ARG F 274 14.85 22.57 -9.29
CA ARG F 274 14.45 21.18 -9.55
C ARG F 274 13.04 20.91 -9.06
N MET F 275 12.63 21.55 -7.96
CA MET F 275 11.25 21.42 -7.50
C MET F 275 10.27 21.99 -8.53
N GLU F 276 10.62 23.13 -9.14
CA GLU F 276 9.69 23.78 -10.06
C GLU F 276 9.67 23.14 -11.45
N LEU F 277 10.74 22.47 -11.88
CA LEU F 277 10.75 21.95 -13.25
C LEU F 277 9.56 21.04 -13.56
N PRO F 278 9.20 20.05 -12.74
CA PRO F 278 8.00 19.26 -13.08
C PRO F 278 6.71 20.06 -13.01
N GLU F 279 6.67 21.12 -12.20
CA GLU F 279 5.49 22.00 -12.18
C GLU F 279 5.39 22.79 -13.47
N VAL F 280 6.52 23.28 -13.98
CA VAL F 280 6.53 23.93 -15.28
C VAL F 280 6.10 22.95 -16.37
N MET F 281 6.61 21.71 -16.31
CA MET F 281 6.24 20.71 -17.29
C MET F 281 4.74 20.43 -17.24
N ARG F 282 4.17 20.26 -16.04
CA ARG F 282 2.72 20.06 -15.97
C ARG F 282 1.96 21.27 -16.51
N PHE F 283 2.43 22.47 -16.16
CA PHE F 283 1.77 23.69 -16.61
C PHE F 283 1.75 23.81 -18.12
N VAL F 284 2.91 23.68 -18.78
CA VAL F 284 2.90 23.89 -20.22
C VAL F 284 2.26 22.70 -20.94
N SER F 285 2.40 21.49 -20.39
CA SER F 285 1.79 20.33 -21.03
C SER F 285 0.28 20.46 -21.11
N ARG F 286 -0.35 20.93 -20.04
CA ARG F 286 -1.80 21.14 -20.03
C ARG F 286 -2.23 22.09 -21.14
N ILE F 287 -1.40 23.10 -21.41
CA ILE F 287 -1.69 24.05 -22.49
C ILE F 287 -1.45 23.39 -23.86
N PHE F 288 -0.39 22.59 -23.99
CA PHE F 288 -0.12 21.88 -25.26
C PHE F 288 -1.26 20.92 -25.62
N THR F 289 -1.76 20.17 -24.63
CA THR F 289 -2.78 19.17 -24.87
C THR F 289 -4.20 19.73 -24.84
N GLN F 290 -4.37 20.97 -24.33
CA GLN F 290 -5.66 21.57 -24.01
C GLN F 290 -6.34 20.82 -22.86
N TYR F 291 -7.39 21.41 -22.28
CA TYR F 291 -8.07 20.80 -21.14
C TYR F 291 -9.51 21.32 -20.95
N GLN G 24 16.30 -0.12 -14.25
CA GLN G 24 17.38 0.04 -15.22
C GLN G 24 18.71 -0.32 -14.59
N GLN G 25 19.54 -1.04 -15.35
CA GLN G 25 20.80 -1.57 -14.87
C GLN G 25 21.98 -0.88 -15.54
N GLY G 26 22.92 -0.40 -14.73
CA GLY G 26 24.22 0.00 -15.22
C GLY G 26 25.04 -1.26 -15.48
N LYS G 27 26.36 -1.08 -15.60
CA LYS G 27 27.22 -2.23 -15.87
C LYS G 27 28.59 -1.99 -15.27
N VAL G 28 29.34 -3.08 -15.09
CA VAL G 28 30.66 -3.03 -14.48
C VAL G 28 31.65 -3.70 -15.41
N TYR G 29 32.79 -3.05 -15.64
CA TYR G 29 33.94 -3.68 -16.26
C TYR G 29 35.01 -3.88 -15.19
N GLU G 30 35.48 -5.12 -15.05
CA GLU G 30 36.51 -5.48 -14.06
C GLU G 30 37.87 -5.75 -14.66
N THR G 31 37.95 -6.01 -15.97
CA THR G 31 39.17 -6.57 -16.57
C THR G 31 39.98 -5.56 -17.37
N ARG G 32 39.58 -4.29 -17.39
CA ARG G 32 40.33 -3.30 -18.16
C ARG G 32 41.52 -2.78 -17.35
N THR G 33 42.52 -2.27 -18.06
CA THR G 33 43.75 -1.79 -17.44
C THR G 33 44.14 -0.44 -18.02
N VAL G 34 45.07 0.22 -17.32
CA VAL G 34 45.68 1.51 -17.75
C VAL G 34 47.19 1.28 -17.81
N LYS G 35 47.83 1.58 -18.95
CA LYS G 35 49.26 1.37 -19.10
C LYS G 35 49.99 2.44 -18.29
N SER G 36 50.71 2.02 -17.24
CA SER G 36 51.36 2.94 -16.33
C SER G 36 52.86 2.96 -16.61
N LYS G 37 53.37 4.11 -17.08
CA LYS G 37 54.81 4.30 -17.17
C LYS G 37 55.42 4.49 -15.78
N ILE G 38 54.69 5.16 -14.88
CA ILE G 38 55.20 5.42 -13.54
C ILE G 38 55.45 4.12 -12.78
N LEU G 39 54.54 3.16 -12.90
CA LEU G 39 54.69 1.87 -12.26
C LEU G 39 55.26 0.81 -13.18
N GLY G 40 55.44 1.14 -14.46
CA GLY G 40 56.02 0.21 -15.42
C GLY G 40 55.20 -1.04 -15.66
N MET G 41 53.87 -0.93 -15.71
CA MET G 41 53.04 -2.11 -15.87
C MET G 41 51.62 -1.69 -16.24
N GLU G 42 50.85 -2.66 -16.73
CA GLU G 42 49.41 -2.49 -16.86
C GLU G 42 48.79 -2.52 -15.46
N ARG G 43 47.95 -1.56 -15.17
CA ARG G 43 47.33 -1.46 -13.84
C ARG G 43 45.82 -1.68 -13.95
N SER G 44 45.28 -2.55 -13.09
CA SER G 44 43.87 -2.89 -13.12
C SER G 44 43.00 -1.83 -12.44
N TYR G 45 41.75 -1.75 -12.88
CA TYR G 45 40.70 -1.04 -12.18
C TYR G 45 39.37 -1.68 -12.56
N SER G 46 38.36 -1.44 -11.72
CA SER G 46 36.98 -1.73 -12.07
C SER G 46 36.27 -0.40 -12.27
N ILE G 47 35.22 -0.41 -13.07
CA ILE G 47 34.45 0.81 -13.30
C ILE G 47 32.97 0.46 -13.41
N TYR G 48 32.14 1.24 -12.71
CA TYR G 48 30.69 1.17 -12.84
C TYR G 48 30.24 2.30 -13.75
N LEU G 49 29.51 1.96 -14.82
CA LEU G 49 28.89 2.95 -15.69
C LEU G 49 27.39 2.95 -15.45
N PRO G 50 26.75 4.10 -15.31
CA PRO G 50 25.33 4.12 -14.95
C PRO G 50 24.43 3.66 -16.10
N ALA G 51 23.19 3.33 -15.74
CA ALA G 51 22.19 2.98 -16.74
C ALA G 51 22.04 4.10 -17.76
N GLY G 52 21.89 3.73 -19.03
CA GLY G 52 21.77 4.78 -20.01
C GLY G 52 23.06 5.48 -20.35
N TYR G 53 24.20 5.02 -19.82
CA TYR G 53 25.49 5.48 -20.31
C TYR G 53 25.60 5.29 -21.81
N ASP G 54 24.95 4.25 -22.34
CA ASP G 54 25.07 3.91 -23.75
C ASP G 54 24.10 4.69 -24.63
N GLU G 55 23.19 5.43 -24.01
CA GLU G 55 22.21 6.28 -24.76
C GLU G 55 22.64 7.74 -24.59
N GLY G 56 22.48 8.57 -25.63
CA GLY G 56 22.90 9.96 -25.53
C GLY G 56 24.42 10.11 -25.61
N ASP G 57 24.86 11.35 -25.41
CA ASP G 57 26.27 11.69 -25.59
C ASP G 57 26.87 12.44 -24.40
N GLY G 58 26.17 12.51 -23.27
CA GLY G 58 26.57 13.37 -22.19
C GLY G 58 27.69 12.79 -21.33
N SER G 59 28.16 13.61 -20.38
CA SER G 59 29.25 13.21 -19.51
C SER G 59 28.77 13.18 -18.06
N TYR G 60 29.57 12.53 -17.22
CA TYR G 60 29.17 12.20 -15.86
C TYR G 60 30.25 12.60 -14.85
N PRO G 61 29.86 12.95 -13.64
CA PRO G 61 30.84 13.09 -12.55
C PRO G 61 31.32 11.70 -12.13
N VAL G 62 32.42 11.68 -11.36
CA VAL G 62 33.09 10.43 -10.99
C VAL G 62 33.32 10.37 -9.49
N LEU G 63 33.01 9.22 -8.89
CA LEU G 63 33.41 8.88 -7.53
C LEU G 63 34.51 7.83 -7.61
N TYR G 64 35.69 8.17 -7.09
CA TYR G 64 36.75 7.18 -6.91
C TYR G 64 36.53 6.48 -5.57
N LEU G 65 36.55 5.15 -5.59
CA LEU G 65 36.11 4.32 -4.47
C LEU G 65 37.18 3.29 -4.16
N LEU G 66 37.82 3.41 -2.99
CA LEU G 66 39.04 2.69 -2.68
C LEU G 66 38.80 1.52 -1.72
N HIS G 67 39.45 0.39 -1.98
CA HIS G 67 39.32 -0.82 -1.18
C HIS G 67 40.26 -0.79 0.02
N GLY G 68 40.08 -1.76 0.92
CA GLY G 68 40.92 -1.91 2.08
C GLY G 68 42.02 -2.94 1.84
N LEU G 69 42.79 -3.19 2.91
CA LEU G 69 43.94 -4.07 2.82
C LEU G 69 43.52 -5.51 2.55
N GLY G 70 44.15 -6.13 1.55
CA GLY G 70 43.87 -7.51 1.17
C GLY G 70 42.90 -7.66 0.01
N ASP G 71 42.13 -6.64 -0.31
CA ASP G 71 41.26 -6.68 -1.48
C ASP G 71 41.93 -5.95 -2.64
N ASN G 72 41.37 -6.12 -3.82
CA ASN G 72 41.83 -5.37 -4.98
C ASN G 72 40.61 -4.70 -5.64
N HIS G 73 40.72 -4.39 -6.93
CA HIS G 73 39.67 -3.68 -7.65
C HIS G 73 38.37 -4.46 -7.73
N THR G 74 38.36 -5.75 -7.40
CA THR G 74 37.11 -6.50 -7.37
C THR G 74 36.40 -6.41 -6.03
N GLY G 75 37.03 -5.83 -5.00
CA GLY G 75 36.44 -5.83 -3.67
C GLY G 75 35.12 -5.10 -3.60
N TRP G 76 35.09 -3.85 -4.08
CA TRP G 76 33.84 -3.10 -4.07
C TRP G 76 32.81 -3.67 -5.04
N VAL G 77 33.22 -4.50 -5.99
CA VAL G 77 32.27 -5.14 -6.90
C VAL G 77 31.60 -6.33 -6.22
N GLN G 78 32.40 -7.27 -5.74
CA GLN G 78 31.87 -8.53 -5.19
C GLN G 78 31.36 -8.37 -3.77
N PHE G 79 32.14 -7.71 -2.91
CA PHE G 79 31.72 -7.53 -1.52
C PHE G 79 30.87 -6.29 -1.35
N GLY G 80 31.28 -5.19 -1.99
CA GLY G 80 30.53 -3.95 -1.90
C GLY G 80 29.24 -3.96 -2.70
N GLN G 81 29.10 -4.88 -3.65
CA GLN G 81 27.88 -4.96 -4.46
C GLN G 81 27.57 -3.61 -5.10
N VAL G 82 28.61 -2.96 -5.61
CA VAL G 82 28.47 -1.60 -6.14
C VAL G 82 27.40 -1.56 -7.23
N GLN G 83 27.33 -2.60 -8.06
CA GLN G 83 26.39 -2.52 -9.19
C GLN G 83 24.94 -2.49 -8.71
N TYR G 84 24.57 -3.44 -7.85
CA TYR G 84 23.20 -3.44 -7.33
C TYR G 84 22.90 -2.17 -6.54
N ILE G 85 23.82 -1.74 -5.68
CA ILE G 85 23.56 -0.61 -4.81
C ILE G 85 23.49 0.71 -5.59
N ALA G 86 24.43 0.92 -6.53
CA ALA G 86 24.38 2.13 -7.34
C ALA G 86 23.17 2.14 -8.26
N ASP G 87 22.86 1.00 -8.90
CA ASP G 87 21.68 0.92 -9.75
C ASP G 87 20.44 1.36 -8.98
N LYS G 88 20.29 0.83 -7.76
CA LYS G 88 19.09 1.14 -6.97
C LYS G 88 19.05 2.61 -6.56
N ALA G 89 20.18 3.14 -6.08
CA ALA G 89 20.22 4.54 -5.63
C ALA G 89 19.89 5.49 -6.77
N ILE G 90 20.41 5.22 -7.96
CA ILE G 90 20.17 6.10 -9.11
C ILE G 90 18.74 5.94 -9.62
N ALA G 91 18.25 4.70 -9.71
CA ALA G 91 16.89 4.48 -10.19
C ALA G 91 15.87 5.11 -9.27
N GLU G 92 16.13 5.12 -7.97
CA GLU G 92 15.21 5.71 -7.00
C GLU G 92 15.34 7.23 -6.90
N GLY G 93 16.31 7.83 -7.59
CA GLY G 93 16.50 9.26 -7.44
C GLY G 93 17.19 9.67 -6.16
N LYS G 94 17.71 8.71 -5.38
CA LYS G 94 18.49 9.06 -4.19
C LYS G 94 19.85 9.64 -4.58
N SER G 95 20.36 9.24 -5.75
CA SER G 95 21.62 9.72 -6.29
C SER G 95 21.38 10.07 -7.76
N ALA G 96 22.04 11.13 -8.22
CA ALA G 96 22.11 11.38 -9.66
C ALA G 96 23.07 10.38 -10.29
N PRO G 97 22.97 10.16 -11.61
CA PRO G 97 23.92 9.23 -12.26
C PRO G 97 25.37 9.66 -12.07
N MET G 98 26.24 8.69 -11.86
CA MET G 98 27.66 8.95 -11.76
C MET G 98 28.42 7.69 -12.17
N ILE G 99 29.65 7.89 -12.59
CA ILE G 99 30.61 6.83 -12.85
C ILE G 99 31.36 6.56 -11.56
N ILE G 100 31.64 5.28 -11.28
CA ILE G 100 32.39 4.91 -10.07
C ILE G 100 33.61 4.12 -10.52
N VAL G 101 34.79 4.57 -10.11
CA VAL G 101 36.07 3.98 -10.48
C VAL G 101 36.70 3.37 -9.25
N MET G 102 37.08 2.11 -9.35
CA MET G 102 37.63 1.35 -8.21
C MET G 102 39.04 0.86 -8.57
N PRO G 103 40.10 1.56 -8.16
CA PRO G 103 41.45 1.16 -8.57
C PRO G 103 41.93 -0.07 -7.82
N ASP G 104 42.93 -0.72 -8.41
CA ASP G 104 43.65 -1.83 -7.77
C ASP G 104 44.87 -1.25 -7.07
N ALA G 105 44.84 -1.26 -5.73
CA ALA G 105 45.99 -0.85 -4.93
C ALA G 105 46.50 -2.04 -4.13
N ASP G 106 46.44 -3.23 -4.73
CA ASP G 106 46.86 -4.48 -4.09
C ASP G 106 47.99 -5.18 -4.82
N THR G 107 47.96 -5.21 -6.14
CA THR G 107 48.98 -5.93 -6.89
C THR G 107 50.35 -5.27 -6.75
N VAL G 108 51.38 -6.12 -6.59
CA VAL G 108 52.79 -5.76 -6.40
C VAL G 108 53.05 -5.27 -4.98
N HIS G 109 52.41 -4.17 -4.62
CA HIS G 109 52.51 -3.58 -3.27
C HIS G 109 51.11 -3.17 -2.83
N LYS G 110 50.77 -3.35 -1.56
CA LYS G 110 49.45 -2.99 -1.03
C LYS G 110 49.51 -1.60 -0.42
N GLY G 111 48.67 -0.70 -0.90
CA GLY G 111 48.64 0.66 -0.37
C GLY G 111 48.57 1.73 -1.44
N TYR G 112 48.30 2.98 -1.02
CA TYR G 112 47.94 4.05 -1.94
C TYR G 112 49.04 5.09 -2.15
N PHE G 113 50.17 4.98 -1.47
CA PHE G 113 51.13 6.07 -1.43
C PHE G 113 52.47 5.65 -2.01
N ASN G 114 53.26 6.65 -2.38
CA ASN G 114 54.59 6.40 -2.93
C ASN G 114 55.46 5.73 -1.87
N LEU G 115 56.07 4.60 -2.22
CA LEU G 115 56.96 3.94 -1.27
C LEU G 115 58.24 4.75 -1.07
N LEU G 116 58.84 4.59 0.11
CA LEU G 116 59.97 5.42 0.52
C LEU G 116 61.24 5.13 -0.28
N ASP G 117 61.35 3.95 -0.90
CA ASP G 117 62.55 3.60 -1.65
C ASP G 117 62.49 4.09 -3.10
N GLY G 118 61.44 4.80 -3.49
CA GLY G 118 61.31 5.37 -4.81
C GLY G 118 60.98 4.40 -5.92
N THR G 119 60.75 3.13 -5.60
CA THR G 119 60.51 2.10 -6.60
C THR G 119 59.05 1.93 -6.97
N TYR G 120 58.13 2.62 -6.28
CA TYR G 120 56.70 2.36 -6.46
C TYR G 120 55.90 3.60 -6.09
N ASN G 121 55.75 4.51 -7.05
CA ASN G 121 55.12 5.80 -6.79
C ASN G 121 53.62 5.72 -7.10
N TYR G 122 52.92 4.97 -6.24
CA TYR G 122 51.50 4.71 -6.52
C TYR G 122 50.67 5.99 -6.51
N GLU G 123 50.95 6.91 -5.58
CA GLU G 123 50.17 8.15 -5.55
C GLU G 123 50.36 8.95 -6.82
N ASP G 124 51.61 9.04 -7.31
CA ASP G 124 51.86 9.67 -8.60
C ASP G 124 51.07 9.02 -9.71
N PHE G 125 51.05 7.68 -9.75
CA PHE G 125 50.28 6.96 -10.75
C PHE G 125 48.81 7.36 -10.72
N PHE G 126 48.23 7.42 -9.51
CA PHE G 126 46.81 7.69 -9.38
C PHE G 126 46.46 9.06 -9.98
N PHE G 127 47.23 10.08 -9.65
CA PHE G 127 46.89 11.44 -10.08
C PHE G 127 47.38 11.74 -11.50
N GLN G 128 48.55 11.23 -11.88
CA GLN G 128 49.11 11.59 -13.17
C GLN G 128 48.74 10.62 -14.28
N GLU G 129 48.27 9.41 -13.97
CA GLU G 129 47.97 8.43 -14.99
C GLU G 129 46.55 7.88 -14.88
N LEU G 130 46.12 7.48 -13.68
CA LEU G 130 44.80 6.87 -13.56
C LEU G 130 43.69 7.87 -13.89
N ILE G 131 43.70 9.03 -13.22
CA ILE G 131 42.67 10.03 -13.46
C ILE G 131 42.65 10.49 -14.92
N PRO G 132 43.78 10.88 -15.54
CA PRO G 132 43.71 11.26 -16.96
C PRO G 132 43.24 10.12 -17.86
N HIS G 133 43.60 8.88 -17.56
CA HIS G 133 43.14 7.78 -18.37
C HIS G 133 41.62 7.64 -18.32
N ILE G 134 41.03 7.73 -17.11
CA ILE G 134 39.58 7.65 -16.98
C ILE G 134 38.90 8.76 -17.76
N GLU G 135 39.43 9.99 -17.66
CA GLU G 135 38.80 11.14 -18.32
C GLU G 135 38.94 11.07 -19.83
N LYS G 136 39.99 10.40 -20.33
CA LYS G 136 40.13 10.22 -21.77
C LYS G 136 39.25 9.09 -22.28
N THR G 137 39.12 8.02 -21.51
CA THR G 137 38.50 6.79 -21.99
C THR G 137 36.98 6.81 -21.85
N TYR G 138 36.45 7.52 -20.86
CA TYR G 138 35.02 7.52 -20.57
C TYR G 138 34.49 8.94 -20.66
N ARG G 139 33.17 9.07 -20.75
CA ARG G 139 32.54 10.37 -20.90
C ARG G 139 32.42 10.99 -19.51
N VAL G 140 33.47 11.69 -19.12
CA VAL G 140 33.65 12.19 -17.75
C VAL G 140 33.67 13.70 -17.78
N ARG G 141 32.97 14.34 -16.82
CA ARG G 141 33.12 15.77 -16.61
C ARG G 141 34.42 15.97 -15.84
N ALA G 142 35.47 16.40 -16.54
CA ALA G 142 36.84 16.38 -16.02
C ALA G 142 37.19 17.68 -15.29
N GLU G 143 36.49 17.93 -14.19
CA GLU G 143 36.75 19.08 -13.33
C GLU G 143 36.64 18.63 -11.88
N SER G 144 37.33 19.36 -10.99
CA SER G 144 37.32 18.99 -9.58
C SER G 144 35.92 19.06 -8.98
N ARG G 145 35.08 19.99 -9.44
CA ARG G 145 33.72 20.08 -8.93
C ARG G 145 32.89 18.84 -9.23
N TYR G 146 33.37 17.97 -10.12
CA TYR G 146 32.70 16.72 -10.47
C TYR G 146 33.54 15.50 -10.09
N ARG G 147 34.42 15.65 -9.10
CA ARG G 147 35.31 14.56 -8.71
C ARG G 147 35.25 14.37 -7.20
N ALA G 148 34.90 13.18 -6.77
CA ALA G 148 34.85 12.85 -5.35
C ALA G 148 35.66 11.59 -5.11
N ILE G 149 35.99 11.35 -3.85
CA ILE G 149 36.77 10.17 -3.50
C ILE G 149 36.29 9.64 -2.14
N SER G 150 36.22 8.32 -2.05
CA SER G 150 35.76 7.62 -0.86
C SER G 150 36.52 6.29 -0.76
N GLY G 151 36.54 5.71 0.44
CA GLY G 151 37.17 4.41 0.62
C GLY G 151 36.98 3.91 2.04
N LEU G 152 37.31 2.63 2.25
CA LEU G 152 37.15 1.99 3.54
C LEU G 152 38.50 1.50 4.06
N SER G 153 38.69 1.60 5.39
CA SER G 153 39.87 1.09 6.11
C SER G 153 41.12 1.70 5.49
N MET G 154 42.05 0.91 4.96
CA MET G 154 43.22 1.44 4.26
C MET G 154 42.82 2.46 3.20
N GLY G 155 41.73 2.17 2.47
CA GLY G 155 41.24 3.09 1.45
C GLY G 155 40.58 4.34 2.02
N GLY G 156 40.08 4.28 3.26
CA GLY G 156 39.61 5.50 3.91
C GLY G 156 40.75 6.43 4.26
N GLY G 157 41.85 5.89 4.77
CA GLY G 157 43.05 6.70 4.92
C GLY G 157 43.57 7.18 3.58
N GLY G 158 43.44 6.33 2.55
CA GLY G 158 43.81 6.74 1.20
C GLY G 158 43.02 7.95 0.72
N ALA G 159 41.68 7.89 0.83
CA ALA G 159 40.86 9.03 0.44
C ALA G 159 41.22 10.26 1.26
N LEU G 160 41.42 10.09 2.57
CA LEU G 160 41.72 11.21 3.46
C LEU G 160 43.01 11.92 3.05
N PHE G 161 44.10 11.16 2.87
CA PHE G 161 45.37 11.82 2.61
C PHE G 161 45.55 12.20 1.14
N TYR G 162 44.91 11.50 0.21
CA TYR G 162 44.87 12.02 -1.16
C TYR G 162 44.30 13.43 -1.19
N ALA G 163 43.21 13.65 -0.45
CA ALA G 163 42.57 14.96 -0.44
C ALA G 163 43.40 15.99 0.31
N LEU G 164 44.05 15.59 1.41
CA LEU G 164 44.91 16.55 2.11
C LEU G 164 46.16 16.88 1.32
N HIS G 165 46.67 15.93 0.53
CA HIS G 165 47.83 16.19 -0.32
C HIS G 165 47.44 17.04 -1.52
N TYR G 166 46.30 16.73 -2.14
CA TYR G 166 45.85 17.40 -3.36
C TYR G 166 44.41 17.89 -3.22
N PRO G 167 44.16 18.83 -2.31
CA PRO G 167 42.76 19.27 -2.11
C PRO G 167 42.15 19.96 -3.31
N GLU G 168 42.95 20.50 -4.22
CA GLU G 168 42.42 21.10 -5.44
C GLU G 168 41.77 20.08 -6.38
N MET G 169 41.96 18.79 -6.14
CA MET G 169 41.50 17.75 -7.04
C MET G 169 40.12 17.19 -6.72
N PHE G 170 39.55 17.51 -5.55
CA PHE G 170 38.28 16.91 -5.13
C PHE G 170 37.34 17.96 -4.58
N VAL G 171 36.05 17.74 -4.82
CA VAL G 171 35.00 18.57 -4.23
C VAL G 171 34.40 17.91 -2.99
N ALA G 172 34.49 16.58 -2.86
CA ALA G 172 33.88 15.85 -1.76
C ALA G 172 34.71 14.61 -1.47
N VAL G 173 34.85 14.28 -0.18
CA VAL G 173 35.69 13.20 0.31
C VAL G 173 34.94 12.46 1.42
N ALA G 174 34.89 11.14 1.34
CA ALA G 174 34.12 10.32 2.28
C ALA G 174 34.93 9.14 2.80
N PRO G 175 35.78 9.35 3.81
CA PRO G 175 36.49 8.23 4.44
C PRO G 175 35.58 7.41 5.34
N LEU G 176 35.50 6.11 5.07
CA LEU G 176 34.69 5.16 5.84
C LEU G 176 35.59 4.27 6.67
N SER G 177 35.35 4.22 7.99
CA SER G 177 36.13 3.38 8.89
C SER G 177 37.63 3.55 8.64
N ALA G 178 38.06 4.80 8.53
CA ALA G 178 39.37 5.12 7.98
C ALA G 178 40.49 4.87 8.97
N VAL G 179 41.59 4.30 8.47
CA VAL G 179 42.83 4.26 9.23
C VAL G 179 43.43 5.67 9.30
N GLY G 180 44.29 5.86 10.30
CA GLY G 180 44.97 7.12 10.50
C GLY G 180 46.31 7.18 9.79
N GLY G 181 46.99 8.32 9.97
CA GLY G 181 48.26 8.53 9.29
C GLY G 181 49.39 7.65 9.81
N ALA G 182 49.42 7.41 11.12
CA ALA G 182 50.50 6.60 11.68
C ALA G 182 50.45 5.17 11.16
N TRP G 183 49.26 4.57 11.10
CA TRP G 183 49.12 3.23 10.53
C TRP G 183 49.54 3.21 9.07
N THR G 184 49.08 4.19 8.29
CA THR G 184 49.41 4.24 6.87
C THR G 184 50.92 4.36 6.67
N PHE G 185 51.57 5.26 7.39
CA PHE G 185 53.01 5.46 7.23
C PHE G 185 53.78 4.21 7.65
N ASP G 186 53.31 3.53 8.70
CA ASP G 186 53.96 2.29 9.12
C ASP G 186 53.88 1.24 8.01
N GLN G 187 52.74 1.14 7.32
CA GLN G 187 52.65 0.18 6.23
C GLN G 187 53.53 0.59 5.04
N MET G 188 53.62 1.89 4.75
CA MET G 188 54.53 2.35 3.70
C MET G 188 55.96 1.93 4.05
N LYS G 189 56.31 2.02 5.34
CA LYS G 189 57.65 1.62 5.77
C LYS G 189 57.87 0.14 5.54
N ASN G 190 56.91 -0.69 5.96
CA ASN G 190 57.05 -2.14 5.90
C ASN G 190 57.01 -2.68 4.47
N GLN G 191 56.55 -1.88 3.50
CA GLN G 191 56.55 -2.29 2.11
C GLN G 191 57.77 -1.78 1.35
N SER G 192 58.58 -0.93 1.98
CA SER G 192 59.75 -0.32 1.36
C SER G 192 61.00 -1.08 1.77
N ASP G 193 61.99 -1.07 0.88
CA ASP G 193 63.34 -1.49 1.23
C ASP G 193 64.01 -0.29 1.88
N LEU G 194 64.04 -0.25 3.21
CA LEU G 194 64.62 0.90 3.92
C LEU G 194 66.13 0.96 3.83
N SER G 195 66.79 -0.05 3.27
CA SER G 195 68.23 0.03 3.09
C SER G 195 68.61 1.22 2.23
N LYS G 196 67.69 1.69 1.38
CA LYS G 196 67.90 2.81 0.49
C LYS G 196 67.34 4.14 1.00
N VAL G 197 66.76 4.16 2.21
CA VAL G 197 66.01 5.32 2.70
C VAL G 197 66.81 6.03 3.78
N SER G 198 67.04 7.34 3.57
CA SER G 198 67.69 8.17 4.57
C SER G 198 66.71 8.50 5.70
N GLU G 199 67.27 8.80 6.88
CA GLU G 199 66.45 9.20 8.01
C GLU G 199 65.82 10.58 7.80
N GLU G 200 66.48 11.46 7.07
CA GLU G 200 65.89 12.76 6.77
C GLU G 200 64.64 12.62 5.92
N LYS G 201 64.64 11.66 4.99
CA LYS G 201 63.46 11.44 4.16
C LYS G 201 62.32 10.83 4.97
N LYS G 202 62.62 9.89 5.87
CA LYS G 202 61.58 9.32 6.72
C LYS G 202 60.86 10.39 7.51
N ALA G 203 61.60 11.37 8.02
CA ALA G 203 60.99 12.46 8.77
C ALA G 203 60.13 13.33 7.87
N GLU G 204 60.55 13.51 6.61
CA GLU G 204 59.77 14.33 5.68
C GLU G 204 58.43 13.68 5.36
N VAL G 205 58.46 12.40 5.01
CA VAL G 205 57.22 11.67 4.67
C VAL G 205 56.34 11.58 5.91
N LEU G 206 56.91 11.32 7.08
CA LEU G 206 56.15 11.20 8.31
C LEU G 206 55.27 12.44 8.53
N GLY G 207 55.84 13.63 8.33
CA GLY G 207 55.05 14.84 8.47
C GLY G 207 53.97 14.96 7.41
N GLN G 208 54.27 14.50 6.19
CA GLN G 208 53.29 14.56 5.11
C GLN G 208 52.15 13.57 5.32
N MET G 209 52.30 12.61 6.21
CA MET G 209 51.27 11.63 6.53
C MET G 209 50.71 11.84 7.93
N ASP G 210 50.76 13.07 8.43
CA ASP G 210 50.25 13.40 9.76
C ASP G 210 49.28 14.56 9.63
N ILE G 211 48.02 14.33 10.03
CA ILE G 211 46.95 15.31 9.82
C ILE G 211 47.26 16.61 10.55
N GLN G 212 47.78 16.51 11.78
CA GLN G 212 48.10 17.71 12.54
C GLN G 212 49.14 18.57 11.83
N THR G 213 50.20 17.94 11.31
CA THR G 213 51.24 18.69 10.62
C THR G 213 50.71 19.36 9.36
N ILE G 214 49.94 18.63 8.56
CA ILE G 214 49.40 19.21 7.33
C ILE G 214 48.54 20.44 7.62
N LEU G 215 47.65 20.34 8.61
CA LEU G 215 46.75 21.45 8.89
C LEU G 215 47.50 22.65 9.49
N GLU G 216 48.58 22.42 10.24
CA GLU G 216 49.28 23.55 10.86
C GLU G 216 50.29 24.18 9.90
N LYS G 217 50.87 23.39 8.99
CA LYS G 217 51.96 23.88 8.18
C LYS G 217 51.56 24.21 6.74
N SER G 218 50.34 23.90 6.34
CA SER G 218 49.93 24.25 4.98
C SER G 218 49.73 25.75 4.86
N PRO G 219 50.07 26.34 3.71
CA PRO G 219 49.77 27.75 3.47
C PRO G 219 48.27 27.96 3.42
N LYS G 220 47.86 29.23 3.56
CA LYS G 220 46.44 29.55 3.68
C LYS G 220 45.65 29.07 2.46
N GLU G 221 46.24 29.21 1.28
CA GLU G 221 45.55 28.80 0.04
C GLU G 221 45.21 27.30 0.11
N LYS G 222 46.15 26.47 0.54
CA LYS G 222 45.89 25.04 0.67
C LYS G 222 44.86 24.76 1.77
N LEU G 223 45.00 25.45 2.91
CA LEU G 223 44.07 25.24 4.03
C LEU G 223 42.66 25.67 3.68
N ASP G 224 42.52 26.78 2.94
CA ASP G 224 41.19 27.21 2.51
C ASP G 224 40.53 26.17 1.63
N ARG G 225 41.31 25.52 0.76
CA ARG G 225 40.75 24.48 -0.10
C ARG G 225 40.34 23.25 0.71
N ILE G 226 41.15 22.89 1.72
CA ILE G 226 40.78 21.79 2.60
C ILE G 226 39.47 22.08 3.33
N LYS G 227 39.30 23.32 3.78
CA LYS G 227 38.06 23.70 4.45
C LYS G 227 36.91 23.77 3.45
N TRP G 228 37.19 24.08 2.18
CA TRP G 228 36.15 24.17 1.17
C TRP G 228 35.62 22.79 0.77
N ILE G 229 36.47 21.76 0.80
CA ILE G 229 36.03 20.39 0.53
C ILE G 229 34.86 20.01 1.44
N ARG G 230 33.91 19.27 0.89
CA ARG G 230 32.81 18.71 1.67
C ARG G 230 33.20 17.32 2.15
N TRP G 231 33.39 17.16 3.47
CA TRP G 231 33.86 15.93 4.08
C TRP G 231 32.71 15.14 4.69
N TYR G 232 32.73 13.82 4.52
CA TYR G 232 31.78 12.92 5.17
C TYR G 232 32.58 11.78 5.78
N ILE G 233 32.69 11.76 7.10
CA ILE G 233 33.52 10.79 7.81
C ILE G 233 32.59 9.93 8.64
N SER G 234 32.62 8.61 8.40
CA SER G 234 31.70 7.70 9.06
C SER G 234 32.46 6.48 9.57
N CYS G 235 32.12 6.03 10.78
CA CYS G 235 32.78 4.87 11.37
C CYS G 235 31.85 4.25 12.39
N GLY G 236 31.81 2.91 12.43
CA GLY G 236 30.95 2.23 13.37
C GLY G 236 31.48 2.32 14.79
N ASP G 237 30.55 2.30 15.76
CA ASP G 237 30.96 2.46 17.16
C ASP G 237 31.66 1.22 17.72
N ASP G 238 31.51 0.06 17.08
CA ASP G 238 32.18 -1.16 17.53
C ASP G 238 33.44 -1.46 16.73
N ASP G 239 33.80 -0.57 15.82
CA ASP G 239 35.03 -0.67 15.03
C ASP G 239 36.24 -0.38 15.92
N PHE G 240 37.31 -1.17 15.76
CA PHE G 240 38.54 -0.88 16.48
C PHE G 240 39.13 0.47 16.09
N LEU G 241 38.67 1.07 14.99
CA LEU G 241 39.10 2.38 14.56
C LEU G 241 38.18 3.51 15.04
N SER G 242 37.20 3.22 15.91
CA SER G 242 36.27 4.26 16.36
C SER G 242 36.99 5.36 17.13
N VAL G 243 38.01 4.99 17.90
CA VAL G 243 38.78 5.99 18.65
C VAL G 243 39.57 6.88 17.69
N THR G 244 40.25 6.28 16.72
CA THR G 244 40.97 7.04 15.70
C THR G 244 40.06 8.06 15.03
N ASN G 245 38.86 7.64 14.67
CA ASN G 245 37.99 8.53 13.92
C ASN G 245 37.34 9.58 14.83
N CYS G 246 37.10 9.25 16.10
CA CYS G 246 36.67 10.28 17.04
C CYS G 246 37.75 11.34 17.25
N LEU G 247 39.01 10.91 17.35
CA LEU G 247 40.10 11.89 17.44
C LEU G 247 40.19 12.72 16.17
N LEU G 248 39.91 12.12 15.01
CA LEU G 248 39.93 12.86 13.75
C LEU G 248 38.85 13.93 13.74
N HIS G 249 37.64 13.58 14.18
CA HIS G 249 36.57 14.56 14.35
C HIS G 249 37.03 15.73 15.21
N ASN G 250 37.63 15.43 16.36
CA ASN G 250 38.07 16.49 17.27
C ASN G 250 39.17 17.33 16.64
N THR G 251 40.12 16.69 15.95
CA THR G 251 41.21 17.44 15.31
C THR G 251 40.66 18.38 14.23
N LEU G 252 39.73 17.90 13.42
CA LEU G 252 39.19 18.75 12.35
C LEU G 252 38.46 19.96 12.92
N LEU G 253 37.64 19.76 13.97
CA LEU G 253 36.94 20.90 14.56
C LEU G 253 37.90 21.88 15.19
N GLN G 254 38.97 21.39 15.82
CA GLN G 254 39.96 22.27 16.43
C GLN G 254 40.66 23.15 15.38
N HIS G 255 40.75 22.69 14.13
CA HIS G 255 41.32 23.50 13.07
C HIS G 255 40.24 24.12 12.19
N GLN G 256 38.99 24.10 12.64
CA GLN G 256 37.89 24.78 11.94
C GLN G 256 37.69 24.23 10.53
N VAL G 257 37.81 22.91 10.39
CA VAL G 257 37.48 22.20 9.16
C VAL G 257 36.09 21.61 9.35
N GLY G 258 35.08 22.28 8.81
CA GLY G 258 33.73 21.76 8.91
C GLY G 258 33.58 20.46 8.15
N HIS G 259 32.75 19.57 8.69
CA HIS G 259 32.62 18.25 8.09
C HIS G 259 31.39 17.58 8.69
N GLU G 260 30.88 16.58 7.98
CA GLU G 260 29.88 15.69 8.52
C GLU G 260 30.58 14.53 9.20
N PHE G 261 30.16 14.22 10.42
CA PHE G 261 30.73 13.09 11.15
C PHE G 261 29.59 12.18 11.58
N ARG G 262 29.76 10.90 11.34
CA ARG G 262 28.78 9.91 11.73
C ARG G 262 29.48 8.79 12.46
N MET G 263 28.98 8.45 13.65
CA MET G 263 29.36 7.20 14.31
C MET G 263 28.07 6.41 14.49
N LYS G 264 27.92 5.34 13.71
CA LYS G 264 26.70 4.55 13.67
C LYS G 264 26.96 3.18 14.33
N ASP G 265 25.88 2.47 14.64
CA ASP G 265 26.04 1.10 15.13
C ASP G 265 26.72 0.26 14.07
N GLY G 266 27.73 -0.50 14.46
CA GLY G 266 28.35 -1.40 13.52
C GLY G 266 29.83 -1.56 13.79
N SER G 267 30.43 -2.48 13.05
CA SER G 267 31.82 -2.83 13.23
C SER G 267 32.57 -2.63 11.91
N HIS G 268 33.79 -3.17 11.89
CA HIS G 268 34.67 -3.11 10.72
C HIS G 268 34.26 -4.23 9.75
N SER G 269 33.17 -4.00 9.03
CA SER G 269 32.55 -5.10 8.29
C SER G 269 31.94 -4.59 7.00
N TRP G 270 31.71 -5.51 6.07
CA TRP G 270 31.04 -5.17 4.80
C TRP G 270 29.57 -4.83 4.99
N THR G 271 28.94 -5.27 6.08
CA THR G 271 27.60 -4.77 6.40
C THR G 271 27.62 -3.25 6.56
N TYR G 272 28.61 -2.74 7.29
CA TYR G 272 28.72 -1.30 7.49
C TYR G 272 28.99 -0.59 6.16
N TRP G 273 29.92 -1.12 5.36
CA TRP G 273 30.33 -0.39 4.16
C TRP G 273 29.26 -0.45 3.07
N ARG G 274 28.51 -1.56 2.95
CA ARG G 274 27.39 -1.57 2.02
C ARG G 274 26.27 -0.64 2.50
N MET G 275 26.09 -0.51 3.83
CA MET G 275 25.12 0.45 4.33
C MET G 275 25.54 1.89 3.99
N GLU G 276 26.83 2.19 4.10
CA GLU G 276 27.27 3.57 3.86
C GLU G 276 27.39 3.92 2.38
N LEU G 277 27.55 2.94 1.48
CA LEU G 277 27.77 3.30 0.08
C LEU G 277 26.64 4.16 -0.49
N PRO G 278 25.35 3.83 -0.33
CA PRO G 278 24.31 4.75 -0.84
C PRO G 278 24.28 6.10 -0.13
N GLU G 279 24.69 6.17 1.14
CA GLU G 279 24.80 7.45 1.83
C GLU G 279 25.92 8.30 1.24
N VAL G 280 27.05 7.68 0.92
CA VAL G 280 28.12 8.39 0.23
C VAL G 280 27.65 8.86 -1.14
N MET G 281 26.95 7.98 -1.87
CA MET G 281 26.48 8.38 -3.20
C MET G 281 25.53 9.56 -3.11
N ARG G 282 24.59 9.54 -2.17
CA ARG G 282 23.68 10.68 -2.03
C ARG G 282 24.45 11.93 -1.62
N PHE G 283 25.42 11.78 -0.73
CA PHE G 283 26.22 12.92 -0.27
C PHE G 283 26.96 13.58 -1.40
N VAL G 284 27.72 12.80 -2.19
CA VAL G 284 28.48 13.44 -3.26
C VAL G 284 27.56 13.85 -4.40
N SER G 285 26.46 13.12 -4.63
CA SER G 285 25.55 13.48 -5.71
C SER G 285 24.98 14.87 -5.51
N ARG G 286 24.56 15.18 -4.28
CA ARG G 286 24.03 16.49 -3.94
C ARG G 286 25.05 17.59 -4.23
N ILE G 287 26.33 17.30 -4.01
CA ILE G 287 27.37 18.28 -4.29
C ILE G 287 27.58 18.43 -5.79
N PHE G 288 27.54 17.31 -6.53
CA PHE G 288 27.68 17.34 -7.99
C PHE G 288 26.55 18.14 -8.62
N THR G 289 25.31 17.93 -8.17
CA THR G 289 24.18 18.62 -8.77
C THR G 289 23.91 20.00 -8.17
N GLN G 290 24.55 20.34 -7.04
CA GLN G 290 24.22 21.51 -6.23
C GLN G 290 22.82 21.36 -5.61
N TYR G 291 22.49 22.23 -4.65
CA TYR G 291 21.20 22.18 -3.94
C TYR G 291 20.86 23.52 -3.30
N GLN H 24 -8.50 10.37 19.79
CA GLN H 24 -8.88 10.52 18.39
C GLN H 24 -9.60 11.84 18.13
N GLN H 25 -10.69 12.09 18.87
CA GLN H 25 -11.56 13.24 18.61
C GLN H 25 -11.49 14.25 19.75
N GLY H 26 -11.21 15.50 19.40
CA GLY H 26 -11.43 16.63 20.28
C GLY H 26 -12.89 17.02 20.28
N LYS H 27 -13.16 18.22 20.78
CA LYS H 27 -14.55 18.68 20.81
C LYS H 27 -14.58 20.20 20.72
N VAL H 28 -15.76 20.71 20.36
CA VAL H 28 -15.99 22.14 20.19
C VAL H 28 -17.17 22.57 21.05
N TYR H 29 -17.01 23.65 21.78
CA TYR H 29 -18.10 24.35 22.44
C TYR H 29 -18.33 25.67 21.70
N GLU H 30 -19.57 25.90 21.27
CA GLU H 30 -19.93 27.11 20.55
C GLU H 30 -20.73 28.12 21.36
N THR H 31 -21.32 27.69 22.48
CA THR H 31 -22.35 28.48 23.15
C THR H 31 -21.86 29.16 24.43
N ARG H 32 -20.58 29.05 24.75
CA ARG H 32 -20.08 29.68 25.98
C ARG H 32 -19.75 31.15 25.74
N THR H 33 -19.87 31.94 26.81
CA THR H 33 -19.69 33.38 26.75
C THR H 33 -18.71 33.84 27.82
N VAL H 34 -18.15 35.03 27.61
CA VAL H 34 -17.33 35.71 28.59
C VAL H 34 -18.04 36.98 29.03
N LYS H 35 -18.07 37.23 30.34
CA LYS H 35 -18.68 38.44 30.88
C LYS H 35 -17.72 39.59 30.65
N SER H 36 -18.10 40.50 29.78
CA SER H 36 -17.23 41.61 29.41
C SER H 36 -17.71 42.86 30.14
N LYS H 37 -16.88 43.36 31.04
CA LYS H 37 -17.13 44.68 31.61
C LYS H 37 -16.89 45.76 30.58
N ILE H 38 -15.88 45.58 29.72
CA ILE H 38 -15.51 46.58 28.73
C ILE H 38 -16.61 46.79 27.71
N LEU H 39 -17.25 45.71 27.27
CA LEU H 39 -18.32 45.78 26.29
C LEU H 39 -19.71 45.74 26.92
N GLY H 40 -19.80 45.51 28.22
CA GLY H 40 -21.08 45.52 28.92
C GLY H 40 -22.05 44.46 28.44
N MET H 41 -21.56 43.26 28.14
CA MET H 41 -22.42 42.20 27.62
C MET H 41 -21.67 40.87 27.71
N GLU H 42 -22.42 39.79 27.56
CA GLU H 42 -21.82 38.49 27.33
C GLU H 42 -21.31 38.43 25.89
N ARG H 43 -20.06 38.00 25.74
CA ARG H 43 -19.46 37.90 24.42
C ARG H 43 -19.25 36.43 24.09
N SER H 44 -19.67 36.03 22.89
CA SER H 44 -19.55 34.66 22.47
C SER H 44 -18.13 34.34 22.03
N TYR H 45 -17.77 33.07 22.15
CA TYR H 45 -16.59 32.53 21.50
C TYR H 45 -16.84 31.05 21.27
N SER H 46 -16.12 30.47 20.32
CA SER H 46 -16.05 29.03 20.17
C SER H 46 -14.65 28.57 20.59
N ILE H 47 -14.56 27.33 21.06
CA ILE H 47 -13.29 26.79 21.51
C ILE H 47 -13.20 25.33 21.10
N TYR H 48 -12.05 24.96 20.54
CA TYR H 48 -11.69 23.57 20.25
C TYR H 48 -10.76 23.07 21.34
N LEU H 49 -11.14 21.96 22.00
CA LEU H 49 -10.28 21.31 22.96
C LEU H 49 -9.75 20.01 22.37
N PRO H 50 -8.45 19.73 22.45
CA PRO H 50 -7.91 18.57 21.74
C PRO H 50 -8.30 17.25 22.42
N ALA H 51 -8.13 16.17 21.66
CA ALA H 51 -8.35 14.83 22.21
C ALA H 51 -7.52 14.63 23.46
N GLY H 52 -8.10 13.95 24.44
CA GLY H 52 -7.34 13.75 25.66
C GLY H 52 -7.23 14.96 26.56
N TYR H 53 -7.89 16.07 26.23
CA TYR H 53 -7.98 17.18 27.18
C TYR H 53 -8.56 16.74 28.51
N ASP H 54 -9.48 15.78 28.50
CA ASP H 54 -10.18 15.36 29.71
C ASP H 54 -9.47 14.26 30.49
N GLU H 55 -8.36 13.71 29.99
CA GLU H 55 -7.52 12.85 30.79
C GLU H 55 -6.25 13.59 31.17
N GLY H 56 -5.64 13.20 32.28
CA GLY H 56 -4.48 13.92 32.78
C GLY H 56 -4.85 15.33 33.24
N ASP H 57 -3.82 16.08 33.63
CA ASP H 57 -4.04 17.38 34.26
C ASP H 57 -3.21 18.48 33.63
N GLY H 58 -2.62 18.25 32.47
CA GLY H 58 -1.69 19.19 31.88
C GLY H 58 -2.38 20.34 31.18
N SER H 59 -1.56 21.28 30.73
CA SER H 59 -2.01 22.49 30.08
C SER H 59 -1.48 22.54 28.65
N TYR H 60 -2.09 23.41 27.84
CA TYR H 60 -1.88 23.44 26.41
C TYR H 60 -1.60 24.86 25.90
N PRO H 61 -0.83 24.99 24.82
CA PRO H 61 -0.73 26.28 24.14
C PRO H 61 -2.04 26.60 23.42
N VAL H 62 -2.18 27.86 23.00
CA VAL H 62 -3.44 28.33 22.44
C VAL H 62 -3.19 29.06 21.13
N LEU H 63 -4.01 28.76 20.14
CA LEU H 63 -4.10 29.52 18.90
C LEU H 63 -5.41 30.28 18.87
N TYR H 64 -5.33 31.62 18.81
CA TYR H 64 -6.50 32.45 18.58
C TYR H 64 -6.72 32.55 17.07
N LEU H 65 -7.95 32.30 16.64
CA LEU H 65 -8.26 32.09 15.22
C LEU H 65 -9.46 32.97 14.86
N LEU H 66 -9.23 33.97 14.01
CA LEU H 66 -10.18 35.07 13.81
C LEU H 66 -10.96 34.93 12.50
N HIS H 67 -12.26 35.19 12.56
CA HIS H 67 -13.12 35.07 11.38
C HIS H 67 -13.07 36.34 10.52
N GLY H 68 -13.68 36.25 9.34
CA GLY H 68 -13.79 37.37 8.44
C GLY H 68 -15.11 38.11 8.59
N LEU H 69 -15.27 39.12 7.74
CA LEU H 69 -16.43 40.00 7.82
C LEU H 69 -17.69 39.25 7.44
N GLY H 70 -18.73 39.36 8.27
CA GLY H 70 -19.99 38.71 8.02
C GLY H 70 -20.17 37.38 8.75
N ASP H 71 -19.10 36.78 9.24
CA ASP H 71 -19.18 35.59 10.08
C ASP H 71 -19.00 35.96 11.54
N ASN H 72 -19.29 35.00 12.42
CA ASN H 72 -19.04 35.17 13.85
C ASN H 72 -18.21 33.98 14.33
N HIS H 73 -18.30 33.67 15.62
CA HIS H 73 -17.50 32.60 16.23
C HIS H 73 -17.83 31.22 15.70
N THR H 74 -18.91 31.05 14.95
CA THR H 74 -19.20 29.76 14.33
C THR H 74 -18.55 29.59 12.96
N GLY H 75 -17.94 30.64 12.41
CA GLY H 75 -17.41 30.57 11.06
C GLY H 75 -16.31 29.54 10.90
N TRP H 76 -15.28 29.61 11.76
CA TRP H 76 -14.22 28.61 11.68
C TRP H 76 -14.71 27.22 12.05
N VAL H 77 -15.86 27.11 12.74
CA VAL H 77 -16.42 25.81 13.11
C VAL H 77 -17.14 25.17 11.93
N GLN H 78 -18.12 25.89 11.37
CA GLN H 78 -18.97 25.34 10.32
C GLN H 78 -18.30 25.39 8.95
N PHE H 79 -17.68 26.52 8.59
CA PHE H 79 -17.02 26.63 7.30
C PHE H 79 -15.57 26.18 7.37
N GLY H 80 -14.86 26.58 8.43
CA GLY H 80 -13.47 26.18 8.57
C GLY H 80 -13.30 24.73 8.93
N GLN H 81 -14.35 24.08 9.44
CA GLN H 81 -14.30 22.68 9.83
C GLN H 81 -13.13 22.43 10.79
N VAL H 82 -12.96 23.34 11.76
CA VAL H 82 -11.80 23.27 12.67
C VAL H 82 -11.74 21.93 13.39
N GLN H 83 -12.89 21.37 13.75
CA GLN H 83 -12.84 20.15 14.54
C GLN H 83 -12.24 19.01 13.73
N TYR H 84 -12.73 18.78 12.52
CA TYR H 84 -12.20 17.70 11.70
C TYR H 84 -10.72 17.93 11.38
N ILE H 85 -10.38 19.16 10.99
CA ILE H 85 -9.04 19.47 10.51
C ILE H 85 -8.03 19.42 11.66
N ALA H 86 -8.38 20.02 12.81
CA ALA H 86 -7.47 19.95 13.96
C ALA H 86 -7.34 18.52 14.49
N ASP H 87 -8.46 17.77 14.56
CA ASP H 87 -8.38 16.36 14.99
C ASP H 87 -7.38 15.59 14.15
N LYS H 88 -7.48 15.73 12.83
CA LYS H 88 -6.64 14.98 11.90
C LYS H 88 -5.18 15.40 12.02
N ALA H 89 -4.92 16.71 12.05
CA ALA H 89 -3.55 17.19 12.13
C ALA H 89 -2.86 16.71 13.40
N ILE H 90 -3.58 16.75 14.52
CA ILE H 90 -2.99 16.32 15.80
C ILE H 90 -2.81 14.82 15.83
N ALA H 91 -3.81 14.07 15.36
CA ALA H 91 -3.72 12.60 15.38
C ALA H 91 -2.57 12.10 14.50
N GLU H 92 -2.32 12.76 13.37
CA GLU H 92 -1.25 12.35 12.47
C GLU H 92 0.11 12.84 12.91
N GLY H 93 0.19 13.65 13.95
CA GLY H 93 1.46 14.22 14.36
C GLY H 93 1.94 15.38 13.52
N LYS H 94 1.10 15.94 12.65
CA LYS H 94 1.51 17.14 11.94
C LYS H 94 1.54 18.34 12.88
N SER H 95 0.73 18.30 13.93
CA SER H 95 0.65 19.36 14.93
C SER H 95 0.67 18.72 16.31
N ALA H 96 1.31 19.38 17.27
CA ALA H 96 1.14 19.00 18.66
C ALA H 96 -0.25 19.45 19.13
N PRO H 97 -0.78 18.85 20.20
CA PRO H 97 -2.09 19.28 20.69
C PRO H 97 -2.09 20.76 21.08
N MET H 98 -3.21 21.42 20.78
CA MET H 98 -3.36 22.81 21.17
C MET H 98 -4.85 23.10 21.31
N ILE H 99 -5.14 24.13 22.07
CA ILE H 99 -6.48 24.67 22.18
C ILE H 99 -6.63 25.76 21.13
N ILE H 100 -7.80 25.85 20.51
CA ILE H 100 -8.06 26.87 19.50
C ILE H 100 -9.27 27.69 19.94
N VAL H 101 -9.10 29.01 20.02
CA VAL H 101 -10.15 29.93 20.49
C VAL H 101 -10.59 30.81 19.32
N MET H 102 -11.88 30.85 19.07
CA MET H 102 -12.45 31.59 17.94
C MET H 102 -13.41 32.65 18.48
N PRO H 103 -12.97 33.90 18.61
CA PRO H 103 -13.83 34.93 19.20
C PRO H 103 -14.94 35.36 18.26
N ASP H 104 -15.98 35.96 18.84
CA ASP H 104 -17.04 36.60 18.08
C ASP H 104 -16.69 38.08 17.95
N ALA H 105 -16.37 38.52 16.74
CA ALA H 105 -16.15 39.93 16.44
C ALA H 105 -17.19 40.42 15.46
N ASP H 106 -18.41 39.92 15.60
CA ASP H 106 -19.50 40.25 14.70
C ASP H 106 -20.70 40.88 15.41
N THR H 107 -21.07 40.39 16.57
CA THR H 107 -22.24 40.90 17.27
C THR H 107 -22.00 42.34 17.75
N VAL H 108 -23.04 43.17 17.61
CA VAL H 108 -23.06 44.60 17.93
C VAL H 108 -22.33 45.40 16.87
N HIS H 109 -21.03 45.15 16.69
CA HIS H 109 -20.24 45.77 15.64
C HIS H 109 -19.29 44.73 15.06
N LYS H 110 -19.01 44.85 13.77
CA LYS H 110 -18.15 43.89 13.09
C LYS H 110 -16.74 44.45 13.05
N GLY H 111 -15.79 43.71 13.61
CA GLY H 111 -14.41 44.18 13.62
C GLY H 111 -13.68 43.99 14.93
N TYR H 112 -12.35 44.14 14.87
CA TYR H 112 -11.46 43.75 15.95
C TYR H 112 -10.88 44.90 16.77
N PHE H 113 -11.15 46.15 16.44
CA PHE H 113 -10.41 47.26 17.05
C PHE H 113 -11.34 48.23 17.77
N ASN H 114 -10.74 49.05 18.63
CA ASN H 114 -11.51 50.05 19.38
C ASN H 114 -12.13 51.06 18.43
N LEU H 115 -13.45 51.25 18.52
CA LEU H 115 -14.11 52.22 17.67
C LEU H 115 -13.69 53.65 18.05
N LEU H 116 -13.79 54.54 17.06
CA LEU H 116 -13.29 55.90 17.22
C LEU H 116 -14.11 56.72 18.21
N ASP H 117 -15.38 56.38 18.45
CA ASP H 117 -16.17 57.17 19.37
C ASP H 117 -16.04 56.71 20.82
N GLY H 118 -15.17 55.72 21.10
CA GLY H 118 -14.96 55.27 22.46
C GLY H 118 -16.06 54.39 23.03
N THR H 119 -17.06 54.04 22.22
CA THR H 119 -18.22 53.29 22.69
C THR H 119 -18.06 51.78 22.59
N TYR H 120 -16.97 51.28 21.98
CA TYR H 120 -16.87 49.84 21.71
C TYR H 120 -15.38 49.50 21.61
N ASN H 121 -14.76 49.21 22.75
CA ASN H 121 -13.32 48.97 22.80
C ASN H 121 -13.03 47.48 22.64
N TYR H 122 -13.25 46.99 21.41
CA TYR H 122 -13.13 45.55 21.19
C TYR H 122 -11.70 45.06 21.40
N GLU H 123 -10.71 45.82 20.95
CA GLU H 123 -9.33 45.38 21.15
C GLU H 123 -8.99 45.28 22.62
N ASP H 124 -9.41 46.26 23.42
CA ASP H 124 -9.25 46.20 24.87
C ASP H 124 -9.90 44.95 25.45
N PHE H 125 -11.13 44.66 25.02
CA PHE H 125 -11.82 43.45 25.47
C PHE H 125 -11.00 42.20 25.17
N PHE H 126 -10.44 42.12 23.96
CA PHE H 126 -9.73 40.90 23.57
C PHE H 126 -8.55 40.65 24.49
N PHE H 127 -7.75 41.68 24.77
CA PHE H 127 -6.53 41.49 25.53
C PHE H 127 -6.77 41.48 27.04
N GLN H 128 -7.71 42.31 27.52
CA GLN H 128 -7.91 42.44 28.95
C GLN H 128 -8.96 41.50 29.51
N GLU H 129 -9.85 40.95 28.68
CA GLU H 129 -10.91 40.08 29.18
C GLU H 129 -10.94 38.71 28.54
N LEU H 130 -10.89 38.62 27.21
CA LEU H 130 -11.00 37.30 26.57
C LEU H 130 -9.80 36.42 26.93
N ILE H 131 -8.58 36.93 26.70
CA ILE H 131 -7.39 36.12 26.97
C ILE H 131 -7.31 35.70 28.43
N PRO H 132 -7.47 36.59 29.42
CA PRO H 132 -7.46 36.13 30.82
C PRO H 132 -8.59 35.17 31.13
N HIS H 133 -9.76 35.35 30.53
CA HIS H 133 -10.86 34.41 30.79
C HIS H 133 -10.48 33.01 30.32
N ILE H 134 -9.91 32.91 29.12
CA ILE H 134 -9.49 31.63 28.58
C ILE H 134 -8.45 30.98 29.49
N GLU H 135 -7.48 31.76 29.95
CA GLU H 135 -6.40 31.19 30.75
C GLU H 135 -6.88 30.75 32.13
N LYS H 136 -7.92 31.39 32.66
CA LYS H 136 -8.47 30.99 33.95
C LYS H 136 -9.43 29.82 33.82
N THR H 137 -10.16 29.73 32.71
CA THR H 137 -11.24 28.75 32.56
C THR H 137 -10.75 27.40 32.02
N TYR H 138 -9.68 27.39 31.23
CA TYR H 138 -9.17 26.18 30.60
C TYR H 138 -7.73 25.95 31.03
N ARG H 139 -7.24 24.74 30.79
CA ARG H 139 -5.88 24.39 31.19
C ARG H 139 -4.94 24.89 30.10
N VAL H 140 -4.53 26.15 30.25
CA VAL H 140 -3.80 26.89 29.24
C VAL H 140 -2.41 27.21 29.78
N ARG H 141 -1.38 27.03 28.95
CA ARG H 141 -0.06 27.55 29.32
C ARG H 141 -0.06 29.05 29.07
N ALA H 142 -0.14 29.83 30.15
CA ALA H 142 -0.42 31.26 30.06
C ALA H 142 0.86 32.08 29.93
N GLU H 143 1.56 31.84 28.82
CA GLU H 143 2.76 32.60 28.48
C GLU H 143 2.75 32.95 27.00
N SER H 144 3.45 34.02 26.65
CA SER H 144 3.49 34.45 25.27
C SER H 144 4.14 33.42 24.36
N ARG H 145 5.15 32.69 24.86
CA ARG H 145 5.80 31.65 24.07
C ARG H 145 4.86 30.51 23.71
N TYR H 146 3.67 30.46 24.33
CA TYR H 146 2.66 29.46 24.05
C TYR H 146 1.38 30.08 23.49
N ARG H 147 1.46 31.27 22.89
CA ARG H 147 0.29 31.98 22.40
C ARG H 147 0.51 32.42 20.95
N ALA H 148 -0.37 32.00 20.05
CA ALA H 148 -0.29 32.38 18.65
C ALA H 148 -1.62 32.93 18.18
N ILE H 149 -1.62 33.62 17.05
CA ILE H 149 -2.85 34.22 16.52
C ILE H 149 -2.85 34.15 15.00
N SER H 150 -4.01 33.85 14.44
CA SER H 150 -4.20 33.69 13.00
C SER H 150 -5.60 34.14 12.67
N GLY H 151 -5.85 34.46 11.40
CA GLY H 151 -7.18 34.82 10.95
C GLY H 151 -7.20 35.02 9.45
N LEU H 152 -8.41 35.09 8.91
CA LEU H 152 -8.61 35.28 7.46
C LEU H 152 -9.35 36.58 7.20
N SER H 153 -8.97 37.24 6.09
CA SER H 153 -9.61 38.46 5.57
C SER H 153 -9.63 39.54 6.65
N MET H 154 -10.80 40.02 7.09
CA MET H 154 -10.83 40.98 8.20
C MET H 154 -10.04 40.45 9.40
N GLY H 155 -10.15 39.16 9.68
CA GLY H 155 -9.41 38.56 10.78
C GLY H 155 -7.93 38.39 10.53
N GLY H 156 -7.51 38.37 9.27
CA GLY H 156 -6.08 38.42 8.99
C GLY H 156 -5.47 39.76 9.33
N GLY H 157 -6.15 40.85 8.98
CA GLY H 157 -5.76 42.17 9.47
C GLY H 157 -5.86 42.29 10.97
N GLY H 158 -6.88 41.64 11.57
CA GLY H 158 -6.95 41.62 13.02
C GLY H 158 -5.73 40.99 13.65
N ALA H 159 -5.35 39.79 13.16
CA ALA H 159 -4.17 39.11 13.67
C ALA H 159 -2.92 39.95 13.46
N LEU H 160 -2.78 40.54 12.27
CA LEU H 160 -1.61 41.33 11.94
C LEU H 160 -1.45 42.52 12.89
N PHE H 161 -2.51 43.32 13.07
CA PHE H 161 -2.38 44.52 13.88
C PHE H 161 -2.45 44.24 15.38
N TYR H 162 -3.12 43.17 15.79
CA TYR H 162 -3.00 42.75 17.19
C TYR H 162 -1.54 42.50 17.55
N ALA H 163 -0.83 41.77 16.69
CA ALA H 163 0.57 41.44 16.97
C ALA H 163 1.47 42.66 16.82
N LEU H 164 1.17 43.56 15.87
CA LEU H 164 1.99 44.76 15.76
C LEU H 164 1.74 45.72 16.92
N HIS H 165 0.51 45.76 17.46
CA HIS H 165 0.23 46.61 18.61
C HIS H 165 0.81 46.03 19.90
N TYR H 166 0.70 44.72 20.08
CA TYR H 166 1.11 44.06 21.32
C TYR H 166 2.00 42.88 21.00
N PRO H 167 3.20 43.14 20.45
CA PRO H 167 4.05 42.02 20.03
C PRO H 167 4.54 41.16 21.19
N GLU H 168 4.56 41.70 22.40
CA GLU H 168 4.94 40.93 23.57
C GLU H 168 3.93 39.83 23.91
N MET H 169 2.76 39.82 23.29
CA MET H 169 1.72 38.86 23.66
C MET H 169 1.72 37.58 22.81
N PHE H 170 2.47 37.52 21.71
CA PHE H 170 2.41 36.39 20.80
C PHE H 170 3.80 35.94 20.42
N VAL H 171 3.94 34.63 20.20
CA VAL H 171 5.18 34.07 19.67
C VAL H 171 5.10 33.82 18.16
N ALA H 172 3.90 33.68 17.61
CA ALA H 172 3.73 33.36 16.20
C ALA H 172 2.42 33.95 15.72
N VAL H 173 2.40 34.43 14.49
CA VAL H 173 1.27 35.14 13.91
C VAL H 173 1.10 34.70 12.47
N ALA H 174 -0.14 34.36 12.08
CA ALA H 174 -0.41 33.84 10.73
C ALA H 174 -1.58 34.52 10.05
N PRO H 175 -1.36 35.70 9.45
CA PRO H 175 -2.42 36.38 8.69
C PRO H 175 -2.66 35.67 7.36
N LEU H 176 -3.91 35.25 7.13
CA LEU H 176 -4.31 34.58 5.90
C LEU H 176 -5.17 35.50 5.07
N SER H 177 -4.80 35.69 3.80
CA SER H 177 -5.57 36.52 2.87
C SER H 177 -5.94 37.84 3.54
N ALA H 178 -4.98 38.42 4.24
CA ALA H 178 -5.22 39.57 5.12
C ALA H 178 -5.58 40.86 4.40
N VAL H 179 -6.59 41.54 4.93
CA VAL H 179 -6.93 42.93 4.52
C VAL H 179 -5.85 43.83 5.08
N GLY H 180 -5.68 45.00 4.49
CA GLY H 180 -4.68 45.95 4.96
C GLY H 180 -5.19 46.90 6.03
N GLY H 181 -4.33 47.80 6.41
CA GLY H 181 -4.65 48.77 7.45
C GLY H 181 -5.64 49.84 7.01
N ALA H 182 -5.54 50.30 5.76
CA ALA H 182 -6.46 51.34 5.30
C ALA H 182 -7.89 50.81 5.24
N TRP H 183 -8.07 49.58 4.77
CA TRP H 183 -9.40 48.97 4.79
C TRP H 183 -9.92 48.83 6.21
N THR H 184 -9.06 48.34 7.11
CA THR H 184 -9.47 48.17 8.51
C THR H 184 -9.86 49.50 9.13
N PHE H 185 -9.02 50.53 8.92
CA PHE H 185 -9.32 51.85 9.49
C PHE H 185 -10.59 52.42 8.90
N ASP H 186 -10.79 52.23 7.59
CA ASP H 186 -12.02 52.71 6.96
C ASP H 186 -13.25 52.05 7.57
N GLN H 187 -13.16 50.75 7.86
CA GLN H 187 -14.28 50.06 8.48
C GLN H 187 -14.50 50.54 9.91
N MET H 188 -13.42 50.86 10.64
CA MET H 188 -13.58 51.44 11.96
C MET H 188 -14.31 52.78 11.91
N LYS H 189 -14.00 53.62 10.91
CA LYS H 189 -14.67 54.91 10.82
C LYS H 189 -16.15 54.76 10.51
N ASN H 190 -16.50 53.86 9.58
CA ASN H 190 -17.88 53.72 9.15
C ASN H 190 -18.78 53.18 10.25
N GLN H 191 -18.23 52.60 11.30
CA GLN H 191 -19.01 52.13 12.42
C GLN H 191 -18.98 53.06 13.62
N SER H 192 -18.20 54.13 13.55
CA SER H 192 -18.08 55.11 14.63
C SER H 192 -18.97 56.30 14.33
N ASP H 193 -19.43 56.96 15.40
CA ASP H 193 -20.07 58.25 15.29
C ASP H 193 -18.97 59.31 15.19
N LEU H 194 -18.67 59.76 13.97
CA LEU H 194 -17.57 60.69 13.77
C LEU H 194 -17.86 62.09 14.29
N SER H 195 -19.10 62.38 14.67
CA SER H 195 -19.41 63.67 15.30
C SER H 195 -18.67 63.82 16.63
N LYS H 196 -18.34 62.71 17.27
CA LYS H 196 -17.67 62.71 18.56
C LYS H 196 -16.16 62.55 18.47
N VAL H 197 -15.60 62.47 17.25
CA VAL H 197 -14.20 62.14 17.06
C VAL H 197 -13.47 63.40 16.58
N SER H 198 -12.42 63.78 17.31
CA SER H 198 -11.60 64.92 16.91
C SER H 198 -10.72 64.56 15.70
N GLU H 199 -10.32 65.59 14.96
CA GLU H 199 -9.45 65.35 13.81
C GLU H 199 -8.07 64.89 14.24
N GLU H 200 -7.59 65.36 15.39
CA GLU H 200 -6.31 64.88 15.92
C GLU H 200 -6.39 63.40 16.26
N LYS H 201 -7.55 62.95 16.74
CA LYS H 201 -7.73 61.55 17.06
C LYS H 201 -7.77 60.68 15.81
N LYS H 202 -8.46 61.13 14.75
CA LYS H 202 -8.48 60.38 13.51
C LYS H 202 -7.07 60.16 12.99
N ALA H 203 -6.22 61.20 13.09
CA ALA H 203 -4.85 61.08 12.61
C ALA H 203 -4.04 60.13 13.48
N GLU H 204 -4.30 60.12 14.79
CA GLU H 204 -3.53 59.26 15.69
C GLU H 204 -3.79 57.79 15.40
N VAL H 205 -5.04 57.40 15.35
CA VAL H 205 -5.37 55.99 15.06
C VAL H 205 -4.89 55.65 13.65
N LEU H 206 -5.11 56.55 12.69
CA LEU H 206 -4.70 56.28 11.31
C LEU H 206 -3.26 55.79 11.28
N GLY H 207 -2.37 56.46 12.01
CA GLY H 207 -1.00 56.01 12.11
C GLY H 207 -0.86 54.68 12.83
N GLN H 208 -1.69 54.45 13.86
CA GLN H 208 -1.62 53.18 14.57
C GLN H 208 -2.15 52.02 13.76
N MET H 209 -2.87 52.30 12.66
CA MET H 209 -3.40 51.26 11.78
C MET H 209 -2.69 51.29 10.41
N ASP H 210 -1.44 51.72 10.38
CA ASP H 210 -0.64 51.77 9.16
C ASP H 210 0.66 51.02 9.39
N ILE H 211 0.92 49.99 8.57
CA ILE H 211 2.06 49.10 8.82
C ILE H 211 3.38 49.85 8.72
N GLN H 212 3.53 50.68 7.69
CA GLN H 212 4.79 51.40 7.51
C GLN H 212 5.06 52.33 8.69
N THR H 213 4.03 53.02 9.18
CA THR H 213 4.19 53.91 10.32
C THR H 213 4.62 53.13 11.57
N ILE H 214 3.96 52.00 11.83
CA ILE H 214 4.30 51.19 13.01
C ILE H 214 5.76 50.73 12.94
N LEU H 215 6.18 50.25 11.76
CA LEU H 215 7.54 49.72 11.62
C LEU H 215 8.60 50.82 11.67
N GLU H 216 8.27 52.01 11.21
CA GLU H 216 9.27 53.06 11.22
C GLU H 216 9.30 53.82 12.54
N LYS H 217 8.16 53.98 13.20
CA LYS H 217 8.08 54.89 14.33
C LYS H 217 7.98 54.21 15.69
N SER H 218 7.89 52.88 15.73
CA SER H 218 7.83 52.20 17.03
C SER H 218 9.17 52.29 17.75
N PRO H 219 9.17 52.34 19.08
CA PRO H 219 10.44 52.31 19.81
C PRO H 219 11.18 50.99 19.53
N LYS H 220 12.49 51.02 19.77
CA LYS H 220 13.32 49.89 19.36
C LYS H 220 12.88 48.60 20.05
N GLU H 221 12.50 48.70 21.32
CA GLU H 221 12.07 47.52 22.10
C GLU H 221 10.89 46.85 21.38
N LYS H 222 9.92 47.66 20.94
CA LYS H 222 8.76 47.15 20.23
C LYS H 222 9.16 46.55 18.88
N LEU H 223 10.05 47.23 18.14
CA LEU H 223 10.49 46.73 16.85
C LEU H 223 11.27 45.43 16.99
N ASP H 224 12.13 45.33 18.02
CA ASP H 224 12.87 44.09 18.26
C ASP H 224 11.91 42.92 18.50
N ARG H 225 10.84 43.16 19.26
CA ARG H 225 9.90 42.10 19.52
C ARG H 225 9.14 41.70 18.26
N ILE H 226 8.79 42.69 17.42
CA ILE H 226 8.14 42.39 16.14
C ILE H 226 9.03 41.51 15.29
N LYS H 227 10.34 41.79 15.30
CA LYS H 227 11.27 40.96 14.53
C LYS H 227 11.41 39.57 15.14
N TRP H 228 11.22 39.46 16.46
CA TRP H 228 11.36 38.18 17.15
C TRP H 228 10.20 37.25 16.83
N ILE H 229 8.99 37.80 16.63
CA ILE H 229 7.82 37.01 16.28
C ILE H 229 8.07 36.19 15.02
N ARG H 230 7.55 34.97 15.01
CA ARG H 230 7.57 34.13 13.82
C ARG H 230 6.28 34.36 13.02
N TRP H 231 6.43 34.96 11.84
CA TRP H 231 5.32 35.36 10.98
C TRP H 231 5.13 34.35 9.86
N TYR H 232 3.87 34.04 9.56
CA TYR H 232 3.49 33.21 8.43
C TYR H 232 2.36 33.91 7.69
N ILE H 233 2.66 34.44 6.50
CA ILE H 233 1.71 35.25 5.73
C ILE H 233 1.41 34.52 4.43
N SER H 234 0.13 34.21 4.20
CA SER H 234 -0.27 33.42 3.04
C SER H 234 -1.48 34.03 2.37
N CYS H 235 -1.45 34.09 1.04
CA CYS H 235 -2.55 34.67 0.28
C CYS H 235 -2.56 34.04 -1.11
N GLY H 236 -3.74 33.76 -1.65
CA GLY H 236 -3.83 33.18 -2.98
C GLY H 236 -3.52 34.18 -4.08
N ASP H 237 -2.98 33.67 -5.21
CA ASP H 237 -2.61 34.56 -6.30
C ASP H 237 -3.82 35.14 -7.03
N ASP H 238 -5.01 34.54 -6.89
CA ASP H 238 -6.22 35.05 -7.52
C ASP H 238 -7.08 35.88 -6.56
N ASP H 239 -6.62 36.07 -5.33
CA ASP H 239 -7.32 36.88 -4.34
C ASP H 239 -7.23 38.35 -4.71
N PHE H 240 -8.34 39.10 -4.54
CA PHE H 240 -8.26 40.54 -4.75
C PHE H 240 -7.28 41.21 -3.79
N LEU H 241 -6.87 40.54 -2.71
CA LEU H 241 -5.88 41.07 -1.78
C LEU H 241 -4.45 40.62 -2.09
N SER H 242 -4.20 39.98 -3.25
CA SER H 242 -2.86 39.48 -3.51
C SER H 242 -1.85 40.63 -3.62
N VAL H 243 -2.26 41.76 -4.22
CA VAL H 243 -1.34 42.90 -4.32
C VAL H 243 -1.03 43.47 -2.92
N THR H 244 -2.07 43.67 -2.10
CA THR H 244 -1.87 44.11 -0.72
C THR H 244 -0.85 43.23 0.01
N ASN H 245 -0.96 41.91 -0.14
CA ASN H 245 -0.09 41.02 0.60
C ASN H 245 1.30 40.94 -0.01
N CYS H 246 1.44 41.10 -1.33
CA CYS H 246 2.78 41.26 -1.90
C CYS H 246 3.44 42.55 -1.41
N LEU H 247 2.69 43.64 -1.31
CA LEU H 247 3.25 44.88 -0.77
C LEU H 247 3.67 44.70 0.68
N LEU H 248 2.92 43.91 1.45
CA LEU H 248 3.28 43.62 2.83
C LEU H 248 4.60 42.87 2.90
N HIS H 249 4.74 41.83 2.08
CA HIS H 249 6.01 41.10 1.99
C HIS H 249 7.17 42.04 1.76
N ASN H 250 7.03 42.93 0.77
CA ASN H 250 8.11 43.85 0.45
C ASN H 250 8.38 44.82 1.60
N THR H 251 7.32 45.33 2.23
CA THR H 251 7.52 46.25 3.33
C THR H 251 8.25 45.59 4.50
N LEU H 252 7.88 44.35 4.81
CA LEU H 252 8.53 43.66 5.91
C LEU H 252 10.02 43.45 5.64
N LEU H 253 10.38 43.02 4.43
CA LEU H 253 11.79 42.84 4.11
C LEU H 253 12.54 44.16 4.15
N GLN H 254 11.87 45.22 3.72
CA GLN H 254 12.48 46.57 3.68
C GLN H 254 12.84 46.99 5.11
N HIS H 255 12.03 46.56 6.07
CA HIS H 255 12.24 46.89 7.47
C HIS H 255 12.91 45.74 8.22
N GLN H 256 13.43 44.75 7.50
CA GLN H 256 14.23 43.67 8.10
C GLN H 256 13.42 42.85 9.09
N VAL H 257 12.14 42.64 8.79
CA VAL H 257 11.30 41.74 9.56
C VAL H 257 11.22 40.43 8.79
N GLY H 258 12.02 39.45 9.21
CA GLY H 258 11.97 38.15 8.59
C GLY H 258 10.64 37.46 8.83
N HIS H 259 10.22 36.68 7.84
CA HIS H 259 8.90 36.07 7.90
C HIS H 259 8.82 35.01 6.81
N GLU H 260 7.89 34.09 6.97
CA GLU H 260 7.52 33.18 5.90
C GLU H 260 6.44 33.85 5.06
N PHE H 261 6.61 33.83 3.73
CA PHE H 261 5.60 34.37 2.83
C PHE H 261 5.22 33.29 1.82
N ARG H 262 3.93 33.12 1.58
CA ARG H 262 3.44 32.16 0.61
C ARG H 262 2.39 32.83 -0.26
N MET H 263 2.54 32.71 -1.57
CA MET H 263 1.46 33.04 -2.49
C MET H 263 1.18 31.76 -3.25
N LYS H 264 0.05 31.13 -2.95
CA LYS H 264 -0.32 29.85 -3.52
C LYS H 264 -1.45 30.05 -4.50
N ASP H 265 -1.69 29.04 -5.34
CA ASP H 265 -2.85 29.10 -6.21
C ASP H 265 -4.10 29.15 -5.36
N GLY H 266 -5.01 30.05 -5.68
CA GLY H 266 -6.26 30.08 -4.96
C GLY H 266 -6.82 31.47 -4.88
N SER H 267 -8.04 31.55 -4.36
CA SER H 267 -8.78 32.79 -4.30
C SER H 267 -9.18 33.09 -2.86
N HIS H 268 -10.04 34.08 -2.72
CA HIS H 268 -10.58 34.51 -1.43
C HIS H 268 -11.72 33.56 -1.05
N SER H 269 -11.37 32.35 -0.61
CA SER H 269 -12.39 31.31 -0.47
C SER H 269 -12.08 30.40 0.71
N TRP H 270 -13.14 29.71 1.18
CA TRP H 270 -12.96 28.73 2.24
C TRP H 270 -12.16 27.51 1.82
N THR H 271 -12.09 27.22 0.50
CA THR H 271 -11.14 26.20 0.05
C THR H 271 -9.70 26.60 0.42
N TYR H 272 -9.35 27.86 0.21
CA TYR H 272 -8.03 28.35 0.57
C TYR H 272 -7.80 28.29 2.08
N TRP H 273 -8.77 28.74 2.89
CA TRP H 273 -8.52 28.84 4.32
C TRP H 273 -8.51 27.47 5.00
N ARG H 274 -9.33 26.52 4.53
CA ARG H 274 -9.23 25.16 5.04
C ARG H 274 -7.92 24.49 4.63
N MET H 275 -7.40 24.81 3.45
CA MET H 275 -6.09 24.30 3.07
C MET H 275 -4.99 24.86 3.98
N GLU H 276 -5.09 26.13 4.34
CA GLU H 276 -4.03 26.74 5.13
C GLU H 276 -4.11 26.43 6.62
N LEU H 277 -5.28 26.10 7.16
CA LEU H 277 -5.40 25.85 8.61
C LEU H 277 -4.43 24.78 9.11
N PRO H 278 -4.32 23.60 8.49
CA PRO H 278 -3.33 22.64 9.00
C PRO H 278 -1.89 23.12 8.83
N GLU H 279 -1.63 23.98 7.84
CA GLU H 279 -0.30 24.55 7.71
C GLU H 279 0.00 25.52 8.83
N VAL H 280 -0.99 26.35 9.18
CA VAL H 280 -0.83 27.25 10.32
C VAL H 280 -0.61 26.45 11.59
N MET H 281 -1.37 25.35 11.77
CA MET H 281 -1.23 24.54 12.98
C MET H 281 0.16 23.93 13.08
N ARG H 282 0.68 23.40 11.97
CA ARG H 282 2.04 22.87 11.97
C ARG H 282 3.05 23.98 12.25
N PHE H 283 2.83 25.15 11.65
CA PHE H 283 3.75 26.27 11.83
C PHE H 283 3.84 26.69 13.30
N VAL H 284 2.70 26.95 13.94
CA VAL H 284 2.81 27.43 15.32
C VAL H 284 3.20 26.28 16.23
N SER H 285 2.80 25.05 15.91
CA SER H 285 3.15 23.93 16.78
C SER H 285 4.67 23.76 16.89
N ARG H 286 5.39 23.84 15.76
CA ARG H 286 6.85 23.77 15.80
C ARG H 286 7.43 24.87 16.68
N ILE H 287 6.79 26.05 16.69
CA ILE H 287 7.24 27.14 17.57
C ILE H 287 6.91 26.84 19.04
N PHE H 288 5.72 26.28 19.30
CA PHE H 288 5.34 25.90 20.66
C PHE H 288 6.27 24.84 21.25
N THR H 289 6.61 23.82 20.46
CA THR H 289 7.41 22.72 20.96
C THR H 289 8.92 22.96 20.82
N GLN H 290 9.32 23.99 20.08
CA GLN H 290 10.71 24.22 19.65
C GLN H 290 11.17 23.14 18.70
N TYR H 291 12.33 23.34 18.05
CA TYR H 291 12.85 22.39 17.07
C TYR H 291 14.35 22.52 16.84
N GLN I 24 5.21 -2.71 -23.15
CA GLN I 24 4.22 -1.90 -22.45
C GLN I 24 3.72 -0.76 -23.33
N GLN I 25 4.51 -0.33 -24.31
CA GLN I 25 4.19 0.84 -25.11
C GLN I 25 3.86 0.45 -26.54
N GLY I 26 2.71 0.90 -27.02
CA GLY I 26 2.39 0.88 -28.44
C GLY I 26 3.13 2.01 -29.13
N LYS I 27 2.69 2.34 -30.34
CA LYS I 27 3.32 3.40 -31.09
C LYS I 27 2.31 4.04 -32.02
N VAL I 28 2.63 5.26 -32.46
CA VAL I 28 1.75 6.04 -33.32
C VAL I 28 2.53 6.43 -34.56
N TYR I 29 1.91 6.25 -35.71
CA TYR I 29 2.36 6.85 -36.96
C TYR I 29 1.38 7.94 -37.37
N GLU I 30 1.91 9.15 -37.61
CA GLU I 30 1.13 10.31 -38.01
C GLU I 30 1.28 10.70 -39.47
N THR I 31 2.34 10.23 -40.15
CA THR I 31 2.69 10.81 -41.43
C THR I 31 2.33 9.92 -42.62
N ARG I 32 1.69 8.78 -42.40
CA ARG I 32 1.35 7.92 -43.52
C ARG I 32 0.05 8.39 -44.16
N THR I 33 -0.15 7.97 -45.42
CA THR I 33 -1.30 8.44 -46.18
C THR I 33 -1.94 7.30 -46.94
N VAL I 34 -3.18 7.55 -47.36
CA VAL I 34 -3.90 6.68 -48.30
C VAL I 34 -3.96 7.40 -49.63
N LYS I 35 -3.63 6.70 -50.71
CA LYS I 35 -3.81 7.30 -52.02
C LYS I 35 -5.28 7.21 -52.37
N SER I 36 -5.97 8.35 -52.40
CA SER I 36 -7.39 8.39 -52.64
C SER I 36 -7.67 8.82 -54.06
N LYS I 37 -8.24 7.91 -54.86
CA LYS I 37 -8.79 8.32 -56.14
C LYS I 37 -10.05 9.14 -55.96
N ILE I 38 -10.87 8.81 -54.96
CA ILE I 38 -12.13 9.51 -54.76
C ILE I 38 -11.91 10.99 -54.47
N LEU I 39 -10.92 11.31 -53.64
CA LEU I 39 -10.60 12.69 -53.32
C LEU I 39 -9.46 13.26 -54.15
N GLY I 40 -8.85 12.45 -55.02
CA GLY I 40 -7.80 12.91 -55.91
C GLY I 40 -6.55 13.41 -55.20
N MET I 41 -6.15 12.75 -54.12
CA MET I 41 -5.01 13.21 -53.32
C MET I 41 -4.60 12.11 -52.36
N GLU I 42 -3.40 12.27 -51.81
CA GLU I 42 -3.00 11.50 -50.64
C GLU I 42 -3.73 12.04 -49.40
N ARG I 43 -4.36 11.16 -48.62
CA ARG I 43 -5.11 11.58 -47.44
C ARG I 43 -4.41 11.09 -46.18
N SER I 44 -4.24 11.99 -45.22
CA SER I 44 -3.55 11.65 -43.98
C SER I 44 -4.45 10.85 -43.06
N TYR I 45 -3.82 10.07 -42.20
CA TYR I 45 -4.45 9.48 -41.03
C TYR I 45 -3.37 9.29 -39.98
N SER I 46 -3.78 9.16 -38.72
CA SER I 46 -2.89 8.66 -37.69
C SER I 46 -3.35 7.26 -37.28
N ILE I 47 -2.43 6.46 -36.78
CA ILE I 47 -2.79 5.10 -36.37
C ILE I 47 -1.99 4.76 -35.13
N TYR I 48 -2.68 4.20 -34.13
CA TYR I 48 -2.06 3.63 -32.93
C TYR I 48 -1.97 2.13 -33.11
N LEU I 49 -0.78 1.58 -32.95
CA LEU I 49 -0.59 0.14 -32.95
C LEU I 49 -0.25 -0.32 -31.54
N PRO I 50 -0.89 -1.37 -31.03
CA PRO I 50 -0.70 -1.73 -29.63
C PRO I 50 0.67 -2.34 -29.38
N ALA I 51 1.04 -2.39 -28.10
CA ALA I 51 2.29 -3.02 -27.71
C ALA I 51 2.36 -4.46 -28.24
N GLY I 52 3.53 -4.86 -28.70
CA GLY I 52 3.63 -6.21 -29.21
C GLY I 52 3.00 -6.44 -30.57
N TYR I 53 2.52 -5.40 -31.24
CA TYR I 53 2.14 -5.53 -32.64
C TYR I 53 3.29 -6.10 -33.47
N ASP I 54 4.52 -5.78 -33.11
CA ASP I 54 5.66 -6.20 -33.91
C ASP I 54 6.16 -7.61 -33.60
N GLU I 55 5.56 -8.31 -32.64
CA GLU I 55 5.90 -9.70 -32.36
C GLU I 55 4.70 -10.59 -32.67
N GLY I 56 4.97 -11.83 -33.04
CA GLY I 56 3.87 -12.67 -33.45
C GLY I 56 3.34 -12.24 -34.81
N ASP I 57 2.22 -12.87 -35.21
CA ASP I 57 1.68 -12.66 -36.55
C ASP I 57 0.18 -12.38 -36.52
N GLY I 58 -0.40 -12.11 -35.34
CA GLY I 58 -1.83 -12.06 -35.19
C GLY I 58 -2.46 -10.75 -35.66
N SER I 59 -3.79 -10.73 -35.65
CA SER I 59 -4.54 -9.58 -36.13
C SER I 59 -5.37 -8.99 -35.01
N TYR I 60 -5.82 -7.74 -35.23
CA TYR I 60 -6.44 -6.95 -34.18
C TYR I 60 -7.75 -6.34 -34.65
N PRO I 61 -8.70 -6.14 -33.74
CA PRO I 61 -9.88 -5.32 -34.05
C PRO I 61 -9.48 -3.86 -34.16
N VAL I 62 -10.37 -3.02 -34.71
CA VAL I 62 -10.04 -1.63 -34.99
C VAL I 62 -11.13 -0.70 -34.44
N LEU I 63 -10.70 0.35 -33.76
CA LEU I 63 -11.55 1.48 -33.40
C LEU I 63 -11.20 2.66 -34.30
N TYR I 64 -12.16 3.14 -35.09
CA TYR I 64 -11.99 4.39 -35.82
C TYR I 64 -12.41 5.55 -34.92
N LEU I 65 -11.56 6.56 -34.80
CA LEU I 65 -11.68 7.60 -33.78
C LEU I 65 -11.58 8.97 -34.46
N LEU I 66 -12.69 9.72 -34.44
CA LEU I 66 -12.87 10.90 -35.30
C LEU I 66 -12.73 12.20 -34.50
N HIS I 67 -12.04 13.17 -35.10
CA HIS I 67 -11.79 14.45 -34.46
C HIS I 67 -12.95 15.43 -34.66
N GLY I 68 -12.88 16.56 -33.96
CA GLY I 68 -13.85 17.62 -34.08
C GLY I 68 -13.40 18.71 -35.05
N LEU I 69 -14.24 19.74 -35.15
CA LEU I 69 -14.03 20.81 -36.13
C LEU I 69 -12.79 21.61 -35.79
N GLY I 70 -11.92 21.81 -36.79
CA GLY I 70 -10.72 22.58 -36.60
C GLY I 70 -9.48 21.77 -36.30
N ASP I 71 -9.63 20.51 -35.86
CA ASP I 71 -8.49 19.62 -35.71
C ASP I 71 -8.37 18.70 -36.91
N ASN I 72 -7.22 18.00 -36.99
CA ASN I 72 -7.06 16.97 -38.01
C ASN I 72 -6.60 15.66 -37.37
N HIS I 73 -5.91 14.81 -38.15
CA HIS I 73 -5.53 13.49 -37.67
C HIS I 73 -4.56 13.53 -36.50
N THR I 74 -3.96 14.68 -36.20
CA THR I 74 -3.10 14.79 -35.04
C THR I 74 -3.86 15.16 -33.76
N GLY I 75 -5.16 15.47 -33.87
CA GLY I 75 -5.89 15.95 -32.71
C GLY I 75 -6.00 14.92 -31.61
N TRP I 76 -6.45 13.70 -31.95
CA TRP I 76 -6.54 12.66 -30.93
C TRP I 76 -5.16 12.23 -30.46
N VAL I 77 -4.11 12.54 -31.22
CA VAL I 77 -2.75 12.19 -30.82
C VAL I 77 -2.21 13.19 -29.79
N GLN I 78 -2.23 14.48 -30.15
CA GLN I 78 -1.62 15.52 -29.32
C GLN I 78 -2.54 15.94 -28.17
N PHE I 79 -3.83 16.17 -28.46
CA PHE I 79 -4.77 16.58 -27.43
C PHE I 79 -5.40 15.38 -26.73
N GLY I 80 -5.79 14.37 -27.51
CA GLY I 80 -6.41 13.18 -26.93
C GLY I 80 -5.44 12.30 -26.19
N GLN I 81 -4.13 12.47 -26.44
CA GLN I 81 -3.11 11.67 -25.78
C GLN I 81 -3.38 10.18 -25.96
N VAL I 82 -3.78 9.81 -27.18
CA VAL I 82 -4.24 8.44 -27.44
C VAL I 82 -3.16 7.43 -27.07
N GLN I 83 -1.89 7.75 -27.34
CA GLN I 83 -0.85 6.75 -27.08
C GLN I 83 -0.72 6.44 -25.59
N TYR I 84 -0.62 7.48 -24.75
CA TYR I 84 -0.54 7.24 -23.31
C TYR I 84 -1.79 6.55 -22.78
N ILE I 85 -2.97 7.01 -23.22
CA ILE I 85 -4.22 6.51 -22.65
C ILE I 85 -4.47 5.07 -23.11
N ALA I 86 -4.27 4.78 -24.40
CA ALA I 86 -4.44 3.41 -24.88
C ALA I 86 -3.40 2.47 -24.28
N ASP I 87 -2.12 2.91 -24.24
CA ASP I 87 -1.09 2.08 -23.61
C ASP I 87 -1.50 1.64 -22.21
N LYS I 88 -1.99 2.60 -21.42
CA LYS I 88 -2.33 2.34 -20.04
C LYS I 88 -3.54 1.41 -19.93
N ALA I 89 -4.60 1.68 -20.71
CA ALA I 89 -5.81 0.86 -20.63
C ALA I 89 -5.52 -0.59 -21.02
N ILE I 90 -4.71 -0.79 -22.05
CA ILE I 90 -4.41 -2.15 -22.49
C ILE I 90 -3.49 -2.85 -21.49
N ALA I 91 -2.46 -2.14 -21.01
CA ALA I 91 -1.52 -2.75 -20.07
C ALA I 91 -2.22 -3.14 -18.77
N GLU I 92 -3.20 -2.35 -18.35
CA GLU I 92 -3.92 -2.64 -17.11
C GLU I 92 -5.02 -3.66 -17.31
N GLY I 93 -5.30 -4.09 -18.54
CA GLY I 93 -6.38 -5.01 -18.78
C GLY I 93 -7.77 -4.41 -18.78
N LYS I 94 -7.87 -3.08 -18.76
CA LYS I 94 -9.17 -2.43 -18.90
C LYS I 94 -9.69 -2.58 -20.33
N SER I 95 -8.78 -2.70 -21.30
CA SER I 95 -9.11 -2.89 -22.70
C SER I 95 -8.26 -4.01 -23.25
N ALA I 96 -8.83 -4.81 -24.16
CA ALA I 96 -8.03 -5.72 -24.95
C ALA I 96 -7.22 -4.92 -25.97
N PRO I 97 -6.12 -5.47 -26.49
CA PRO I 97 -5.36 -4.73 -27.50
C PRO I 97 -6.22 -4.44 -28.72
N MET I 98 -6.02 -3.27 -29.29
CA MET I 98 -6.74 -2.90 -30.51
C MET I 98 -5.92 -1.86 -31.26
N ILE I 99 -6.19 -1.77 -32.54
CA ILE I 99 -5.63 -0.74 -33.40
C ILE I 99 -6.61 0.44 -33.40
N ILE I 100 -6.10 1.66 -33.38
CA ILE I 100 -6.94 2.85 -33.39
C ILE I 100 -6.54 3.71 -34.58
N VAL I 101 -7.50 4.02 -35.44
CA VAL I 101 -7.27 4.77 -36.67
C VAL I 101 -7.96 6.13 -36.55
N MET I 102 -7.21 7.19 -36.82
CA MET I 102 -7.68 8.56 -36.68
C MET I 102 -7.58 9.26 -38.03
N PRO I 103 -8.67 9.36 -38.78
CA PRO I 103 -8.59 9.95 -40.13
C PRO I 103 -8.45 11.47 -40.08
N ASP I 104 -7.93 12.02 -41.16
CA ASP I 104 -7.89 13.47 -41.36
C ASP I 104 -9.15 13.88 -42.10
N ALA I 105 -10.06 14.58 -41.42
CA ALA I 105 -11.27 15.13 -42.03
C ALA I 105 -11.26 16.65 -41.94
N ASP I 106 -10.09 17.24 -42.08
CA ASP I 106 -9.90 18.68 -42.00
C ASP I 106 -9.33 19.28 -43.27
N THR I 107 -8.37 18.61 -43.89
CA THR I 107 -7.72 19.16 -45.09
C THR I 107 -8.70 19.24 -46.24
N VAL I 108 -8.62 20.36 -46.98
CA VAL I 108 -9.45 20.72 -48.13
C VAL I 108 -10.83 21.17 -47.68
N HIS I 109 -11.58 20.29 -47.01
CA HIS I 109 -12.89 20.61 -46.47
C HIS I 109 -13.02 19.95 -45.10
N LYS I 110 -13.74 20.61 -44.19
CA LYS I 110 -13.88 20.09 -42.83
C LYS I 110 -15.20 19.34 -42.72
N GLY I 111 -15.12 18.06 -42.34
CA GLY I 111 -16.35 17.30 -42.21
C GLY I 111 -16.28 15.90 -42.78
N TYR I 112 -17.26 15.07 -42.45
CA TYR I 112 -17.17 13.63 -42.70
C TYR I 112 -18.02 13.15 -43.87
N PHE I 113 -18.80 14.03 -44.50
CA PHE I 113 -19.83 13.56 -45.43
C PHE I 113 -19.60 14.07 -46.83
N ASN I 114 -20.28 13.43 -47.79
CA ASN I 114 -20.19 13.84 -49.18
C ASN I 114 -20.79 15.23 -49.35
N LEU I 115 -20.03 16.13 -49.97
CA LEU I 115 -20.54 17.47 -50.24
C LEU I 115 -21.64 17.41 -51.30
N LEU I 116 -22.53 18.40 -51.23
CA LEU I 116 -23.74 18.44 -52.06
C LEU I 116 -23.43 18.70 -53.53
N ASP I 117 -22.30 19.32 -53.86
CA ASP I 117 -21.95 19.64 -55.24
C ASP I 117 -21.19 18.50 -55.94
N GLY I 118 -21.02 17.36 -55.29
CA GLY I 118 -20.38 16.22 -55.90
C GLY I 118 -18.88 16.30 -56.00
N THR I 119 -18.24 17.34 -55.47
CA THR I 119 -16.82 17.56 -55.64
C THR I 119 -15.95 16.93 -54.56
N TYR I 120 -16.54 16.37 -53.50
CA TYR I 120 -15.73 15.94 -52.35
C TYR I 120 -16.52 14.87 -51.59
N ASN I 121 -16.39 13.62 -52.04
CA ASN I 121 -17.14 12.51 -51.48
C ASN I 121 -16.37 11.87 -50.34
N TYR I 122 -16.30 12.59 -49.21
CA TYR I 122 -15.48 12.11 -48.10
C TYR I 122 -16.05 10.82 -47.50
N GLU I 123 -17.36 10.71 -47.38
CA GLU I 123 -17.93 9.49 -46.79
C GLU I 123 -17.62 8.28 -47.66
N ASP I 124 -17.75 8.43 -48.98
CA ASP I 124 -17.32 7.37 -49.90
C ASP I 124 -15.86 7.03 -49.69
N PHE I 125 -15.00 8.06 -49.55
CA PHE I 125 -13.58 7.82 -49.30
C PHE I 125 -13.38 6.98 -48.05
N PHE I 126 -14.07 7.33 -46.96
CA PHE I 126 -13.86 6.64 -45.69
C PHE I 126 -14.18 5.15 -45.84
N PHE I 127 -15.30 4.82 -46.46
CA PHE I 127 -15.73 3.42 -46.52
C PHE I 127 -15.07 2.67 -47.66
N GLN I 128 -14.87 3.32 -48.83
CA GLN I 128 -14.34 2.60 -49.98
C GLN I 128 -12.83 2.67 -50.09
N GLU I 129 -12.16 3.57 -49.39
CA GLU I 129 -10.71 3.65 -49.56
C GLU I 129 -9.96 3.53 -48.24
N LEU I 130 -10.36 4.28 -47.21
CA LEU I 130 -9.63 4.26 -45.94
C LEU I 130 -9.73 2.91 -45.25
N ILE I 131 -10.95 2.42 -45.03
CA ILE I 131 -11.11 1.11 -44.38
C ILE I 131 -10.40 -0.01 -45.14
N PRO I 132 -10.58 -0.15 -46.46
CA PRO I 132 -9.81 -1.20 -47.16
C PRO I 132 -8.30 -0.99 -47.11
N HIS I 133 -7.83 0.27 -47.13
CA HIS I 133 -6.40 0.51 -47.02
C HIS I 133 -5.86 0.05 -45.67
N ILE I 134 -6.58 0.37 -44.59
CA ILE I 134 -6.17 -0.07 -43.25
C ILE I 134 -6.11 -1.59 -43.18
N GLU I 135 -7.13 -2.25 -43.73
CA GLU I 135 -7.19 -3.72 -43.62
C GLU I 135 -6.14 -4.41 -44.50
N LYS I 136 -5.70 -3.76 -45.58
CA LYS I 136 -4.65 -4.35 -46.40
C LYS I 136 -3.27 -4.09 -45.82
N THR I 137 -3.08 -2.91 -45.22
CA THR I 137 -1.77 -2.45 -44.78
C THR I 137 -1.40 -2.96 -43.39
N TYR I 138 -2.37 -3.18 -42.52
CA TYR I 138 -2.12 -3.57 -41.14
C TYR I 138 -2.78 -4.92 -40.87
N ARG I 139 -2.36 -5.57 -39.79
CA ARG I 139 -2.87 -6.90 -39.45
C ARG I 139 -4.18 -6.70 -38.69
N VAL I 140 -5.27 -6.60 -39.45
CA VAL I 140 -6.58 -6.20 -38.95
C VAL I 140 -7.54 -7.36 -39.17
N ARG I 141 -8.37 -7.66 -38.16
CA ARG I 141 -9.48 -8.59 -38.35
C ARG I 141 -10.57 -7.83 -39.09
N ALA I 142 -10.72 -8.10 -40.38
CA ALA I 142 -11.53 -7.26 -41.27
C ALA I 142 -12.97 -7.76 -41.33
N GLU I 143 -13.65 -7.68 -40.18
CA GLU I 143 -15.05 -8.04 -40.10
C GLU I 143 -15.76 -7.01 -39.24
N SER I 144 -17.06 -6.86 -39.48
CA SER I 144 -17.83 -5.86 -38.74
C SER I 144 -17.83 -6.13 -37.24
N ARG I 145 -17.82 -7.40 -36.83
CA ARG I 145 -17.80 -7.73 -35.40
C ARG I 145 -16.53 -7.23 -34.72
N TYR I 146 -15.50 -6.84 -35.50
CA TYR I 146 -14.24 -6.33 -34.99
C TYR I 146 -14.00 -4.89 -35.37
N ARG I 147 -15.06 -4.13 -35.66
CA ARG I 147 -14.94 -2.76 -36.14
C ARG I 147 -15.84 -1.85 -35.33
N ALA I 148 -15.26 -0.82 -34.72
CA ALA I 148 -16.04 0.14 -33.94
C ALA I 148 -15.67 1.55 -34.39
N ILE I 149 -16.52 2.51 -34.04
CA ILE I 149 -16.27 3.90 -34.43
C ILE I 149 -16.75 4.82 -33.29
N SER I 150 -15.96 5.86 -33.03
CA SER I 150 -16.24 6.85 -31.99
C SER I 150 -15.69 8.19 -32.47
N GLY I 151 -16.18 9.27 -31.85
CA GLY I 151 -15.66 10.59 -32.19
C GLY I 151 -16.24 11.63 -31.27
N LEU I 152 -15.67 12.84 -31.33
CA LEU I 152 -16.14 13.94 -30.49
C LEU I 152 -16.65 15.09 -31.34
N SER I 153 -17.72 15.74 -30.86
CA SER I 153 -18.31 16.95 -31.46
C SER I 153 -18.67 16.65 -32.91
N MET I 154 -18.10 17.35 -33.89
CA MET I 154 -18.33 17.03 -35.29
C MET I 154 -18.10 15.56 -35.59
N GLY I 155 -17.06 14.96 -34.99
CA GLY I 155 -16.76 13.55 -35.17
C GLY I 155 -17.70 12.61 -34.42
N GLY I 156 -18.37 13.11 -33.38
CA GLY I 156 -19.44 12.34 -32.77
C GLY I 156 -20.64 12.25 -33.69
N GLY I 157 -21.00 13.35 -34.35
CA GLY I 157 -22.01 13.29 -35.38
C GLY I 157 -21.57 12.43 -36.57
N GLY I 158 -20.28 12.48 -36.90
CA GLY I 158 -19.76 11.60 -37.94
C GLY I 158 -19.93 10.14 -37.59
N ALA I 159 -19.49 9.75 -36.39
CA ALA I 159 -19.62 8.36 -35.95
C ALA I 159 -21.09 7.95 -35.95
N LEU I 160 -21.96 8.83 -35.44
CA LEU I 160 -23.39 8.52 -35.36
C LEU I 160 -23.99 8.27 -36.75
N PHE I 161 -23.78 9.20 -37.69
CA PHE I 161 -24.43 9.03 -38.98
C PHE I 161 -23.70 8.08 -39.91
N TYR I 162 -22.39 7.89 -39.75
CA TYR I 162 -21.71 6.79 -40.43
C TYR I 162 -22.40 5.47 -40.10
N ALA I 163 -22.71 5.25 -38.82
CA ALA I 163 -23.32 4.00 -38.39
C ALA I 163 -24.77 3.89 -38.81
N LEU I 164 -25.49 5.01 -38.82
CA LEU I 164 -26.87 4.97 -39.30
C LEU I 164 -26.92 4.78 -40.82
N HIS I 165 -25.92 5.26 -41.54
CA HIS I 165 -25.86 5.05 -42.98
C HIS I 165 -25.41 3.64 -43.35
N TYR I 166 -24.43 3.10 -42.61
CA TYR I 166 -23.85 1.79 -42.89
C TYR I 166 -23.82 0.95 -41.62
N PRO I 167 -24.99 0.58 -41.08
CA PRO I 167 -24.99 -0.14 -39.80
C PRO I 167 -24.36 -1.51 -39.91
N GLU I 168 -24.32 -2.09 -41.12
CA GLU I 168 -23.67 -3.36 -41.34
C GLU I 168 -22.15 -3.31 -41.15
N MET I 169 -21.54 -2.13 -41.07
CA MET I 169 -20.09 -2.02 -41.01
C MET I 169 -19.52 -1.98 -39.60
N PHE I 170 -20.36 -1.83 -38.57
CA PHE I 170 -19.86 -1.62 -37.22
C PHE I 170 -20.60 -2.51 -36.22
N VAL I 171 -19.88 -2.92 -35.18
CA VAL I 171 -20.51 -3.64 -34.08
C VAL I 171 -20.80 -2.69 -32.90
N ALA I 172 -20.08 -1.58 -32.78
CA ALA I 172 -20.21 -0.69 -31.62
C ALA I 172 -19.88 0.72 -32.05
N VAL I 173 -20.63 1.69 -31.52
CA VAL I 173 -20.55 3.09 -31.91
C VAL I 173 -20.62 3.96 -30.66
N ALA I 174 -19.68 4.91 -30.52
CA ALA I 174 -19.57 5.75 -29.32
C ALA I 174 -19.48 7.23 -29.66
N PRO I 175 -20.61 7.89 -29.93
CA PRO I 175 -20.59 9.35 -30.15
C PRO I 175 -20.43 10.11 -28.83
N LEU I 176 -19.39 10.93 -28.75
CA LEU I 176 -19.07 11.73 -27.57
C LEU I 176 -19.37 13.19 -27.86
N SER I 177 -20.18 13.82 -27.01
CA SER I 177 -20.47 15.26 -27.14
C SER I 177 -20.86 15.61 -28.58
N ALA I 178 -21.74 14.79 -29.15
CA ALA I 178 -21.98 14.79 -30.59
C ALA I 178 -22.88 15.92 -31.05
N VAL I 179 -22.50 16.54 -32.17
CA VAL I 179 -23.42 17.41 -32.89
C VAL I 179 -24.53 16.57 -33.52
N GLY I 180 -25.65 17.23 -33.80
CA GLY I 180 -26.77 16.59 -34.44
C GLY I 180 -26.75 16.69 -35.96
N GLY I 181 -27.78 16.13 -36.58
CA GLY I 181 -27.84 16.08 -38.03
C GLY I 181 -28.05 17.43 -38.68
N ALA I 182 -28.85 18.30 -38.06
CA ALA I 182 -29.12 19.60 -38.65
C ALA I 182 -27.85 20.45 -38.73
N TRP I 183 -27.04 20.43 -37.65
CA TRP I 183 -25.76 21.13 -37.67
C TRP I 183 -24.83 20.56 -38.73
N THR I 184 -24.75 19.24 -38.81
CA THR I 184 -23.89 18.59 -39.79
C THR I 184 -24.31 18.97 -41.21
N PHE I 185 -25.62 18.94 -41.49
CA PHE I 185 -26.10 19.26 -42.83
C PHE I 185 -25.83 20.71 -43.19
N ASP I 186 -26.00 21.62 -42.22
CA ASP I 186 -25.74 23.04 -42.48
C ASP I 186 -24.29 23.23 -42.88
N GLN I 187 -23.41 22.47 -42.23
CA GLN I 187 -21.95 22.48 -42.49
C GLN I 187 -21.68 21.99 -43.93
N MET I 188 -22.36 20.91 -44.34
CA MET I 188 -22.18 20.35 -45.67
C MET I 188 -22.59 21.37 -46.73
N LYS I 189 -23.68 22.10 -46.48
CA LYS I 189 -24.19 23.11 -47.40
C LYS I 189 -23.23 24.27 -47.54
N ASN I 190 -22.70 24.78 -46.41
CA ASN I 190 -21.85 25.96 -46.48
C ASN I 190 -20.52 25.69 -47.16
N GLN I 191 -20.14 24.42 -47.34
CA GLN I 191 -18.94 24.10 -48.07
C GLN I 191 -19.21 23.69 -49.51
N SER I 192 -20.47 23.56 -49.90
CA SER I 192 -20.83 23.13 -51.23
C SER I 192 -21.15 24.33 -52.11
N ASP I 193 -20.88 24.18 -53.40
CA ASP I 193 -21.35 25.15 -54.39
C ASP I 193 -22.80 24.81 -54.65
N LEU I 194 -23.71 25.55 -54.01
CA LEU I 194 -25.12 25.25 -54.13
C LEU I 194 -25.68 25.63 -55.49
N SER I 195 -24.92 26.36 -56.32
CA SER I 195 -25.35 26.60 -57.68
C SER I 195 -25.44 25.29 -58.46
N LYS I 196 -24.69 24.28 -58.03
CA LYS I 196 -24.69 22.97 -58.66
C LYS I 196 -25.64 21.99 -57.98
N VAL I 197 -26.37 22.44 -56.95
CA VAL I 197 -27.21 21.58 -56.14
C VAL I 197 -28.68 21.91 -56.44
N SER I 198 -29.46 20.90 -56.83
CA SER I 198 -30.89 21.08 -56.98
C SER I 198 -31.55 21.05 -55.61
N GLU I 199 -32.74 21.66 -55.53
CA GLU I 199 -33.48 21.58 -54.27
C GLU I 199 -33.95 20.16 -53.98
N GLU I 200 -34.18 19.35 -55.02
CA GLU I 200 -34.55 17.96 -54.81
C GLU I 200 -33.43 17.18 -54.13
N LYS I 201 -32.16 17.48 -54.46
CA LYS I 201 -31.07 16.79 -53.79
C LYS I 201 -30.94 17.27 -52.34
N LYS I 202 -31.14 18.58 -52.11
CA LYS I 202 -31.11 19.11 -50.76
C LYS I 202 -32.11 18.39 -49.88
N ALA I 203 -33.29 18.08 -50.43
CA ALA I 203 -34.30 17.39 -49.65
C ALA I 203 -33.91 15.95 -49.36
N GLU I 204 -33.28 15.28 -50.33
CA GLU I 204 -32.90 13.89 -50.13
C GLU I 204 -31.83 13.76 -49.06
N VAL I 205 -30.77 14.57 -49.15
CA VAL I 205 -29.67 14.48 -48.19
C VAL I 205 -30.09 14.96 -46.80
N LEU I 206 -30.93 15.98 -46.71
CA LEU I 206 -31.37 16.40 -45.38
C LEU I 206 -32.08 15.25 -44.67
N GLY I 207 -32.94 14.52 -45.40
CA GLY I 207 -33.58 13.36 -44.81
C GLY I 207 -32.58 12.28 -44.44
N GLN I 208 -31.51 12.12 -45.22
CA GLN I 208 -30.47 11.17 -44.87
C GLN I 208 -29.64 11.63 -43.68
N MET I 209 -29.75 12.90 -43.31
CA MET I 209 -29.05 13.46 -42.16
C MET I 209 -30.00 13.82 -41.02
N ASP I 210 -31.14 13.12 -40.95
CA ASP I 210 -32.11 13.31 -39.87
C ASP I 210 -32.41 11.96 -39.23
N ILE I 211 -32.10 11.83 -37.94
CA ILE I 211 -32.21 10.52 -37.29
C ILE I 211 -33.65 10.04 -37.28
N GLN I 212 -34.60 10.94 -37.04
CA GLN I 212 -36.01 10.58 -37.00
C GLN I 212 -36.44 9.97 -38.34
N THR I 213 -36.04 10.60 -39.45
CA THR I 213 -36.39 10.09 -40.76
C THR I 213 -35.75 8.72 -41.01
N ILE I 214 -34.47 8.59 -40.69
CA ILE I 214 -33.75 7.33 -40.91
C ILE I 214 -34.43 6.19 -40.17
N LEU I 215 -34.78 6.41 -38.89
CA LEU I 215 -35.34 5.33 -38.07
C LEU I 215 -36.76 4.94 -38.51
N GLU I 216 -37.54 5.88 -39.01
CA GLU I 216 -38.92 5.60 -39.38
C GLU I 216 -39.05 5.04 -40.80
N LYS I 217 -38.17 5.44 -41.72
CA LYS I 217 -38.31 5.02 -43.10
C LYS I 217 -37.32 3.92 -43.50
N SER I 218 -36.42 3.52 -42.60
CA SER I 218 -35.50 2.45 -42.94
C SER I 218 -36.26 1.12 -43.02
N PRO I 219 -35.87 0.24 -43.94
CA PRO I 219 -36.46 -1.10 -43.98
C PRO I 219 -36.12 -1.88 -42.71
N LYS I 220 -36.89 -2.97 -42.50
CA LYS I 220 -36.74 -3.75 -41.28
C LYS I 220 -35.32 -4.28 -41.11
N GLU I 221 -34.76 -4.79 -42.19
CA GLU I 221 -33.39 -5.34 -42.15
C GLU I 221 -32.42 -4.26 -41.62
N LYS I 222 -32.51 -3.04 -42.13
CA LYS I 222 -31.62 -1.96 -41.68
C LYS I 222 -31.93 -1.55 -40.25
N LEU I 223 -33.21 -1.43 -39.91
CA LEU I 223 -33.57 -1.03 -38.55
C LEU I 223 -33.12 -2.08 -37.53
N ASP I 224 -33.25 -3.36 -37.88
CA ASP I 224 -32.78 -4.43 -37.02
C ASP I 224 -31.27 -4.33 -36.77
N ARG I 225 -30.49 -3.99 -37.80
CA ARG I 225 -29.06 -3.87 -37.60
C ARG I 225 -28.73 -2.68 -36.70
N ILE I 226 -29.44 -1.56 -36.87
CA ILE I 226 -29.24 -0.39 -36.00
C ILE I 226 -29.51 -0.76 -34.55
N LYS I 227 -30.56 -1.54 -34.30
CA LYS I 227 -30.85 -1.98 -32.93
C LYS I 227 -29.82 -2.97 -32.41
N TRP I 228 -29.21 -3.75 -33.30
CA TRP I 228 -28.20 -4.72 -32.90
C TRP I 228 -26.87 -4.06 -32.49
N ILE I 229 -26.51 -2.96 -33.13
CA ILE I 229 -25.30 -2.22 -32.78
C ILE I 229 -25.31 -1.86 -31.30
N ARG I 230 -24.15 -1.92 -30.66
CA ARG I 230 -23.99 -1.49 -29.28
C ARG I 230 -23.59 -0.02 -29.25
N TRP I 231 -24.49 0.83 -28.73
CA TRP I 231 -24.30 2.27 -28.71
C TRP I 231 -23.88 2.77 -27.33
N TYR I 232 -22.89 3.67 -27.30
CA TYR I 232 -22.47 4.35 -26.08
C TYR I 232 -22.43 5.84 -26.38
N ILE I 233 -23.38 6.59 -25.81
CA ILE I 233 -23.56 8.02 -26.09
C ILE I 233 -23.29 8.78 -24.80
N SER I 234 -22.31 9.68 -24.83
CA SER I 234 -21.87 10.38 -23.62
C SER I 234 -21.66 11.85 -23.90
N CYS I 235 -22.11 12.70 -22.98
CA CYS I 235 -22.01 14.15 -23.15
C CYS I 235 -22.02 14.81 -21.77
N GLY I 236 -21.20 15.84 -21.59
CA GLY I 236 -21.15 16.52 -20.30
C GLY I 236 -22.38 17.40 -20.07
N ASP I 237 -22.74 17.56 -18.79
CA ASP I 237 -23.95 18.33 -18.46
C ASP I 237 -23.78 19.81 -18.69
N ASP I 238 -22.55 20.31 -18.75
CA ASP I 238 -22.31 21.73 -18.98
C ASP I 238 -22.02 22.04 -20.45
N ASP I 239 -22.07 21.02 -21.31
CA ASP I 239 -21.84 21.18 -22.74
C ASP I 239 -23.01 21.89 -23.42
N PHE I 240 -22.70 22.79 -24.35
CA PHE I 240 -23.77 23.42 -25.13
C PHE I 240 -24.56 22.38 -25.96
N LEU I 241 -24.02 21.19 -26.14
CA LEU I 241 -24.72 20.12 -26.83
C LEU I 241 -25.50 19.18 -25.89
N SER I 242 -25.61 19.52 -24.60
CA SER I 242 -26.27 18.59 -23.68
C SER I 242 -27.73 18.37 -24.04
N VAL I 243 -28.44 19.42 -24.47
CA VAL I 243 -29.84 19.28 -24.84
C VAL I 243 -29.98 18.40 -26.07
N THR I 244 -29.16 18.66 -27.09
CA THR I 244 -29.16 17.82 -28.29
C THR I 244 -29.01 16.34 -27.93
N ASN I 245 -28.12 16.04 -26.99
CA ASN I 245 -27.87 14.64 -26.70
C ASN I 245 -28.94 14.04 -25.79
N CYS I 246 -29.53 14.86 -24.90
CA CYS I 246 -30.69 14.37 -24.18
C CYS I 246 -31.85 14.10 -25.14
N LEU I 247 -32.05 14.96 -26.14
CA LEU I 247 -33.07 14.71 -27.14
C LEU I 247 -32.76 13.43 -27.93
N LEU I 248 -31.47 13.18 -28.20
CA LEU I 248 -31.08 11.96 -28.89
C LEU I 248 -31.42 10.73 -28.04
N HIS I 249 -31.10 10.78 -26.75
CA HIS I 249 -31.48 9.70 -25.84
C HIS I 249 -32.98 9.40 -25.92
N ASN I 250 -33.80 10.44 -25.85
CA ASN I 250 -35.26 10.23 -25.87
C ASN I 250 -35.72 9.66 -27.21
N THR I 251 -35.15 10.16 -28.31
CA THR I 251 -35.53 9.66 -29.64
C THR I 251 -35.18 8.19 -29.81
N LEU I 252 -34.00 7.78 -29.36
CA LEU I 252 -33.61 6.38 -29.51
C LEU I 252 -34.54 5.47 -28.72
N LEU I 253 -34.85 5.85 -27.47
CA LEU I 253 -35.79 5.04 -26.68
C LEU I 253 -37.18 5.06 -27.30
N GLN I 254 -37.58 6.20 -27.87
CA GLN I 254 -38.87 6.29 -28.55
C GLN I 254 -38.96 5.32 -29.72
N HIS I 255 -37.84 5.01 -30.36
CA HIS I 255 -37.81 4.07 -31.47
C HIS I 255 -37.28 2.70 -31.08
N GLN I 256 -37.17 2.42 -29.79
CA GLN I 256 -36.77 1.11 -29.27
C GLN I 256 -35.36 0.72 -29.72
N VAL I 257 -34.47 1.71 -29.77
CA VAL I 257 -33.04 1.49 -30.00
C VAL I 257 -32.35 1.54 -28.64
N GLY I 258 -32.08 0.37 -28.07
CA GLY I 258 -31.36 0.34 -26.81
C GLY I 258 -29.94 0.85 -26.95
N HIS I 259 -29.46 1.47 -25.88
CA HIS I 259 -28.15 2.11 -25.91
C HIS I 259 -27.75 2.44 -24.49
N GLU I 260 -26.44 2.65 -24.29
CA GLU I 260 -25.93 3.24 -23.08
C GLU I 260 -25.93 4.75 -23.25
N PHE I 261 -26.45 5.47 -22.25
CA PHE I 261 -26.42 6.93 -22.27
C PHE I 261 -25.74 7.43 -21.00
N ARG I 262 -24.83 8.38 -21.16
CA ARG I 262 -24.16 8.96 -20.02
C ARG I 262 -24.20 10.48 -20.13
N MET I 263 -24.64 11.14 -19.07
CA MET I 263 -24.45 12.58 -18.94
C MET I 263 -23.64 12.79 -17.67
N LYS I 264 -22.38 13.13 -17.83
CA LYS I 264 -21.45 13.26 -16.73
C LYS I 264 -21.12 14.72 -16.51
N ASP I 265 -20.52 15.02 -15.36
CA ASP I 265 -20.05 16.38 -15.13
C ASP I 265 -19.01 16.71 -16.19
N GLY I 266 -19.13 17.88 -16.79
CA GLY I 266 -18.10 18.28 -17.74
C GLY I 266 -18.65 19.16 -18.83
N SER I 267 -17.74 19.68 -19.63
CA SER I 267 -18.05 20.64 -20.66
C SER I 267 -17.53 20.10 -22.00
N HIS I 268 -17.57 20.97 -23.01
CA HIS I 268 -17.11 20.66 -24.35
C HIS I 268 -15.59 20.84 -24.38
N SER I 269 -14.88 19.87 -23.78
CA SER I 269 -13.45 20.07 -23.54
C SER I 269 -12.68 18.77 -23.68
N TRP I 270 -11.36 18.91 -23.88
CA TRP I 270 -10.49 17.74 -23.94
C TRP I 270 -10.36 17.04 -22.61
N THR I 271 -10.64 17.72 -21.49
CA THR I 271 -10.75 17.00 -20.22
C THR I 271 -11.84 15.93 -20.29
N TYR I 272 -13.00 16.28 -20.85
CA TYR I 272 -14.08 15.30 -20.99
C TYR I 272 -13.69 14.16 -21.94
N TRP I 273 -13.10 14.51 -23.09
CA TRP I 273 -12.85 13.49 -24.12
C TRP I 273 -11.71 12.56 -23.74
N ARG I 274 -10.69 13.07 -23.03
CA ARG I 274 -9.65 12.18 -22.50
C ARG I 274 -10.20 11.28 -21.39
N MET I 275 -11.14 11.80 -20.59
CA MET I 275 -11.81 10.96 -19.59
C MET I 275 -12.61 9.85 -20.24
N GLU I 276 -13.28 10.15 -21.35
CA GLU I 276 -14.14 9.14 -22.00
C GLU I 276 -13.39 8.14 -22.85
N LEU I 277 -12.19 8.48 -23.36
CA LEU I 277 -11.50 7.57 -24.26
C LEU I 277 -11.27 6.18 -23.65
N PRO I 278 -10.74 6.03 -22.43
CA PRO I 278 -10.62 4.66 -21.89
C PRO I 278 -11.95 4.01 -21.62
N GLU I 279 -13.01 4.79 -21.35
CA GLU I 279 -14.33 4.20 -21.21
C GLU I 279 -14.84 3.65 -22.53
N VAL I 280 -14.61 4.39 -23.62
CA VAL I 280 -14.94 3.91 -24.97
C VAL I 280 -14.14 2.64 -25.30
N MET I 281 -12.84 2.63 -24.97
CA MET I 281 -12.03 1.46 -25.26
C MET I 281 -12.53 0.23 -24.51
N ARG I 282 -12.87 0.39 -23.24
CA ARG I 282 -13.41 -0.74 -22.47
C ARG I 282 -14.74 -1.19 -23.05
N PHE I 283 -15.57 -0.24 -23.45
CA PHE I 283 -16.88 -0.56 -24.02
C PHE I 283 -16.76 -1.41 -25.29
N VAL I 284 -15.95 -0.95 -26.25
CA VAL I 284 -15.85 -1.71 -27.51
C VAL I 284 -15.02 -2.97 -27.30
N SER I 285 -14.03 -2.94 -26.39
CA SER I 285 -13.22 -4.12 -26.17
C SER I 285 -14.08 -5.28 -25.68
N ARG I 286 -14.99 -5.00 -24.74
CA ARG I 286 -15.87 -6.05 -24.25
C ARG I 286 -16.71 -6.65 -25.38
N ILE I 287 -17.09 -5.82 -26.36
CA ILE I 287 -17.85 -6.30 -27.51
C ILE I 287 -16.97 -7.13 -28.44
N PHE I 288 -15.73 -6.68 -28.66
CA PHE I 288 -14.78 -7.42 -29.49
C PHE I 288 -14.49 -8.80 -28.90
N THR I 289 -14.26 -8.88 -27.59
CA THR I 289 -13.89 -10.16 -26.96
C THR I 289 -15.07 -11.02 -26.58
N GLN I 290 -16.30 -10.47 -26.62
CA GLN I 290 -17.51 -11.08 -26.06
C GLN I 290 -17.41 -11.16 -24.54
N TYR I 291 -18.53 -11.45 -23.86
CA TYR I 291 -18.54 -11.53 -22.40
C TYR I 291 -19.72 -12.34 -21.88
N GLN J 24 -16.81 6.94 15.78
CA GLN J 24 -16.83 6.63 14.36
C GLN J 24 -18.26 6.52 13.84
N GLN J 25 -19.18 6.09 14.70
CA GLN J 25 -20.54 5.77 14.29
C GLN J 25 -21.52 6.79 14.87
N GLY J 26 -22.36 7.33 14.00
CA GLY J 26 -23.55 8.05 14.41
C GLY J 26 -24.62 7.06 14.85
N LYS J 27 -25.86 7.54 14.91
CA LYS J 27 -26.94 6.67 15.33
C LYS J 27 -28.24 7.11 14.69
N VAL J 28 -29.20 6.19 14.68
CA VAL J 28 -30.50 6.41 14.05
C VAL J 28 -31.60 6.17 15.07
N TYR J 29 -32.55 7.10 15.16
CA TYR J 29 -33.80 6.88 15.88
C TYR J 29 -34.91 6.74 14.84
N GLU J 30 -35.66 5.63 14.92
CA GLU J 30 -36.75 5.31 14.01
C GLU J 30 -38.12 5.49 14.61
N THR J 31 -38.24 5.54 15.93
CA THR J 31 -39.53 5.39 16.58
C THR J 31 -40.07 6.70 17.14
N ARG J 32 -39.39 7.83 16.92
CA ARG J 32 -39.87 9.10 17.44
C ARG J 32 -40.92 9.70 16.52
N THR J 33 -41.72 10.59 17.09
CA THR J 33 -42.84 11.20 16.38
C THR J 33 -42.92 12.69 16.70
N VAL J 34 -43.58 13.43 15.82
CA VAL J 34 -44.02 14.79 16.08
C VAL J 34 -45.53 14.78 16.14
N LYS J 35 -46.09 15.46 17.14
CA LYS J 35 -47.54 15.59 17.27
C LYS J 35 -48.01 16.67 16.29
N SER J 36 -48.79 16.26 15.30
CA SER J 36 -49.22 17.15 14.22
C SER J 36 -50.66 17.59 14.46
N LYS J 37 -50.85 18.88 14.67
CA LYS J 37 -52.21 19.43 14.69
C LYS J 37 -52.83 19.39 13.31
N ILE J 38 -52.02 19.65 12.28
CA ILE J 38 -52.50 19.74 10.90
C ILE J 38 -53.04 18.39 10.43
N LEU J 39 -52.35 17.30 10.75
CA LEU J 39 -52.79 15.96 10.38
C LEU J 39 -53.57 15.26 11.49
N GLY J 40 -53.65 15.86 12.67
CA GLY J 40 -54.43 15.28 13.77
C GLY J 40 -53.92 13.95 14.27
N MET J 41 -52.60 13.76 14.31
CA MET J 41 -52.04 12.48 14.71
C MET J 41 -50.56 12.66 15.00
N GLU J 42 -49.98 11.66 15.66
CA GLU J 42 -48.53 11.55 15.74
C GLU J 42 -47.99 11.11 14.39
N ARG J 43 -46.95 11.79 13.90
CA ARG J 43 -46.34 11.45 12.63
C ARG J 43 -44.92 10.96 12.86
N SER J 44 -44.57 9.84 12.22
CA SER J 44 -43.26 9.25 12.36
C SER J 44 -42.21 9.95 11.49
N TYR J 45 -40.97 9.88 11.94
CA TYR J 45 -39.80 10.22 11.12
C TYR J 45 -38.64 9.39 11.66
N SER J 46 -37.62 9.22 10.82
CA SER J 46 -36.34 8.71 11.26
C SER J 46 -35.33 9.85 11.21
N ILE J 47 -34.30 9.76 12.04
CA ILE J 47 -33.27 10.80 12.06
C ILE J 47 -31.92 10.13 12.26
N TYR J 48 -30.94 10.56 11.47
CA TYR J 48 -29.54 10.19 11.65
C TYR J 48 -28.83 11.33 12.37
N LEU J 49 -28.18 11.00 13.49
CA LEU J 49 -27.36 11.98 14.17
C LEU J 49 -25.90 11.62 13.98
N PRO J 50 -25.03 12.56 13.63
CA PRO J 50 -23.64 12.19 13.31
C PRO J 50 -22.87 11.81 14.56
N ALA J 51 -21.75 11.12 14.33
CA ALA J 51 -20.84 10.77 15.42
C ALA J 51 -20.42 12.01 16.19
N GLY J 52 -20.32 11.89 17.50
CA GLY J 52 -19.96 13.10 18.23
C GLY J 52 -21.07 14.13 18.36
N TYR J 53 -22.29 13.82 17.89
CA TYR J 53 -23.43 14.66 18.22
C TYR J 53 -23.56 14.85 19.72
N ASP J 54 -23.21 13.84 20.50
CA ASP J 54 -23.42 13.89 21.94
C ASP J 54 -22.31 14.58 22.71
N GLU J 55 -21.19 14.93 22.08
CA GLU J 55 -20.18 15.72 22.77
C GLU J 55 -20.08 17.11 22.19
N GLY J 56 -19.67 18.06 23.02
CA GLY J 56 -19.75 19.46 22.63
C GLY J 56 -21.19 19.95 22.66
N ASP J 57 -21.39 21.19 22.21
CA ASP J 57 -22.68 21.84 22.30
C ASP J 57 -23.13 22.45 20.98
N GLY J 58 -22.45 22.14 19.88
CA GLY J 58 -22.68 22.82 18.61
C GLY J 58 -23.85 22.27 17.84
N SER J 59 -24.16 22.96 16.75
CA SER J 59 -25.32 22.66 15.92
C SER J 59 -24.89 22.24 14.52
N TYR J 60 -25.82 21.62 13.79
CA TYR J 60 -25.53 20.96 12.54
C TYR J 60 -26.50 21.39 11.45
N PRO J 61 -26.07 21.39 10.19
CA PRO J 61 -27.02 21.52 9.08
C PRO J 61 -27.83 20.23 8.91
N VAL J 62 -28.92 20.32 8.12
CA VAL J 62 -29.86 19.21 8.01
C VAL J 62 -30.13 18.89 6.54
N LEU J 63 -30.08 17.60 6.20
CA LEU J 63 -30.55 17.10 4.91
C LEU J 63 -31.87 16.35 5.16
N TYR J 64 -32.95 16.82 4.55
CA TYR J 64 -34.21 16.08 4.54
C TYR J 64 -34.21 15.10 3.38
N LEU J 65 -34.53 13.84 3.68
CA LEU J 65 -34.31 12.73 2.74
C LEU J 65 -35.59 11.92 2.60
N LEU J 66 -36.21 11.96 1.41
CA LEU J 66 -37.59 11.50 1.21
C LEU J 66 -37.64 10.16 0.50
N HIS J 67 -38.54 9.29 0.96
CA HIS J 67 -38.68 7.94 0.40
C HIS J 67 -39.61 7.91 -0.81
N GLY J 68 -39.64 6.76 -1.47
CA GLY J 68 -40.52 6.54 -2.60
C GLY J 68 -41.81 5.85 -2.21
N LEU J 69 -42.61 5.55 -3.23
CA LEU J 69 -43.95 5.00 -3.01
C LEU J 69 -43.88 3.59 -2.43
N GLY J 70 -44.62 3.37 -1.34
CA GLY J 70 -44.68 2.08 -0.70
C GLY J 70 -43.75 1.90 0.47
N ASP J 71 -42.72 2.74 0.61
CA ASP J 71 -41.87 2.72 1.79
C ASP J 71 -42.31 3.80 2.76
N ASN J 72 -41.78 3.77 3.97
CA ASN J 72 -42.02 4.84 4.93
C ASN J 72 -40.69 5.34 5.46
N HIS J 73 -40.71 5.94 6.66
CA HIS J 73 -39.51 6.52 7.25
C HIS J 73 -38.41 5.50 7.52
N THR J 74 -38.70 4.21 7.45
CA THR J 74 -37.63 3.22 7.60
C THR J 74 -36.96 2.87 6.28
N GLY J 75 -37.46 3.38 5.15
CA GLY J 75 -36.92 2.99 3.85
C GLY J 75 -35.47 3.39 3.67
N TRP J 76 -35.14 4.66 3.92
CA TRP J 76 -33.74 5.08 3.78
C TRP J 76 -32.85 4.48 4.86
N VAL J 77 -33.42 4.00 5.96
CA VAL J 77 -32.64 3.35 7.00
C VAL J 77 -32.26 1.92 6.59
N GLN J 78 -33.27 1.11 6.28
CA GLN J 78 -33.04 -0.31 6.00
C GLN J 78 -32.53 -0.56 4.57
N PHE J 79 -33.15 0.09 3.58
CA PHE J 79 -32.73 -0.11 2.19
C PHE J 79 -31.63 0.87 1.80
N GLY J 80 -31.78 2.14 2.19
CA GLY J 80 -30.79 3.15 1.86
C GLY J 80 -29.50 3.04 2.65
N GLN J 81 -29.53 2.30 3.77
CA GLN J 81 -28.35 2.11 4.62
C GLN J 81 -27.75 3.46 5.03
N VAL J 82 -28.62 4.40 5.41
CA VAL J 82 -28.16 5.76 5.66
C VAL J 82 -27.08 5.80 6.73
N GLN J 83 -27.19 4.96 7.76
CA GLN J 83 -26.26 5.05 8.88
C GLN J 83 -24.85 4.66 8.44
N TYR J 84 -24.70 3.52 7.78
CA TYR J 84 -23.38 3.10 7.31
C TYR J 84 -22.80 4.10 6.31
N ILE J 85 -23.62 4.54 5.35
CA ILE J 85 -23.13 5.40 4.29
C ILE J 85 -22.75 6.78 4.83
N ALA J 86 -23.61 7.37 5.68
CA ALA J 86 -23.29 8.66 6.26
C ALA J 86 -22.09 8.59 7.22
N ASP J 87 -22.04 7.55 8.07
CA ASP J 87 -20.89 7.34 8.94
C ASP J 87 -19.59 7.35 8.15
N LYS J 88 -19.56 6.59 7.04
CA LYS J 88 -18.36 6.46 6.23
C LYS J 88 -18.00 7.76 5.53
N ALA J 89 -18.98 8.41 4.89
CA ALA J 89 -18.70 9.65 4.18
C ALA J 89 -18.16 10.73 5.12
N ILE J 90 -18.73 10.81 6.33
CA ILE J 90 -18.31 11.82 7.29
C ILE J 90 -16.94 11.48 7.88
N ALA J 91 -16.73 10.22 8.24
CA ALA J 91 -15.45 9.80 8.80
C ALA J 91 -14.30 9.98 7.80
N GLU J 92 -14.57 9.77 6.51
CA GLU J 92 -13.52 9.93 5.50
C GLU J 92 -13.30 11.37 5.09
N GLY J 93 -14.10 12.31 5.59
CA GLY J 93 -13.99 13.68 5.16
C GLY J 93 -14.59 13.98 3.80
N LYS J 94 -15.33 13.04 3.21
CA LYS J 94 -16.05 13.34 1.97
C LYS J 94 -17.24 14.24 2.26
N SER J 95 -17.78 14.20 3.46
CA SER J 95 -18.88 15.05 3.87
C SER J 95 -18.57 15.62 5.24
N ALA J 96 -18.98 16.86 5.48
CA ALA J 96 -18.99 17.38 6.84
C ALA J 96 -20.12 16.73 7.61
N PRO J 97 -20.07 16.74 8.94
CA PRO J 97 -21.18 16.18 9.73
C PRO J 97 -22.48 16.90 9.42
N MET J 98 -23.57 16.14 9.38
CA MET J 98 -24.89 16.72 9.18
C MET J 98 -25.93 15.80 9.80
N ILE J 99 -27.08 16.36 10.10
CA ILE J 99 -28.24 15.60 10.54
C ILE J 99 -29.07 15.24 9.31
N ILE J 100 -29.63 14.03 9.29
CA ILE J 100 -30.44 13.59 8.17
C ILE J 100 -31.80 13.18 8.71
N VAL J 101 -32.86 13.79 8.20
CA VAL J 101 -34.23 13.57 8.64
C VAL J 101 -35.01 12.89 7.53
N MET J 102 -35.67 11.79 7.87
CA MET J 102 -36.40 10.97 6.91
C MET J 102 -37.87 10.90 7.34
N PRO J 103 -38.75 11.72 6.75
CA PRO J 103 -40.15 11.73 7.15
C PRO J 103 -40.90 10.49 6.69
N ASP J 104 -42.01 10.22 7.37
CA ASP J 104 -42.96 9.20 6.96
C ASP J 104 -44.04 9.88 6.11
N ALA J 105 -44.05 9.62 4.81
CA ALA J 105 -45.11 10.12 3.93
C ALA J 105 -45.89 8.98 3.34
N ASP J 106 -46.10 7.94 4.15
CA ASP J 106 -46.79 6.72 3.77
C ASP J 106 -48.04 6.45 4.59
N THR J 107 -47.98 6.66 5.91
CA THR J 107 -49.13 6.33 6.77
C THR J 107 -50.32 7.22 6.45
N VAL J 108 -51.51 6.62 6.45
CA VAL J 108 -52.81 7.24 6.16
C VAL J 108 -52.97 7.47 4.66
N HIS J 109 -52.08 8.30 4.09
CA HIS J 109 -52.04 8.55 2.66
C HIS J 109 -50.59 8.58 2.21
N LYS J 110 -50.35 8.14 0.98
CA LYS J 110 -48.99 8.07 0.42
C LYS J 110 -48.75 9.31 -0.45
N GLY J 111 -47.71 10.07 -0.14
CA GLY J 111 -47.39 11.25 -0.93
C GLY J 111 -47.08 12.46 -0.08
N TYR J 112 -46.54 13.48 -0.76
CA TYR J 112 -45.94 14.62 -0.07
C TYR J 112 -46.79 15.88 -0.09
N PHE J 113 -47.93 15.88 -0.76
CA PHE J 113 -48.62 17.14 -1.02
C PHE J 113 -50.02 17.16 -0.41
N ASN J 114 -50.58 18.37 -0.30
CA ASN J 114 -51.93 18.54 0.23
C ASN J 114 -52.94 17.87 -0.69
N LEU J 115 -53.80 17.03 -0.11
CA LEU J 115 -54.84 16.42 -0.92
C LEU J 115 -55.86 17.48 -1.33
N LEU J 116 -56.50 17.25 -2.48
CA LEU J 116 -57.36 18.27 -3.04
C LEU J 116 -58.65 18.49 -2.23
N ASP J 117 -59.09 17.50 -1.45
CA ASP J 117 -60.32 17.64 -0.69
C ASP J 117 -60.09 18.32 0.66
N GLY J 118 -58.88 18.81 0.94
CA GLY J 118 -58.62 19.53 2.16
C GLY J 118 -58.51 18.71 3.41
N THR J 119 -58.57 17.38 3.31
CA THR J 119 -58.59 16.51 4.48
C THR J 119 -57.21 16.07 4.96
N TYR J 120 -56.14 16.40 4.23
CA TYR J 120 -54.82 15.84 4.55
C TYR J 120 -53.75 16.78 3.97
N ASN J 121 -53.37 17.80 4.73
CA ASN J 121 -52.46 18.85 4.26
C ASN J 121 -51.02 18.48 4.60
N TYR J 122 -50.50 17.46 3.92
CA TYR J 122 -49.18 16.94 4.27
C TYR J 122 -48.08 17.98 4.00
N GLU J 123 -48.16 18.71 2.89
CA GLU J 123 -47.13 19.70 2.63
C GLU J 123 -47.11 20.77 3.71
N ASP J 124 -48.29 21.24 4.13
CA ASP J 124 -48.38 22.17 5.25
C ASP J 124 -47.72 21.58 6.50
N PHE J 125 -48.01 20.31 6.82
CA PHE J 125 -47.38 19.65 7.97
C PHE J 125 -45.86 19.68 7.87
N PHE J 126 -45.31 19.34 6.70
CA PHE J 126 -43.87 19.26 6.55
C PHE J 126 -43.22 20.60 6.89
N PHE J 127 -43.77 21.69 6.35
CA PHE J 127 -43.12 22.99 6.52
C PHE J 127 -43.50 23.65 7.85
N GLN J 128 -44.74 23.52 8.29
CA GLN J 128 -45.20 24.23 9.48
C GLN J 128 -45.04 23.46 10.78
N GLU J 129 -44.85 22.14 10.72
CA GLU J 129 -44.74 21.33 11.92
C GLU J 129 -43.46 20.49 11.96
N LEU J 130 -43.16 19.75 10.89
CA LEU J 130 -41.98 18.88 10.95
C LEU J 130 -40.70 19.70 11.07
N ILE J 131 -40.48 20.65 10.16
CA ILE J 131 -39.25 21.45 10.20
C ILE J 131 -39.11 22.19 11.53
N PRO J 132 -40.13 22.91 12.04
CA PRO J 132 -39.94 23.53 13.37
C PRO J 132 -39.70 22.50 14.48
N HIS J 133 -40.36 21.34 14.41
CA HIS J 133 -40.15 20.33 15.44
C HIS J 133 -38.70 19.84 15.43
N ILE J 134 -38.13 19.59 14.25
CA ILE J 134 -36.73 19.16 14.18
C ILE J 134 -35.83 20.23 14.79
N GLU J 135 -36.06 21.50 14.44
CA GLU J 135 -35.17 22.57 14.88
C GLU J 135 -35.27 22.83 16.38
N LYS J 136 -36.43 22.57 16.99
CA LYS J 136 -36.53 22.74 18.44
C LYS J 136 -35.90 21.58 19.20
N THR J 137 -36.02 20.36 18.65
CA THR J 137 -35.65 19.15 19.38
C THR J 137 -34.19 18.78 19.25
N TYR J 138 -33.53 19.14 18.14
CA TYR J 138 -32.16 18.75 17.89
C TYR J 138 -31.31 20.00 17.73
N ARG J 139 -29.99 19.84 17.82
CA ARG J 139 -29.10 21.00 17.77
C ARG J 139 -28.85 21.30 16.29
N VAL J 140 -29.76 22.09 15.71
CA VAL J 140 -29.84 22.32 14.28
C VAL J 140 -29.57 23.79 14.01
N ARG J 141 -28.76 24.07 12.99
CA ARG J 141 -28.61 25.44 12.51
C ARG J 141 -29.85 25.73 11.68
N ALA J 142 -30.77 26.51 12.25
CA ALA J 142 -32.12 26.66 11.72
C ALA J 142 -32.18 27.81 10.70
N GLU J 143 -31.45 27.64 9.61
CA GLU J 143 -31.46 28.63 8.54
C GLU J 143 -31.48 27.92 7.19
N SER J 144 -32.01 28.63 6.19
CA SER J 144 -32.10 28.04 4.85
C SER J 144 -30.72 27.70 4.28
N ARG J 145 -29.69 28.48 4.61
CA ARG J 145 -28.34 28.16 4.11
C ARG J 145 -27.82 26.84 4.66
N TYR J 146 -28.47 26.28 5.67
CA TYR J 146 -28.07 25.01 6.26
C TYR J 146 -29.14 23.94 6.10
N ARG J 147 -30.01 24.06 5.09
CA ARG J 147 -31.13 23.16 4.91
C ARG J 147 -31.15 22.67 3.46
N ALA J 148 -31.10 21.36 3.28
CA ALA J 148 -31.15 20.77 1.95
C ALA J 148 -32.23 19.69 1.94
N ILE J 149 -32.63 19.28 0.74
CA ILE J 149 -33.66 18.25 0.60
C ILE J 149 -33.34 17.38 -0.62
N SER J 150 -33.57 16.07 -0.46
CA SER J 150 -33.30 15.08 -1.49
C SER J 150 -34.35 13.98 -1.35
N GLY J 151 -34.53 13.20 -2.40
CA GLY J 151 -35.46 12.08 -2.34
C GLY J 151 -35.39 11.28 -3.62
N LEU J 152 -35.99 10.08 -3.58
CA LEU J 152 -35.99 9.20 -4.74
C LEU J 152 -37.42 8.93 -5.19
N SER J 153 -37.60 8.83 -6.51
CA SER J 153 -38.88 8.44 -7.14
C SER J 153 -39.97 9.41 -6.68
N MET J 154 -41.03 8.94 -6.01
CA MET J 154 -42.04 9.82 -5.44
C MET J 154 -41.40 10.92 -4.59
N GLY J 155 -40.38 10.56 -3.80
CA GLY J 155 -39.69 11.53 -2.97
C GLY J 155 -38.78 12.46 -3.75
N GLY J 156 -38.33 12.05 -4.94
CA GLY J 156 -37.63 12.98 -5.81
C GLY J 156 -38.56 14.05 -6.37
N GLY J 157 -39.76 13.65 -6.78
CA GLY J 157 -40.77 14.64 -7.12
C GLY J 157 -41.17 15.48 -5.93
N GLY J 158 -41.20 14.87 -4.74
CA GLY J 158 -41.46 15.65 -3.54
C GLY J 158 -40.42 16.72 -3.31
N ALA J 159 -39.14 16.34 -3.35
CA ALA J 159 -38.06 17.30 -3.14
C ALA J 159 -38.10 18.42 -4.19
N LEU J 160 -38.32 18.04 -5.45
CA LEU J 160 -38.36 19.01 -6.54
C LEU J 160 -39.46 20.04 -6.33
N PHE J 161 -40.69 19.59 -6.07
CA PHE J 161 -41.78 20.55 -5.98
C PHE J 161 -41.86 21.24 -4.62
N TYR J 162 -41.34 20.62 -3.56
CA TYR J 162 -41.19 21.37 -2.31
C TYR J 162 -40.32 22.60 -2.55
N ALA J 163 -39.22 22.42 -3.28
CA ALA J 163 -38.29 23.51 -3.55
C ALA J 163 -38.86 24.53 -4.53
N LEU J 164 -39.61 24.07 -5.53
CA LEU J 164 -40.25 25.02 -6.45
C LEU J 164 -41.37 25.79 -5.76
N HIS J 165 -42.05 25.17 -4.78
CA HIS J 165 -43.09 25.88 -4.03
C HIS J 165 -42.49 26.84 -3.01
N TYR J 166 -41.44 26.42 -2.31
CA TYR J 166 -40.87 27.20 -1.21
C TYR J 166 -39.36 27.29 -1.40
N PRO J 167 -38.90 27.98 -2.45
CA PRO J 167 -37.45 28.02 -2.71
C PRO J 167 -36.67 28.76 -1.64
N GLU J 168 -37.31 29.64 -0.87
CA GLU J 168 -36.64 30.33 0.22
C GLU J 168 -36.24 29.41 1.36
N MET J 169 -36.74 28.17 1.39
CA MET J 169 -36.49 27.26 2.50
C MET J 169 -35.26 26.37 2.31
N PHE J 170 -34.66 26.32 1.12
CA PHE J 170 -33.57 25.37 0.87
C PHE J 170 -32.41 26.01 0.14
N VAL J 171 -31.20 25.57 0.48
CA VAL J 171 -30.02 26.04 -0.25
C VAL J 171 -29.62 25.04 -1.34
N ALA J 172 -30.01 23.77 -1.22
CA ALA J 172 -29.59 22.74 -2.16
C ALA J 172 -30.69 21.68 -2.24
N VAL J 173 -30.94 21.16 -3.44
CA VAL J 173 -32.03 20.21 -3.69
C VAL J 173 -31.52 19.14 -4.64
N ALA J 174 -31.74 17.86 -4.29
CA ALA J 174 -31.21 16.72 -5.06
C ALA J 174 -32.27 15.67 -5.35
N PRO J 175 -33.07 15.89 -6.40
CA PRO J 175 -34.04 14.87 -6.84
C PRO J 175 -33.33 13.72 -7.55
N LEU J 176 -33.55 12.50 -7.04
CA LEU J 176 -32.97 11.29 -7.60
C LEU J 176 -34.07 10.47 -8.25
N SER J 177 -33.87 10.09 -9.52
CA SER J 177 -34.83 9.25 -10.25
C SER J 177 -36.25 9.78 -10.06
N ALA J 178 -36.41 11.09 -10.23
CA ALA J 178 -37.61 11.79 -9.78
C ALA J 178 -38.81 11.58 -10.71
N VAL J 179 -39.98 11.35 -10.11
CA VAL J 179 -41.23 11.39 -10.87
C VAL J 179 -41.54 12.84 -11.25
N GLY J 180 -42.37 12.99 -12.28
CA GLY J 180 -42.75 14.31 -12.75
C GLY J 180 -43.99 14.82 -12.06
N GLY J 181 -44.38 16.04 -12.45
CA GLY J 181 -45.52 16.69 -11.83
C GLY J 181 -46.84 16.03 -12.20
N ALA J 182 -46.95 15.56 -13.44
CA ALA J 182 -48.20 14.94 -13.88
C ALA J 182 -48.49 13.66 -13.10
N TRP J 183 -47.48 12.81 -12.90
CA TRP J 183 -47.66 11.61 -12.09
C TRP J 183 -48.01 11.96 -10.66
N THR J 184 -47.31 12.94 -10.08
CA THR J 184 -47.59 13.36 -8.72
C THR J 184 -49.02 13.89 -8.58
N PHE J 185 -49.46 14.71 -9.52
CA PHE J 185 -50.80 15.25 -9.44
C PHE J 185 -51.85 14.16 -9.56
N ASP J 186 -51.63 13.19 -10.45
CA ASP J 186 -52.58 12.09 -10.60
C ASP J 186 -52.69 11.29 -9.30
N GLN J 187 -51.57 11.14 -8.60
CA GLN J 187 -51.57 10.44 -7.32
C GLN J 187 -52.36 11.21 -6.27
N MET J 188 -52.22 12.54 -6.26
CA MET J 188 -53.00 13.38 -5.35
C MET J 188 -54.49 13.26 -5.64
N LYS J 189 -54.85 13.25 -6.93
CA LYS J 189 -56.27 13.13 -7.30
C LYS J 189 -56.82 11.76 -6.90
N ASN J 190 -56.06 10.70 -7.14
CA ASN J 190 -56.56 9.36 -6.89
C ASN J 190 -56.72 9.06 -5.41
N GLN J 191 -56.10 9.85 -4.53
CA GLN J 191 -56.27 9.70 -3.10
C GLN J 191 -57.27 10.66 -2.50
N SER J 192 -57.80 11.59 -3.29
CA SER J 192 -58.76 12.58 -2.81
C SER J 192 -60.18 12.16 -3.15
N ASP J 193 -61.12 12.58 -2.32
CA ASP J 193 -62.54 12.50 -2.59
C ASP J 193 -62.89 13.67 -3.49
N LEU J 194 -62.95 13.43 -4.80
CA LEU J 194 -63.18 14.53 -5.74
C LEU J 194 -64.61 15.03 -5.73
N SER J 195 -65.53 14.33 -5.05
CA SER J 195 -66.89 14.86 -4.93
C SER J 195 -66.89 16.21 -4.24
N LYS J 196 -65.88 16.46 -3.41
CA LYS J 196 -65.77 17.73 -2.70
C LYS J 196 -64.87 18.73 -3.42
N VAL J 197 -64.32 18.35 -4.57
CA VAL J 197 -63.33 19.17 -5.25
C VAL J 197 -63.99 19.85 -6.44
N SER J 198 -63.90 21.18 -6.48
CA SER J 198 -64.43 21.92 -7.60
C SER J 198 -63.49 21.78 -8.80
N GLU J 199 -64.06 21.93 -9.99
CA GLU J 199 -63.25 21.86 -11.21
C GLU J 199 -62.24 23.01 -11.24
N GLU J 200 -62.57 24.14 -10.62
CA GLU J 200 -61.62 25.24 -10.56
C GLU J 200 -60.40 24.88 -9.71
N LYS J 201 -60.61 24.13 -8.63
CA LYS J 201 -59.46 23.75 -7.80
C LYS J 201 -58.56 22.75 -8.50
N LYS J 202 -59.16 21.78 -9.22
CA LYS J 202 -58.33 20.83 -9.97
C LYS J 202 -57.41 21.57 -10.93
N ALA J 203 -57.90 22.64 -11.55
CA ALA J 203 -57.08 23.39 -12.49
C ALA J 203 -55.98 24.17 -11.75
N GLU J 204 -56.28 24.72 -10.58
CA GLU J 204 -55.29 25.51 -9.84
C GLU J 204 -54.13 24.66 -9.36
N VAL J 205 -54.42 23.52 -8.71
CA VAL J 205 -53.33 22.68 -8.22
C VAL J 205 -52.57 22.06 -9.37
N LEU J 206 -53.25 21.76 -10.48
CA LEU J 206 -52.53 21.25 -11.65
C LEU J 206 -51.43 22.21 -12.09
N GLY J 207 -51.74 23.51 -12.14
CA GLY J 207 -50.72 24.49 -12.48
C GLY J 207 -49.62 24.60 -11.44
N GLN J 208 -49.96 24.45 -10.17
CA GLN J 208 -48.95 24.47 -9.10
C GLN J 208 -48.10 23.22 -9.10
N MET J 209 -48.52 22.17 -9.81
CA MET J 209 -47.77 20.93 -9.94
C MET J 209 -47.22 20.75 -11.36
N ASP J 210 -46.99 21.85 -12.06
CA ASP J 210 -46.46 21.82 -13.41
C ASP J 210 -45.23 22.70 -13.45
N ILE J 211 -44.07 22.10 -13.76
CA ILE J 211 -42.82 22.84 -13.68
C ILE J 211 -42.80 23.99 -14.69
N GLN J 212 -43.34 23.75 -15.89
CA GLN J 212 -43.41 24.77 -16.93
C GLN J 212 -44.20 25.99 -16.45
N THR J 213 -45.35 25.75 -15.81
CA THR J 213 -46.18 26.84 -15.31
C THR J 213 -45.48 27.61 -14.20
N ILE J 214 -44.87 26.88 -13.26
CA ILE J 214 -44.18 27.51 -12.14
C ILE J 214 -43.07 28.43 -12.64
N LEU J 215 -42.25 27.95 -13.58
CA LEU J 215 -41.11 28.74 -14.05
C LEU J 215 -41.55 29.95 -14.87
N GLU J 216 -42.66 29.83 -15.60
CA GLU J 216 -43.11 30.91 -16.47
C GLU J 216 -43.93 31.95 -15.74
N LYS J 217 -44.68 31.56 -14.71
CA LYS J 217 -45.63 32.45 -14.03
C LYS J 217 -45.14 32.91 -12.67
N SER J 218 -44.01 32.43 -12.19
CA SER J 218 -43.53 32.87 -10.89
C SER J 218 -43.06 34.32 -10.98
N PRO J 219 -43.26 35.11 -9.93
CA PRO J 219 -42.70 36.47 -9.91
C PRO J 219 -41.18 36.40 -9.91
N LYS J 220 -40.56 37.54 -10.26
CA LYS J 220 -39.11 37.56 -10.41
C LYS J 220 -38.40 37.19 -9.12
N GLU J 221 -38.99 37.57 -8.01
CA GLU J 221 -38.44 37.30 -6.65
C GLU J 221 -38.38 35.77 -6.44
N LYS J 222 -39.42 35.06 -6.84
CA LYS J 222 -39.46 33.61 -6.76
C LYS J 222 -38.50 32.95 -7.75
N LEU J 223 -38.49 33.41 -8.99
CA LEU J 223 -37.63 32.79 -10.00
C LEU J 223 -36.16 32.94 -9.64
N ASP J 224 -35.77 34.11 -9.12
CA ASP J 224 -34.38 34.28 -8.73
C ASP J 224 -33.97 33.30 -7.64
N ARG J 225 -34.84 33.06 -6.65
CA ARG J 225 -34.48 32.15 -5.59
C ARG J 225 -34.36 30.71 -6.11
N ILE J 226 -35.23 30.32 -7.05
CA ILE J 226 -35.13 29.02 -7.69
C ILE J 226 -33.81 28.89 -8.43
N LYS J 227 -33.38 29.95 -9.10
CA LYS J 227 -32.09 29.94 -9.79
C LYS J 227 -30.93 29.94 -8.81
N TRP J 228 -31.13 30.53 -7.63
CA TRP J 228 -30.07 30.59 -6.63
C TRP J 228 -29.83 29.21 -6.01
N ILE J 229 -30.88 28.41 -5.87
CA ILE J 229 -30.75 27.06 -5.33
C ILE J 229 -29.73 26.25 -6.12
N ARG J 230 -28.93 25.45 -5.41
CA ARG J 230 -27.99 24.51 -6.04
C ARG J 230 -28.68 23.16 -6.22
N TRP J 231 -28.95 22.82 -7.47
CA TRP J 231 -29.70 21.62 -7.85
C TRP J 231 -28.76 20.51 -8.30
N TYR J 232 -29.06 19.28 -7.88
CA TYR J 232 -28.36 18.08 -8.33
C TYR J 232 -29.41 17.06 -8.72
N ILE J 233 -29.57 16.82 -10.01
CA ILE J 233 -30.61 15.95 -10.53
C ILE J 233 -29.92 14.75 -11.16
N SER J 234 -30.25 13.53 -10.70
CA SER J 234 -29.55 12.34 -11.15
C SER J 234 -30.57 11.23 -11.43
N CYS J 235 -30.35 10.49 -12.53
CA CYS J 235 -31.25 9.43 -12.91
C CYS J 235 -30.51 8.44 -13.78
N GLY J 236 -30.76 7.14 -13.57
CA GLY J 236 -30.09 6.12 -14.35
C GLY J 236 -30.60 6.06 -15.78
N ASP J 237 -29.72 5.64 -16.70
CA ASP J 237 -30.11 5.63 -18.10
C ASP J 237 -31.10 4.52 -18.41
N ASP J 238 -31.22 3.50 -17.56
CA ASP J 238 -32.17 2.40 -17.77
C ASP J 238 -33.45 2.57 -16.97
N ASP J 239 -33.59 3.67 -16.24
CA ASP J 239 -34.79 3.94 -15.48
C ASP J 239 -35.94 4.29 -16.41
N PHE J 240 -37.14 3.80 -16.09
CA PHE J 240 -38.31 4.19 -16.87
C PHE J 240 -38.58 5.68 -16.79
N LEU J 241 -37.96 6.38 -15.83
CA LEU J 241 -38.08 7.84 -15.70
C LEU J 241 -36.93 8.59 -16.37
N SER J 242 -36.06 7.92 -17.12
CA SER J 242 -34.92 8.61 -17.70
C SER J 242 -35.36 9.68 -18.70
N VAL J 243 -36.40 9.40 -19.48
CA VAL J 243 -36.90 10.38 -20.45
C VAL J 243 -37.45 11.60 -19.72
N THR J 244 -38.28 11.37 -18.70
CA THR J 244 -38.81 12.44 -17.86
C THR J 244 -37.70 13.34 -17.35
N ASN J 245 -36.60 12.75 -16.88
CA ASN J 245 -35.55 13.55 -16.28
C ASN J 245 -34.67 14.23 -17.34
N CYS J 246 -34.50 13.62 -18.52
CA CYS J 246 -33.88 14.35 -19.62
C CYS J 246 -34.73 15.53 -20.05
N LEU J 247 -36.06 15.36 -20.09
CA LEU J 247 -36.94 16.49 -20.40
C LEU J 247 -36.84 17.57 -19.34
N LEU J 248 -36.68 17.18 -18.07
CA LEU J 248 -36.48 18.15 -16.99
C LEU J 248 -35.19 18.93 -17.17
N HIS J 249 -34.10 18.23 -17.49
CA HIS J 249 -32.83 18.90 -17.79
C HIS J 249 -33.04 19.97 -18.85
N ASN J 250 -33.70 19.60 -19.96
CA ASN J 250 -33.89 20.53 -21.06
C ASN J 250 -34.75 21.71 -20.65
N THR J 251 -35.82 21.45 -19.89
CA THR J 251 -36.70 22.52 -19.46
C THR J 251 -35.96 23.52 -18.59
N LEU J 252 -35.17 23.02 -17.64
CA LEU J 252 -34.45 23.91 -16.72
C LEU J 252 -33.47 24.81 -17.47
N LEU J 253 -32.72 24.25 -18.43
CA LEU J 253 -31.81 25.08 -19.22
C LEU J 253 -32.57 26.11 -20.06
N GLN J 254 -33.72 25.70 -20.62
CA GLN J 254 -34.52 26.62 -21.43
C GLN J 254 -35.02 27.80 -20.61
N HIS J 255 -35.18 27.62 -19.29
CA HIS J 255 -35.57 28.70 -18.40
C HIS J 255 -34.38 29.25 -17.62
N GLN J 256 -33.15 28.89 -18.01
CA GLN J 256 -31.94 29.46 -17.43
C GLN J 256 -31.80 29.15 -15.94
N VAL J 257 -32.20 27.94 -15.54
CA VAL J 257 -31.96 27.44 -14.20
C VAL J 257 -30.75 26.51 -14.28
N GLY J 258 -29.58 27.03 -13.92
CA GLY J 258 -28.39 26.21 -13.90
C GLY J 258 -28.48 25.13 -12.84
N HIS J 259 -27.88 23.98 -13.13
CA HIS J 259 -28.01 22.84 -12.23
C HIS J 259 -26.99 21.78 -12.64
N GLU J 260 -26.72 20.88 -11.71
CA GLU J 260 -25.98 19.66 -12.02
C GLU J 260 -26.97 18.61 -12.50
N PHE J 261 -26.65 17.98 -13.61
CA PHE J 261 -27.44 16.88 -14.14
C PHE J 261 -26.54 15.69 -14.35
N ARG J 262 -26.98 14.52 -13.89
CA ARG J 262 -26.22 13.28 -14.08
C ARG J 262 -27.17 12.22 -14.62
N MET J 263 -26.77 11.57 -15.70
CA MET J 263 -27.43 10.35 -16.13
C MET J 263 -26.36 9.27 -16.12
N LYS J 264 -26.44 8.37 -15.16
CA LYS J 264 -25.44 7.33 -14.95
C LYS J 264 -26.01 5.98 -15.33
N ASP J 265 -25.13 4.99 -15.49
CA ASP J 265 -25.63 3.64 -15.73
C ASP J 265 -26.45 3.21 -14.52
N GLY J 266 -27.63 2.66 -14.77
CA GLY J 266 -28.40 2.13 -13.66
C GLY J 266 -29.89 2.23 -13.92
N SER J 267 -30.63 1.63 -13.01
CA SER J 267 -32.07 1.54 -13.15
C SER J 267 -32.73 2.16 -11.94
N HIS J 268 -34.03 1.94 -11.84
CA HIS J 268 -34.85 2.42 -10.73
C HIS J 268 -34.67 1.45 -9.57
N SER J 269 -33.54 1.56 -8.87
CA SER J 269 -33.18 0.51 -7.92
C SER J 269 -32.42 1.12 -6.74
N TRP J 270 -32.40 0.36 -5.63
CA TRP J 270 -31.65 0.79 -4.46
C TRP J 270 -30.14 0.73 -4.66
N THR J 271 -29.63 -0.06 -5.62
CA THR J 271 -28.23 0.09 -6.00
C THR J 271 -27.94 1.51 -6.47
N TYR J 272 -28.82 2.08 -7.30
CA TYR J 272 -28.62 3.44 -7.77
C TYR J 272 -28.69 4.44 -6.62
N TRP J 273 -29.69 4.30 -5.74
CA TRP J 273 -29.91 5.33 -4.71
C TRP J 273 -28.86 5.24 -3.61
N ARG J 274 -28.37 4.04 -3.28
CA ARG J 274 -27.25 3.95 -2.34
C ARG J 274 -25.96 4.49 -2.96
N MET J 275 -25.78 4.31 -4.27
CA MET J 275 -24.63 4.93 -4.94
C MET J 275 -24.71 6.45 -4.89
N GLU J 276 -25.91 7.00 -5.07
CA GLU J 276 -26.02 8.46 -5.13
C GLU J 276 -26.02 9.13 -3.75
N LEU J 277 -26.40 8.43 -2.67
CA LEU J 277 -26.48 9.10 -1.37
C LEU J 277 -25.17 9.76 -0.95
N PRO J 278 -23.99 9.11 -1.01
CA PRO J 278 -22.77 9.84 -0.62
C PRO J 278 -22.43 10.98 -1.57
N GLU J 279 -22.85 10.90 -2.85
CA GLU J 279 -22.66 12.02 -3.77
C GLU J 279 -23.55 13.20 -3.39
N VAL J 280 -24.80 12.91 -2.99
CA VAL J 280 -25.67 13.96 -2.47
C VAL J 280 -25.09 14.58 -1.21
N MET J 281 -24.58 13.74 -0.30
CA MET J 281 -23.98 14.24 0.93
C MET J 281 -22.78 15.14 0.65
N ARG J 282 -21.91 14.73 -0.27
CA ARG J 282 -20.78 15.58 -0.63
C ARG J 282 -21.26 16.88 -1.28
N PHE J 283 -22.27 16.79 -2.14
CA PHE J 283 -22.78 17.98 -2.82
C PHE J 283 -23.35 18.99 -1.83
N VAL J 284 -24.25 18.55 -0.94
CA VAL J 284 -24.83 19.54 -0.03
C VAL J 284 -23.82 19.96 1.04
N SER J 285 -22.93 19.06 1.44
CA SER J 285 -21.94 19.42 2.45
C SER J 285 -21.04 20.56 1.98
N ARG J 286 -20.58 20.51 0.74
CA ARG J 286 -19.75 21.59 0.19
C ARG J 286 -20.48 22.91 0.23
N ILE J 287 -21.80 22.89 0.01
CA ILE J 287 -22.59 24.12 0.06
C ILE J 287 -22.75 24.60 1.51
N PHE J 288 -22.95 23.67 2.45
CA PHE J 288 -23.05 24.03 3.86
C PHE J 288 -21.76 24.68 4.37
N THR J 289 -20.61 24.12 3.99
CA THR J 289 -19.34 24.62 4.48
C THR J 289 -18.79 25.76 3.65
N GLN J 290 -19.37 26.02 2.47
CA GLN J 290 -18.81 26.93 1.46
C GLN J 290 -17.50 26.36 0.90
N TYR J 291 -17.01 26.89 -0.22
CA TYR J 291 -15.80 26.41 -0.86
C TYR J 291 -15.16 27.46 -1.78
#